data_8Q5Y
#
_entry.id   8Q5Y
#
_cell.length_a   1.00
_cell.length_b   1.00
_cell.length_c   1.00
_cell.angle_alpha   90.00
_cell.angle_beta   90.00
_cell.angle_gamma   90.00
#
_symmetry.space_group_name_H-M   'P 1'
#
loop_
_entity.id
_entity.type
_entity.pdbx_description
1 polymer 'Monoclonal antibody Mab 23 (Light chain)'
2 polymer 'Monoclonal antibody Mab 23 (Heavy Chain)'
3 polymer 'Spike glycoprotein'
#
loop_
_entity_poly.entity_id
_entity_poly.type
_entity_poly.pdbx_seq_one_letter_code
_entity_poly.pdbx_strand_id
1 'polypeptide(L)'
;DIQMTQSPSALSASVGDRVTISCRASQNIDGFLAWYQQKPGKAPKLLIYAASRLQSGIPSRFSGSGSGTDFTLTISSLQP
EDFAAYYCQQVYSAPLTFGGGTKVEFKRTVAAPSVFIFPPSDEQLKSGTASVVCLLNNFYPREAKVQWKVDNALQSGNSQ
ESVTEQDSKDSTYSLSSTLTLSKADYEKHKVYACEVTHQGLSSPVTKSFNRGEC
;
L,H,A
2 'polypeptide(L)'
;EVQLVESGGGLVQPGGSLRLSCTASGFTFSNYGFHWVRQAPGKGLEWVTIISYDGITKHYADSVKDRFTVSRDNSKTMVY
LQMNNLKLDDTAVYYCARDLGTYDDSWGQGVLVTVSSASTKGPSVFPLAPSSKSTSGGTAALG(UNK)LVKDYFPE
(UNK)VT(UNK)SWNSGALTSGVHTFPAVLQSSGLYSLSSVVTVPSSSLGTQTYICNVNHKPSNTKVDK(UNK)VEPKSC
DKTHTCPPCPAPELLGGPSVFLFPPKPKDTLMISRTPEVTCVVVDVSHEDPEVKFNWYVDGVEVHNAKTKPREEQYNSTY
RVVSVLTVLHQDWLNGKEYKCKVSNKALPAPIEKTISKAKGQPREPQVYTLPPSRDE(UNK)TKNQVSLTCLVKGFYPSD
IAVEWESNGQPENNYKTTPPVLDSDGSFFLYSKLTVDKSRWQQGNVFSCSVMHEALHNHYTQKSLSLSPGK
;
R,G,B
3 'polypeptide(L)'
;MFVFLVLLPLVSSQCVNLTTRTQLPPAYTNSFTRGVYYPDKVFRSSVLHSTQDLFLPFFSNVTWFHAIHVSGTNGTKRFD
NPVLPFNDGVYFASTEKSNIIRGWIFGTTLDSKTQSLLIVNNATNVVIKVCEFQFCNDPFLGVYYHKNNKSWMESEFRVY
SSANNCTFEYVSQPFLMDLEGKQGNFKNLREFVFKNIDGYFKIYSKHTPINLVRDLPQGFSALEPLVDLPIGINITRFQT
LLALHRSYLTPGDSSSGWTAGAAAYYVGYLQPRTFLLKYNENGTITDAVDCALDPLSETKCTLKSFTVEKGIYQTSNFRV
QPTESIVRFPNITNLCPFGEVFNATRFASVYAWNRKRISNCVADYSVLYNSASFSTFKCYGVSPTKLNDLCFTNVYADSF
VIRGDEVRQIAPGQTGKIADYNYKLPDDFTGCVIAWNSNNLDSKVGGNYNYLYRLFRKSNLKPFERDISTEIYQAGSTPC
NGVEGFNCYFPLQSYGFQPTNGVGYQPYRVVVLSFELLHAPATVCGPKKSTNLVKNKCVNFNFNGLTGTGVLTESNKKFL
PFQQFGRDIADTTDAVRDPQTLEILDITPCSFGGVSVITPGTNTSNQVAVLYQDVNCTEVPVAIHADQLTPTWRVYSTGS
NVFQTRAGCLIGAEHVNNSYECDIPIGAGICASYQTQTNSPGSASSVASQSIIAYTMSLGAENSVAYSNNSIAIPTNFTI
SVTTEILPVSMTKTSVDCTMYICGDSTECSNLLLQYGSFCTQLNRALTGIAVEQDKNTQEVFAQVKQIYKTPPIKDFGGF
NFSQILPDPSKPSKRSPIEDLLFNKVTLADAGFIKQYGDCLGDIAARDLICAQKFNGLTVLPPLLTDEMIAQYTSALLAG
TITSGWTFGAGAALQIPFPMQMAYRFNGIGVTQNVLYENQKLIANQFNSAIGKIQDSLSSTPSPLGKLQDVVNQNAQALN
TLVKQLSSNFGAISSVLNDILSRLDPPEAEVQIDRLITGRLQSLQTYVTQQLIRAAEIRASANLAATKMSECVLGQSKRV
DFCGKGYHLMSFPQSAPHGVVFLHVTYVPAQEKNFTTAPAICHDGKAHFPREGVFVSNGTHWFVTQRNFYEPQIITTDNT
FVSGNCDVVIGIVNNTVYDPLQPELDSFKEELDKYFKNHTSPDVDLGDISGINASVVNIQKEIDRLNEVAKNLNESLIDL
QELGKYEQGSGYIPEAPRDGQAYVRKDGEWVLLSTFLGRSLEVLFQGPGHHHHHHHHSAWSHPQFEKGGGSGGGGSGGSA
WSHPQFEK
;
D,E,C
#
# COMPACT_ATOMS: atom_id res chain seq x y z
N ASP A 1 -40.37 48.33 -18.83
CA ASP A 1 -39.00 47.96 -19.18
C ASP A 1 -38.00 48.85 -18.44
N ILE A 2 -36.70 48.60 -18.64
CA ILE A 2 -35.65 49.40 -18.02
C ILE A 2 -35.68 50.80 -18.60
N GLN A 3 -35.41 51.81 -17.78
CA GLN A 3 -35.35 53.19 -18.22
C GLN A 3 -33.96 53.77 -17.95
N MET A 4 -33.39 54.46 -18.93
CA MET A 4 -32.05 55.01 -18.83
C MET A 4 -32.06 56.54 -18.84
N THR A 5 -31.48 57.14 -17.81
CA THR A 5 -31.33 58.58 -17.71
C THR A 5 -29.87 58.89 -17.38
N GLN A 6 -29.41 60.08 -17.77
CA GLN A 6 -28.07 60.54 -17.41
C GLN A 6 -28.20 61.62 -16.34
N SER A 7 -27.62 61.36 -15.17
CA SER A 7 -27.72 62.33 -14.06
C SER A 7 -27.02 63.69 -14.29
N PRO A 8 -25.78 63.79 -14.81
CA PRO A 8 -25.15 65.12 -14.89
C PRO A 8 -25.78 66.04 -15.93
N SER A 9 -25.72 67.34 -15.65
CA SER A 9 -26.26 68.35 -16.54
C SER A 9 -25.14 68.73 -17.53
N ALA A 10 -25.44 69.63 -18.46
CA ALA A 10 -24.47 69.99 -19.49
C ALA A 10 -23.22 70.63 -18.88
N LEU A 11 -22.06 70.16 -19.30
CA LEU A 11 -20.78 70.64 -18.78
C LEU A 11 -20.01 71.35 -19.89
N SER A 12 -19.61 72.59 -19.63
CA SER A 12 -18.91 73.40 -20.62
C SER A 12 -17.42 73.51 -20.32
N ALA A 13 -16.78 72.41 -19.95
CA ALA A 13 -15.34 72.38 -19.72
C ALA A 13 -14.57 72.68 -21.01
N SER A 14 -13.36 73.21 -20.84
CA SER A 14 -12.53 73.60 -21.97
C SER A 14 -11.69 72.42 -22.46
N VAL A 15 -10.98 72.66 -23.57
CA VAL A 15 -10.13 71.63 -24.17
C VAL A 15 -9.00 71.27 -23.22
N GLY A 16 -8.72 69.96 -23.11
CA GLY A 16 -7.69 69.49 -22.21
C GLY A 16 -8.12 69.30 -20.78
N ASP A 17 -9.41 69.42 -20.48
CA ASP A 17 -9.92 69.25 -19.13
C ASP A 17 -10.65 67.91 -19.02
N ARG A 18 -10.31 67.16 -17.97
CA ARG A 18 -10.95 65.88 -17.70
C ARG A 18 -12.43 66.07 -17.35
N VAL A 19 -13.29 65.19 -17.87
CA VAL A 19 -14.72 65.25 -17.61
C VAL A 19 -15.24 63.85 -17.33
N THR A 20 -16.33 63.78 -16.56
CA THR A 20 -16.92 62.50 -16.21
C THR A 20 -18.44 62.58 -16.17
N ILE A 21 -19.11 61.69 -16.91
CA ILE A 21 -20.57 61.61 -16.92
C ILE A 21 -20.97 60.32 -16.18
N SER A 22 -22.21 60.30 -15.68
CA SER A 22 -22.77 59.13 -15.00
C SER A 22 -24.09 58.71 -15.64
N CYS A 23 -24.24 57.40 -15.86
CA CYS A 23 -25.47 56.82 -16.38
C CYS A 23 -25.98 55.81 -15.36
N ARG A 24 -27.27 55.89 -15.03
CA ARG A 24 -27.87 55.07 -13.99
C ARG A 24 -29.08 54.33 -14.54
N ALA A 25 -29.09 53.00 -14.42
CA ALA A 25 -30.22 52.20 -14.84
C ALA A 25 -31.30 52.15 -13.76
N SER A 26 -32.55 51.98 -14.19
CA SER A 26 -33.67 51.85 -13.24
C SER A 26 -33.55 50.58 -12.41
N GLN A 27 -33.21 49.46 -13.05
CA GLN A 27 -33.01 48.19 -12.37
C GLN A 27 -31.74 47.57 -12.96
N ASN A 28 -31.22 46.55 -12.27
CA ASN A 28 -29.95 45.92 -12.64
C ASN A 28 -29.99 45.33 -14.04
N ILE A 29 -29.11 45.83 -14.91
CA ILE A 29 -28.97 45.30 -16.26
C ILE A 29 -27.64 44.55 -16.41
N ASP A 30 -26.99 44.24 -15.29
CA ASP A 30 -25.67 43.60 -15.21
C ASP A 30 -24.69 44.55 -15.92
N GLY A 31 -23.85 44.04 -16.81
CA GLY A 31 -22.85 44.84 -17.50
C GLY A 31 -23.28 45.10 -18.92
N PHE A 32 -24.60 45.26 -19.13
CA PHE A 32 -25.14 45.42 -20.51
C PHE A 32 -25.47 46.89 -20.79
N LEU A 33 -24.45 47.72 -20.99
CA LEU A 33 -24.65 49.11 -21.35
C LEU A 33 -23.70 49.48 -22.48
N ALA A 34 -24.10 50.44 -23.31
CA ALA A 34 -23.32 50.87 -24.47
C ALA A 34 -23.26 52.39 -24.54
N TRP A 35 -22.07 52.95 -24.34
CA TRP A 35 -21.90 54.39 -24.33
C TRP A 35 -21.76 54.87 -25.78
N TYR A 36 -22.50 55.92 -26.15
CA TYR A 36 -22.45 56.50 -27.49
C TYR A 36 -22.03 57.96 -27.48
N GLN A 37 -21.50 58.40 -28.63
CA GLN A 37 -21.16 59.80 -28.88
C GLN A 37 -21.79 60.26 -30.19
N GLN A 38 -22.75 61.17 -30.11
CA GLN A 38 -23.42 61.66 -31.30
C GLN A 38 -23.10 63.13 -31.50
N LYS A 39 -22.46 63.46 -32.61
CA LYS A 39 -22.22 64.84 -32.98
C LYS A 39 -23.49 65.33 -33.67
N PRO A 40 -23.86 66.62 -33.56
CA PRO A 40 -25.12 67.05 -34.20
C PRO A 40 -25.04 66.88 -35.72
N GLY A 41 -26.11 66.34 -36.29
CA GLY A 41 -26.10 66.10 -37.72
C GLY A 41 -25.24 64.93 -38.12
N LYS A 42 -24.88 64.07 -37.17
CA LYS A 42 -23.97 62.97 -37.41
C LYS A 42 -24.51 61.69 -36.76
N ALA A 43 -24.04 60.56 -37.27
CA ALA A 43 -24.40 59.28 -36.68
C ALA A 43 -23.76 59.12 -35.31
N PRO A 44 -24.45 58.50 -34.35
CA PRO A 44 -23.83 58.19 -33.05
C PRO A 44 -22.68 57.22 -33.21
N LYS A 45 -21.66 57.38 -32.38
CA LYS A 45 -20.50 56.49 -32.38
C LYS A 45 -20.39 55.81 -31.02
N LEU A 46 -20.32 54.48 -31.01
CA LEU A 46 -20.31 53.73 -29.76
C LEU A 46 -18.92 53.81 -29.16
N LEU A 47 -18.82 54.48 -28.02
CA LEU A 47 -17.53 54.68 -27.36
C LEU A 47 -17.03 53.38 -26.73
N ILE A 48 -17.78 52.84 -25.77
CA ILE A 48 -17.38 51.62 -25.05
C ILE A 48 -18.51 50.61 -25.13
N TYR A 49 -18.18 49.36 -25.49
CA TYR A 49 -19.15 48.28 -25.48
C TYR A 49 -19.04 47.57 -24.14
N ALA A 50 -20.19 47.27 -23.51
CA ALA A 50 -20.30 46.63 -22.19
C ALA A 50 -19.54 47.52 -21.20
N ALA A 51 -18.62 46.98 -20.42
CA ALA A 51 -17.84 47.76 -19.47
C ALA A 51 -16.37 47.43 -19.65
N SER A 52 -15.52 48.42 -19.33
CA SER A 52 -14.06 48.39 -19.31
C SER A 52 -13.42 48.37 -20.70
N ARG A 53 -13.85 47.43 -21.56
CA ARG A 53 -13.20 47.26 -22.85
C ARG A 53 -13.62 48.37 -23.82
N LEU A 54 -12.63 49.09 -24.36
CA LEU A 54 -12.91 50.16 -25.31
C LEU A 54 -13.30 49.58 -26.66
N GLN A 55 -14.14 50.30 -27.39
CA GLN A 55 -14.47 49.89 -28.75
C GLN A 55 -13.32 50.21 -29.71
N SER A 56 -13.18 49.38 -30.74
CA SER A 56 -12.16 49.60 -31.76
C SER A 56 -12.42 50.89 -32.52
N GLY A 57 -11.34 51.61 -32.84
CA GLY A 57 -11.44 52.87 -33.54
C GLY A 57 -11.87 54.03 -32.67
N ILE A 58 -11.86 53.87 -31.35
CA ILE A 58 -12.22 54.91 -30.40
C ILE A 58 -10.92 55.33 -29.72
N PRO A 59 -10.68 56.64 -29.51
CA PRO A 59 -9.44 57.06 -28.85
C PRO A 59 -9.30 56.54 -27.42
N SER A 60 -8.03 56.37 -27.02
CA SER A 60 -7.68 55.78 -25.72
C SER A 60 -8.21 56.58 -24.53
N ARG A 61 -8.38 57.90 -24.71
CA ARG A 61 -8.83 58.78 -23.63
C ARG A 61 -10.18 58.36 -23.05
N PHE A 62 -11.11 57.93 -23.90
CA PHE A 62 -12.42 57.46 -23.43
C PHE A 62 -12.27 56.17 -22.62
N SER A 63 -13.02 56.06 -21.53
CA SER A 63 -12.90 54.91 -20.63
C SER A 63 -14.29 54.40 -20.25
N GLY A 64 -14.37 53.09 -20.02
CA GLY A 64 -15.61 52.45 -19.58
C GLY A 64 -15.49 51.96 -18.15
N SER A 65 -16.48 52.33 -17.33
CA SER A 65 -16.46 51.99 -15.91
C SER A 65 -17.89 51.80 -15.41
N GLY A 66 -18.00 51.18 -14.24
CA GLY A 66 -19.30 51.01 -13.60
C GLY A 66 -19.88 49.62 -13.78
N SER A 67 -20.34 49.02 -12.69
CA SER A 67 -20.96 47.69 -12.73
C SER A 67 -22.40 47.77 -12.24
N GLY A 68 -23.21 46.81 -12.70
CA GLY A 68 -24.59 46.72 -12.23
C GLY A 68 -25.43 47.88 -12.74
N THR A 69 -26.17 48.50 -11.82
CA THR A 69 -27.00 49.66 -12.19
C THR A 69 -26.12 50.84 -12.60
N ASP A 70 -25.09 51.14 -11.80
CA ASP A 70 -24.26 52.30 -12.04
C ASP A 70 -23.28 52.07 -13.19
N PHE A 71 -23.17 53.06 -14.06
CA PHE A 71 -22.20 53.03 -15.15
C PHE A 71 -21.59 54.43 -15.26
N THR A 72 -20.33 54.50 -15.70
CA THR A 72 -19.63 55.77 -15.73
C THR A 72 -18.66 55.81 -16.92
N LEU A 73 -18.46 57.01 -17.47
CA LEU A 73 -17.52 57.25 -18.57
C LEU A 73 -16.64 58.45 -18.24
N THR A 74 -15.32 58.28 -18.38
CA THR A 74 -14.34 59.33 -18.08
C THR A 74 -13.48 59.61 -19.31
N ILE A 75 -13.33 60.89 -19.65
CA ILE A 75 -12.47 61.33 -20.75
C ILE A 75 -11.26 62.02 -20.13
N SER A 76 -10.06 61.48 -20.42
CA SER A 76 -8.83 61.99 -19.81
C SER A 76 -8.53 63.43 -20.24
N SER A 77 -8.69 63.74 -21.53
CA SER A 77 -8.43 65.07 -22.04
C SER A 77 -9.50 65.45 -23.06
N LEU A 78 -9.98 66.69 -22.99
CA LEU A 78 -10.95 67.13 -23.96
C LEU A 78 -10.28 67.63 -25.25
N GLN A 79 -11.07 67.68 -26.32
CA GLN A 79 -10.64 68.13 -27.64
C GLN A 79 -11.86 68.73 -28.32
N PRO A 80 -11.66 69.51 -29.41
CA PRO A 80 -12.83 70.01 -30.17
C PRO A 80 -13.71 68.91 -30.74
N GLU A 81 -13.10 67.81 -31.23
CA GLU A 81 -13.87 66.67 -31.73
C GLU A 81 -14.72 66.02 -30.65
N ASP A 82 -14.25 66.05 -29.39
CA ASP A 82 -14.92 65.32 -28.31
C ASP A 82 -16.28 65.90 -27.96
N PHE A 83 -16.44 67.24 -27.99
CA PHE A 83 -17.69 67.87 -27.57
C PHE A 83 -18.87 67.34 -28.39
N ALA A 84 -19.90 66.83 -27.69
CA ALA A 84 -21.08 66.20 -28.28
C ALA A 84 -22.11 65.84 -27.21
N ALA A 85 -23.22 65.21 -27.62
CA ALA A 85 -24.24 64.71 -26.71
C ALA A 85 -24.03 63.20 -26.59
N TYR A 86 -23.83 62.71 -25.36
CA TYR A 86 -23.50 61.31 -25.16
C TYR A 86 -24.72 60.54 -24.66
N TYR A 87 -24.90 59.28 -25.08
CA TYR A 87 -26.09 58.53 -24.70
C TYR A 87 -25.77 57.06 -24.40
N CYS A 88 -26.46 56.51 -23.39
CA CYS A 88 -26.24 55.15 -22.89
C CYS A 88 -27.50 54.27 -23.02
N GLN A 89 -27.36 53.04 -23.56
CA GLN A 89 -28.51 52.16 -23.77
C GLN A 89 -28.37 50.84 -23.04
N GLN A 90 -29.43 50.42 -22.35
CA GLN A 90 -29.41 49.10 -21.74
C GLN A 90 -29.55 48.06 -22.86
N VAL A 91 -28.81 46.95 -22.72
CA VAL A 91 -28.86 45.87 -23.76
C VAL A 91 -29.40 44.59 -23.12
N TYR A 92 -29.54 44.55 -21.79
CA TYR A 92 -29.96 43.31 -21.09
C TYR A 92 -31.36 42.87 -21.54
N SER A 93 -32.29 43.83 -21.66
CA SER A 93 -33.69 43.50 -22.03
C SER A 93 -33.79 43.30 -23.55
N ALA A 94 -34.93 42.80 -24.02
CA ALA A 94 -35.14 42.67 -25.48
C ALA A 94 -35.48 44.07 -26.01
N PRO A 95 -36.47 44.84 -25.47
CA PRO A 95 -36.63 46.23 -25.89
C PRO A 95 -35.47 47.07 -25.37
N LEU A 96 -35.04 48.05 -26.16
CA LEU A 96 -33.88 48.86 -25.80
C LEU A 96 -34.33 50.29 -25.48
N THR A 97 -33.84 50.82 -24.36
CA THR A 97 -34.10 52.19 -23.93
C THR A 97 -32.80 52.97 -23.95
N PHE A 98 -32.84 54.22 -24.43
CA PHE A 98 -31.64 55.03 -24.55
C PHE A 98 -31.61 56.10 -23.47
N GLY A 99 -30.39 56.54 -23.14
CA GLY A 99 -30.20 57.54 -22.11
C GLY A 99 -30.71 58.90 -22.53
N GLY A 100 -31.10 59.72 -21.53
CA GLY A 100 -31.51 61.09 -21.81
C GLY A 100 -30.43 61.90 -22.52
N GLY A 101 -29.23 61.88 -21.98
CA GLY A 101 -28.08 62.50 -22.62
C GLY A 101 -27.57 63.72 -21.88
N THR A 102 -26.25 63.96 -22.01
CA THR A 102 -25.59 65.12 -21.43
C THR A 102 -24.81 65.84 -22.52
N LYS A 103 -25.05 67.14 -22.67
CA LYS A 103 -24.34 67.94 -23.66
C LYS A 103 -22.94 68.29 -23.18
N VAL A 104 -21.96 68.16 -24.07
CA VAL A 104 -20.58 68.56 -23.78
C VAL A 104 -20.25 69.74 -24.70
N GLU A 105 -19.78 70.84 -24.11
CA GLU A 105 -19.50 72.07 -24.82
C GLU A 105 -18.12 72.58 -24.41
N PHE A 106 -17.54 73.44 -25.24
CA PHE A 106 -16.26 74.09 -24.94
C PHE A 106 -16.31 74.92 -23.67
N GLU B 1 -14.71 47.38 -44.08
CA GLU B 1 -15.48 48.41 -43.41
C GLU B 1 -16.97 48.05 -43.49
N VAL B 2 -17.75 48.48 -42.51
CA VAL B 2 -19.19 48.29 -42.49
C VAL B 2 -19.86 49.63 -42.81
N GLN B 3 -20.74 49.63 -43.81
CA GLN B 3 -21.40 50.84 -44.28
C GLN B 3 -22.90 50.70 -44.14
N LEU B 4 -23.54 51.67 -43.49
CA LEU B 4 -24.99 51.70 -43.32
C LEU B 4 -25.51 53.05 -43.80
N VAL B 5 -26.57 53.02 -44.64
CA VAL B 5 -27.19 54.20 -45.21
C VAL B 5 -28.70 54.03 -45.04
N GLU B 6 -29.42 55.15 -44.89
CA GLU B 6 -30.86 55.14 -44.65
C GLU B 6 -31.54 56.00 -45.70
N SER B 7 -32.78 55.64 -46.03
CA SER B 7 -33.54 56.34 -47.06
C SER B 7 -35.03 56.13 -46.80
N GLY B 8 -35.84 56.86 -47.56
CA GLY B 8 -37.28 56.77 -47.44
C GLY B 8 -37.91 57.65 -46.39
N GLY B 9 -37.17 58.60 -45.83
CA GLY B 9 -37.70 59.52 -44.85
C GLY B 9 -38.01 60.88 -45.45
N GLY B 10 -39.25 61.34 -45.21
CA GLY B 10 -39.71 62.61 -45.72
C GLY B 10 -40.91 63.09 -44.92
N LEU B 11 -41.30 64.33 -45.21
CA LEU B 11 -42.51 64.90 -44.59
C LEU B 11 -43.74 64.09 -44.96
N VAL B 12 -44.57 63.78 -43.95
CA VAL B 12 -45.76 62.97 -44.15
C VAL B 12 -46.92 63.60 -43.39
N GLN B 13 -48.12 63.42 -43.92
CA GLN B 13 -49.33 63.85 -43.23
C GLN B 13 -49.56 62.96 -42.01
N PRO B 14 -50.16 63.49 -40.94
CA PRO B 14 -50.52 62.66 -39.78
C PRO B 14 -51.49 61.55 -40.18
N GLY B 15 -51.21 60.34 -39.69
CA GLY B 15 -51.95 59.16 -40.08
C GLY B 15 -51.49 58.53 -41.37
N GLY B 16 -50.45 59.09 -42.02
CA GLY B 16 -49.95 58.54 -43.26
C GLY B 16 -49.05 57.33 -43.05
N SER B 17 -48.85 56.58 -44.13
CA SER B 17 -47.96 55.43 -44.14
C SER B 17 -46.64 55.79 -44.80
N LEU B 18 -45.55 55.70 -44.03
CA LEU B 18 -44.21 56.01 -44.52
C LEU B 18 -43.29 54.83 -44.23
N ARG B 19 -42.55 54.39 -45.24
CA ARG B 19 -41.67 53.23 -45.12
C ARG B 19 -40.22 53.63 -45.36
N LEU B 20 -39.33 53.17 -44.49
CA LEU B 20 -37.90 53.46 -44.54
C LEU B 20 -37.13 52.28 -45.12
N SER B 21 -35.92 52.56 -45.60
CA SER B 21 -35.03 51.52 -46.11
C SER B 21 -33.65 51.66 -45.47
N CYS B 22 -33.11 50.54 -44.98
CA CYS B 22 -31.80 50.48 -44.34
C CYS B 22 -30.81 49.79 -45.27
N THR B 23 -29.95 50.56 -45.93
CA THR B 23 -28.96 49.99 -46.83
C THR B 23 -27.87 49.26 -46.06
N ALA B 24 -27.43 48.11 -46.59
CA ALA B 24 -26.36 47.32 -46.01
C ALA B 24 -25.30 47.02 -47.06
N SER B 25 -24.05 47.35 -46.77
CA SER B 25 -22.95 47.03 -47.67
C SER B 25 -21.67 46.84 -46.87
N GLY B 26 -20.78 46.01 -47.41
CA GLY B 26 -19.51 45.73 -46.77
C GLY B 26 -19.51 44.65 -45.71
N PHE B 27 -20.64 43.95 -45.53
CA PHE B 27 -20.73 42.88 -44.55
C PHE B 27 -21.84 41.93 -44.98
N THR B 28 -21.88 40.77 -44.34
CA THR B 28 -22.92 39.78 -44.63
C THR B 28 -24.19 40.18 -43.88
N PHE B 29 -25.15 40.72 -44.64
CA PHE B 29 -26.40 41.23 -44.07
C PHE B 29 -27.21 40.11 -43.41
N SER B 30 -27.29 38.95 -44.06
CA SER B 30 -28.12 37.84 -43.60
C SER B 30 -27.70 37.33 -42.23
N ASN B 31 -26.38 37.24 -41.99
CA ASN B 31 -25.86 36.68 -40.75
C ASN B 31 -26.21 37.53 -39.53
N TYR B 32 -26.21 38.85 -39.67
CA TYR B 32 -26.35 39.76 -38.54
C TYR B 32 -27.78 40.26 -38.34
N GLY B 33 -28.20 40.34 -37.07
CA GLY B 33 -29.48 40.94 -36.75
C GLY B 33 -29.45 42.45 -36.86
N PHE B 34 -30.61 43.05 -37.13
CA PHE B 34 -30.71 44.48 -37.40
C PHE B 34 -31.70 45.16 -36.46
N HIS B 35 -31.34 46.36 -36.00
CA HIS B 35 -32.16 47.18 -35.11
C HIS B 35 -32.49 48.51 -35.78
N TRP B 36 -33.58 49.14 -35.33
CA TRP B 36 -34.00 50.45 -35.79
C TRP B 36 -34.11 51.40 -34.61
N VAL B 37 -33.62 52.64 -34.79
CA VAL B 37 -33.62 53.68 -33.75
C VAL B 37 -34.12 54.97 -34.40
N ARG B 38 -34.69 55.87 -33.58
CA ARG B 38 -35.12 57.18 -34.04
C ARG B 38 -34.68 58.23 -33.01
N GLN B 39 -34.34 59.42 -33.50
CA GLN B 39 -33.92 60.52 -32.63
C GLN B 39 -34.85 61.71 -32.80
N ALA B 40 -35.69 61.96 -31.78
CA ALA B 40 -36.58 63.10 -31.79
C ALA B 40 -35.79 64.39 -31.59
N PRO B 41 -36.20 65.50 -32.21
CA PRO B 41 -35.45 66.77 -32.07
C PRO B 41 -35.44 67.27 -30.63
N GLY B 42 -34.25 67.64 -30.16
CA GLY B 42 -34.05 68.10 -28.79
C GLY B 42 -34.48 67.11 -27.73
N LYS B 43 -34.21 65.82 -27.97
CA LYS B 43 -34.62 64.72 -27.09
C LYS B 43 -33.53 63.66 -27.10
N GLY B 44 -33.68 62.69 -26.21
CA GLY B 44 -32.83 61.52 -26.26
C GLY B 44 -33.28 60.53 -27.32
N LEU B 45 -32.40 59.60 -27.67
CA LEU B 45 -32.71 58.60 -28.69
C LEU B 45 -33.80 57.64 -28.20
N GLU B 46 -34.47 57.00 -29.15
CA GLU B 46 -35.53 56.06 -28.83
C GLU B 46 -35.48 54.89 -29.82
N TRP B 47 -35.09 53.72 -29.33
CA TRP B 47 -35.10 52.49 -30.12
C TRP B 47 -36.52 52.16 -30.55
N VAL B 48 -36.69 51.83 -31.82
CA VAL B 48 -38.02 51.63 -32.40
C VAL B 48 -38.41 50.17 -32.47
N THR B 49 -37.55 49.33 -33.04
CA THR B 49 -37.86 47.92 -33.27
C THR B 49 -36.58 47.15 -33.51
N ILE B 50 -36.69 45.83 -33.48
CA ILE B 50 -35.60 44.92 -33.77
C ILE B 50 -36.14 43.82 -34.69
N ILE B 51 -35.31 43.37 -35.63
CA ILE B 51 -35.63 42.23 -36.47
C ILE B 51 -34.46 41.26 -36.36
N SER B 52 -34.76 39.97 -36.42
CA SER B 52 -33.71 38.96 -36.31
C SER B 52 -32.97 38.83 -37.64
N TYR B 53 -31.84 38.12 -37.58
CA TYR B 53 -31.00 37.92 -38.76
C TYR B 53 -31.77 37.20 -39.88
N ASP B 54 -32.58 36.19 -39.53
CA ASP B 54 -33.43 35.54 -40.51
C ASP B 54 -34.73 36.30 -40.72
N GLY B 55 -35.10 37.18 -39.80
CA GLY B 55 -36.33 37.94 -39.87
C GLY B 55 -37.55 37.23 -39.31
N ILE B 56 -37.37 36.02 -38.78
CA ILE B 56 -38.49 35.25 -38.23
C ILE B 56 -39.05 35.92 -36.96
N THR B 57 -38.17 36.40 -36.08
CA THR B 57 -38.58 36.92 -34.78
C THR B 57 -38.32 38.41 -34.73
N LYS B 58 -39.32 39.19 -34.29
CA LYS B 58 -39.25 40.65 -34.22
C LYS B 58 -39.92 41.15 -32.95
N HIS B 59 -39.36 42.22 -32.39
CA HIS B 59 -39.95 42.88 -31.19
C HIS B 59 -40.13 44.37 -31.52
N TYR B 60 -41.00 45.07 -30.80
CA TYR B 60 -41.30 46.47 -31.05
C TYR B 60 -41.38 47.25 -29.75
N ALA B 61 -41.05 48.54 -29.84
CA ALA B 61 -41.14 49.43 -28.69
C ALA B 61 -42.60 49.69 -28.33
N ASP B 62 -42.84 49.94 -27.03
CA ASP B 62 -44.19 50.15 -26.50
C ASP B 62 -44.92 51.31 -27.19
N SER B 63 -44.19 52.38 -27.52
CA SER B 63 -44.83 53.55 -28.12
C SER B 63 -45.30 53.26 -29.55
N VAL B 64 -44.51 52.52 -30.32
CA VAL B 64 -44.81 52.23 -31.71
C VAL B 64 -45.43 50.84 -31.90
N LYS B 65 -45.72 50.13 -30.80
CA LYS B 65 -46.27 48.78 -30.88
C LYS B 65 -47.66 48.81 -31.50
N ASP B 66 -47.87 47.93 -32.49
CA ASP B 66 -49.09 47.67 -33.28
C ASP B 66 -49.27 48.75 -34.33
N ARG B 67 -48.39 49.73 -34.39
CA ARG B 67 -48.41 50.82 -35.37
C ARG B 67 -47.28 50.73 -36.38
N PHE B 68 -46.08 50.35 -35.94
CA PHE B 68 -44.91 50.28 -36.79
C PHE B 68 -44.57 48.81 -37.04
N THR B 69 -44.34 48.46 -38.30
CA THR B 69 -43.97 47.11 -38.70
C THR B 69 -42.55 47.13 -39.26
N VAL B 70 -41.79 46.07 -39.02
CA VAL B 70 -40.43 45.94 -39.54
C VAL B 70 -40.34 44.68 -40.40
N SER B 71 -39.69 44.82 -41.55
CA SER B 71 -39.49 43.70 -42.48
C SER B 71 -38.09 43.80 -43.07
N ARG B 72 -37.61 42.67 -43.60
CA ARG B 72 -36.31 42.67 -44.26
C ARG B 72 -36.28 41.63 -45.36
N ASP B 73 -35.44 41.88 -46.37
CA ASP B 73 -35.20 40.97 -47.48
C ASP B 73 -33.72 40.64 -47.50
N ASN B 74 -33.39 39.36 -47.37
CA ASN B 74 -31.99 38.92 -47.37
C ASN B 74 -31.33 39.16 -48.72
N SER B 75 -32.05 38.90 -49.82
CA SER B 75 -31.51 39.10 -51.16
C SER B 75 -31.22 40.57 -51.44
N LYS B 76 -32.11 41.47 -51.00
CA LYS B 76 -31.94 42.89 -51.26
C LYS B 76 -31.03 43.57 -50.26
N THR B 77 -30.68 42.88 -49.16
CA THR B 77 -29.82 43.38 -48.07
C THR B 77 -30.35 44.70 -47.50
N MET B 78 -31.65 44.75 -47.27
CA MET B 78 -32.29 45.95 -46.73
C MET B 78 -33.32 45.58 -45.69
N VAL B 79 -33.42 46.40 -44.65
CA VAL B 79 -34.44 46.28 -43.60
C VAL B 79 -35.41 47.44 -43.75
N TYR B 80 -36.70 47.12 -43.83
CA TYR B 80 -37.75 48.11 -44.02
C TYR B 80 -38.51 48.31 -42.72
N LEU B 81 -38.56 49.56 -42.25
CA LEU B 81 -39.37 49.93 -41.09
C LEU B 81 -40.62 50.62 -41.63
N GLN B 82 -41.72 49.87 -41.72
CA GLN B 82 -43.00 50.44 -42.10
C GLN B 82 -43.57 51.20 -40.91
N MET B 83 -44.04 52.42 -41.15
CA MET B 83 -44.62 53.25 -40.11
C MET B 83 -46.04 53.64 -40.49
N ASN B 84 -46.98 53.39 -39.58
CA ASN B 84 -48.39 53.70 -39.80
C ASN B 84 -48.94 54.40 -38.57
N ASN B 85 -50.07 55.10 -38.79
CA ASN B 85 -50.74 55.93 -37.77
C ASN B 85 -49.76 56.97 -37.19
N LEU B 86 -48.99 57.60 -38.08
CA LEU B 86 -47.95 58.53 -37.68
C LEU B 86 -48.53 59.76 -36.99
N LYS B 87 -47.77 60.28 -36.03
CA LYS B 87 -48.17 61.37 -35.16
C LYS B 87 -47.07 62.42 -35.11
N LEU B 88 -47.43 63.61 -34.63
CA LEU B 88 -46.46 64.69 -34.47
C LEU B 88 -45.35 64.30 -33.50
N ASP B 89 -45.70 63.55 -32.45
CA ASP B 89 -44.71 63.04 -31.50
C ASP B 89 -43.72 62.09 -32.19
N ASP B 90 -44.20 61.30 -33.16
CA ASP B 90 -43.39 60.31 -33.85
C ASP B 90 -42.24 60.92 -34.66
N THR B 91 -42.34 62.20 -35.03
CA THR B 91 -41.33 62.92 -35.83
C THR B 91 -39.95 62.78 -35.21
N ALA B 92 -39.00 62.26 -36.00
CA ALA B 92 -37.66 61.97 -35.52
C ALA B 92 -36.74 61.68 -36.71
N VAL B 93 -35.45 61.71 -36.43
CA VAL B 93 -34.44 61.28 -37.41
C VAL B 93 -34.15 59.82 -37.15
N TYR B 94 -34.47 58.96 -38.12
CA TYR B 94 -34.42 57.52 -37.92
C TYR B 94 -33.04 56.97 -38.29
N TYR B 95 -32.39 56.33 -37.31
CA TYR B 95 -31.08 55.71 -37.48
C TYR B 95 -31.24 54.19 -37.46
N CYS B 96 -30.76 53.52 -38.51
CA CYS B 96 -30.75 52.07 -38.55
C CYS B 96 -29.38 51.59 -38.11
N ALA B 97 -29.34 50.83 -37.01
CA ALA B 97 -28.10 50.35 -36.44
C ALA B 97 -28.10 48.83 -36.34
N ARG B 98 -27.02 48.20 -36.78
CA ARG B 98 -26.89 46.75 -36.77
C ARG B 98 -26.10 46.30 -35.54
N ASP B 99 -26.61 45.25 -34.86
CA ASP B 99 -25.96 44.63 -33.69
C ASP B 99 -25.73 45.64 -32.56
N LEU B 100 -26.82 46.27 -32.12
CA LEU B 100 -26.73 47.34 -31.14
C LEU B 100 -26.20 46.85 -29.80
N GLY B 101 -25.38 47.69 -29.15
CA GLY B 101 -24.89 47.40 -27.82
C GLY B 101 -23.69 46.48 -27.72
N THR B 102 -23.08 46.10 -28.85
CA THR B 102 -21.99 45.14 -28.89
C THR B 102 -20.83 45.73 -29.69
N TYR B 103 -19.71 44.99 -29.72
CA TYR B 103 -18.56 45.37 -30.53
C TYR B 103 -18.92 45.48 -32.00
N ASP B 104 -19.82 44.63 -32.47
CA ASP B 104 -20.26 44.60 -33.86
C ASP B 104 -21.09 45.82 -34.26
N ASP B 105 -21.52 46.64 -33.29
CA ASP B 105 -22.43 47.75 -33.54
C ASP B 105 -21.88 48.75 -34.56
N SER B 106 -22.76 49.14 -35.48
CA SER B 106 -22.48 50.16 -36.48
C SER B 106 -23.71 51.03 -36.58
N TRP B 107 -23.51 52.30 -36.96
CA TRP B 107 -24.59 53.26 -36.99
C TRP B 107 -24.72 53.87 -38.37
N GLY B 108 -25.95 53.94 -38.86
CA GLY B 108 -26.21 54.58 -40.13
C GLY B 108 -26.32 56.09 -40.00
N GLN B 109 -26.08 56.77 -41.13
CA GLN B 109 -26.13 58.23 -41.16
C GLN B 109 -27.51 58.77 -40.83
N GLY B 110 -28.56 58.12 -41.32
CA GLY B 110 -29.91 58.46 -40.97
C GLY B 110 -30.61 59.32 -42.01
N VAL B 111 -31.94 59.25 -42.00
CA VAL B 111 -32.79 60.06 -42.85
C VAL B 111 -33.88 60.70 -41.99
N LEU B 112 -34.08 62.01 -42.17
CA LEU B 112 -35.04 62.75 -41.37
C LEU B 112 -36.47 62.38 -41.74
N VAL B 113 -37.31 62.14 -40.73
CA VAL B 113 -38.73 61.87 -40.90
C VAL B 113 -39.50 62.97 -40.17
N THR B 114 -40.43 63.61 -40.87
CA THR B 114 -41.23 64.68 -40.31
C THR B 114 -42.70 64.34 -40.50
N VAL B 115 -43.52 64.70 -39.50
CA VAL B 115 -44.96 64.45 -39.56
C VAL B 115 -45.69 65.74 -39.22
N GLU C 1 -61.52 10.79 -8.15
CA GLU C 1 -60.22 11.41 -8.37
C GLU C 1 -60.34 12.69 -7.52
N VAL C 2 -60.25 13.87 -8.12
CA VAL C 2 -60.34 15.14 -7.40
C VAL C 2 -61.62 15.85 -7.82
N GLN C 3 -62.46 16.21 -6.84
CA GLN C 3 -63.71 16.91 -7.10
C GLN C 3 -63.71 18.21 -6.31
N LEU C 4 -63.98 19.33 -6.98
CA LEU C 4 -64.08 20.63 -6.34
C LEU C 4 -65.48 21.18 -6.57
N VAL C 5 -66.14 21.59 -5.48
CA VAL C 5 -67.52 22.08 -5.51
C VAL C 5 -67.55 23.40 -4.75
N GLU C 6 -67.91 24.48 -5.44
CA GLU C 6 -67.88 25.83 -4.88
C GLU C 6 -69.26 26.22 -4.39
N SER C 7 -69.34 26.72 -3.15
CA SER C 7 -70.60 27.08 -2.53
C SER C 7 -70.49 28.48 -1.93
N GLY C 8 -71.49 29.31 -2.18
CA GLY C 8 -71.55 30.64 -1.57
C GLY C 8 -71.64 31.80 -2.53
N GLY C 9 -71.77 31.58 -3.83
CA GLY C 9 -71.88 32.68 -4.78
C GLY C 9 -73.31 33.08 -5.10
N GLY C 10 -73.62 34.36 -4.89
CA GLY C 10 -74.97 34.86 -5.12
C GLY C 10 -74.93 36.36 -5.37
N LEU C 11 -76.08 36.87 -5.82
CA LEU C 11 -76.22 38.30 -6.08
C LEU C 11 -76.01 39.12 -4.82
N VAL C 12 -75.26 40.21 -4.95
CA VAL C 12 -74.92 41.07 -3.83
C VAL C 12 -75.01 42.53 -4.27
N GLN C 13 -75.35 43.40 -3.33
CA GLN C 13 -75.40 44.84 -3.55
C GLN C 13 -73.96 45.36 -3.49
N PRO C 14 -73.63 46.46 -4.18
CA PRO C 14 -72.27 47.02 -4.04
C PRO C 14 -71.95 47.44 -2.62
N GLY C 15 -70.72 47.14 -2.21
CA GLY C 15 -70.27 47.34 -0.85
C GLY C 15 -70.61 46.21 0.10
N GLY C 16 -71.23 45.14 -0.41
CA GLY C 16 -71.59 44.00 0.42
C GLY C 16 -70.42 43.07 0.71
N SER C 17 -70.63 42.21 1.71
CA SER C 17 -69.67 41.19 2.10
C SER C 17 -70.14 39.83 1.62
N LEU C 18 -69.36 39.19 0.77
CA LEU C 18 -69.67 37.88 0.20
C LEU C 18 -68.51 36.92 0.40
N ARG C 19 -68.80 35.73 0.94
CA ARG C 19 -67.79 34.71 1.18
C ARG C 19 -68.08 33.48 0.33
N LEU C 20 -67.07 33.00 -0.39
CA LEU C 20 -67.18 31.83 -1.27
C LEU C 20 -66.40 30.67 -0.67
N SER C 21 -67.09 29.56 -0.41
CA SER C 21 -66.48 28.39 0.22
C SER C 21 -66.25 27.28 -0.79
N CYS C 22 -64.99 27.06 -1.17
CA CYS C 22 -64.62 25.98 -2.08
C CYS C 22 -64.49 24.67 -1.30
N THR C 23 -65.26 23.65 -1.67
CA THR C 23 -65.28 22.40 -0.92
C THR C 23 -64.53 21.31 -1.67
N ALA C 24 -63.58 20.67 -0.98
CA ALA C 24 -62.75 19.64 -1.57
C ALA C 24 -63.25 18.26 -1.19
N SER C 25 -62.80 17.26 -1.97
CA SER C 25 -63.15 15.85 -1.77
C SER C 25 -62.27 14.92 -2.59
N GLY C 26 -61.73 13.88 -1.99
CA GLY C 26 -60.97 12.88 -2.71
C GLY C 26 -59.46 12.98 -2.60
N PHE C 27 -58.94 13.84 -1.73
CA PHE C 27 -57.50 14.00 -1.58
C PHE C 27 -57.25 14.63 -0.23
N THR C 28 -55.98 14.67 0.17
CA THR C 28 -55.60 15.31 1.42
C THR C 28 -55.58 16.83 1.18
N PHE C 29 -56.54 17.53 1.80
CA PHE C 29 -56.73 18.96 1.58
C PHE C 29 -55.53 19.77 2.03
N SER C 30 -54.95 19.44 3.19
CA SER C 30 -53.86 20.21 3.78
C SER C 30 -52.62 20.23 2.91
N ASN C 31 -52.34 19.13 2.20
CA ASN C 31 -51.12 18.99 1.42
C ASN C 31 -51.02 19.98 0.26
N TYR C 32 -52.14 20.32 -0.39
CA TYR C 32 -52.11 21.11 -1.61
C TYR C 32 -52.57 22.54 -1.40
N GLY C 33 -51.78 23.49 -1.91
CA GLY C 33 -52.19 24.90 -1.91
C GLY C 33 -53.34 25.16 -2.87
N PHE C 34 -54.12 26.21 -2.59
CA PHE C 34 -55.32 26.51 -3.35
C PHE C 34 -55.26 27.91 -3.95
N HIS C 35 -55.90 28.08 -5.12
CA HIS C 35 -55.91 29.33 -5.86
C HIS C 35 -57.35 29.70 -6.20
N TRP C 36 -57.61 31.01 -6.41
CA TRP C 36 -58.91 31.49 -6.86
C TRP C 36 -58.74 32.21 -8.19
N VAL C 37 -59.52 31.84 -9.20
CA VAL C 37 -59.47 32.45 -10.53
C VAL C 37 -60.87 32.95 -10.92
N ARG C 38 -60.99 34.25 -11.23
CA ARG C 38 -62.25 34.81 -11.70
C ARG C 38 -62.26 34.91 -13.23
N GLN C 39 -63.45 34.79 -13.82
CA GLN C 39 -63.66 34.95 -15.27
C GLN C 39 -64.75 36.00 -15.52
N ALA C 40 -64.34 37.26 -15.68
CA ALA C 40 -65.27 38.35 -15.96
C ALA C 40 -65.96 38.11 -17.30
N PRO C 41 -67.27 38.38 -17.40
CA PRO C 41 -68.04 38.06 -18.62
C PRO C 41 -67.50 38.78 -19.86
N GLY C 42 -67.28 38.00 -20.92
CA GLY C 42 -66.67 38.48 -22.15
C GLY C 42 -65.27 39.04 -21.95
N LYS C 43 -64.53 38.48 -21.00
CA LYS C 43 -63.16 38.88 -20.69
C LYS C 43 -62.34 37.64 -20.42
N GLY C 44 -61.02 37.80 -20.48
CA GLY C 44 -60.12 36.70 -20.21
C GLY C 44 -60.07 36.37 -18.73
N LEU C 45 -59.46 35.23 -18.42
CA LEU C 45 -59.35 34.76 -17.04
C LEU C 45 -58.50 35.71 -16.20
N GLU C 46 -58.88 35.91 -14.93
CA GLU C 46 -58.10 36.78 -14.02
C GLU C 46 -57.83 36.05 -12.69
N TRP C 47 -56.56 35.74 -12.40
CA TRP C 47 -56.22 35.10 -11.10
C TRP C 47 -56.52 36.09 -9.96
N VAL C 48 -57.18 35.62 -8.90
CA VAL C 48 -57.53 36.49 -7.74
C VAL C 48 -56.50 36.35 -6.61
N THR C 49 -56.36 35.16 -6.03
CA THR C 49 -55.53 34.98 -4.84
C THR C 49 -55.01 33.55 -4.73
N ILE C 50 -53.89 33.39 -4.02
CA ILE C 50 -53.31 32.09 -3.71
C ILE C 50 -53.01 31.97 -2.23
N ILE C 51 -53.56 30.94 -1.59
CA ILE C 51 -53.20 30.61 -0.21
C ILE C 51 -52.24 29.43 -0.28
N SER C 52 -51.31 29.34 0.66
CA SER C 52 -50.35 28.24 0.63
C SER C 52 -50.94 27.03 1.34
N TYR C 53 -50.25 25.88 1.22
CA TYR C 53 -50.72 24.65 1.85
C TYR C 53 -50.73 24.80 3.37
N ASP C 54 -49.69 25.43 3.93
CA ASP C 54 -49.68 25.77 5.35
C ASP C 54 -50.71 26.84 5.66
N GLY C 55 -50.88 27.80 4.75
CA GLY C 55 -51.87 28.85 4.88
C GLY C 55 -51.38 30.12 5.53
N ILE C 56 -50.16 30.13 6.08
CA ILE C 56 -49.60 31.35 6.67
C ILE C 56 -49.30 32.37 5.57
N THR C 57 -48.81 31.92 4.42
CA THR C 57 -48.39 32.81 3.33
C THR C 57 -49.52 32.96 2.33
N LYS C 58 -50.14 34.14 2.30
CA LYS C 58 -51.20 34.47 1.35
C LYS C 58 -50.79 35.63 0.45
N HIS C 59 -50.93 35.43 -0.86
CA HIS C 59 -50.65 36.47 -1.85
C HIS C 59 -51.93 36.90 -2.54
N TYR C 60 -51.94 38.12 -3.05
CA TYR C 60 -53.14 38.70 -3.65
C TYR C 60 -52.74 39.62 -4.78
N ALA C 61 -53.67 39.87 -5.69
CA ALA C 61 -53.45 40.83 -6.76
C ALA C 61 -53.53 42.23 -6.14
N ASP C 62 -52.96 43.22 -6.84
CA ASP C 62 -52.90 44.59 -6.30
C ASP C 62 -54.29 45.17 -6.08
N SER C 63 -55.18 44.99 -7.07
CA SER C 63 -56.57 45.41 -6.89
C SER C 63 -57.26 44.56 -5.83
N VAL C 64 -56.99 43.24 -5.85
CA VAL C 64 -57.63 42.29 -4.94
C VAL C 64 -57.25 42.57 -3.49
N LYS C 65 -55.97 42.90 -3.25
CA LYS C 65 -55.47 43.13 -1.89
C LYS C 65 -56.16 44.33 -1.27
N ASP C 66 -56.45 44.22 0.04
CA ASP C 66 -57.09 45.21 0.93
C ASP C 66 -58.60 45.21 0.74
N ARG C 67 -59.12 44.39 -0.18
CA ARG C 67 -60.57 44.25 -0.38
C ARG C 67 -60.96 42.79 -0.26
N PHE C 68 -60.07 41.86 -0.59
CA PHE C 68 -60.38 40.43 -0.58
C PHE C 68 -59.42 39.74 0.38
N THR C 69 -59.96 38.87 1.24
CA THR C 69 -59.19 38.08 2.19
C THR C 69 -59.47 36.59 1.98
N VAL C 70 -58.42 35.78 1.91
CA VAL C 70 -58.55 34.34 1.67
C VAL C 70 -58.20 33.61 2.96
N SER C 71 -58.82 32.43 3.14
CA SER C 71 -58.60 31.62 4.33
C SER C 71 -58.95 30.17 4.01
N ARG C 72 -58.51 29.26 4.87
CA ARG C 72 -58.80 27.84 4.69
C ARG C 72 -58.92 27.16 6.05
N ASP C 73 -59.71 26.09 6.08
CA ASP C 73 -59.85 25.24 7.26
C ASP C 73 -59.51 23.81 6.83
N ASN C 74 -58.47 23.24 7.45
CA ASN C 74 -58.05 21.88 7.11
C ASN C 74 -59.08 20.85 7.54
N SER C 75 -59.67 21.02 8.72
CA SER C 75 -60.67 20.07 9.21
C SER C 75 -61.92 20.04 8.35
N LYS C 76 -62.37 21.21 7.91
CA LYS C 76 -63.58 21.31 7.09
C LYS C 76 -63.29 21.16 5.60
N THR C 77 -62.01 21.17 5.21
CA THR C 77 -61.53 20.97 3.83
C THR C 77 -62.00 22.07 2.89
N MET C 78 -62.31 23.25 3.42
CA MET C 78 -62.87 24.33 2.62
C MET C 78 -61.98 25.57 2.61
N VAL C 79 -61.89 26.19 1.43
CA VAL C 79 -61.18 27.46 1.24
C VAL C 79 -62.21 28.57 1.14
N TYR C 80 -62.09 29.59 2.00
CA TYR C 80 -63.03 30.69 2.06
C TYR C 80 -62.40 31.96 1.53
N LEU C 81 -62.95 32.50 0.45
CA LEU C 81 -62.52 33.79 -0.07
C LEU C 81 -63.58 34.80 0.32
N GLN C 82 -63.17 35.84 1.04
CA GLN C 82 -64.09 36.85 1.55
C GLN C 82 -63.90 38.14 0.75
N MET C 83 -64.98 38.66 0.18
CA MET C 83 -64.91 39.87 -0.64
C MET C 83 -65.72 40.97 0.01
N ASN C 84 -65.11 42.15 0.17
CA ASN C 84 -65.74 43.29 0.81
C ASN C 84 -65.57 44.50 -0.10
N ASN C 85 -66.47 45.48 0.08
CA ASN C 85 -66.53 46.70 -0.76
C ASN C 85 -66.64 46.33 -2.23
N LEU C 86 -67.51 45.36 -2.52
CA LEU C 86 -67.68 44.83 -3.87
C LEU C 86 -68.14 45.90 -4.86
N LYS C 87 -67.66 45.76 -6.09
CA LYS C 87 -67.92 46.70 -7.17
C LYS C 87 -68.52 45.95 -8.36
N LEU C 88 -69.05 46.72 -9.31
CA LEU C 88 -69.59 46.14 -10.53
C LEU C 88 -68.52 45.43 -11.36
N ASP C 89 -67.28 45.97 -11.38
CA ASP C 89 -66.17 45.31 -12.05
C ASP C 89 -65.77 43.99 -11.42
N ASP C 90 -66.04 43.79 -10.12
CA ASP C 90 -65.78 42.50 -9.46
C ASP C 90 -66.56 41.33 -10.06
N THR C 91 -67.75 41.60 -10.63
CA THR C 91 -68.64 40.56 -11.17
C THR C 91 -67.94 39.63 -12.14
N ALA C 92 -67.95 38.34 -11.82
CA ALA C 92 -67.28 37.29 -12.56
C ALA C 92 -67.72 35.94 -12.03
N VAL C 93 -67.36 34.89 -12.77
CA VAL C 93 -67.60 33.52 -12.35
C VAL C 93 -66.28 32.99 -11.78
N TYR C 94 -66.18 32.96 -10.45
CA TYR C 94 -64.93 32.58 -9.82
C TYR C 94 -64.81 31.06 -9.83
N TYR C 95 -63.58 30.57 -9.95
CA TYR C 95 -63.34 29.13 -10.00
C TYR C 95 -62.30 28.74 -8.98
N CYS C 96 -62.57 27.69 -8.22
CA CYS C 96 -61.56 27.17 -7.32
C CYS C 96 -60.46 26.51 -8.15
N ALA C 97 -59.22 26.73 -7.73
CA ALA C 97 -58.09 26.18 -8.45
C ALA C 97 -57.13 25.57 -7.45
N ARG C 98 -56.60 24.41 -7.79
CA ARG C 98 -55.62 23.73 -6.96
C ARG C 98 -54.35 23.50 -7.77
N ASP C 99 -53.21 23.91 -7.21
CA ASP C 99 -51.88 23.66 -7.75
C ASP C 99 -51.75 24.08 -9.21
N LEU C 100 -52.10 25.34 -9.49
CA LEU C 100 -52.13 25.84 -10.87
C LEU C 100 -50.77 25.74 -11.54
N GLY C 101 -50.78 25.32 -12.80
CA GLY C 101 -49.57 25.24 -13.58
C GLY C 101 -48.72 24.02 -13.35
N THR C 102 -49.22 23.03 -12.62
CA THR C 102 -48.45 21.84 -12.24
C THR C 102 -49.25 20.60 -12.59
N TYR C 103 -48.60 19.43 -12.40
CA TYR C 103 -49.26 18.15 -12.66
C TYR C 103 -50.43 17.90 -11.72
N ASP C 104 -50.47 18.57 -10.57
CA ASP C 104 -51.51 18.40 -9.57
C ASP C 104 -52.68 19.36 -9.80
N ASP C 105 -52.75 19.96 -11.00
CA ASP C 105 -53.76 20.97 -11.30
C ASP C 105 -55.17 20.40 -11.25
N SER C 106 -56.03 21.08 -10.51
CA SER C 106 -57.44 20.71 -10.41
C SER C 106 -58.27 21.91 -10.82
N TRP C 107 -59.56 21.67 -11.10
CA TRP C 107 -60.43 22.75 -11.51
C TRP C 107 -61.80 22.62 -10.88
N GLY C 108 -62.40 23.76 -10.57
CA GLY C 108 -63.72 23.83 -9.94
C GLY C 108 -64.74 24.33 -10.95
N GLN C 109 -65.94 23.72 -10.90
CA GLN C 109 -67.07 24.08 -11.77
C GLN C 109 -67.37 25.57 -11.77
N GLY C 110 -67.25 26.22 -10.62
CA GLY C 110 -67.44 27.66 -10.52
C GLY C 110 -68.84 28.11 -10.17
N VAL C 111 -68.91 29.29 -9.55
CA VAL C 111 -70.16 29.94 -9.18
C VAL C 111 -70.15 31.37 -9.72
N LEU C 112 -71.27 31.78 -10.31
CA LEU C 112 -71.42 33.15 -10.80
C LEU C 112 -71.67 34.07 -9.62
N VAL C 113 -70.85 35.11 -9.50
CA VAL C 113 -71.02 36.16 -8.50
C VAL C 113 -71.35 37.44 -9.24
N THR C 114 -72.51 38.03 -8.91
CA THR C 114 -73.00 39.24 -9.57
C THR C 114 -73.13 40.34 -8.54
N VAL C 115 -72.58 41.51 -8.85
CA VAL C 115 -72.67 42.66 -7.96
C VAL C 115 -73.50 43.76 -8.61
N ASP D 1 -45.36 43.22 -11.86
CA ASP D 1 -45.38 41.74 -11.91
C ASP D 1 -45.25 41.29 -13.37
N ILE D 2 -45.17 39.98 -13.61
CA ILE D 2 -44.98 39.45 -14.99
C ILE D 2 -46.24 39.75 -15.82
N GLN D 3 -46.08 40.30 -17.02
CA GLN D 3 -47.20 40.66 -17.87
C GLN D 3 -47.23 39.70 -19.03
N MET D 4 -48.29 38.90 -19.12
CA MET D 4 -48.39 37.88 -20.15
C MET D 4 -49.21 38.43 -21.30
N THR D 5 -48.69 38.32 -22.52
CA THR D 5 -49.43 38.75 -23.71
C THR D 5 -49.24 37.73 -24.82
N GLN D 6 -50.30 36.98 -25.11
CA GLN D 6 -50.31 36.08 -26.27
C GLN D 6 -50.16 36.87 -27.56
N SER D 7 -49.35 36.34 -28.47
CA SER D 7 -49.16 36.98 -29.77
C SER D 7 -50.39 36.94 -30.70
N PRO D 8 -51.14 35.79 -30.88
CA PRO D 8 -52.36 35.89 -31.69
C PRO D 8 -53.57 36.29 -30.87
N SER D 9 -54.17 37.45 -31.16
CA SER D 9 -55.38 37.86 -30.47
C SER D 9 -56.56 36.93 -30.76
N ALA D 10 -56.70 36.49 -32.02
CA ALA D 10 -57.76 35.56 -32.41
C ALA D 10 -57.38 34.94 -33.75
N LEU D 11 -56.96 33.68 -33.75
CA LEU D 11 -56.65 32.96 -34.98
C LEU D 11 -57.43 31.65 -34.99
N SER D 12 -58.28 31.46 -35.99
CA SER D 12 -59.05 30.23 -36.17
C SER D 12 -58.97 29.75 -37.61
N ALA D 13 -58.67 28.47 -37.80
CA ALA D 13 -58.60 27.87 -39.12
C ALA D 13 -59.61 26.70 -39.23
N SER D 14 -59.45 25.91 -40.29
CA SER D 14 -60.30 24.76 -40.55
C SER D 14 -59.76 23.52 -39.84
N VAL D 15 -60.64 22.51 -39.72
CA VAL D 15 -60.30 21.25 -39.07
C VAL D 15 -59.17 20.55 -39.84
N GLY D 16 -58.20 20.00 -39.11
CA GLY D 16 -57.07 19.33 -39.69
C GLY D 16 -55.87 20.21 -39.98
N ASP D 17 -55.98 21.51 -39.78
CA ASP D 17 -54.89 22.43 -40.01
C ASP D 17 -53.91 22.43 -38.83
N ARG D 18 -52.68 22.87 -39.12
CA ARG D 18 -51.67 23.04 -38.08
C ARG D 18 -51.78 24.46 -37.50
N VAL D 19 -51.92 24.54 -36.18
CA VAL D 19 -52.18 25.80 -35.49
C VAL D 19 -50.95 26.17 -34.65
N THR D 20 -50.78 27.47 -34.38
CA THR D 20 -49.75 27.99 -33.49
C THR D 20 -50.38 29.05 -32.62
N ILE D 21 -50.16 28.95 -31.31
CA ILE D 21 -50.67 29.93 -30.34
C ILE D 21 -49.50 30.36 -29.45
N SER D 22 -48.74 31.34 -29.92
CA SER D 22 -47.57 31.83 -29.19
C SER D 22 -47.94 32.67 -27.97
N CYS D 23 -47.04 32.65 -26.99
CA CYS D 23 -47.18 33.40 -25.74
C CYS D 23 -45.80 33.90 -25.31
N ARG D 24 -45.78 35.02 -24.59
CA ARG D 24 -44.52 35.60 -24.13
C ARG D 24 -44.68 36.21 -22.74
N ALA D 25 -43.54 36.34 -22.05
CA ALA D 25 -43.46 36.87 -20.71
C ALA D 25 -42.60 38.13 -20.71
N SER D 26 -42.96 39.09 -19.85
CA SER D 26 -42.24 40.35 -19.76
C SER D 26 -40.80 40.15 -19.27
N GLN D 27 -40.60 39.29 -18.28
CA GLN D 27 -39.28 38.95 -17.78
C GLN D 27 -39.19 37.42 -17.67
N ASN D 28 -37.95 36.93 -17.60
CA ASN D 28 -37.65 35.49 -17.62
C ASN D 28 -38.38 34.80 -16.47
N ILE D 29 -39.16 33.77 -16.82
CA ILE D 29 -39.91 32.97 -15.86
C ILE D 29 -39.54 31.50 -15.92
N ASP D 30 -38.42 31.17 -16.56
CA ASP D 30 -37.87 29.79 -16.73
C ASP D 30 -38.92 28.97 -17.50
N GLY D 31 -39.19 27.74 -17.06
CA GLY D 31 -40.13 26.86 -17.69
C GLY D 31 -41.49 26.83 -17.02
N PHE D 32 -41.76 27.78 -16.12
CA PHE D 32 -42.98 27.82 -15.31
C PHE D 32 -44.10 28.48 -16.11
N LEU D 33 -44.74 27.67 -16.98
CA LEU D 33 -45.86 28.13 -17.77
C LEU D 33 -46.92 27.03 -17.83
N ALA D 34 -48.19 27.42 -17.96
CA ALA D 34 -49.30 26.50 -18.12
C ALA D 34 -50.15 26.95 -19.29
N TRP D 35 -50.71 25.99 -20.02
CA TRP D 35 -51.59 26.30 -21.14
C TRP D 35 -53.01 25.82 -20.83
N TYR D 36 -54.01 26.70 -20.99
CA TYR D 36 -55.38 26.32 -20.63
C TYR D 36 -56.28 26.31 -21.86
N GLN D 37 -57.43 25.61 -21.76
CA GLN D 37 -58.37 25.51 -22.90
C GLN D 37 -59.80 25.76 -22.37
N GLN D 38 -60.18 27.02 -22.14
CA GLN D 38 -61.50 27.29 -21.59
C GLN D 38 -62.51 27.49 -22.72
N LYS D 39 -63.49 26.59 -22.81
CA LYS D 39 -64.57 26.74 -23.77
C LYS D 39 -65.58 27.76 -23.24
N PRO D 40 -66.38 28.41 -24.15
CA PRO D 40 -67.42 29.33 -23.68
C PRO D 40 -68.50 28.68 -22.83
N GLY D 41 -68.48 28.96 -21.53
CA GLY D 41 -69.41 28.37 -20.60
C GLY D 41 -68.99 27.01 -20.08
N LYS D 42 -67.69 26.83 -19.87
CA LYS D 42 -67.16 25.60 -19.32
C LYS D 42 -66.10 25.97 -18.28
N ALA D 43 -65.28 25.00 -17.88
CA ALA D 43 -64.18 25.15 -16.95
C ALA D 43 -62.85 25.00 -17.69
N PRO D 44 -61.86 25.84 -17.38
CA PRO D 44 -60.57 25.79 -18.09
C PRO D 44 -59.89 24.44 -17.95
N LYS D 45 -59.34 23.95 -19.06
CA LYS D 45 -58.71 22.64 -19.13
C LYS D 45 -57.21 22.79 -19.33
N LEU D 46 -56.43 22.26 -18.38
CA LEU D 46 -54.97 22.37 -18.42
C LEU D 46 -54.40 21.45 -19.48
N LEU D 47 -53.99 22.05 -20.61
CA LEU D 47 -53.40 21.26 -21.68
C LEU D 47 -51.95 20.94 -21.41
N ILE D 48 -51.16 21.95 -21.03
CA ILE D 48 -49.73 21.80 -20.83
C ILE D 48 -49.36 22.29 -19.44
N TYR D 49 -48.55 21.51 -18.73
CA TYR D 49 -48.04 21.90 -17.42
C TYR D 49 -46.52 22.01 -17.53
N ALA D 50 -45.96 23.05 -16.91
CA ALA D 50 -44.50 23.30 -16.88
C ALA D 50 -43.91 23.55 -18.27
N ALA D 51 -44.75 24.05 -19.19
CA ALA D 51 -44.42 24.48 -20.56
C ALA D 51 -44.09 23.33 -21.50
N SER D 52 -43.16 22.44 -21.13
CA SER D 52 -42.73 21.39 -22.04
C SER D 52 -43.40 20.04 -21.79
N ARG D 53 -44.28 19.93 -20.80
CA ARG D 53 -44.86 18.64 -20.43
C ARG D 53 -46.37 18.59 -20.65
N LEU D 54 -46.82 17.58 -21.38
CA LEU D 54 -48.25 17.39 -21.60
C LEU D 54 -48.93 16.93 -20.31
N GLN D 55 -50.10 17.47 -20.04
CA GLN D 55 -50.87 17.03 -18.87
C GLN D 55 -51.59 15.72 -19.20
N SER D 56 -51.87 14.94 -18.16
CA SER D 56 -52.59 13.69 -18.33
C SER D 56 -54.00 13.93 -18.83
N GLY D 57 -54.47 13.05 -19.72
CA GLY D 57 -55.80 13.17 -20.28
C GLY D 57 -55.93 14.24 -21.34
N ILE D 58 -54.82 14.71 -21.89
CA ILE D 58 -54.81 15.72 -22.93
C ILE D 58 -54.35 15.01 -24.20
N PRO D 59 -54.93 15.32 -25.38
CA PRO D 59 -54.51 14.64 -26.60
C PRO D 59 -53.07 14.95 -27.01
N SER D 60 -52.46 13.96 -27.69
CA SER D 60 -51.07 14.03 -28.10
C SER D 60 -50.79 15.19 -29.06
N ARG D 61 -51.80 15.61 -29.83
CA ARG D 61 -51.63 16.66 -30.83
C ARG D 61 -51.12 17.97 -30.23
N PHE D 62 -51.60 18.34 -29.05
CA PHE D 62 -51.13 19.56 -28.37
C PHE D 62 -49.67 19.42 -27.97
N SER D 63 -48.89 20.48 -28.18
CA SER D 63 -47.48 20.46 -27.85
C SER D 63 -47.02 21.84 -27.39
N GLY D 64 -46.32 21.89 -26.25
CA GLY D 64 -45.79 23.12 -25.70
C GLY D 64 -44.27 23.16 -25.83
N SER D 65 -43.76 24.27 -26.36
CA SER D 65 -42.34 24.40 -26.62
C SER D 65 -41.86 25.79 -26.22
N GLY D 66 -40.56 25.92 -26.04
CA GLY D 66 -39.95 27.19 -25.71
C GLY D 66 -39.64 27.33 -24.23
N SER D 67 -38.59 28.10 -23.93
CA SER D 67 -38.15 28.34 -22.56
C SER D 67 -38.00 29.84 -22.36
N GLY D 68 -37.67 30.23 -21.13
CA GLY D 68 -37.43 31.63 -20.79
C GLY D 68 -38.64 32.51 -21.02
N THR D 69 -38.46 33.65 -21.69
CA THR D 69 -39.59 34.51 -22.01
C THR D 69 -40.50 33.91 -23.08
N ASP D 70 -39.93 33.48 -24.21
CA ASP D 70 -40.74 33.05 -25.35
C ASP D 70 -41.31 31.64 -25.15
N PHE D 71 -42.56 31.46 -25.60
CA PHE D 71 -43.23 30.16 -25.53
C PHE D 71 -44.04 29.95 -26.80
N THR D 72 -44.22 28.68 -27.18
CA THR D 72 -44.93 28.34 -28.43
C THR D 72 -45.78 27.09 -28.27
N LEU D 73 -47.10 27.25 -28.42
CA LEU D 73 -48.04 26.13 -28.37
C LEU D 73 -48.38 25.73 -29.80
N THR D 74 -48.39 24.43 -30.07
CA THR D 74 -48.62 23.92 -31.43
C THR D 74 -49.61 22.76 -31.42
N ILE D 75 -50.61 22.83 -32.30
CA ILE D 75 -51.58 21.76 -32.52
C ILE D 75 -51.29 21.15 -33.88
N SER D 76 -50.92 19.86 -33.90
CA SER D 76 -50.55 19.20 -35.14
C SER D 76 -51.71 19.08 -36.12
N SER D 77 -52.88 18.68 -35.63
CA SER D 77 -54.07 18.58 -36.47
C SER D 77 -55.25 19.17 -35.73
N LEU D 78 -55.93 20.14 -36.34
CA LEU D 78 -57.07 20.76 -35.68
C LEU D 78 -58.28 19.83 -35.71
N GLN D 79 -59.17 20.02 -34.74
CA GLN D 79 -60.37 19.21 -34.56
C GLN D 79 -61.53 20.14 -34.20
N PRO D 80 -62.79 19.67 -34.35
CA PRO D 80 -63.92 20.48 -33.85
C PRO D 80 -63.88 20.76 -32.36
N GLU D 81 -63.44 19.79 -31.55
CA GLU D 81 -63.39 19.97 -30.11
C GLU D 81 -62.25 20.88 -29.69
N ASP D 82 -61.28 21.10 -30.59
CA ASP D 82 -60.11 21.92 -30.28
C ASP D 82 -60.47 23.39 -30.05
N PHE D 83 -61.45 23.92 -30.80
CA PHE D 83 -61.80 25.35 -30.73
C PHE D 83 -62.26 25.74 -29.32
N ALA D 84 -61.56 26.71 -28.73
CA ALA D 84 -61.82 27.26 -27.40
C ALA D 84 -60.93 28.46 -27.21
N ALA D 85 -61.14 29.17 -26.10
CA ALA D 85 -60.27 30.25 -25.70
C ALA D 85 -59.03 29.68 -25.02
N TYR D 86 -57.85 30.18 -25.39
CA TYR D 86 -56.58 29.68 -24.91
C TYR D 86 -55.90 30.73 -24.03
N TYR D 87 -55.44 30.31 -22.85
CA TYR D 87 -54.77 31.23 -21.93
C TYR D 87 -53.46 30.62 -21.43
N CYS D 88 -52.38 31.41 -21.49
CA CYS D 88 -51.10 31.05 -20.91
C CYS D 88 -50.90 31.76 -19.58
N GLN D 89 -50.40 31.03 -18.58
CA GLN D 89 -50.28 31.65 -17.22
C GLN D 89 -48.87 31.45 -16.67
N GLN D 90 -48.26 32.52 -16.14
CA GLN D 90 -46.93 32.38 -15.51
C GLN D 90 -47.13 31.87 -14.07
N VAL D 91 -46.42 30.82 -13.68
CA VAL D 91 -46.51 30.33 -12.27
C VAL D 91 -45.16 30.53 -11.58
N TYR D 92 -44.22 31.23 -12.23
CA TYR D 92 -42.88 31.49 -11.62
C TYR D 92 -43.00 32.40 -10.39
N SER D 93 -43.80 33.47 -10.48
CA SER D 93 -43.88 34.45 -9.37
C SER D 93 -45.10 34.19 -8.49
N ALA D 94 -45.11 34.74 -7.28
CA ALA D 94 -46.28 34.57 -6.37
C ALA D 94 -47.54 35.16 -7.01
N PRO D 95 -47.54 36.38 -7.61
CA PRO D 95 -48.71 36.86 -8.35
C PRO D 95 -48.80 36.07 -9.66
N LEU D 96 -50.01 35.66 -10.05
CA LEU D 96 -50.19 34.85 -11.29
C LEU D 96 -51.00 35.67 -12.29
N THR D 97 -50.51 35.79 -13.53
CA THR D 97 -51.28 36.51 -14.57
C THR D 97 -51.60 35.57 -15.72
N PHE D 98 -52.88 35.49 -16.11
CA PHE D 98 -53.28 34.65 -17.27
C PHE D 98 -53.07 35.45 -18.56
N GLY D 99 -52.93 34.76 -19.69
CA GLY D 99 -52.80 35.47 -20.96
C GLY D 99 -54.13 36.06 -21.39
N GLY D 100 -54.05 37.08 -22.26
CA GLY D 100 -55.24 37.80 -22.68
C GLY D 100 -56.31 36.94 -23.34
N GLY D 101 -55.90 36.02 -24.21
CA GLY D 101 -56.82 35.07 -24.79
C GLY D 101 -56.73 34.96 -26.30
N THR D 102 -56.58 33.75 -26.80
CA THR D 102 -56.58 33.47 -28.24
C THR D 102 -57.85 32.69 -28.58
N LYS D 103 -58.58 33.17 -29.59
CA LYS D 103 -59.85 32.56 -29.97
C LYS D 103 -59.60 31.66 -31.18
N VAL D 104 -59.91 30.38 -31.03
CA VAL D 104 -59.70 29.41 -32.10
C VAL D 104 -61.03 28.79 -32.50
N ALA E 27 27.52 40.01 26.59
CA ALA E 27 27.79 38.93 27.53
C ALA E 27 27.16 37.63 27.04
N TYR E 28 27.92 36.55 27.10
CA TYR E 28 27.45 35.25 26.65
C TYR E 28 27.92 34.17 27.62
N THR E 29 27.18 33.05 27.65
CA THR E 29 27.47 31.94 28.54
C THR E 29 27.20 30.65 27.75
N ASN E 30 27.82 29.54 28.15
CA ASN E 30 27.51 28.24 27.55
C ASN E 30 26.32 27.60 28.26
N SER E 31 25.61 26.74 27.52
CA SER E 31 24.41 26.09 28.03
C SER E 31 24.69 25.15 29.19
N PHE E 32 25.89 24.53 29.20
CA PHE E 32 26.36 23.62 30.25
C PHE E 32 25.43 22.42 30.46
N THR E 33 24.91 21.89 29.34
CA THR E 33 24.04 20.69 29.29
C THR E 33 22.83 20.81 30.22
N ARG E 34 22.19 21.97 30.18
CA ARG E 34 21.07 22.29 31.05
C ARG E 34 19.89 22.71 30.17
N GLY E 35 18.68 22.57 30.72
CA GLY E 35 17.45 22.97 30.07
C GLY E 35 16.76 21.91 29.24
N VAL E 36 17.24 20.66 29.28
CA VAL E 36 16.55 19.57 28.58
C VAL E 36 15.20 19.34 29.24
N TYR E 37 14.21 18.92 28.46
CA TYR E 37 12.85 18.76 28.96
C TYR E 37 12.31 17.38 28.61
N TYR E 38 11.19 17.02 29.24
CA TYR E 38 10.54 15.76 28.95
C TYR E 38 9.70 15.94 27.69
N PRO E 39 9.97 15.20 26.61
CA PRO E 39 9.25 15.47 25.35
C PRO E 39 7.77 15.13 25.39
N ASP E 40 7.39 14.06 26.08
CA ASP E 40 6.02 13.57 26.11
C ASP E 40 5.64 13.19 27.52
N LYS E 41 4.39 12.79 27.69
CA LYS E 41 3.85 12.32 28.97
C LYS E 41 4.06 10.82 29.16
N VAL E 42 4.72 10.15 28.23
CA VAL E 42 4.98 8.72 28.34
C VAL E 42 5.96 8.45 29.48
N PHE E 43 5.74 7.36 30.22
CA PHE E 43 6.64 6.94 31.28
C PHE E 43 7.52 5.82 30.72
N ARG E 44 8.83 6.00 30.84
CA ARG E 44 9.80 5.01 30.38
C ARG E 44 10.74 4.68 31.53
N SER E 45 11.07 3.40 31.70
CA SER E 45 11.93 2.97 32.79
C SER E 45 13.09 2.13 32.29
N SER E 46 14.29 2.44 32.82
CA SER E 46 15.53 1.69 32.58
C SER E 46 15.86 1.50 31.11
N VAL E 47 15.54 2.50 30.29
CA VAL E 47 15.67 2.40 28.85
C VAL E 47 16.24 3.72 28.33
N LEU E 48 16.87 3.66 27.15
CA LEU E 48 17.40 4.84 26.49
C LEU E 48 16.51 5.10 25.27
N HIS E 49 15.94 6.30 25.21
CA HIS E 49 14.98 6.67 24.17
C HIS E 49 15.51 7.83 23.35
N SER E 50 15.60 7.65 22.04
CA SER E 50 16.00 8.71 21.13
C SER E 50 14.76 9.44 20.60
N THR E 51 14.77 10.76 20.71
CA THR E 51 13.66 11.61 20.29
C THR E 51 14.20 12.77 19.46
N GLN E 52 13.45 13.18 18.44
CA GLN E 52 13.81 14.36 17.68
C GLN E 52 12.71 15.39 17.88
N ASP E 53 13.10 16.55 18.39
CA ASP E 53 12.20 17.65 18.70
C ASP E 53 13.08 18.87 18.89
N LEU E 54 12.46 20.04 19.02
CA LEU E 54 13.22 21.25 19.32
C LEU E 54 13.90 21.08 20.68
N PHE E 55 15.21 21.31 20.73
CA PHE E 55 15.94 21.09 21.96
C PHE E 55 17.07 22.09 22.05
N LEU E 56 17.51 22.37 23.27
CA LEU E 56 18.59 23.33 23.46
C LEU E 56 19.92 22.62 23.22
N PRO E 57 20.66 22.97 22.15
CA PRO E 57 21.91 22.26 21.85
C PRO E 57 22.94 22.49 22.94
N PHE E 58 23.70 21.43 23.25
CA PHE E 58 24.69 21.50 24.33
C PHE E 58 25.73 22.58 24.04
N PHE E 59 26.12 23.29 25.12
CA PHE E 59 27.15 24.34 25.10
C PHE E 59 26.81 25.47 24.13
N SER E 60 25.52 25.70 23.91
CA SER E 60 25.05 26.84 23.12
C SER E 60 25.45 28.14 23.78
N ASN E 61 25.90 29.10 22.97
CA ASN E 61 26.26 30.43 23.47
C ASN E 61 24.98 31.21 23.77
N VAL E 62 24.40 30.94 24.94
CA VAL E 62 23.18 31.63 25.36
C VAL E 62 23.48 33.09 25.69
N THR E 63 22.63 33.99 25.19
CA THR E 63 22.79 35.42 25.47
C THR E 63 22.48 35.76 26.92
N TRP E 64 23.30 36.65 27.49
CA TRP E 64 23.21 37.09 28.87
C TRP E 64 22.73 38.53 28.95
N PHE E 65 21.60 38.72 29.64
CA PHE E 65 20.99 40.02 29.86
C PHE E 65 21.05 40.35 31.35
N HIS E 66 21.57 41.52 31.68
CA HIS E 66 21.79 41.92 33.07
C HIS E 66 20.76 42.97 33.49
N ALA E 67 20.15 42.77 34.66
CA ALA E 67 19.22 43.75 35.21
C ALA E 67 19.63 44.04 36.65
N ILE E 68 20.71 44.82 36.80
CA ILE E 68 21.28 45.23 38.08
C ILE E 68 21.68 46.69 37.88
N HIS E 69 21.72 47.44 38.99
CA HIS E 69 22.11 48.87 39.09
C HIS E 69 21.03 49.75 38.49
N ASP E 80 17.60 45.92 31.10
CA ASP E 80 17.88 45.29 29.83
C ASP E 80 16.82 44.27 29.46
N ASN E 81 15.70 44.75 28.92
CA ASN E 81 14.59 43.90 28.47
C ASN E 81 14.21 44.23 27.04
N PRO E 82 15.03 43.88 26.06
CA PRO E 82 14.65 44.12 24.67
C PRO E 82 13.69 43.05 24.19
N VAL E 83 12.95 43.39 23.13
CA VAL E 83 12.12 42.39 22.47
C VAL E 83 13.04 41.39 21.78
N LEU E 84 12.79 40.11 22.01
CA LEU E 84 13.64 39.06 21.47
C LEU E 84 12.84 38.06 20.65
N PRO E 85 13.37 37.61 19.51
CA PRO E 85 12.62 36.67 18.65
C PRO E 85 12.35 35.34 19.34
N PHE E 86 11.10 34.87 19.23
CA PHE E 86 10.73 33.59 19.82
C PHE E 86 11.47 32.44 19.13
N ASN E 87 11.57 32.47 17.79
CA ASN E 87 12.25 31.45 16.98
C ASN E 87 11.67 30.06 17.23
N ASP E 88 10.34 29.99 17.42
CA ASP E 88 9.53 28.79 17.68
C ASP E 88 9.78 28.27 19.10
N GLY E 89 11.05 28.06 19.49
CA GLY E 89 11.41 27.60 20.83
C GLY E 89 12.35 28.50 21.62
N VAL E 90 12.03 28.81 22.88
CA VAL E 90 12.88 29.61 23.77
C VAL E 90 13.09 28.90 25.09
N TYR E 91 14.33 28.97 25.60
CA TYR E 91 14.66 28.46 26.92
C TYR E 91 15.02 29.68 27.76
N PHE E 92 14.37 29.81 28.92
CA PHE E 92 14.58 30.96 29.80
C PHE E 92 15.21 30.46 31.09
N ALA E 93 16.37 31.01 31.44
CA ALA E 93 17.04 30.68 32.70
C ALA E 93 17.25 31.93 33.53
N SER E 94 16.47 32.10 34.60
CA SER E 94 16.55 33.28 35.45
C SER E 94 17.14 32.91 36.79
N THR E 95 18.20 33.61 37.20
CA THR E 95 18.79 33.47 38.52
C THR E 95 18.46 34.72 39.31
N GLU E 96 17.63 34.58 40.34
CA GLU E 96 17.16 35.73 41.11
C GLU E 96 17.12 35.42 42.61
N LYS E 97 17.81 36.24 43.40
CA LYS E 97 17.72 36.13 44.84
C LYS E 97 16.37 36.58 45.37
N SER E 98 15.83 37.69 44.85
CA SER E 98 14.61 38.32 45.35
C SER E 98 13.40 38.16 44.43
N ASN E 99 13.45 37.22 43.46
CA ASN E 99 12.39 36.88 42.48
C ASN E 99 11.85 38.12 41.75
N ILE E 100 12.78 38.95 41.28
CA ILE E 100 12.46 40.19 40.59
C ILE E 100 11.69 39.96 39.30
N ILE E 101 12.08 38.97 38.50
CA ILE E 101 11.35 38.64 37.27
C ILE E 101 10.01 38.01 37.62
N ARG E 102 8.95 38.52 36.99
CA ARG E 102 7.59 38.08 37.26
C ARG E 102 6.96 37.33 36.09
N GLY E 103 7.11 37.83 34.87
CA GLY E 103 6.41 37.23 33.76
C GLY E 103 6.99 37.59 32.41
N TRP E 104 6.33 37.08 31.36
CA TRP E 104 6.74 37.29 29.99
C TRP E 104 5.53 37.69 29.14
N ILE E 105 5.82 38.38 28.03
CA ILE E 105 4.81 38.74 27.04
C ILE E 105 5.17 38.07 25.72
N PHE E 106 4.21 37.36 25.14
CA PHE E 106 4.38 36.66 23.86
C PHE E 106 3.39 37.17 22.82
N GLY E 107 3.91 37.71 21.72
CA GLY E 107 3.04 38.14 20.64
C GLY E 107 3.80 38.32 19.34
N THR E 108 3.06 38.24 18.23
CA THR E 108 3.65 38.51 16.92
C THR E 108 4.09 39.97 16.77
N THR E 109 3.27 40.92 17.22
CA THR E 109 3.61 42.33 17.20
C THR E 109 4.05 42.84 18.57
N LEU E 110 3.29 42.49 19.62
CA LEU E 110 3.49 42.82 21.03
C LEU E 110 3.24 44.28 21.34
N ASP E 111 2.65 45.03 20.39
CA ASP E 111 2.45 46.47 20.51
C ASP E 111 0.99 46.85 20.71
N SER E 112 0.12 45.87 21.04
CA SER E 112 -1.34 45.91 21.23
C SER E 112 -2.11 45.87 19.91
N LYS E 113 -1.42 45.84 18.76
CA LYS E 113 -2.11 45.74 17.47
C LYS E 113 -2.85 44.40 17.33
N THR E 114 -2.20 43.29 17.66
CA THR E 114 -2.79 41.96 17.61
C THR E 114 -2.71 41.34 18.99
N GLN E 115 -3.48 40.27 19.21
CA GLN E 115 -3.56 39.60 20.53
C GLN E 115 -2.20 39.10 21.00
N SER E 116 -1.79 39.55 22.17
CA SER E 116 -0.50 39.21 22.75
C SER E 116 -0.65 38.42 24.04
N LEU E 117 -0.15 37.18 24.03
CA LEU E 117 -0.16 36.32 25.20
C LEU E 117 0.58 36.99 26.36
N LEU E 118 -0.02 36.93 27.55
CA LEU E 118 0.54 37.57 28.74
C LEU E 118 0.55 36.61 29.91
N ILE E 119 1.71 36.42 30.52
CA ILE E 119 1.86 35.66 31.76
C ILE E 119 2.41 36.62 32.81
N VAL E 120 1.67 36.78 33.91
CA VAL E 120 2.11 37.59 35.04
C VAL E 120 1.96 36.76 36.30
N ASN E 121 3.03 36.68 37.09
CA ASN E 121 3.00 35.98 38.37
C ASN E 121 3.02 37.05 39.46
N ASN E 122 1.92 37.14 40.20
CA ASN E 122 1.83 38.01 41.37
C ASN E 122 1.33 37.21 42.56
N ALA E 123 2.08 37.25 43.66
CA ALA E 123 1.80 36.54 44.92
C ALA E 123 1.71 35.05 44.60
N THR E 124 0.65 34.35 44.99
CA THR E 124 0.53 32.91 44.78
C THR E 124 -0.24 32.56 43.51
N ASN E 125 -0.67 33.53 42.73
CA ASN E 125 -1.50 33.30 41.56
C ASN E 125 -0.79 33.76 40.29
N VAL E 126 -0.85 32.94 39.25
CA VAL E 126 -0.29 33.27 37.95
C VAL E 126 -1.46 33.46 37.00
N VAL E 127 -1.48 34.59 36.30
CA VAL E 127 -2.58 34.96 35.42
C VAL E 127 -2.11 34.92 33.98
N ILE E 128 -2.84 34.18 33.13
CA ILE E 128 -2.50 34.04 31.72
C ILE E 128 -3.68 34.46 30.87
N LYS E 129 -3.53 35.55 30.13
CA LYS E 129 -4.57 36.16 29.31
C LYS E 129 -4.05 36.57 27.94
N VAL E 130 -4.83 36.30 26.87
CA VAL E 130 -4.38 36.60 25.51
C VAL E 130 -4.63 38.03 25.03
N CYS E 131 -5.37 38.84 25.81
CA CYS E 131 -5.76 40.20 25.44
C CYS E 131 -4.57 41.15 25.30
N GLU E 132 -4.67 42.06 24.31
CA GLU E 132 -3.60 42.99 23.99
C GLU E 132 -3.39 44.09 25.01
N PHE E 133 -2.11 44.38 25.29
CA PHE E 133 -1.76 45.51 26.13
C PHE E 133 -0.58 46.26 25.51
N GLN E 134 -0.39 47.50 25.93
CA GLN E 134 0.76 48.30 25.53
C GLN E 134 1.86 48.11 26.57
N PHE E 135 3.12 48.15 26.14
CA PHE E 135 4.19 47.89 27.09
C PHE E 135 5.35 48.84 26.88
N CYS E 136 6.06 49.11 27.98
CA CYS E 136 7.24 49.95 28.02
C CYS E 136 8.45 49.22 27.43
N ASN E 137 9.45 50.00 27.01
CA ASN E 137 10.70 49.42 26.51
C ASN E 137 11.41 48.61 27.61
N ASP E 138 11.41 49.13 28.83
CA ASP E 138 11.92 48.40 30.00
C ASP E 138 10.82 48.41 31.05
N PRO E 139 10.28 47.26 31.43
CA PRO E 139 9.17 47.25 32.40
C PRO E 139 9.64 47.61 33.80
N PHE E 140 8.93 48.54 34.43
CA PHE E 140 9.21 48.96 35.81
C PHE E 140 7.92 48.88 36.62
N LEU E 141 7.96 48.12 37.71
CA LEU E 141 6.85 48.00 38.64
C LEU E 141 7.37 48.23 40.05
N GLY E 142 6.72 49.13 40.77
CA GLY E 142 7.18 49.49 42.11
C GLY E 142 7.11 48.32 43.08
N VAL E 143 8.16 48.18 43.88
CA VAL E 143 8.26 47.10 44.84
C VAL E 143 7.55 47.48 46.13
N ASN E 165 -12.09 40.99 25.84
CA ASN E 165 -11.09 40.96 24.79
C ASN E 165 -10.06 39.87 25.08
N CYS E 166 -10.26 39.16 26.19
CA CYS E 166 -9.34 38.10 26.60
C CYS E 166 -10.10 36.79 26.41
N THR E 167 -10.16 36.30 25.16
CA THR E 167 -10.78 35.00 24.84
C THR E 167 -10.28 33.82 25.68
N PHE E 168 -9.11 33.91 26.29
CA PHE E 168 -8.57 32.86 27.12
C PHE E 168 -8.10 33.47 28.42
N GLU E 169 -8.55 32.93 29.54
CA GLU E 169 -8.10 33.34 30.85
C GLU E 169 -7.75 32.10 31.66
N TYR E 170 -6.57 32.09 32.25
CA TYR E 170 -6.15 30.94 33.06
C TYR E 170 -5.54 31.48 34.36
N VAL E 171 -5.80 30.78 35.46
CA VAL E 171 -5.26 31.13 36.76
C VAL E 171 -4.72 29.84 37.38
N SER E 172 -3.64 29.95 38.15
CA SER E 172 -3.04 28.80 38.81
C SER E 172 -3.47 28.74 40.27
N PHE E 186 22.70 34.17 43.86
CA PHE E 186 21.33 33.78 43.58
C PHE E 186 21.03 32.41 44.16
N LYS E 187 20.07 32.36 45.08
CA LYS E 187 19.73 31.12 45.79
C LYS E 187 19.13 30.06 44.88
N ASN E 188 18.26 30.47 43.94
CA ASN E 188 17.53 29.51 43.12
C ASN E 188 17.60 29.89 41.65
N LEU E 189 17.64 28.85 40.81
CA LEU E 189 17.65 28.99 39.36
C LEU E 189 16.33 28.49 38.80
N ARG E 190 15.69 29.33 37.99
CA ARG E 190 14.38 29.04 37.40
C ARG E 190 14.55 28.84 35.90
N GLU E 191 14.26 27.64 35.43
CA GLU E 191 14.41 27.27 34.02
C GLU E 191 13.05 27.07 33.38
N PHE E 192 12.81 27.74 32.24
CA PHE E 192 11.54 27.63 31.52
C PHE E 192 11.77 27.39 30.04
N VAL E 193 11.05 26.43 29.45
CA VAL E 193 11.08 26.18 28.01
C VAL E 193 9.73 26.52 27.41
N PHE E 194 9.71 27.39 26.39
CA PHE E 194 8.48 27.81 25.74
C PHE E 194 8.46 27.35 24.29
N LYS E 195 7.46 26.56 23.89
CA LYS E 195 7.36 26.11 22.50
C LYS E 195 5.91 26.23 22.03
N ASN E 196 5.69 26.88 20.89
CA ASN E 196 4.36 26.95 20.29
C ASN E 196 4.22 26.03 19.07
N ILE E 197 3.51 24.91 19.22
CA ILE E 197 3.31 23.93 18.15
C ILE E 197 1.81 23.67 18.05
N ASP E 198 1.27 23.76 16.82
CA ASP E 198 -0.17 23.68 16.54
C ASP E 198 -0.98 24.62 17.43
N GLY E 199 -0.41 25.80 17.67
CA GLY E 199 -1.00 26.82 18.53
C GLY E 199 -1.22 26.36 19.95
N TYR E 200 -0.32 25.55 20.49
CA TYR E 200 -0.39 25.13 21.89
C TYR E 200 0.86 25.65 22.60
N PHE E 201 0.69 26.68 23.43
CA PHE E 201 1.80 27.21 24.23
C PHE E 201 2.17 26.24 25.34
N LYS E 202 3.26 25.51 25.18
CA LYS E 202 3.72 24.56 26.18
C LYS E 202 4.85 25.17 27.00
N ILE E 203 4.73 25.08 28.33
CA ILE E 203 5.75 25.56 29.25
C ILE E 203 6.26 24.38 30.07
N TYR E 204 7.58 24.21 30.09
CA TYR E 204 8.26 23.21 30.91
C TYR E 204 9.09 23.94 31.94
N SER E 205 8.88 23.62 33.22
CA SER E 205 9.54 24.36 34.30
C SER E 205 10.23 23.41 35.27
N LYS E 206 11.49 23.70 35.58
CA LYS E 206 12.23 23.02 36.64
C LYS E 206 12.89 24.06 37.51
N HIS E 207 12.73 23.94 38.83
CA HIS E 207 13.38 24.83 39.78
C HIS E 207 14.45 24.04 40.53
N THR E 208 15.71 24.48 40.41
CA THR E 208 16.83 23.83 41.08
C THR E 208 17.64 24.83 41.90
N PRO E 209 17.94 24.52 43.16
CA PRO E 209 18.79 25.41 43.96
C PRO E 209 20.21 25.50 43.41
N ILE E 210 20.72 26.72 43.36
CA ILE E 210 22.04 27.01 42.80
C ILE E 210 22.87 27.78 43.83
N ASN E 211 24.11 27.32 44.04
CA ASN E 211 25.03 28.01 44.93
C ASN E 211 26.02 28.91 44.19
N LEU E 212 26.01 28.90 42.86
CA LEU E 212 26.92 29.69 42.04
C LEU E 212 26.21 30.94 41.56
N VAL E 213 26.61 32.09 42.08
CA VAL E 213 26.02 33.37 41.65
C VAL E 213 26.37 33.68 40.20
N ARG E 214 27.59 33.32 39.76
CA ARG E 214 28.16 33.80 38.50
C ARG E 214 27.36 33.34 37.26
N ASP E 215 27.19 32.03 37.08
CA ASP E 215 26.58 31.48 35.86
C ASP E 215 25.78 30.23 36.20
N LEU E 216 25.42 29.47 35.14
CA LEU E 216 24.65 28.24 35.26
C LEU E 216 25.54 27.12 35.76
N PRO E 217 24.98 26.14 36.46
CA PRO E 217 25.77 24.98 36.87
C PRO E 217 26.00 24.07 35.67
N GLN E 218 27.18 23.46 35.63
CA GLN E 218 27.49 22.48 34.58
C GLN E 218 26.98 21.09 34.99
N GLY E 219 25.65 21.00 35.10
CA GLY E 219 24.99 19.79 35.55
C GLY E 219 23.71 19.57 34.76
N PHE E 220 23.18 18.35 34.85
CA PHE E 220 22.01 17.96 34.08
C PHE E 220 20.73 18.00 34.91
N SER E 221 19.73 18.73 34.41
CA SER E 221 18.39 18.77 35.01
C SER E 221 17.36 18.68 33.89
N ALA E 222 16.31 17.89 34.13
CA ALA E 222 15.25 17.69 33.13
C ALA E 222 14.01 18.48 33.53
N LEU E 223 13.60 19.40 32.64
CA LEU E 223 12.45 20.25 32.90
C LEU E 223 11.13 19.49 32.70
N GLU E 224 10.22 19.63 33.65
CA GLU E 224 8.93 18.94 33.61
C GLU E 224 7.83 19.88 33.14
N PRO E 225 6.88 19.36 32.35
CA PRO E 225 5.81 20.20 31.81
C PRO E 225 4.92 20.79 32.90
N LEU E 226 4.71 22.11 32.82
CA LEU E 226 3.88 22.77 33.82
C LEU E 226 2.44 22.87 33.35
N VAL E 227 2.23 23.37 32.13
CA VAL E 227 0.88 23.57 31.61
C VAL E 227 0.96 23.65 30.09
N ASP E 228 -0.13 23.29 29.42
CA ASP E 228 -0.26 23.42 27.98
C ASP E 228 -1.42 24.36 27.72
N LEU E 229 -1.16 25.42 26.94
CA LEU E 229 -2.21 26.40 26.78
C LEU E 229 -2.84 26.28 25.40
N PRO E 230 -4.15 26.40 25.30
CA PRO E 230 -4.82 26.42 23.99
C PRO E 230 -4.99 27.83 23.43
N ILE E 231 -3.90 28.60 23.42
CA ILE E 231 -3.93 29.99 22.97
C ILE E 231 -4.23 30.12 21.47
N GLY E 232 -3.64 29.26 20.64
CA GLY E 232 -3.82 29.28 19.20
C GLY E 232 -3.46 30.58 18.49
N ILE E 233 -2.37 31.23 18.91
CA ILE E 233 -1.87 32.46 18.27
C ILE E 233 -0.37 32.34 18.01
N ASN E 234 0.07 32.88 16.88
CA ASN E 234 1.48 32.90 16.52
C ASN E 234 2.28 33.86 17.40
N ILE E 235 3.51 33.46 17.74
CA ILE E 235 4.40 34.23 18.60
C ILE E 235 5.75 34.38 17.88
N THR E 236 5.91 35.47 17.13
CA THR E 236 7.22 35.76 16.54
C THR E 236 8.24 36.25 17.58
N ARG E 237 7.82 37.09 18.54
CA ARG E 237 8.76 37.71 19.46
C ARG E 237 8.25 37.74 20.90
N PHE E 238 9.18 37.63 21.85
CA PHE E 238 8.85 37.61 23.27
C PHE E 238 9.68 38.63 24.06
N GLN E 239 9.08 39.23 25.09
CA GLN E 239 9.83 40.10 25.98
C GLN E 239 9.62 39.54 27.42
N THR E 240 10.18 40.19 28.43
CA THR E 240 10.06 39.79 29.83
C THR E 240 9.76 41.01 30.71
N LEU E 241 8.80 40.86 31.62
CA LEU E 241 8.41 41.91 32.56
C LEU E 241 8.93 41.58 33.96
N LEU E 242 9.66 42.52 34.56
CA LEU E 242 10.19 42.37 35.91
C LEU E 242 9.98 43.65 36.70
N ALA E 243 9.54 43.50 37.95
CA ALA E 243 9.36 44.65 38.84
C ALA E 243 10.70 45.28 39.21
N LEU E 244 10.77 46.60 39.18
CA LEU E 244 12.00 47.33 39.49
C LEU E 244 11.80 48.23 40.71
N HIS E 245 12.74 48.16 41.65
CA HIS E 245 12.69 48.93 42.89
C HIS E 245 12.74 50.43 42.65
N ALA E 263 19.03 40.54 39.19
CA ALA E 263 18.34 39.34 38.71
C ALA E 263 18.48 39.20 37.21
N ALA E 264 19.62 38.65 36.78
CA ALA E 264 19.88 38.41 35.37
C ALA E 264 19.12 37.18 34.87
N TYR E 265 18.89 37.16 33.56
CA TYR E 265 18.19 36.06 32.88
C TYR E 265 18.98 35.64 31.65
N TYR E 266 18.90 34.35 31.30
CA TYR E 266 19.71 33.87 30.19
C TYR E 266 18.74 33.26 29.18
N VAL E 267 18.84 33.64 27.90
CA VAL E 267 17.91 33.15 26.89
C VAL E 267 18.65 32.34 25.83
N GLY E 268 18.18 31.12 25.59
CA GLY E 268 18.72 30.29 24.52
C GLY E 268 17.67 29.78 23.55
N TYR E 269 17.87 29.96 22.24
CA TYR E 269 16.86 29.55 21.26
C TYR E 269 16.96 28.05 20.98
N LEU E 270 15.83 27.36 21.08
CA LEU E 270 15.80 25.93 20.78
C LEU E 270 15.95 25.67 19.28
N GLN E 271 16.68 24.62 18.94
CA GLN E 271 16.89 24.15 17.57
C GLN E 271 16.45 22.69 17.47
N PRO E 272 15.78 22.29 16.38
CA PRO E 272 15.35 20.88 16.26
C PRO E 272 16.59 19.98 16.29
N ARG E 273 16.56 18.96 17.14
CA ARG E 273 17.74 18.13 17.35
C ARG E 273 17.32 16.74 17.80
N THR E 274 18.16 15.76 17.50
CA THR E 274 17.93 14.39 17.95
C THR E 274 18.71 14.20 19.26
N PHE E 275 18.00 13.77 20.30
CA PHE E 275 18.59 13.58 21.62
C PHE E 275 18.32 12.17 22.11
N LEU E 276 19.35 11.51 22.62
CA LEU E 276 19.20 10.22 23.28
C LEU E 276 19.00 10.48 24.76
N LEU E 277 17.89 10.01 25.32
CA LEU E 277 17.52 10.31 26.69
C LEU E 277 17.61 9.07 27.57
N LYS E 278 18.26 9.21 28.72
CA LYS E 278 18.38 8.12 29.69
C LYS E 278 17.26 8.23 30.72
N TYR E 279 16.58 7.12 30.98
CA TYR E 279 15.50 7.07 31.95
C TYR E 279 15.84 6.08 33.06
N ASN E 280 15.66 6.50 34.31
CA ASN E 280 15.86 5.57 35.42
C ASN E 280 14.60 4.75 35.62
N GLU E 281 14.63 3.85 36.61
CA GLU E 281 13.48 3.02 36.92
C GLU E 281 12.28 3.86 37.36
N ASN E 282 12.54 4.94 38.10
CA ASN E 282 11.49 5.88 38.51
C ASN E 282 10.87 6.61 37.32
N GLY E 283 11.60 6.72 36.20
CA GLY E 283 11.15 7.45 35.03
C GLY E 283 11.70 8.85 34.88
N THR E 284 12.46 9.33 35.86
CA THR E 284 13.12 10.62 35.74
C THR E 284 14.27 10.54 34.73
N ILE E 285 14.38 11.54 33.86
CA ILE E 285 15.53 11.63 32.97
C ILE E 285 16.75 12.02 33.77
N THR E 286 17.84 11.25 33.63
CA THR E 286 19.08 11.49 34.37
C THR E 286 20.18 12.11 33.53
N ASP E 287 20.22 11.81 32.23
CA ASP E 287 21.27 12.33 31.36
C ASP E 287 20.80 12.25 29.92
N ALA E 288 21.44 13.03 29.06
CA ALA E 288 21.11 13.07 27.64
C ALA E 288 22.38 13.17 26.81
N VAL E 289 22.25 12.78 25.55
CA VAL E 289 23.32 12.92 24.57
C VAL E 289 22.75 13.70 23.40
N ASP E 290 23.44 14.76 22.99
CA ASP E 290 23.08 15.55 21.82
C ASP E 290 23.87 14.96 20.66
N CYS E 291 23.16 14.36 19.69
CA CYS E 291 23.79 13.59 18.63
C CYS E 291 24.72 14.43 17.75
N ALA E 292 24.27 15.64 17.39
CA ALA E 292 25.03 16.51 16.49
C ALA E 292 26.26 17.15 17.13
N LEU E 293 26.42 17.06 18.46
CA LEU E 293 27.48 17.78 19.16
C LEU E 293 28.89 17.38 18.73
N ASP E 294 29.16 16.08 18.59
CA ASP E 294 30.51 15.61 18.31
C ASP E 294 30.41 14.22 17.70
N PRO E 295 31.52 13.69 17.10
CA PRO E 295 31.46 12.32 16.54
C PRO E 295 31.17 11.21 17.54
N LEU E 296 31.73 11.28 18.76
CA LEU E 296 31.44 10.27 19.78
C LEU E 296 29.96 10.27 20.15
N SER E 297 29.36 11.46 20.21
CA SER E 297 27.93 11.56 20.46
C SER E 297 27.11 10.92 19.34
N GLU E 298 27.55 11.10 18.08
CA GLU E 298 26.91 10.42 16.95
C GLU E 298 27.02 8.91 17.11
N THR E 299 28.18 8.43 17.56
CA THR E 299 28.39 7.01 17.78
C THR E 299 27.46 6.48 18.87
N LYS E 300 27.33 7.24 19.96
CA LYS E 300 26.46 6.86 21.07
C LYS E 300 25.01 6.79 20.61
N CYS E 301 24.59 7.77 19.80
CA CYS E 301 23.23 7.79 19.27
C CYS E 301 22.97 6.62 18.33
N THR E 302 23.94 6.30 17.46
CA THR E 302 23.79 5.19 16.51
C THR E 302 23.73 3.85 17.24
N LEU E 303 24.62 3.64 18.22
CA LEU E 303 24.62 2.40 19.00
C LEU E 303 23.40 2.29 19.90
N LYS E 304 22.86 3.43 20.37
CA LYS E 304 21.74 3.61 21.30
C LYS E 304 22.17 3.36 22.73
N SER E 305 23.47 3.34 22.99
CA SER E 305 24.06 3.11 24.30
C SER E 305 25.00 4.25 24.65
N PHE E 306 24.93 4.71 25.90
CA PHE E 306 25.86 5.73 26.38
C PHE E 306 27.30 5.21 26.37
N THR E 307 27.49 3.96 26.76
CA THR E 307 28.80 3.33 26.68
C THR E 307 29.04 2.84 25.26
N VAL E 308 30.21 3.13 24.71
CA VAL E 308 30.58 2.68 23.37
C VAL E 308 31.82 1.80 23.47
N GLU E 309 31.74 0.59 22.94
CA GLU E 309 32.85 -0.34 22.89
C GLU E 309 33.85 0.07 21.82
N LYS E 310 35.07 -0.47 21.94
CA LYS E 310 36.12 -0.22 20.96
C LYS E 310 35.74 -0.76 19.58
N GLY E 311 36.09 0.00 18.55
CA GLY E 311 35.77 -0.40 17.19
C GLY E 311 35.62 0.80 16.29
N ILE E 312 35.21 0.52 15.06
CA ILE E 312 34.92 1.53 14.05
C ILE E 312 33.43 1.45 13.73
N TYR E 313 32.75 2.59 13.76
CA TYR E 313 31.30 2.62 13.59
C TYR E 313 30.94 3.61 12.51
N GLN E 314 30.10 3.18 11.58
CA GLN E 314 29.57 4.07 10.53
C GLN E 314 28.41 4.85 11.14
N THR E 315 28.57 6.17 11.25
CA THR E 315 27.60 7.01 11.93
C THR E 315 26.70 7.80 10.98
N SER E 316 27.26 8.43 9.96
CA SER E 316 26.50 9.32 9.09
C SER E 316 27.25 9.47 7.77
N ASN E 317 26.59 10.10 6.81
CA ASN E 317 27.16 10.36 5.50
C ASN E 317 27.52 11.85 5.38
N PHE E 318 28.79 12.12 5.10
CA PHE E 318 29.24 13.50 4.87
C PHE E 318 28.74 14.01 3.52
N ARG E 319 28.28 15.26 3.49
CA ARG E 319 27.85 15.90 2.26
C ARG E 319 28.46 17.28 2.14
N VAL E 320 29.07 17.58 0.99
CA VAL E 320 29.51 18.94 0.71
C VAL E 320 28.28 19.80 0.45
N GLN E 321 28.28 21.02 1.00
CA GLN E 321 27.14 21.92 0.90
C GLN E 321 27.35 22.97 -0.18
N PRO E 322 26.34 23.23 -1.01
CA PRO E 322 26.49 24.18 -2.12
C PRO E 322 26.75 25.60 -1.63
N THR E 323 27.83 26.19 -2.13
CA THR E 323 28.24 27.53 -1.73
C THR E 323 27.27 28.61 -2.22
N GLU E 324 26.81 28.50 -3.47
CA GLU E 324 26.02 29.57 -4.08
C GLU E 324 24.94 28.94 -4.95
N SER E 325 23.88 29.71 -5.22
CA SER E 325 22.82 29.30 -6.13
C SER E 325 22.98 30.01 -7.47
N ILE E 326 23.12 29.24 -8.53
CA ILE E 326 23.33 29.77 -9.89
C ILE E 326 22.05 29.57 -10.69
N VAL E 327 21.45 30.68 -11.12
CA VAL E 327 20.26 30.63 -11.96
C VAL E 327 20.66 31.01 -13.39
N ARG E 328 20.30 30.16 -14.35
CA ARG E 328 20.69 30.36 -15.75
C ARG E 328 19.43 30.36 -16.60
N PHE E 329 19.21 31.43 -17.34
CA PHE E 329 17.99 31.61 -18.11
C PHE E 329 18.31 32.34 -19.40
N PRO E 330 17.46 32.22 -20.43
CA PRO E 330 17.66 33.01 -21.65
C PRO E 330 17.59 34.51 -21.38
N ASN E 331 18.36 35.28 -22.14
CA ASN E 331 18.51 36.71 -21.91
C ASN E 331 17.40 37.55 -22.54
N ILE E 332 16.47 36.92 -23.27
CA ILE E 332 15.42 37.66 -23.97
C ILE E 332 14.52 38.41 -22.99
N THR E 333 14.22 39.66 -23.31
CA THR E 333 13.35 40.49 -22.48
C THR E 333 11.95 40.65 -23.07
N ASN E 334 11.62 39.91 -24.13
CA ASN E 334 10.34 40.04 -24.79
C ASN E 334 9.24 39.48 -23.90
N LEU E 335 8.03 40.04 -24.02
CA LEU E 335 6.89 39.58 -23.24
C LEU E 335 5.91 38.83 -24.14
N CYS E 336 5.48 37.66 -23.67
CA CYS E 336 4.56 36.82 -24.43
C CYS E 336 3.23 37.52 -24.65
N PRO E 337 2.60 37.34 -25.81
CA PRO E 337 1.33 38.03 -26.08
C PRO E 337 0.13 37.29 -25.48
N PHE E 338 0.20 37.05 -24.18
CA PHE E 338 -0.92 36.44 -23.46
C PHE E 338 -2.12 37.37 -23.46
N GLY E 339 -1.86 38.68 -23.27
CA GLY E 339 -2.94 39.65 -23.19
C GLY E 339 -3.77 39.71 -24.45
N GLU E 340 -3.13 39.59 -25.62
CA GLU E 340 -3.84 39.61 -26.89
C GLU E 340 -4.79 38.43 -27.00
N VAL E 341 -4.34 37.24 -26.58
CA VAL E 341 -5.20 36.06 -26.59
C VAL E 341 -6.35 36.21 -25.59
N PHE E 342 -6.03 36.59 -24.34
CA PHE E 342 -7.05 36.67 -23.30
C PHE E 342 -8.04 37.80 -23.53
N ASN E 343 -7.58 38.95 -24.01
CA ASN E 343 -8.45 40.11 -24.17
C ASN E 343 -8.97 40.25 -25.59
N ALA E 344 -8.82 39.21 -26.41
CA ALA E 344 -9.32 39.24 -27.78
C ALA E 344 -10.83 39.45 -27.76
N THR E 345 -11.30 40.34 -28.64
CA THR E 345 -12.70 40.75 -28.63
C THR E 345 -13.64 39.60 -28.97
N ARG E 346 -13.32 38.84 -30.01
CA ARG E 346 -14.18 37.75 -30.45
C ARG E 346 -13.34 36.48 -30.53
N PHE E 347 -13.72 35.46 -29.76
CA PHE E 347 -13.03 34.19 -29.86
C PHE E 347 -13.63 33.34 -30.97
N ALA E 348 -12.87 32.33 -31.38
CA ALA E 348 -13.32 31.40 -32.37
C ALA E 348 -14.36 30.46 -31.78
N SER E 349 -15.16 29.86 -32.66
CA SER E 349 -16.14 28.85 -32.25
C SER E 349 -15.43 27.60 -31.74
N VAL E 350 -16.11 26.85 -30.88
CA VAL E 350 -15.46 25.67 -30.23
C VAL E 350 -15.03 24.65 -31.29
N TYR E 351 -15.88 24.34 -32.26
CA TYR E 351 -15.50 23.32 -33.25
C TYR E 351 -14.25 23.75 -34.01
N ALA E 352 -14.19 25.00 -34.46
CA ALA E 352 -13.01 25.57 -35.08
C ALA E 352 -12.19 26.34 -34.05
N TRP E 353 -11.70 25.63 -33.04
CA TRP E 353 -10.98 26.27 -31.94
C TRP E 353 -9.67 26.86 -32.45
N ASN E 354 -9.39 28.10 -32.03
CA ASN E 354 -8.15 28.74 -32.44
C ASN E 354 -6.97 28.14 -31.70
N ARG E 355 -5.90 27.86 -32.42
CA ARG E 355 -4.66 27.37 -31.85
C ARG E 355 -3.54 28.33 -32.21
N LYS E 356 -2.80 28.80 -31.20
CA LYS E 356 -1.73 29.75 -31.40
C LYS E 356 -0.46 29.19 -30.76
N ARG E 357 0.67 29.38 -31.43
CA ARG E 357 1.96 28.94 -30.93
C ARG E 357 2.68 30.13 -30.31
N ILE E 358 3.11 29.98 -29.06
CA ILE E 358 3.78 31.02 -28.30
C ILE E 358 5.22 30.58 -28.06
N SER E 359 6.18 31.41 -28.47
CA SER E 359 7.58 31.07 -28.35
C SER E 359 8.43 32.33 -28.30
N ASN E 360 9.67 32.15 -27.84
CA ASN E 360 10.70 33.21 -27.75
C ASN E 360 10.23 34.45 -26.98
N CYS E 361 9.67 34.23 -25.80
CA CYS E 361 9.23 35.34 -24.96
C CYS E 361 9.16 34.92 -23.50
N VAL E 362 9.13 35.93 -22.63
CA VAL E 362 8.99 35.73 -21.19
C VAL E 362 7.50 35.70 -20.87
N ALA E 363 7.05 34.67 -20.17
CA ALA E 363 5.64 34.53 -19.82
C ALA E 363 5.46 34.68 -18.32
N ASP E 364 4.71 35.70 -17.90
CA ASP E 364 4.39 35.93 -16.49
C ASP E 364 3.04 35.28 -16.14
N TYR E 365 3.10 33.98 -15.87
CA TYR E 365 1.91 33.23 -15.44
C TYR E 365 1.40 33.71 -14.09
N SER E 366 2.33 34.12 -13.21
CA SER E 366 2.01 34.53 -11.84
C SER E 366 1.05 35.71 -11.81
N VAL E 367 1.23 36.69 -12.71
CA VAL E 367 0.35 37.86 -12.76
C VAL E 367 -1.07 37.44 -13.09
N LEU E 368 -1.21 36.48 -14.02
CA LEU E 368 -2.52 35.94 -14.37
C LEU E 368 -3.15 35.22 -13.19
N TYR E 369 -2.36 34.44 -12.44
CA TYR E 369 -2.88 33.77 -11.25
C TYR E 369 -3.30 34.78 -10.17
N ASN E 370 -2.49 35.82 -9.97
CA ASN E 370 -2.79 36.85 -8.97
C ASN E 370 -4.04 37.64 -9.29
N SER E 371 -4.28 37.91 -10.58
CA SER E 371 -5.41 38.75 -11.00
C SER E 371 -6.75 38.16 -10.58
N ALA E 372 -6.90 36.83 -10.69
CA ALA E 372 -8.08 36.06 -10.26
C ALA E 372 -9.36 36.56 -10.92
N SER E 373 -9.26 36.94 -12.19
CA SER E 373 -10.42 37.36 -12.96
C SER E 373 -11.09 36.18 -13.65
N PHE E 374 -10.54 34.98 -13.49
CA PHE E 374 -11.01 33.78 -14.14
C PHE E 374 -11.63 32.85 -13.11
N SER E 375 -12.86 32.40 -13.39
CA SER E 375 -13.55 31.52 -12.46
C SER E 375 -12.84 30.17 -12.30
N THR E 376 -12.34 29.63 -13.41
CA THR E 376 -11.66 28.33 -13.40
C THR E 376 -10.20 28.54 -13.81
N PHE E 377 -9.27 28.18 -12.91
CA PHE E 377 -7.85 28.18 -13.21
C PHE E 377 -7.26 26.86 -12.69
N LYS E 378 -7.55 25.77 -13.37
CA LYS E 378 -7.10 24.46 -12.92
C LYS E 378 -5.96 23.98 -13.82
N CYS E 379 -4.83 23.64 -13.22
CA CYS E 379 -3.64 23.20 -13.92
C CYS E 379 -3.43 21.71 -13.70
N TYR E 380 -3.20 21.00 -14.79
CA TYR E 380 -3.07 19.54 -14.78
C TYR E 380 -1.57 19.23 -14.85
N GLY E 381 -1.07 18.46 -13.90
CA GLY E 381 0.36 18.16 -13.87
C GLY E 381 1.26 19.29 -13.45
N VAL E 382 1.19 20.41 -14.15
CA VAL E 382 1.89 21.63 -13.78
C VAL E 382 1.17 22.25 -12.59
N SER E 383 1.90 23.00 -11.75
CA SER E 383 1.28 23.69 -10.62
C SER E 383 1.11 25.17 -10.89
N PRO E 384 -0.10 25.71 -10.66
CA PRO E 384 -0.37 27.14 -10.91
C PRO E 384 0.50 28.08 -10.09
N THR E 385 0.86 27.69 -8.88
CA THR E 385 1.66 28.54 -8.00
C THR E 385 3.12 28.12 -8.16
N LYS E 386 4.04 29.12 -8.14
CA LYS E 386 5.49 28.90 -8.18
C LYS E 386 5.98 28.20 -9.46
N LEU E 387 5.50 28.64 -10.63
CA LEU E 387 5.96 28.05 -11.88
C LEU E 387 6.62 29.09 -12.79
N ASN E 388 7.04 30.23 -12.22
CA ASN E 388 7.77 31.22 -12.99
C ASN E 388 9.14 30.70 -13.43
N ASP E 389 9.81 29.94 -12.55
CA ASP E 389 11.12 29.38 -12.90
C ASP E 389 11.05 28.31 -13.97
N LEU E 390 9.88 27.72 -14.20
CA LEU E 390 9.75 26.62 -15.16
C LEU E 390 9.88 27.13 -16.59
N CYS E 391 10.50 26.33 -17.45
CA CYS E 391 10.55 26.60 -18.88
C CYS E 391 9.81 25.52 -19.65
N PHE E 392 8.88 25.94 -20.50
CA PHE E 392 8.08 25.04 -21.31
C PHE E 392 8.49 25.20 -22.77
N THR E 393 8.89 24.10 -23.41
CA THR E 393 9.36 24.15 -24.79
C THR E 393 8.24 24.54 -25.75
N ASN E 394 7.06 23.96 -25.59
CA ASN E 394 5.95 24.23 -26.48
C ASN E 394 4.82 24.82 -25.65
N VAL E 395 4.36 26.00 -26.05
CA VAL E 395 3.22 26.65 -25.41
C VAL E 395 2.16 26.85 -26.49
N TYR E 396 0.97 26.34 -26.24
CA TYR E 396 -0.15 26.46 -27.16
C TYR E 396 -1.31 27.11 -26.42
N ALA E 397 -1.93 28.11 -27.03
CA ALA E 397 -3.10 28.73 -26.47
C ALA E 397 -4.30 28.32 -27.31
N ASP E 398 -5.27 27.68 -26.69
CA ASP E 398 -6.45 27.16 -27.38
C ASP E 398 -7.62 28.05 -27.03
N SER E 399 -8.24 28.64 -28.04
CA SER E 399 -9.25 29.67 -27.86
C SER E 399 -10.62 29.23 -28.36
N PHE E 400 -11.61 29.24 -27.46
CA PHE E 400 -13.00 28.95 -27.83
C PHE E 400 -13.92 29.49 -26.73
N VAL E 401 -15.20 29.56 -27.08
CA VAL E 401 -16.26 30.00 -26.11
C VAL E 401 -17.24 28.83 -26.00
N ILE E 402 -17.64 28.44 -24.78
CA ILE E 402 -18.54 27.26 -24.59
C ILE E 402 -19.64 27.65 -23.60
N ARG E 403 -20.67 26.82 -23.47
CA ARG E 403 -21.74 27.11 -22.49
C ARG E 403 -21.23 26.75 -21.10
N GLY E 404 -21.61 27.51 -20.07
CA GLY E 404 -21.07 27.32 -18.73
C GLY E 404 -21.12 25.89 -18.22
N ASP E 405 -22.20 25.16 -18.54
CA ASP E 405 -22.30 23.75 -18.17
C ASP E 405 -21.23 22.91 -18.85
N GLU E 406 -20.86 23.27 -20.10
CA GLU E 406 -19.89 22.45 -20.89
C GLU E 406 -18.46 22.65 -20.39
N VAL E 407 -18.23 23.62 -19.49
CA VAL E 407 -16.88 23.90 -19.00
C VAL E 407 -16.28 22.66 -18.32
N ARG E 408 -17.10 21.91 -17.58
CA ARG E 408 -16.65 20.69 -16.93
C ARG E 408 -16.20 19.64 -17.95
N GLN E 409 -16.92 19.56 -19.08
CA GLN E 409 -16.60 18.59 -20.14
C GLN E 409 -15.22 18.83 -20.75
N ILE E 410 -14.78 20.09 -20.84
CA ILE E 410 -13.48 20.40 -21.45
C ILE E 410 -12.41 20.20 -20.39
N ALA E 411 -12.09 18.94 -20.11
CA ALA E 411 -11.05 18.55 -19.18
C ALA E 411 -10.51 17.20 -19.64
N PRO E 412 -9.28 16.83 -19.24
CA PRO E 412 -8.79 15.49 -19.56
C PRO E 412 -9.60 14.40 -18.90
N GLY E 413 -9.89 13.35 -19.67
CA GLY E 413 -10.69 12.23 -19.21
C GLY E 413 -12.11 12.60 -18.84
N GLN E 414 -12.69 13.58 -19.53
CA GLN E 414 -14.07 13.99 -19.32
C GLN E 414 -14.82 13.83 -20.63
N THR E 415 -15.95 13.13 -20.58
CA THR E 415 -16.73 12.82 -21.77
C THR E 415 -18.04 13.62 -21.76
N GLY E 416 -18.29 14.30 -22.86
CA GLY E 416 -19.47 15.13 -23.06
C GLY E 416 -19.63 15.33 -24.55
N LYS E 417 -20.78 15.91 -24.93
CA LYS E 417 -21.03 16.22 -26.33
C LYS E 417 -20.01 17.20 -26.89
N ILE E 418 -19.69 18.24 -26.11
CA ILE E 418 -18.72 19.29 -26.57
C ILE E 418 -17.30 18.69 -26.59
N ALA E 419 -16.99 17.78 -25.67
CA ALA E 419 -15.69 17.10 -25.68
C ALA E 419 -15.60 16.12 -26.85
N ASP E 420 -16.66 15.34 -27.09
CA ASP E 420 -16.61 14.31 -28.12
C ASP E 420 -16.56 14.89 -29.53
N TYR E 421 -17.37 15.90 -29.83
CA TYR E 421 -17.45 16.33 -31.22
C TYR E 421 -16.76 17.66 -31.53
N ASN E 422 -16.22 18.37 -30.55
CA ASN E 422 -15.62 19.66 -30.85
C ASN E 422 -14.17 19.74 -30.40
N TYR E 423 -13.90 19.82 -29.09
CA TYR E 423 -12.55 19.94 -28.56
C TYR E 423 -12.27 18.79 -27.60
N LYS E 424 -11.21 18.04 -27.86
CA LYS E 424 -10.83 16.90 -27.03
C LYS E 424 -9.51 17.16 -26.33
N LEU E 425 -9.47 16.90 -25.01
CA LEU E 425 -8.27 17.07 -24.21
C LEU E 425 -7.69 15.71 -23.86
N PRO E 426 -6.44 15.44 -24.22
CA PRO E 426 -5.79 14.18 -23.85
C PRO E 426 -5.52 14.12 -22.36
N ASP E 427 -5.59 12.91 -21.81
CA ASP E 427 -5.30 12.75 -20.37
C ASP E 427 -3.84 13.07 -20.03
N ASP E 428 -2.90 12.69 -20.89
CA ASP E 428 -1.48 12.80 -20.60
C ASP E 428 -0.95 14.24 -20.49
N PHE E 429 -1.44 15.19 -21.31
CA PHE E 429 -0.81 16.51 -21.43
C PHE E 429 -0.87 17.25 -20.10
N THR E 430 0.17 18.03 -19.82
CA THR E 430 0.22 18.86 -18.63
C THR E 430 -0.04 20.31 -19.03
N GLY E 431 -1.09 20.90 -18.49
CA GLY E 431 -1.43 22.26 -18.85
C GLY E 431 -2.44 22.86 -17.90
N CYS E 432 -2.64 24.17 -18.07
CA CYS E 432 -3.62 24.93 -17.31
C CYS E 432 -4.83 25.28 -18.18
N VAL E 433 -6.03 24.93 -17.70
CA VAL E 433 -7.27 25.29 -18.38
C VAL E 433 -7.84 26.50 -17.67
N ILE E 434 -8.07 27.58 -18.42
CA ILE E 434 -8.51 28.86 -17.88
C ILE E 434 -9.87 29.21 -18.50
N ALA E 435 -10.88 29.43 -17.66
CA ALA E 435 -12.21 29.81 -18.10
C ALA E 435 -12.73 31.00 -17.31
N TRP E 436 -13.30 31.99 -18.01
CA TRP E 436 -13.92 33.14 -17.35
C TRP E 436 -15.23 33.49 -18.04
N ASN E 437 -16.16 34.04 -17.24
CA ASN E 437 -17.50 34.39 -17.73
C ASN E 437 -17.46 35.50 -18.77
N SER E 438 -18.23 35.33 -19.85
CA SER E 438 -18.31 36.36 -20.92
C SER E 438 -19.78 36.66 -21.26
N ASN E 439 -20.65 36.72 -20.25
CA ASN E 439 -22.10 36.99 -20.47
C ASN E 439 -22.32 38.36 -21.09
N ASN E 440 -21.51 39.35 -20.74
CA ASN E 440 -21.76 40.75 -21.18
C ASN E 440 -21.68 40.92 -22.70
N LEU E 441 -20.56 40.55 -23.32
CA LEU E 441 -20.37 40.85 -24.78
C LEU E 441 -20.93 39.73 -25.65
N ASP E 442 -20.49 38.49 -25.40
CA ASP E 442 -20.91 37.33 -26.25
C ASP E 442 -22.44 37.24 -26.32
N SER E 443 -23.12 37.21 -25.18
CA SER E 443 -24.59 37.03 -25.20
C SER E 443 -25.29 38.27 -25.77
N LYS E 444 -26.27 38.07 -26.64
CA LYS E 444 -27.04 39.20 -27.23
C LYS E 444 -28.48 38.74 -27.50
N VAL E 445 -29.43 39.68 -27.62
CA VAL E 445 -30.86 39.31 -27.81
C VAL E 445 -31.00 38.54 -29.12
N GLY E 446 -31.78 37.45 -29.12
CA GLY E 446 -31.99 36.65 -30.35
C GLY E 446 -30.88 35.64 -30.56
N GLY E 447 -29.90 35.60 -29.66
CA GLY E 447 -28.79 34.63 -29.75
C GLY E 447 -27.62 35.20 -30.52
N ASN E 448 -26.40 34.73 -30.24
CA ASN E 448 -25.20 35.18 -31.01
C ASN E 448 -24.85 34.11 -32.06
N TYR E 449 -25.11 34.39 -33.35
CA TYR E 449 -24.72 33.43 -34.37
C TYR E 449 -23.21 33.26 -34.46
N ASN E 450 -22.44 34.08 -33.75
CA ASN E 450 -20.97 34.06 -33.83
C ASN E 450 -20.40 32.72 -33.39
N TYR E 451 -21.10 32.06 -32.46
CA TYR E 451 -20.60 30.78 -31.88
C TYR E 451 -21.46 29.60 -32.33
N LEU E 452 -20.83 28.55 -32.90
CA LEU E 452 -21.58 27.33 -33.31
C LEU E 452 -20.89 26.10 -32.70
N TYR E 453 -21.66 25.10 -32.25
CA TYR E 453 -21.03 23.83 -31.75
C TYR E 453 -21.43 22.66 -32.64
N ARG E 454 -20.55 21.65 -32.76
CA ARG E 454 -20.86 20.49 -33.61
C ARG E 454 -21.80 19.57 -32.85
N LEU E 455 -23.09 19.68 -33.13
CA LEU E 455 -24.09 18.82 -32.50
C LEU E 455 -23.93 17.36 -32.93
N PHE E 456 -23.69 17.13 -34.23
CA PHE E 456 -23.63 15.78 -34.77
C PHE E 456 -22.32 15.54 -35.49
N ARG E 457 -21.62 14.47 -35.08
CA ARG E 457 -20.41 14.01 -35.75
C ARG E 457 -20.43 12.49 -35.82
N LYS E 458 -19.88 11.96 -36.90
CA LYS E 458 -19.89 10.52 -37.15
C LYS E 458 -19.11 9.76 -36.08
N SER E 459 -17.95 10.27 -35.68
CA SER E 459 -17.11 9.60 -34.69
C SER E 459 -16.58 10.63 -33.71
N ASN E 460 -16.21 10.15 -32.52
CA ASN E 460 -15.61 11.02 -31.51
C ASN E 460 -14.26 11.54 -31.98
N LEU E 461 -14.02 12.84 -31.77
CA LEU E 461 -12.77 13.45 -32.19
C LEU E 461 -11.63 12.99 -31.30
N LYS E 462 -10.48 12.77 -31.93
CA LYS E 462 -9.25 12.45 -31.21
C LYS E 462 -8.70 13.72 -30.56
N PRO E 463 -7.82 13.60 -29.55
CA PRO E 463 -7.32 14.80 -28.87
C PRO E 463 -6.55 15.77 -29.77
N PHE E 464 -6.83 17.06 -29.57
CA PHE E 464 -6.25 18.19 -30.32
C PHE E 464 -6.50 18.06 -31.82
N GLU E 465 -7.70 17.61 -32.19
CA GLU E 465 -8.10 17.48 -33.58
C GLU E 465 -9.27 18.42 -33.84
N ARG E 466 -9.21 19.13 -34.95
CA ARG E 466 -10.19 20.14 -35.31
C ARG E 466 -10.99 19.67 -36.52
N ASP E 467 -12.31 19.65 -36.39
CA ASP E 467 -13.19 19.33 -37.50
C ASP E 467 -13.99 20.59 -37.83
N ILE E 468 -13.81 21.09 -39.06
CA ILE E 468 -14.51 22.27 -39.52
C ILE E 468 -15.49 21.94 -40.64
N SER E 469 -15.71 20.64 -40.88
CA SER E 469 -16.56 20.19 -41.98
C SER E 469 -18.01 20.58 -41.75
N THR E 470 -18.66 21.06 -42.80
CA THR E 470 -20.06 21.45 -42.76
C THR E 470 -20.97 20.47 -43.49
N GLU E 471 -20.47 19.28 -43.86
CA GLU E 471 -21.26 18.32 -44.61
C GLU E 471 -22.44 17.82 -43.77
N ILE E 472 -23.57 17.59 -44.45
CA ILE E 472 -24.81 17.18 -43.81
C ILE E 472 -24.63 15.81 -43.13
N TYR E 473 -25.19 15.68 -41.92
CA TYR E 473 -25.00 14.48 -41.12
C TYR E 473 -26.05 13.43 -41.44
N GLN E 474 -25.60 12.25 -41.84
CA GLN E 474 -26.49 11.15 -42.22
C GLN E 474 -26.84 10.28 -41.00
N ALA E 475 -27.63 10.86 -40.09
CA ALA E 475 -28.15 10.08 -38.97
C ALA E 475 -29.10 8.99 -39.46
N GLY E 476 -29.97 9.32 -40.42
CA GLY E 476 -30.88 8.36 -40.98
C GLY E 476 -30.19 7.41 -41.94
N SER E 477 -30.81 6.24 -42.11
CA SER E 477 -30.31 5.25 -43.07
C SER E 477 -30.35 5.78 -44.50
N THR E 478 -31.41 6.52 -44.84
CA THR E 478 -31.52 7.13 -46.15
C THR E 478 -30.41 8.17 -46.37
N PRO E 479 -29.81 8.22 -47.57
CA PRO E 479 -28.78 9.22 -47.83
C PRO E 479 -29.34 10.64 -47.82
N CYS E 480 -28.58 11.54 -47.19
CA CYS E 480 -28.96 12.96 -47.17
C CYS E 480 -28.94 13.59 -48.54
N ASN E 481 -27.94 13.21 -49.37
CA ASN E 481 -27.71 13.67 -50.75
C ASN E 481 -27.24 15.12 -50.80
N GLY E 482 -26.68 15.63 -49.70
CA GLY E 482 -26.21 16.99 -49.65
C GLY E 482 -27.29 18.04 -49.49
N VAL E 483 -28.50 17.63 -49.12
CA VAL E 483 -29.63 18.53 -48.94
C VAL E 483 -30.31 18.16 -47.62
N GLU E 484 -31.00 19.14 -47.03
CA GLU E 484 -31.77 18.90 -45.81
C GLU E 484 -32.91 17.93 -46.06
N GLY E 485 -33.10 17.01 -45.13
CA GLY E 485 -34.14 15.99 -45.23
C GLY E 485 -34.49 15.50 -43.85
N PHE E 486 -35.59 14.74 -43.77
CA PHE E 486 -35.94 14.10 -42.51
C PHE E 486 -34.86 13.11 -42.11
N ASN E 487 -34.45 13.20 -40.84
CA ASN E 487 -33.39 12.44 -40.13
C ASN E 487 -32.02 12.98 -40.53
N CYS E 488 -31.96 14.03 -41.35
CA CYS E 488 -30.71 14.65 -41.78
C CYS E 488 -30.69 16.07 -41.24
N TYR E 489 -29.68 16.39 -40.45
CA TYR E 489 -29.58 17.70 -39.81
C TYR E 489 -28.20 18.27 -40.06
N PHE E 490 -28.13 19.60 -40.09
CA PHE E 490 -26.86 20.29 -40.21
C PHE E 490 -26.00 19.95 -38.99
N PRO E 491 -24.71 19.63 -39.18
CA PRO E 491 -23.87 19.21 -38.05
C PRO E 491 -23.69 20.29 -37.01
N LEU E 492 -23.57 21.53 -37.45
CA LEU E 492 -23.34 22.65 -36.56
C LEU E 492 -24.68 23.21 -36.09
N GLN E 493 -24.79 23.38 -34.77
CA GLN E 493 -26.03 23.95 -34.16
C GLN E 493 -25.62 25.30 -33.55
N SER E 494 -26.08 26.41 -34.12
CA SER E 494 -25.60 27.73 -33.61
C SER E 494 -25.89 27.82 -32.11
N TYR E 495 -24.87 28.17 -31.32
CA TYR E 495 -25.04 28.33 -29.85
C TYR E 495 -25.98 29.51 -29.59
N GLY E 496 -27.02 29.31 -28.78
CA GLY E 496 -27.90 30.44 -28.43
C GLY E 496 -27.46 31.07 -27.13
N PHE E 497 -26.94 32.30 -27.19
CA PHE E 497 -26.48 33.01 -25.98
C PHE E 497 -27.32 34.28 -25.81
N GLN E 498 -27.94 34.45 -24.64
CA GLN E 498 -28.81 35.64 -24.41
C GLN E 498 -28.54 36.20 -23.02
N PRO E 499 -28.76 37.51 -22.77
CA PRO E 499 -28.61 38.07 -21.42
C PRO E 499 -29.62 37.37 -20.50
N THR E 500 -30.82 37.09 -21.03
CA THR E 500 -31.88 36.39 -20.24
C THR E 500 -31.40 34.99 -19.84
N ASN E 501 -30.62 34.32 -20.70
CA ASN E 501 -30.21 32.92 -20.41
C ASN E 501 -29.46 32.86 -19.08
N GLY E 502 -29.72 31.83 -18.27
CA GLY E 502 -29.13 31.73 -16.92
C GLY E 502 -27.63 31.52 -16.93
N VAL E 503 -26.99 31.63 -15.76
CA VAL E 503 -25.53 31.49 -15.64
C VAL E 503 -25.07 30.15 -16.22
N GLY E 504 -25.89 29.09 -16.08
CA GLY E 504 -25.55 27.80 -16.63
C GLY E 504 -25.43 27.83 -18.15
N TYR E 505 -26.31 28.58 -18.81
CA TYR E 505 -26.30 28.74 -20.25
C TYR E 505 -25.50 29.95 -20.72
N GLN E 506 -24.93 30.74 -19.81
CA GLN E 506 -24.17 31.92 -20.17
C GLN E 506 -22.87 31.54 -20.89
N PRO E 507 -22.44 32.30 -21.93
CA PRO E 507 -21.18 32.00 -22.59
C PRO E 507 -19.94 32.20 -21.73
N TYR E 508 -19.02 31.25 -21.82
CA TYR E 508 -17.77 31.30 -21.06
C TYR E 508 -16.58 31.25 -22.01
N ARG E 509 -15.66 32.20 -21.85
CA ARG E 509 -14.43 32.21 -22.64
C ARG E 509 -13.44 31.25 -22.00
N VAL E 510 -12.93 30.31 -22.78
CA VAL E 510 -12.03 29.28 -22.25
C VAL E 510 -10.73 29.33 -23.02
N VAL E 511 -9.62 29.48 -22.30
CA VAL E 511 -8.29 29.42 -22.88
C VAL E 511 -7.59 28.21 -22.26
N VAL E 512 -7.18 27.27 -23.12
CA VAL E 512 -6.47 26.08 -22.69
C VAL E 512 -5.00 26.27 -23.05
N LEU E 513 -4.14 26.27 -22.04
CA LEU E 513 -2.71 26.44 -22.23
C LEU E 513 -2.05 25.07 -22.18
N SER E 514 -1.40 24.67 -23.26
CA SER E 514 -0.75 23.37 -23.37
C SER E 514 0.76 23.54 -23.25
N PHE E 515 1.34 22.87 -22.26
CA PHE E 515 2.77 22.97 -21.98
C PHE E 515 3.43 21.62 -22.14
N GLU E 516 4.54 21.59 -22.88
CA GLU E 516 5.34 20.37 -23.01
C GLU E 516 6.62 20.57 -22.22
N LEU E 517 6.85 19.71 -21.24
CA LEU E 517 8.11 19.69 -20.49
C LEU E 517 9.11 18.83 -21.27
N LEU E 518 10.20 19.43 -21.70
CA LEU E 518 11.14 18.74 -22.57
C LEU E 518 12.57 19.11 -22.21
N HIS E 519 13.49 18.30 -22.72
CA HIS E 519 14.92 18.52 -22.62
C HIS E 519 15.44 19.31 -23.82
N ALA E 520 14.53 19.94 -24.55
CA ALA E 520 14.77 20.78 -25.72
C ALA E 520 15.23 22.17 -25.23
N PRO E 521 15.55 23.14 -26.13
CA PRO E 521 16.01 24.46 -25.63
C PRO E 521 15.03 25.21 -24.72
N ALA E 522 13.72 25.07 -24.95
CA ALA E 522 12.67 25.63 -24.08
C ALA E 522 12.77 27.14 -23.91
N THR E 523 12.61 27.85 -25.04
CA THR E 523 12.74 29.31 -25.09
C THR E 523 11.85 30.02 -24.08
N VAL E 524 10.55 29.70 -24.06
CA VAL E 524 9.62 30.32 -23.12
C VAL E 524 9.98 29.92 -21.71
N CYS E 525 10.32 30.90 -20.87
CA CYS E 525 10.83 30.56 -19.54
C CYS E 525 10.26 31.35 -18.38
N GLY E 526 9.78 32.56 -18.62
CA GLY E 526 9.38 33.43 -17.53
C GLY E 526 10.50 33.80 -16.54
N PRO E 527 11.71 34.17 -16.99
CA PRO E 527 12.82 34.31 -16.03
C PRO E 527 12.74 35.50 -15.10
N LYS E 528 13.28 35.29 -13.91
CA LYS E 528 13.42 36.29 -12.86
C LYS E 528 14.69 35.93 -12.09
N LYS E 529 15.31 36.95 -11.48
CA LYS E 529 16.49 36.86 -10.59
C LYS E 529 17.65 36.08 -11.20
N SER E 530 17.93 36.35 -12.48
CA SER E 530 19.01 35.65 -13.19
C SER E 530 20.38 36.00 -12.60
N THR E 531 21.27 35.01 -12.59
CA THR E 531 22.58 35.13 -11.95
C THR E 531 23.68 34.70 -12.93
N ASN E 532 24.90 35.14 -12.63
CA ASN E 532 26.05 34.77 -13.43
C ASN E 532 26.49 33.32 -13.17
N LEU E 533 27.14 32.73 -14.16
CA LEU E 533 27.62 31.36 -14.02
C LEU E 533 28.84 31.29 -13.11
N VAL E 534 28.96 30.18 -12.38
CA VAL E 534 30.12 29.89 -11.52
C VAL E 534 30.52 28.44 -11.80
N LYS E 535 31.83 28.17 -11.80
CA LYS E 535 32.36 26.87 -12.15
C LYS E 535 33.50 26.50 -11.20
N ASN E 536 33.75 25.19 -11.11
CA ASN E 536 34.82 24.47 -10.37
C ASN E 536 34.52 24.33 -8.89
N LYS E 537 33.33 24.73 -8.43
CA LYS E 537 32.93 24.56 -7.05
C LYS E 537 31.48 24.07 -7.01
N CYS E 538 31.16 23.31 -5.97
CA CYS E 538 29.80 22.78 -5.81
C CYS E 538 28.80 23.90 -5.59
N VAL E 539 27.72 23.88 -6.37
CA VAL E 539 26.70 24.92 -6.38
C VAL E 539 25.36 24.28 -6.71
N ASN E 540 24.29 24.97 -6.29
CA ASN E 540 22.93 24.61 -6.66
C ASN E 540 22.58 25.36 -7.92
N PHE E 541 22.33 24.65 -9.01
CA PHE E 541 22.18 25.30 -10.31
C PHE E 541 20.79 25.07 -10.88
N ASN E 542 20.22 26.14 -11.44
CA ASN E 542 18.98 26.07 -12.20
C ASN E 542 19.36 26.40 -13.64
N PHE E 543 19.26 25.42 -14.54
CA PHE E 543 19.51 25.62 -15.95
C PHE E 543 18.19 25.37 -16.68
N ASN E 544 17.58 26.45 -17.19
CA ASN E 544 16.31 26.41 -17.95
C ASN E 544 15.21 25.68 -17.18
N GLY E 545 15.16 25.90 -15.87
CA GLY E 545 14.18 25.28 -15.01
C GLY E 545 14.55 23.90 -14.51
N LEU E 546 15.76 23.41 -14.81
CA LEU E 546 16.24 22.13 -14.32
C LEU E 546 17.13 22.38 -13.12
N THR E 547 16.78 21.79 -11.97
CA THR E 547 17.45 22.07 -10.71
C THR E 547 18.29 20.89 -10.26
N GLY E 548 19.53 21.16 -9.89
CA GLY E 548 20.44 20.16 -9.37
C GLY E 548 21.54 20.81 -8.58
N THR E 549 22.18 20.02 -7.72
CA THR E 549 23.35 20.44 -6.97
C THR E 549 24.56 19.65 -7.44
N GLY E 550 25.52 20.34 -8.06
CA GLY E 550 26.73 19.69 -8.50
C GLY E 550 27.79 20.69 -8.89
N VAL E 551 29.03 20.21 -8.95
CA VAL E 551 30.15 21.01 -9.45
C VAL E 551 30.01 21.16 -10.97
N LEU E 552 30.30 22.36 -11.48
CA LEU E 552 30.21 22.64 -12.90
C LEU E 552 31.62 22.79 -13.49
N THR E 553 31.90 22.05 -14.57
CA THR E 553 33.19 22.05 -15.22
C THR E 553 32.99 22.10 -16.73
N GLU E 554 34.05 22.47 -17.45
CA GLU E 554 34.02 22.46 -18.91
C GLU E 554 33.84 21.03 -19.42
N SER E 555 33.00 20.89 -20.45
CA SER E 555 32.62 19.58 -20.97
C SER E 555 33.18 19.39 -22.38
N ASN E 556 33.95 18.32 -22.56
CA ASN E 556 34.52 18.00 -23.87
C ASN E 556 33.45 17.58 -24.89
N LYS E 557 32.44 16.81 -24.46
CA LYS E 557 31.45 16.27 -25.38
C LYS E 557 30.60 17.37 -26.01
N LYS E 558 30.36 17.23 -27.32
CA LYS E 558 29.53 18.17 -28.07
C LYS E 558 28.07 17.78 -27.95
N PHE E 559 27.18 18.77 -28.06
CA PHE E 559 25.74 18.57 -28.02
C PHE E 559 25.15 19.00 -29.35
N LEU E 560 24.26 18.17 -29.91
CA LEU E 560 23.54 18.56 -31.10
C LEU E 560 22.54 19.65 -30.72
N PRO E 561 22.11 20.50 -31.69
CA PRO E 561 21.22 21.63 -31.32
C PRO E 561 19.90 21.24 -30.68
N PHE E 562 19.23 20.19 -31.18
CA PHE E 562 18.04 19.71 -30.49
C PHE E 562 18.36 19.12 -29.11
N GLN E 563 19.55 18.52 -28.96
CA GLN E 563 19.98 17.93 -27.68
C GLN E 563 20.53 18.98 -26.73
N GLN E 564 19.62 19.73 -26.11
CA GLN E 564 20.00 20.73 -25.12
C GLN E 564 20.60 20.09 -23.86
N PHE E 565 20.06 18.96 -23.41
CA PHE E 565 20.50 18.33 -22.17
C PHE E 565 20.95 16.89 -22.41
N GLY E 566 21.91 16.45 -21.61
CA GLY E 566 22.43 15.08 -21.65
C GLY E 566 22.07 14.34 -20.38
N ARG E 567 21.62 13.09 -20.53
CA ARG E 567 21.15 12.29 -19.40
C ARG E 567 21.94 10.98 -19.31
N ASP E 568 22.23 10.54 -18.08
CA ASP E 568 22.94 9.29 -17.85
C ASP E 568 21.95 8.12 -17.74
N ILE E 569 22.47 6.93 -17.41
CA ILE E 569 21.65 5.72 -17.29
C ILE E 569 20.62 5.84 -16.17
N ALA E 570 20.94 6.54 -15.08
CA ALA E 570 20.05 6.66 -13.92
C ALA E 570 19.06 7.81 -14.05
N ASP E 571 19.09 8.55 -15.17
CA ASP E 571 18.25 9.69 -15.60
C ASP E 571 18.72 11.00 -14.99
N THR E 572 19.87 11.02 -14.32
CA THR E 572 20.43 12.27 -13.83
C THR E 572 21.03 13.03 -15.02
N THR E 573 21.08 14.36 -14.93
CA THR E 573 21.57 15.20 -16.01
C THR E 573 23.08 15.33 -15.90
N ASP E 574 23.81 14.50 -16.67
CA ASP E 574 25.27 14.51 -16.61
C ASP E 574 25.87 15.80 -17.18
N ALA E 575 25.28 16.36 -18.24
CA ALA E 575 25.81 17.58 -18.84
C ALA E 575 24.67 18.48 -19.28
N VAL E 576 24.95 19.79 -19.32
CA VAL E 576 23.98 20.80 -19.74
C VAL E 576 24.69 21.79 -20.66
N ARG E 577 23.89 22.45 -21.50
CA ARG E 577 24.38 23.55 -22.31
C ARG E 577 23.78 24.83 -21.75
N ASP E 578 24.64 25.82 -21.51
CA ASP E 578 24.20 27.09 -20.94
C ASP E 578 23.27 27.78 -21.94
N PRO E 579 22.13 28.34 -21.48
CA PRO E 579 21.25 29.11 -22.38
C PRO E 579 21.89 30.28 -23.10
N GLN E 580 22.41 31.28 -22.36
CA GLN E 580 22.95 32.48 -22.99
C GLN E 580 24.18 32.19 -23.85
N THR E 581 25.10 31.37 -23.37
CA THR E 581 26.33 31.06 -24.08
C THR E 581 26.33 29.58 -24.47
N LEU E 582 26.46 29.30 -25.76
CA LEU E 582 26.33 27.92 -26.24
C LEU E 582 27.63 27.15 -25.93
N GLU E 583 27.77 26.78 -24.65
CA GLU E 583 28.89 25.99 -24.16
C GLU E 583 28.34 24.84 -23.33
N ILE E 584 29.02 23.71 -23.40
CA ILE E 584 28.60 22.49 -22.69
C ILE E 584 29.30 22.44 -21.34
N LEU E 585 28.52 22.22 -20.27
CA LEU E 585 29.06 22.12 -18.92
C LEU E 585 28.77 20.75 -18.32
N ASP E 586 29.83 20.06 -17.91
CA ASP E 586 29.68 18.79 -17.21
C ASP E 586 29.24 19.02 -15.77
N ILE E 587 28.31 18.18 -15.29
CA ILE E 587 27.85 18.22 -13.91
C ILE E 587 28.43 17.03 -13.18
N THR E 588 29.20 17.29 -12.14
CA THR E 588 29.73 16.27 -11.28
C THR E 588 29.15 16.50 -9.89
N PRO E 589 28.53 15.50 -9.28
CA PRO E 589 27.92 15.68 -7.96
C PRO E 589 28.94 16.02 -6.89
N CYS E 590 28.49 16.85 -5.94
CA CYS E 590 29.34 17.31 -4.85
C CYS E 590 29.81 16.12 -4.02
N SER E 591 31.05 16.22 -3.52
CA SER E 591 31.72 15.12 -2.84
C SER E 591 30.94 14.63 -1.63
N PHE E 592 30.76 13.32 -1.55
CA PHE E 592 30.05 12.71 -0.44
C PHE E 592 30.68 11.38 -0.10
N GLY E 593 30.62 11.04 1.19
CA GLY E 593 31.14 9.76 1.64
C GLY E 593 30.59 9.41 3.00
N GLY E 594 30.78 8.15 3.37
CA GLY E 594 30.44 7.71 4.71
C GLY E 594 31.41 8.28 5.73
N VAL E 595 30.89 8.49 6.94
CA VAL E 595 31.71 8.95 8.07
C VAL E 595 31.77 7.82 9.08
N SER E 596 32.99 7.39 9.41
CA SER E 596 33.21 6.33 10.37
C SER E 596 34.01 6.89 11.54
N VAL E 597 33.53 6.61 12.75
CA VAL E 597 34.18 7.06 13.97
C VAL E 597 35.01 5.90 14.51
N ILE E 598 36.33 6.10 14.59
CA ILE E 598 37.23 5.11 15.15
C ILE E 598 37.44 5.47 16.60
N THR E 599 36.92 4.64 17.49
CA THR E 599 37.00 4.99 18.88
C THR E 599 37.55 3.85 19.73
N PRO E 600 38.43 4.17 20.66
CA PRO E 600 38.71 3.24 21.76
C PRO E 600 37.50 3.31 22.69
N GLY E 601 37.37 2.29 23.54
CA GLY E 601 36.21 2.22 24.41
C GLY E 601 36.07 3.42 25.32
N THR E 602 34.82 3.76 25.65
CA THR E 602 34.52 4.94 26.46
C THR E 602 35.16 4.85 27.83
N ASN E 603 35.25 3.63 28.39
CA ASN E 603 35.95 3.41 29.63
C ASN E 603 37.43 3.77 29.50
N THR E 604 38.05 3.39 28.38
CA THR E 604 39.45 3.73 28.14
C THR E 604 39.63 5.23 27.90
N SER E 605 38.83 5.83 27.02
CA SER E 605 39.00 7.23 26.65
C SER E 605 37.76 7.72 25.89
N ASN E 606 37.62 9.05 25.83
CA ASN E 606 36.59 9.70 25.05
C ASN E 606 37.11 10.24 23.72
N GLN E 607 38.41 10.07 23.46
CA GLN E 607 39.03 10.52 22.21
C GLN E 607 38.54 9.66 21.05
N VAL E 608 38.36 10.27 19.89
CA VAL E 608 37.85 9.59 18.69
C VAL E 608 38.63 10.05 17.47
N ALA E 609 38.67 9.17 16.46
CA ALA E 609 39.25 9.45 15.16
C ALA E 609 38.17 9.27 14.12
N VAL E 610 38.12 10.17 13.13
CA VAL E 610 37.03 10.19 12.16
C VAL E 610 37.57 9.89 10.76
N LEU E 611 36.95 8.92 10.09
CA LEU E 611 37.32 8.52 8.74
C LEU E 611 36.20 8.91 7.77
N TYR E 612 36.55 9.65 6.72
CA TYR E 612 35.60 9.96 5.65
C TYR E 612 35.92 9.04 4.48
N GLN E 613 35.04 8.07 4.20
CA GLN E 613 35.30 7.12 3.11
C GLN E 613 35.22 7.79 1.75
N ASP E 614 36.23 7.50 0.92
CA ASP E 614 36.35 7.97 -0.47
C ASP E 614 36.27 9.49 -0.59
N VAL E 615 36.89 10.18 0.35
CA VAL E 615 36.94 11.64 0.36
C VAL E 615 38.40 12.05 0.45
N ASN E 616 38.82 12.94 -0.42
CA ASN E 616 40.17 13.49 -0.35
C ASN E 616 40.31 14.38 0.88
N CYS E 617 41.53 14.37 1.45
CA CYS E 617 41.82 15.15 2.65
C CYS E 617 41.66 16.66 2.42
N THR E 618 41.93 17.13 1.20
CA THR E 618 41.77 18.54 0.89
C THR E 618 40.31 18.98 1.03
N GLU E 619 39.36 18.11 0.65
CA GLU E 619 37.95 18.46 0.64
C GLU E 619 37.40 18.76 2.04
N VAL E 620 37.80 17.97 3.04
CA VAL E 620 37.27 18.18 4.39
C VAL E 620 37.87 19.44 5.01
N ASN E 641 47.38 16.46 11.83
CA ASN E 641 46.92 15.21 12.43
C ASN E 641 45.99 14.57 11.41
N VAL E 642 46.44 14.57 10.15
CA VAL E 642 45.64 14.15 9.01
C VAL E 642 46.45 13.14 8.20
N PHE E 643 45.86 11.98 7.93
CA PHE E 643 46.50 10.93 7.13
C PHE E 643 45.55 10.50 6.02
N GLN E 644 46.05 10.49 4.79
CA GLN E 644 45.29 10.02 3.64
C GLN E 644 45.50 8.52 3.44
N THR E 645 44.40 7.79 3.32
CA THR E 645 44.42 6.34 3.14
C THR E 645 43.54 6.00 1.95
N ARG E 646 43.71 4.77 1.44
CA ARG E 646 42.84 4.28 0.37
C ARG E 646 41.39 4.23 0.83
N ALA E 647 41.17 3.90 2.11
CA ALA E 647 39.83 3.93 2.69
C ALA E 647 39.27 5.34 2.68
N GLY E 648 40.11 6.33 2.96
CA GLY E 648 39.67 7.71 2.92
C GLY E 648 40.56 8.57 3.79
N CYS E 649 40.13 9.82 3.95
CA CYS E 649 40.86 10.74 4.81
C CYS E 649 40.60 10.40 6.27
N LEU E 650 41.67 10.30 7.04
CA LEU E 650 41.60 10.02 8.46
C LEU E 650 42.04 11.24 9.26
N ILE E 651 41.23 11.64 10.23
CA ILE E 651 41.51 12.80 11.08
C ILE E 651 41.50 12.33 12.52
N GLY E 652 42.47 12.81 13.32
CA GLY E 652 42.56 12.48 14.72
C GLY E 652 43.43 11.30 15.06
N ALA E 653 44.08 10.68 14.08
CA ALA E 653 45.02 9.59 14.31
C ALA E 653 46.39 9.98 13.76
N GLU E 654 47.43 9.71 14.52
CA GLU E 654 48.81 10.02 14.14
C GLU E 654 49.44 8.79 13.50
N HIS E 655 49.94 8.96 12.27
CA HIS E 655 50.62 7.86 11.59
C HIS E 655 51.92 7.51 12.30
N VAL E 656 52.15 6.21 12.47
CA VAL E 656 53.38 5.68 13.04
C VAL E 656 53.99 4.72 12.03
N ASN E 657 55.31 4.84 11.83
CA ASN E 657 56.02 3.95 10.92
C ASN E 657 56.00 2.50 11.40
N ASN E 658 56.03 2.29 12.71
CA ASN E 658 56.04 0.95 13.29
C ASN E 658 54.75 0.18 12.94
N SER E 659 54.91 -1.12 12.71
CA SER E 659 53.81 -2.00 12.34
C SER E 659 53.43 -2.87 13.53
N TYR E 660 52.13 -2.95 13.80
CA TYR E 660 51.59 -3.69 14.93
C TYR E 660 50.45 -4.57 14.43
N GLU E 661 50.07 -5.56 15.25
CA GLU E 661 48.90 -6.39 14.95
C GLU E 661 47.65 -5.51 14.91
N CYS E 662 46.73 -5.84 13.99
CA CYS E 662 45.52 -5.03 13.81
C CYS E 662 44.66 -5.01 15.06
N ASP E 663 44.24 -3.82 15.46
CA ASP E 663 43.34 -3.62 16.59
C ASP E 663 41.95 -3.19 16.14
N ILE E 664 41.87 -2.08 15.41
CA ILE E 664 40.61 -1.62 14.82
C ILE E 664 40.85 -1.51 13.31
N PRO E 665 40.03 -2.14 12.48
CA PRO E 665 40.32 -2.16 11.04
C PRO E 665 39.80 -0.97 10.25
N ILE E 666 40.72 -0.08 9.84
CA ILE E 666 40.34 1.01 8.94
C ILE E 666 40.09 0.49 7.54
N GLY E 667 40.94 -0.41 7.08
CA GLY E 667 40.88 -0.93 5.72
C GLY E 667 42.15 -0.66 4.96
N ALA E 668 42.36 -1.41 3.86
CA ALA E 668 43.51 -1.29 2.96
C ALA E 668 44.83 -1.48 3.70
N GLY E 669 44.86 -2.42 4.63
CA GLY E 669 46.05 -2.72 5.39
C GLY E 669 46.38 -1.74 6.49
N ILE E 670 45.47 -0.84 6.83
CA ILE E 670 45.70 0.20 7.82
C ILE E 670 44.81 -0.10 9.02
N CYS E 671 45.40 -0.08 10.21
CA CYS E 671 44.67 -0.33 11.45
C CYS E 671 44.94 0.78 12.45
N ALA E 672 44.01 0.95 13.37
CA ALA E 672 44.09 1.98 14.40
C ALA E 672 44.07 1.36 15.79
N SER E 673 44.94 1.86 16.67
CA SER E 673 44.96 1.42 18.06
C SER E 673 45.21 2.61 18.97
N TYR E 674 44.80 2.46 20.22
CA TYR E 674 45.10 3.43 21.27
C TYR E 674 46.34 2.95 22.00
N GLN E 675 47.45 3.69 21.91
CA GLN E 675 48.72 3.24 22.47
C GLN E 675 49.32 4.36 23.31
N THR E 676 50.09 3.96 24.33
CA THR E 676 50.76 4.87 25.24
C THR E 676 51.93 5.58 24.55
N SER E 689 49.18 11.39 27.45
CA SER E 689 50.14 10.98 26.43
C SER E 689 49.48 10.07 25.40
N GLN E 690 48.39 9.42 25.83
CA GLN E 690 47.70 8.44 25.02
C GLN E 690 47.10 9.08 23.76
N SER E 691 47.29 8.43 22.62
CA SER E 691 46.73 8.93 21.37
C SER E 691 46.39 7.77 20.44
N ILE E 692 45.39 8.00 19.58
CA ILE E 692 45.06 7.03 18.55
C ILE E 692 46.13 7.10 17.46
N ILE E 693 46.60 5.93 17.00
CA ILE E 693 47.65 5.86 16.01
C ILE E 693 47.19 5.01 14.82
N ALA E 694 47.52 5.47 13.61
CA ALA E 694 47.22 4.74 12.39
C ALA E 694 48.50 4.08 11.87
N TYR E 695 48.43 2.77 11.62
CA TYR E 695 49.63 2.02 11.24
C TYR E 695 49.28 0.93 10.23
N THR E 696 50.30 0.51 9.49
CA THR E 696 50.17 -0.67 8.64
C THR E 696 50.17 -1.91 9.54
N MET E 697 49.22 -2.81 9.33
CA MET E 697 49.09 -3.97 10.20
C MET E 697 50.22 -4.98 9.97
N SER E 698 50.74 -5.51 11.06
CA SER E 698 51.71 -6.60 10.97
C SER E 698 50.98 -7.91 10.70
N LEU E 699 51.62 -8.77 9.91
CA LEU E 699 51.06 -10.06 9.59
C LEU E 699 51.57 -11.15 10.51
N GLY E 700 52.44 -10.80 11.46
CA GLY E 700 53.03 -11.75 12.38
C GLY E 700 54.54 -11.72 12.32
N ALA E 701 55.14 -12.40 13.28
CA ALA E 701 56.59 -12.43 13.39
C ALA E 701 57.19 -13.22 12.24
N GLU E 702 58.26 -12.68 11.66
CA GLU E 702 58.93 -13.37 10.55
C GLU E 702 59.85 -14.44 11.12
N ASN E 703 59.68 -15.66 10.63
CA ASN E 703 60.44 -16.81 11.09
C ASN E 703 61.09 -17.48 9.88
N SER E 704 62.39 -17.66 9.93
CA SER E 704 63.09 -18.41 8.89
C SER E 704 63.46 -19.77 9.46
N VAL E 705 62.86 -20.82 8.90
CA VAL E 705 63.19 -22.18 9.30
C VAL E 705 64.60 -22.50 8.84
N ALA E 706 65.34 -23.24 9.65
CA ALA E 706 66.71 -23.62 9.30
C ALA E 706 66.69 -24.85 8.38
N TYR E 707 66.24 -24.62 7.15
CA TYR E 707 66.19 -25.70 6.17
C TYR E 707 67.59 -26.03 5.69
N SER E 708 67.87 -27.32 5.57
CA SER E 708 69.09 -27.81 4.96
C SER E 708 68.74 -29.09 4.22
N ASN E 709 69.64 -29.49 3.33
CA ASN E 709 69.48 -30.76 2.62
C ASN E 709 69.57 -31.96 3.56
N ASN E 710 70.28 -31.84 4.70
CA ASN E 710 70.45 -32.97 5.61
C ASN E 710 70.04 -32.68 7.06
N SER E 711 69.24 -31.65 7.32
CA SER E 711 68.90 -31.28 8.70
C SER E 711 67.42 -31.54 8.97
N ILE E 712 67.15 -32.14 10.13
CA ILE E 712 65.79 -32.40 10.57
C ILE E 712 65.64 -31.99 12.04
N ALA E 713 64.46 -31.51 12.39
CA ALA E 713 64.09 -31.21 13.78
C ALA E 713 63.07 -32.23 14.26
N ILE E 714 63.36 -32.88 15.39
CA ILE E 714 62.48 -33.86 16.00
C ILE E 714 62.12 -33.39 17.40
N PRO E 715 60.82 -33.35 17.74
CA PRO E 715 60.41 -32.99 19.10
C PRO E 715 60.85 -34.02 20.12
N THR E 716 61.34 -33.52 21.26
CA THR E 716 61.74 -34.36 22.37
C THR E 716 60.73 -34.31 23.51
N ASN E 717 59.63 -33.60 23.34
CA ASN E 717 58.62 -33.45 24.38
C ASN E 717 57.30 -33.10 23.71
N PHE E 718 56.25 -33.06 24.51
CA PHE E 718 54.92 -32.77 24.01
C PHE E 718 54.14 -31.96 25.04
N THR E 719 53.13 -31.26 24.56
CA THR E 719 52.17 -30.56 25.40
C THR E 719 50.78 -31.06 25.05
N ILE E 720 50.04 -31.55 26.05
CA ILE E 720 48.65 -31.90 25.85
C ILE E 720 47.84 -30.62 25.91
N SER E 721 47.13 -30.29 24.84
CA SER E 721 46.41 -29.03 24.72
C SER E 721 44.91 -29.30 24.66
N VAL E 722 44.14 -28.55 25.43
CA VAL E 722 42.68 -28.57 25.35
C VAL E 722 42.21 -27.19 24.90
N THR E 723 41.51 -27.14 23.79
CA THR E 723 41.01 -25.91 23.20
C THR E 723 39.50 -26.00 23.05
N THR E 724 38.87 -24.85 22.98
CA THR E 724 37.41 -24.74 22.99
C THR E 724 36.90 -24.27 21.64
N GLU E 725 35.96 -25.02 21.06
CA GLU E 725 35.27 -24.60 19.85
C GLU E 725 33.78 -24.48 20.18
N ILE E 726 33.23 -23.28 19.99
CA ILE E 726 31.83 -22.98 20.28
C ILE E 726 31.08 -22.87 18.97
N LEU E 727 30.05 -23.70 18.79
CA LEU E 727 29.26 -23.69 17.58
C LEU E 727 27.78 -23.44 17.88
N PRO E 728 27.15 -22.51 17.18
CA PRO E 728 25.69 -22.36 17.27
C PRO E 728 24.96 -23.55 16.67
N VAL E 729 23.92 -24.00 17.35
CA VAL E 729 23.12 -25.13 16.90
C VAL E 729 21.71 -24.71 16.53
N SER E 730 21.06 -23.90 17.35
CA SER E 730 19.67 -23.57 17.14
C SER E 730 19.39 -22.11 17.49
N MET E 731 18.25 -21.62 17.02
CA MET E 731 17.74 -20.30 17.34
C MET E 731 16.35 -20.47 17.93
N THR E 732 15.91 -19.46 18.68
CA THR E 732 14.61 -19.49 19.32
C THR E 732 13.51 -19.60 18.27
N LYS E 733 12.53 -20.45 18.56
CA LYS E 733 11.45 -20.70 17.63
C LYS E 733 10.35 -19.68 17.89
N THR E 734 10.13 -18.79 16.94
CA THR E 734 9.19 -17.70 17.10
C THR E 734 8.12 -17.82 16.02
N SER E 735 6.86 -17.74 16.43
CA SER E 735 5.73 -17.72 15.52
C SER E 735 5.04 -16.38 15.65
N VAL E 736 4.82 -15.72 14.52
CA VAL E 736 4.09 -14.46 14.48
C VAL E 736 2.79 -14.71 13.73
N ASP E 737 1.67 -14.44 14.38
CA ASP E 737 0.39 -14.47 13.70
C ASP E 737 0.25 -13.16 12.94
N CYS E 738 0.22 -13.25 11.61
CA CYS E 738 0.24 -12.05 10.76
C CYS E 738 -0.99 -11.20 10.96
N THR E 739 -2.16 -11.83 11.09
CA THR E 739 -3.41 -11.10 11.25
C THR E 739 -3.41 -10.27 12.52
N MET E 740 -2.93 -10.85 13.63
CA MET E 740 -2.80 -10.10 14.88
C MET E 740 -1.78 -8.97 14.76
N TYR E 741 -0.65 -9.23 14.10
CA TYR E 741 0.38 -8.20 13.95
C TYR E 741 -0.11 -7.03 13.10
N ILE E 742 -0.67 -7.34 11.93
CA ILE E 742 -1.15 -6.30 11.02
C ILE E 742 -2.39 -5.62 11.56
N CYS E 743 -3.30 -6.38 12.16
CA CYS E 743 -4.57 -5.84 12.62
C CYS E 743 -4.71 -6.10 14.10
N GLY E 744 -4.90 -5.03 14.88
CA GLY E 744 -5.06 -5.20 16.31
C GLY E 744 -6.51 -5.45 16.69
N ASP E 745 -6.99 -6.67 16.36
CA ASP E 745 -8.38 -7.09 16.59
C ASP E 745 -9.38 -6.14 15.92
N SER E 746 -9.03 -5.67 14.73
CA SER E 746 -9.88 -4.79 13.93
C SER E 746 -10.46 -5.58 12.77
N THR E 747 -11.80 -5.64 12.73
CA THR E 747 -12.50 -6.42 11.69
C THR E 747 -12.26 -5.84 10.30
N GLU E 748 -12.27 -4.50 10.19
CA GLU E 748 -12.11 -3.83 8.90
C GLU E 748 -10.74 -4.11 8.29
N CYS E 749 -9.70 -4.07 9.13
CA CYS E 749 -8.35 -4.37 8.69
C CYS E 749 -8.23 -5.82 8.22
N SER E 750 -8.88 -6.74 8.93
CA SER E 750 -8.87 -8.16 8.56
C SER E 750 -9.56 -8.38 7.22
N ASN E 751 -10.69 -7.70 7.00
CA ASN E 751 -11.40 -7.78 5.73
C ASN E 751 -10.53 -7.24 4.59
N LEU E 752 -9.81 -6.16 4.85
CA LEU E 752 -8.87 -5.65 3.85
C LEU E 752 -7.73 -6.64 3.59
N LEU E 753 -7.25 -7.32 4.64
CA LEU E 753 -6.19 -8.32 4.50
C LEU E 753 -6.64 -9.51 3.65
N LEU E 754 -7.94 -9.81 3.67
CA LEU E 754 -8.49 -10.87 2.81
C LEU E 754 -8.23 -10.61 1.33
N GLN E 755 -8.21 -9.33 0.91
CA GLN E 755 -7.85 -8.99 -0.45
C GLN E 755 -6.43 -9.41 -0.80
N TYR E 756 -5.50 -9.25 0.15
CA TYR E 756 -4.13 -9.70 -0.05
C TYR E 756 -4.07 -11.22 -0.16
N GLY E 757 -4.88 -11.90 0.62
CA GLY E 757 -5.05 -13.34 0.40
C GLY E 757 -4.15 -14.23 1.25
N SER E 758 -3.25 -14.98 0.59
CA SER E 758 -2.49 -16.07 1.19
C SER E 758 -1.11 -15.69 1.72
N PHE E 759 -0.79 -14.39 1.78
CA PHE E 759 0.51 -13.94 2.27
C PHE E 759 0.73 -14.39 3.71
N CYS E 760 -0.34 -14.38 4.52
CA CYS E 760 -0.30 -14.90 5.88
C CYS E 760 0.04 -16.38 5.92
N THR E 761 -0.58 -17.17 5.04
CA THR E 761 -0.32 -18.61 5.02
C THR E 761 1.14 -18.89 4.68
N GLN E 762 1.69 -18.12 3.72
CA GLN E 762 3.10 -18.28 3.37
C GLN E 762 4.02 -17.90 4.52
N LEU E 763 3.73 -16.78 5.20
CA LEU E 763 4.59 -16.29 6.28
C LEU E 763 4.58 -17.24 7.48
N ASN E 764 3.39 -17.71 7.88
CA ASN E 764 3.27 -18.64 8.99
C ASN E 764 3.92 -19.98 8.65
N ARG E 765 3.77 -20.44 7.39
CA ARG E 765 4.39 -21.69 6.98
C ARG E 765 5.91 -21.60 7.02
N ALA E 766 6.47 -20.46 6.59
CA ALA E 766 7.93 -20.28 6.62
C ALA E 766 8.45 -20.26 8.06
N LEU E 767 7.74 -19.57 8.97
CA LEU E 767 8.14 -19.57 10.38
C LEU E 767 8.03 -20.96 10.99
N THR E 768 6.98 -21.71 10.64
CA THR E 768 6.81 -23.08 11.13
C THR E 768 7.93 -23.98 10.63
N GLY E 769 8.34 -23.80 9.38
CA GLY E 769 9.46 -24.57 8.84
C GLY E 769 10.76 -24.29 9.55
N ILE E 770 11.02 -23.01 9.87
CA ILE E 770 12.20 -22.65 10.66
C ILE E 770 12.15 -23.31 12.04
N ALA E 771 10.97 -23.29 12.68
CA ALA E 771 10.81 -23.87 14.01
C ALA E 771 11.04 -25.38 14.01
N VAL E 772 10.53 -26.08 13.00
CA VAL E 772 10.76 -27.51 12.88
C VAL E 772 12.25 -27.79 12.64
N GLU E 773 12.89 -26.93 11.84
CA GLU E 773 14.31 -27.07 11.53
C GLU E 773 15.19 -26.97 12.77
N GLN E 774 14.83 -26.09 13.72
CA GLN E 774 15.65 -25.93 14.94
C GLN E 774 15.70 -27.21 15.78
N ASP E 775 14.54 -27.86 15.95
CA ASP E 775 14.49 -29.15 16.63
C ASP E 775 15.28 -30.20 15.85
N LYS E 776 15.18 -30.19 14.52
CA LYS E 776 15.94 -31.14 13.71
C LYS E 776 17.45 -30.93 13.86
N ASN E 777 17.89 -29.66 13.96
CA ASN E 777 19.29 -29.34 14.18
C ASN E 777 19.79 -29.88 15.51
N THR E 778 18.97 -29.70 16.56
CA THR E 778 19.34 -30.19 17.89
C THR E 778 19.40 -31.73 17.91
N GLN E 779 18.46 -32.40 17.24
CA GLN E 779 18.48 -33.86 17.15
C GLN E 779 19.73 -34.35 16.40
N GLU E 780 20.09 -33.67 15.31
CA GLU E 780 21.27 -34.09 14.54
C GLU E 780 22.54 -33.93 15.35
N VAL E 781 22.70 -32.82 16.07
CA VAL E 781 23.93 -32.62 16.84
C VAL E 781 24.00 -33.53 18.07
N PHE E 782 22.92 -33.64 18.83
CA PHE E 782 23.02 -34.30 20.14
C PHE E 782 22.56 -35.75 20.16
N ALA E 783 21.53 -36.12 19.41
CA ALA E 783 21.00 -37.49 19.48
C ALA E 783 21.74 -38.42 18.50
N GLN E 784 23.04 -38.56 18.74
CA GLN E 784 23.90 -39.41 17.93
C GLN E 784 24.29 -40.66 18.68
N VAL E 785 23.70 -40.88 19.84
CA VAL E 785 24.01 -42.04 20.68
C VAL E 785 22.74 -42.89 20.77
N LYS E 786 22.88 -44.18 20.45
CA LYS E 786 21.73 -45.08 20.53
C LYS E 786 21.29 -45.32 21.97
N GLN E 787 22.24 -45.48 22.88
CA GLN E 787 21.96 -45.84 24.26
C GLN E 787 22.48 -44.76 25.20
N ILE E 788 21.83 -44.61 26.35
CA ILE E 788 22.25 -43.65 27.35
C ILE E 788 23.30 -44.31 28.22
N TYR E 789 24.57 -44.06 27.92
CA TYR E 789 25.66 -44.62 28.68
C TYR E 789 25.83 -43.90 30.02
N LYS E 790 26.16 -44.67 31.05
CA LYS E 790 26.40 -44.16 32.39
C LYS E 790 27.84 -44.41 32.80
N THR E 791 28.48 -43.39 33.36
CA THR E 791 29.86 -43.49 33.81
C THR E 791 29.93 -44.40 35.05
N PRO E 792 31.05 -45.13 35.22
CA PRO E 792 31.18 -46.01 36.39
C PRO E 792 31.24 -45.21 37.68
N PRO E 793 30.73 -45.78 38.79
CA PRO E 793 30.73 -45.05 40.07
C PRO E 793 32.11 -44.70 40.59
N ILE E 794 33.10 -45.59 40.45
CA ILE E 794 34.46 -45.29 40.87
C ILE E 794 35.19 -44.65 39.69
N LYS E 795 35.67 -43.43 39.89
CA LYS E 795 36.32 -42.66 38.84
C LYS E 795 37.83 -42.93 38.83
N ASP E 796 38.19 -44.15 38.44
CA ASP E 796 39.59 -44.54 38.30
C ASP E 796 39.94 -44.62 36.83
N PHE E 797 40.69 -43.63 36.34
CA PHE E 797 41.07 -43.55 34.94
C PHE E 797 42.57 -43.34 34.77
N GLY E 798 43.37 -43.89 35.68
CA GLY E 798 44.81 -43.72 35.65
C GLY E 798 45.27 -42.29 35.80
N GLY E 799 44.64 -41.52 36.69
CA GLY E 799 45.02 -40.16 36.96
C GLY E 799 44.38 -39.12 36.07
N PHE E 800 43.54 -39.52 35.13
CA PHE E 800 42.82 -38.58 34.30
C PHE E 800 41.53 -38.18 35.01
N ASN E 801 41.34 -36.88 35.19
CA ASN E 801 40.20 -36.35 35.94
C ASN E 801 39.23 -35.70 34.97
N PHE E 802 37.99 -36.21 34.95
CA PHE E 802 36.93 -35.69 34.11
C PHE E 802 35.84 -35.01 34.91
N SER E 803 36.13 -34.58 36.14
CA SER E 803 35.11 -34.04 37.04
C SER E 803 34.41 -32.82 36.46
N GLN E 804 35.17 -31.95 35.80
CA GLN E 804 34.62 -30.72 35.22
C GLN E 804 33.64 -31.02 34.08
N ILE E 805 34.01 -31.92 33.17
CA ILE E 805 33.13 -32.28 32.06
C ILE E 805 31.98 -33.19 32.50
N LEU E 806 32.19 -34.03 33.50
CA LEU E 806 31.15 -34.96 33.92
C LEU E 806 30.07 -34.24 34.73
N PRO E 807 28.81 -34.72 34.66
CA PRO E 807 27.72 -34.07 35.41
C PRO E 807 27.91 -34.15 36.92
N ASP E 808 27.52 -33.07 37.61
CA ASP E 808 27.70 -32.98 39.04
C ASP E 808 26.41 -33.37 39.73
N PRO E 809 26.42 -34.42 40.54
CA PRO E 809 25.18 -34.84 41.24
C PRO E 809 24.65 -33.84 42.26
N SER E 810 25.54 -33.17 43.00
CA SER E 810 25.14 -32.29 44.10
C SER E 810 24.25 -31.13 43.65
N LYS E 811 24.58 -30.51 42.51
CA LYS E 811 23.71 -29.49 41.94
C LYS E 811 22.38 -30.10 41.51
N PRO E 812 21.26 -29.37 41.65
CA PRO E 812 19.95 -29.95 41.31
C PRO E 812 19.81 -30.40 39.87
N SER E 813 20.27 -29.59 38.92
CA SER E 813 20.36 -30.05 37.54
C SER E 813 21.54 -30.99 37.42
N LYS E 814 21.38 -32.06 36.64
CA LYS E 814 22.50 -32.98 36.37
C LYS E 814 23.33 -32.42 35.23
N ARG E 815 23.96 -31.29 35.50
CA ARG E 815 24.74 -30.56 34.51
C ARG E 815 26.17 -30.44 35.03
N SER E 816 27.12 -30.51 34.12
CA SER E 816 28.53 -30.42 34.50
C SER E 816 28.88 -29.01 34.94
N PRO E 817 29.99 -28.92 35.68
CA PRO E 817 30.48 -27.64 36.21
C PRO E 817 30.83 -26.65 35.10
N ILE E 818 31.52 -27.14 34.06
CA ILE E 818 31.83 -26.30 32.89
C ILE E 818 30.56 -25.89 32.19
N GLU E 819 29.59 -26.82 32.08
CA GLU E 819 28.31 -26.52 31.45
C GLU E 819 27.54 -25.47 32.24
N ASP E 820 27.62 -25.53 33.58
CA ASP E 820 26.98 -24.50 34.40
C ASP E 820 27.61 -23.14 34.15
N LEU E 821 28.95 -23.08 34.01
CA LEU E 821 29.59 -21.82 33.64
C LEU E 821 29.12 -21.32 32.27
N LEU E 822 29.00 -22.24 31.30
CA LEU E 822 28.51 -21.88 29.97
C LEU E 822 27.09 -21.31 30.03
N PHE E 823 26.20 -21.97 30.79
CA PHE E 823 24.82 -21.54 30.89
C PHE E 823 24.69 -20.19 31.59
N ASN E 824 25.46 -19.94 32.65
CA ASN E 824 25.44 -18.61 33.27
C ASN E 824 26.03 -17.54 32.35
N LYS E 825 27.10 -17.87 31.62
CA LYS E 825 27.80 -16.84 30.84
C LYS E 825 27.05 -16.42 29.58
N VAL E 826 26.05 -17.18 29.14
CA VAL E 826 25.22 -16.77 28.01
C VAL E 826 24.00 -16.05 28.56
N THR E 827 23.78 -14.82 28.10
CA THR E 827 22.69 -13.99 28.61
C THR E 827 21.74 -13.58 27.50
N LYS E 854 5.85 -10.03 21.56
CA LYS E 854 5.33 -9.67 22.86
C LYS E 854 3.80 -9.62 22.87
N PHE E 855 3.25 -8.43 22.68
CA PHE E 855 1.81 -8.23 22.78
C PHE E 855 1.14 -8.14 21.41
N ASN E 856 1.88 -8.38 20.33
CA ASN E 856 1.39 -8.17 18.97
C ASN E 856 1.14 -9.46 18.19
N GLY E 857 0.89 -10.55 18.88
CA GLY E 857 0.74 -11.83 18.22
C GLY E 857 2.01 -12.63 18.09
N LEU E 858 3.11 -12.11 18.62
CA LEU E 858 4.37 -12.85 18.67
C LEU E 858 4.34 -13.87 19.79
N THR E 859 4.84 -15.06 19.50
CA THR E 859 4.90 -16.13 20.50
C THR E 859 6.19 -16.89 20.32
N VAL E 860 6.66 -17.53 21.38
CA VAL E 860 7.86 -18.35 21.36
C VAL E 860 7.46 -19.80 21.64
N LEU E 861 7.80 -20.69 20.71
CA LEU E 861 7.53 -22.11 20.88
C LEU E 861 8.66 -22.75 21.67
N PRO E 862 8.35 -23.56 22.68
CA PRO E 862 9.41 -24.27 23.42
C PRO E 862 10.10 -25.28 22.54
N PRO E 863 11.43 -25.43 22.68
CA PRO E 863 12.13 -26.47 21.92
C PRO E 863 11.67 -27.86 22.33
N LEU E 864 11.69 -28.77 21.35
CA LEU E 864 11.23 -30.15 21.59
C LEU E 864 12.06 -30.83 22.67
N LEU E 865 13.38 -30.66 22.61
CA LEU E 865 14.27 -31.26 23.59
C LEU E 865 14.53 -30.25 24.69
N THR E 866 14.33 -30.67 25.94
CA THR E 866 14.64 -29.80 27.07
C THR E 866 16.15 -29.73 27.29
N ASP E 867 16.56 -28.71 28.05
CA ASP E 867 17.97 -28.52 28.37
C ASP E 867 18.53 -29.70 29.17
N GLU E 868 17.71 -30.25 30.09
CA GLU E 868 18.09 -31.43 30.85
C GLU E 868 18.27 -32.63 29.94
N MET E 869 17.41 -32.77 28.93
CA MET E 869 17.55 -33.84 27.95
C MET E 869 18.83 -33.72 27.15
N ILE E 870 19.19 -32.49 26.78
CA ILE E 870 20.44 -32.24 26.05
C ILE E 870 21.64 -32.58 26.93
N ALA E 871 21.55 -32.23 28.21
CA ALA E 871 22.60 -32.58 29.16
C ALA E 871 22.73 -34.09 29.31
N GLN E 872 21.60 -34.80 29.29
CA GLN E 872 21.62 -36.27 29.31
C GLN E 872 22.30 -36.84 28.07
N TYR E 873 22.02 -36.29 26.89
CA TYR E 873 22.72 -36.71 25.67
C TYR E 873 24.22 -36.48 25.73
N THR E 874 24.64 -35.28 26.18
CA THR E 874 26.08 -35.00 26.30
C THR E 874 26.73 -35.89 27.35
N SER E 875 26.03 -36.16 28.45
CA SER E 875 26.52 -37.06 29.49
C SER E 875 26.69 -38.49 28.96
N ALA E 876 25.74 -38.96 28.15
CA ALA E 876 25.84 -40.28 27.54
C ALA E 876 27.01 -40.35 26.56
N LEU E 877 27.19 -39.29 25.76
CA LEU E 877 28.33 -39.24 24.83
C LEU E 877 29.67 -39.24 25.58
N LEU E 878 29.74 -38.48 26.67
CA LEU E 878 30.96 -38.41 27.48
C LEU E 878 31.27 -39.75 28.12
N ALA E 879 30.25 -40.41 28.67
CA ALA E 879 30.44 -41.73 29.28
C ALA E 879 30.87 -42.75 28.24
N GLY E 880 30.27 -42.68 27.04
CA GLY E 880 30.67 -43.57 25.96
C GLY E 880 32.11 -43.37 25.52
N THR E 881 32.55 -42.11 25.39
CA THR E 881 33.93 -41.86 25.02
C THR E 881 34.92 -42.27 26.11
N ILE E 882 34.60 -41.96 27.38
CA ILE E 882 35.52 -42.27 28.48
C ILE E 882 35.65 -43.78 28.69
N THR E 883 34.55 -44.52 28.57
CA THR E 883 34.60 -45.94 28.86
C THR E 883 34.84 -46.82 27.64
N SER E 884 34.35 -46.43 26.47
CA SER E 884 34.46 -47.28 25.29
C SER E 884 35.25 -46.68 24.13
N GLY E 885 35.78 -45.46 24.25
CA GLY E 885 36.46 -44.82 23.12
C GLY E 885 35.55 -44.58 21.93
N TRP E 886 36.00 -45.04 20.76
CA TRP E 886 35.23 -44.87 19.54
C TRP E 886 34.35 -46.07 19.20
N THR E 887 34.37 -47.13 20.02
CA THR E 887 33.60 -48.34 19.70
C THR E 887 32.09 -48.11 19.74
N PHE E 888 31.61 -47.30 20.68
CA PHE E 888 30.16 -47.10 20.84
C PHE E 888 29.55 -46.43 19.60
N GLY E 889 30.28 -45.51 18.98
CA GLY E 889 29.80 -44.90 17.74
C GLY E 889 29.69 -45.89 16.59
N ALA E 890 30.68 -46.77 16.46
CA ALA E 890 30.66 -47.78 15.41
C ALA E 890 29.63 -48.87 15.68
N GLY E 891 29.42 -49.24 16.94
CA GLY E 891 28.56 -50.36 17.26
C GLY E 891 28.44 -50.55 18.75
N ALA E 892 28.45 -51.81 19.20
CA ALA E 892 28.37 -52.11 20.62
C ALA E 892 29.54 -51.50 21.37
N ALA E 893 29.24 -50.89 22.51
CA ALA E 893 30.28 -50.24 23.31
C ALA E 893 31.18 -51.30 23.93
N LEU E 894 32.48 -51.18 23.68
CA LEU E 894 33.46 -52.12 24.18
C LEU E 894 34.26 -51.40 25.25
N GLN E 895 34.23 -51.94 26.46
CA GLN E 895 34.98 -51.30 27.55
C GLN E 895 36.47 -51.47 27.30
N ILE E 896 37.22 -50.42 27.61
CA ILE E 896 38.68 -50.44 27.55
C ILE E 896 39.14 -49.49 28.65
N PRO E 897 40.25 -49.79 29.34
CA PRO E 897 40.81 -48.82 30.28
C PRO E 897 41.27 -47.56 29.55
N PHE E 898 41.04 -46.40 30.19
CA PHE E 898 41.24 -45.10 29.54
C PHE E 898 42.68 -44.89 29.09
N PRO E 899 43.64 -45.36 29.88
CA PRO E 899 45.06 -45.27 29.51
C PRO E 899 45.32 -46.03 28.20
N MET E 900 44.79 -47.25 28.10
CA MET E 900 44.98 -48.03 26.88
C MET E 900 44.29 -47.41 25.67
N GLN E 901 43.06 -46.87 25.85
CA GLN E 901 42.44 -46.20 24.70
C GLN E 901 43.22 -44.95 24.32
N MET E 902 43.84 -44.29 25.31
CA MET E 902 44.60 -43.09 25.03
C MET E 902 45.93 -43.42 24.38
N ALA E 903 46.36 -44.68 24.52
CA ALA E 903 47.56 -45.14 23.85
C ALA E 903 47.22 -45.53 22.42
N TYR E 904 46.00 -46.01 22.21
CA TYR E 904 45.49 -46.21 20.85
C TYR E 904 45.43 -44.87 20.11
N ARG E 905 44.99 -43.81 20.80
CA ARG E 905 44.98 -42.48 20.18
C ARG E 905 46.40 -41.99 19.86
N PHE E 906 47.36 -42.25 20.75
CA PHE E 906 48.75 -41.91 20.39
C PHE E 906 49.20 -42.67 19.15
N ASN E 907 48.84 -43.96 19.04
CA ASN E 907 49.15 -44.72 17.84
C ASN E 907 48.48 -44.14 16.61
N GLY E 908 47.26 -43.59 16.77
CA GLY E 908 46.56 -42.95 15.67
C GLY E 908 47.32 -41.79 15.06
N ILE E 909 47.98 -40.99 15.89
CA ILE E 909 48.72 -39.83 15.42
C ILE E 909 50.19 -40.19 15.13
N GLY E 910 50.52 -41.47 15.18
CA GLY E 910 51.85 -41.90 14.83
C GLY E 910 52.87 -41.93 15.95
N VAL E 911 52.47 -41.73 17.18
CA VAL E 911 53.36 -41.84 18.32
C VAL E 911 53.23 -43.25 18.89
N THR E 912 54.36 -43.83 19.29
CA THR E 912 54.36 -45.18 19.84
C THR E 912 53.71 -45.21 21.22
N GLN E 913 53.04 -46.33 21.48
CA GLN E 913 52.24 -46.55 22.69
C GLN E 913 53.05 -46.46 23.99
N ASN E 914 54.33 -46.84 23.92
CA ASN E 914 55.22 -46.80 25.08
C ASN E 914 55.39 -45.38 25.60
N VAL E 915 55.35 -44.39 24.71
CA VAL E 915 55.50 -42.98 25.07
C VAL E 915 54.42 -42.58 26.05
N LEU E 916 53.17 -42.98 25.78
CA LEU E 916 52.09 -42.70 26.70
C LEU E 916 52.25 -43.45 28.02
N TYR E 917 52.59 -44.74 27.95
CA TYR E 917 52.71 -45.51 29.19
C TYR E 917 53.86 -45.02 30.07
N GLU E 918 54.99 -44.65 29.47
CA GLU E 918 56.14 -44.13 30.20
C GLU E 918 55.83 -42.79 30.88
N ASN E 919 55.06 -41.93 30.21
CA ASN E 919 54.73 -40.60 30.72
C ASN E 919 53.24 -40.46 31.05
N GLN E 920 52.63 -41.46 31.69
CA GLN E 920 51.18 -41.41 31.88
C GLN E 920 50.77 -40.48 33.01
N LYS E 921 51.68 -40.17 33.93
CA LYS E 921 51.36 -39.21 34.97
C LYS E 921 51.51 -37.79 34.45
N LEU E 922 52.56 -37.55 33.67
CA LEU E 922 52.76 -36.24 33.06
C LEU E 922 51.61 -35.92 32.09
N ILE E 923 51.19 -36.92 31.30
CA ILE E 923 50.08 -36.72 30.35
C ILE E 923 48.78 -36.45 31.11
N ALA E 924 48.51 -37.22 32.17
CA ALA E 924 47.30 -37.01 32.96
C ALA E 924 47.30 -35.64 33.65
N ASN E 925 48.45 -35.23 34.18
CA ASN E 925 48.57 -33.91 34.79
C ASN E 925 48.36 -32.80 33.77
N GLN E 926 48.95 -32.95 32.58
CA GLN E 926 48.83 -31.95 31.53
C GLN E 926 47.38 -31.82 31.07
N PHE E 927 46.69 -32.95 30.94
CA PHE E 927 45.26 -32.92 30.57
C PHE E 927 44.42 -32.27 31.66
N ASN E 928 44.68 -32.61 32.93
CA ASN E 928 43.92 -32.05 34.05
C ASN E 928 44.15 -30.55 34.17
N SER E 929 45.40 -30.12 33.99
CA SER E 929 45.75 -28.70 34.00
C SER E 929 45.07 -27.97 32.86
N ALA E 930 45.01 -28.59 31.68
CA ALA E 930 44.37 -27.96 30.54
C ALA E 930 42.87 -27.76 30.76
N ILE E 931 42.19 -28.76 31.36
CA ILE E 931 40.78 -28.62 31.72
C ILE E 931 40.61 -27.52 32.77
N GLY E 932 41.54 -27.44 33.73
CA GLY E 932 41.50 -26.37 34.72
C GLY E 932 41.67 -24.99 34.11
N LYS E 933 42.55 -24.89 33.10
CA LYS E 933 42.72 -23.62 32.40
C LYS E 933 41.43 -23.25 31.67
N ILE E 934 40.73 -24.25 31.11
CA ILE E 934 39.45 -24.00 30.47
C ILE E 934 38.43 -23.47 31.48
N GLN E 935 38.36 -24.06 32.69
CA GLN E 935 37.39 -23.58 33.69
C GLN E 935 37.72 -22.14 34.10
N ASP E 936 39.02 -21.83 34.26
CA ASP E 936 39.43 -20.49 34.65
C ASP E 936 39.08 -19.47 33.57
N SER E 937 39.33 -19.82 32.30
CA SER E 937 39.01 -18.92 31.20
C SER E 937 37.50 -18.69 31.09
N LEU E 938 36.70 -19.74 31.25
CA LEU E 938 35.26 -19.61 31.19
C LEU E 938 34.71 -18.75 32.33
N SER E 939 35.23 -18.97 33.54
CA SER E 939 34.79 -18.16 34.69
C SER E 939 35.20 -16.70 34.55
N SER E 940 36.43 -16.44 34.07
CA SER E 940 36.93 -15.07 33.97
C SER E 940 36.16 -14.23 32.97
N THR E 941 35.86 -14.77 31.79
CA THR E 941 35.25 -14.00 30.71
C THR E 941 34.25 -14.84 29.94
N PRO E 942 33.33 -14.13 29.27
CA PRO E 942 32.27 -14.74 28.47
C PRO E 942 32.40 -14.40 26.99
N SER E 943 33.54 -13.82 26.59
CA SER E 943 33.79 -13.44 25.20
C SER E 943 33.78 -14.64 24.27
N PRO E 944 34.24 -15.80 24.76
CA PRO E 944 34.24 -17.04 23.96
C PRO E 944 32.84 -17.42 23.53
N LEU E 945 31.84 -17.18 24.40
CA LEU E 945 30.45 -17.50 24.11
C LEU E 945 29.77 -16.38 23.33
N GLY E 946 30.58 -15.44 22.82
CA GLY E 946 30.09 -14.31 22.05
C GLY E 946 29.34 -14.72 20.80
N LYS E 947 29.75 -15.82 20.15
CA LYS E 947 29.01 -16.30 18.96
C LYS E 947 27.57 -16.70 19.31
N LEU E 948 27.40 -17.44 20.42
CA LEU E 948 26.06 -17.80 20.87
C LEU E 948 25.28 -16.57 21.33
N GLN E 949 26.00 -15.56 21.80
CA GLN E 949 25.29 -14.38 22.28
C GLN E 949 24.95 -13.48 21.10
N ASP E 950 25.78 -13.49 20.06
CA ASP E 950 25.46 -12.81 18.81
C ASP E 950 24.19 -13.37 18.19
N VAL E 951 24.02 -14.70 18.22
CA VAL E 951 22.81 -15.31 17.67
C VAL E 951 21.57 -14.84 18.46
N VAL E 952 21.67 -14.85 19.80
CA VAL E 952 20.56 -14.39 20.65
C VAL E 952 20.28 -12.90 20.42
N ASN E 953 21.34 -12.09 20.33
CA ASN E 953 21.20 -10.65 20.12
C ASN E 953 20.58 -10.33 18.77
N GLN E 954 20.99 -11.03 17.70
CA GLN E 954 20.42 -10.80 16.37
C GLN E 954 18.93 -11.13 16.35
N ASN E 955 18.54 -12.25 16.97
CA ASN E 955 17.12 -12.61 17.00
C ASN E 955 16.31 -11.59 17.81
N ALA E 956 16.85 -11.16 18.96
CA ALA E 956 16.17 -10.18 19.80
C ALA E 956 16.03 -8.84 19.08
N GLN E 957 17.10 -8.41 18.39
CA GLN E 957 17.07 -7.16 17.64
C GLN E 957 16.05 -7.22 16.50
N ALA E 958 15.97 -8.36 15.81
CA ALA E 958 15.01 -8.52 14.72
C ALA E 958 13.58 -8.44 15.23
N LEU E 959 13.29 -9.10 16.37
CA LEU E 959 11.96 -9.01 16.95
C LEU E 959 11.64 -7.59 17.41
N ASN E 960 12.62 -6.91 18.03
CA ASN E 960 12.41 -5.53 18.47
C ASN E 960 12.14 -4.60 17.31
N THR E 961 12.86 -4.78 16.20
CA THR E 961 12.65 -3.97 15.00
C THR E 961 11.26 -4.20 14.42
N LEU E 962 10.83 -5.47 14.40
CA LEU E 962 9.49 -5.82 13.91
C LEU E 962 8.39 -5.17 14.76
N VAL E 963 8.54 -5.24 16.08
CA VAL E 963 7.57 -4.62 16.98
C VAL E 963 7.59 -3.09 16.85
N LYS E 964 8.79 -2.49 16.73
CA LYS E 964 8.92 -1.04 16.56
C LYS E 964 8.28 -0.54 15.28
N GLN E 965 8.27 -1.35 14.22
CA GLN E 965 7.67 -0.94 12.95
C GLN E 965 6.17 -0.66 13.04
N LEU E 966 5.49 -1.10 14.11
CA LEU E 966 4.08 -0.82 14.30
C LEU E 966 3.82 0.63 14.72
N SER E 967 4.87 1.41 14.97
CA SER E 967 4.76 2.82 15.30
C SER E 967 4.98 3.68 14.08
N SER E 968 5.21 3.05 12.92
CA SER E 968 5.47 3.75 11.67
C SER E 968 4.16 4.00 10.94
N ASN E 969 3.95 5.26 10.56
CA ASN E 969 2.74 5.65 9.82
C ASN E 969 2.66 4.97 8.45
N PHE E 970 3.79 4.84 7.75
CA PHE E 970 3.88 4.32 6.36
C PHE E 970 3.08 5.20 5.40
N GLY E 971 3.08 6.50 5.66
CA GLY E 971 2.35 7.46 4.85
C GLY E 971 0.91 7.68 5.26
N ALA E 972 0.42 6.93 6.24
CA ALA E 972 -0.92 7.12 6.77
C ALA E 972 -0.93 8.27 7.76
N ILE E 973 -2.13 8.76 8.08
CA ILE E 973 -2.28 9.87 9.02
C ILE E 973 -1.79 9.47 10.41
N SER E 974 -2.08 8.25 10.85
CA SER E 974 -1.63 7.79 12.15
C SER E 974 -1.29 6.31 12.10
N SER E 975 -0.38 5.89 12.99
CA SER E 975 -0.06 4.48 13.13
C SER E 975 -1.23 3.69 13.71
N VAL E 976 -1.99 4.30 14.62
CA VAL E 976 -3.10 3.61 15.28
C VAL E 976 -4.25 3.41 14.30
N LEU E 977 -4.71 2.17 14.18
CA LEU E 977 -5.86 1.85 13.33
C LEU E 977 -7.14 2.48 13.87
N ASN E 978 -7.33 2.45 15.19
CA ASN E 978 -8.53 2.96 15.83
C ASN E 978 -8.69 4.46 15.62
N ASP E 979 -7.58 5.20 15.69
CA ASP E 979 -7.61 6.65 15.46
C ASP E 979 -8.08 6.95 14.03
N ILE E 980 -7.57 6.18 13.07
CA ILE E 980 -7.94 6.34 11.67
C ILE E 980 -9.42 6.07 11.48
N LEU E 981 -9.92 5.00 12.09
CA LEU E 981 -11.34 4.65 11.97
C LEU E 981 -12.23 5.69 12.62
N SER E 982 -11.85 6.17 13.80
CA SER E 982 -12.65 7.15 14.51
C SER E 982 -12.69 8.50 13.81
N ARG E 983 -11.56 8.96 13.25
CA ARG E 983 -11.52 10.30 12.69
C ARG E 983 -11.83 10.37 11.20
N LEU E 984 -12.14 9.26 10.54
CA LEU E 984 -12.36 9.26 9.10
C LEU E 984 -13.58 8.43 8.73
N ASP E 985 -14.16 8.77 7.57
CA ASP E 985 -15.27 8.02 7.01
C ASP E 985 -14.71 6.67 6.53
N PRO E 986 -15.56 5.63 6.43
CA PRO E 986 -15.04 4.25 6.11
C PRO E 986 -14.26 4.12 4.80
N PRO E 987 -14.66 4.75 3.66
CA PRO E 987 -13.75 4.63 2.47
C PRO E 987 -12.39 5.29 2.68
N GLU E 988 -12.36 6.49 3.26
CA GLU E 988 -11.09 7.16 3.53
C GLU E 988 -10.28 6.37 4.55
N ALA E 989 -10.98 5.83 5.56
CA ALA E 989 -10.31 5.02 6.57
C ALA E 989 -9.72 3.77 5.93
N GLU E 990 -10.45 3.12 5.01
CA GLU E 990 -9.95 1.92 4.35
C GLU E 990 -8.68 2.24 3.55
N VAL E 991 -8.63 3.42 2.93
CA VAL E 991 -7.45 3.79 2.15
C VAL E 991 -6.23 3.98 3.05
N GLN E 992 -6.41 4.68 4.19
CA GLN E 992 -5.33 4.82 5.17
C GLN E 992 -4.94 3.47 5.77
N ILE E 993 -5.93 2.61 6.07
CA ILE E 993 -5.67 1.28 6.60
C ILE E 993 -4.91 0.44 5.57
N ASP E 994 -5.21 0.61 4.28
CA ASP E 994 -4.47 -0.07 3.22
C ASP E 994 -3.02 0.34 3.21
N ARG E 995 -2.73 1.63 3.42
CA ARG E 995 -1.34 2.08 3.52
C ARG E 995 -0.65 1.43 4.72
N LEU E 996 -1.35 1.38 5.87
CA LEU E 996 -0.79 0.74 7.07
C LEU E 996 -0.56 -0.74 6.87
N ILE E 997 -1.50 -1.44 6.24
CA ILE E 997 -1.38 -2.87 5.99
C ILE E 997 -0.22 -3.16 5.05
N THR E 998 -0.05 -2.33 4.02
CA THR E 998 1.05 -2.50 3.09
C THR E 998 2.39 -2.36 3.80
N GLY E 999 2.52 -1.33 4.65
CA GLY E 999 3.75 -1.15 5.39
C GLY E 999 4.02 -2.27 6.39
N ARG E 1000 2.99 -2.68 7.14
CA ARG E 1000 3.14 -3.74 8.14
C ARG E 1000 3.46 -5.08 7.49
N LEU E 1001 2.81 -5.38 6.35
CA LEU E 1001 3.07 -6.61 5.62
C LEU E 1001 4.49 -6.63 5.06
N GLN E 1002 4.96 -5.48 4.54
CA GLN E 1002 6.34 -5.39 4.07
C GLN E 1002 7.34 -5.60 5.21
N SER E 1003 7.05 -5.03 6.37
CA SER E 1003 7.91 -5.21 7.55
C SER E 1003 7.95 -6.67 8.00
N LEU E 1004 6.79 -7.32 8.03
CA LEU E 1004 6.72 -8.73 8.41
C LEU E 1004 7.44 -9.62 7.41
N GLN E 1005 7.29 -9.34 6.11
CA GLN E 1005 7.96 -10.12 5.08
C GLN E 1005 9.48 -9.96 5.17
N THR E 1006 9.93 -8.74 5.48
CA THR E 1006 11.35 -8.49 5.68
C THR E 1006 11.87 -9.30 6.86
N TYR E 1007 11.12 -9.34 7.95
CA TYR E 1007 11.51 -10.14 9.11
C TYR E 1007 11.59 -11.62 8.78
N VAL E 1008 10.61 -12.14 8.06
CA VAL E 1008 10.57 -13.56 7.71
C VAL E 1008 11.72 -13.93 6.79
N THR E 1009 12.02 -13.09 5.79
CA THR E 1009 13.14 -13.33 4.88
C THR E 1009 14.48 -13.32 5.63
N GLN E 1010 14.66 -12.37 6.55
CA GLN E 1010 15.88 -12.31 7.35
C GLN E 1010 16.01 -13.54 8.23
N GLN E 1011 14.90 -14.00 8.82
CA GLN E 1011 14.92 -15.20 9.63
C GLN E 1011 15.25 -16.44 8.81
N LEU E 1012 14.77 -16.51 7.57
CA LEU E 1012 15.10 -17.63 6.70
C LEU E 1012 16.59 -17.66 6.35
N ILE E 1013 17.19 -16.49 6.07
CA ILE E 1013 18.62 -16.42 5.80
C ILE E 1013 19.43 -16.80 7.06
N ARG E 1014 19.00 -16.29 8.22
CA ARG E 1014 19.63 -16.63 9.49
C ARG E 1014 19.50 -18.13 9.77
N ALA E 1015 18.34 -18.71 9.44
CA ALA E 1015 18.09 -20.13 9.65
C ALA E 1015 19.00 -20.97 8.79
N ALA E 1016 19.23 -20.56 7.53
CA ALA E 1016 20.14 -21.31 6.68
C ALA E 1016 21.58 -21.28 7.21
N GLU E 1017 22.01 -20.11 7.71
CA GLU E 1017 23.35 -20.02 8.30
C GLU E 1017 23.47 -20.86 9.58
N ILE E 1018 22.45 -20.82 10.44
CA ILE E 1018 22.43 -21.62 11.66
C ILE E 1018 22.39 -23.11 11.34
N ARG E 1019 21.64 -23.49 10.29
CA ARG E 1019 21.59 -24.89 9.88
C ARG E 1019 22.95 -25.37 9.40
N ALA E 1020 23.68 -24.54 8.65
CA ALA E 1020 25.03 -24.90 8.24
C ALA E 1020 25.94 -25.07 9.46
N SER E 1021 25.80 -24.19 10.46
CA SER E 1021 26.56 -24.32 11.70
C SER E 1021 26.22 -25.62 12.45
N ALA E 1022 24.92 -25.96 12.51
CA ALA E 1022 24.47 -27.19 13.15
C ALA E 1022 24.94 -28.44 12.40
N ASN E 1023 24.94 -28.40 11.05
CA ASN E 1023 25.46 -29.51 10.27
C ASN E 1023 26.95 -29.70 10.55
N LEU E 1024 27.68 -28.59 10.67
CA LEU E 1024 29.09 -28.66 11.02
C LEU E 1024 29.28 -29.24 12.42
N ALA E 1025 28.43 -28.82 13.36
CA ALA E 1025 28.50 -29.34 14.74
C ALA E 1025 28.18 -30.84 14.80
N ALA E 1026 27.21 -31.29 14.01
CA ALA E 1026 26.89 -32.72 13.94
C ALA E 1026 28.06 -33.50 13.35
N THR E 1027 28.69 -32.95 12.31
CA THR E 1027 29.86 -33.58 11.71
C THR E 1027 31.02 -33.65 12.69
N LYS E 1028 31.23 -32.59 13.49
CA LYS E 1028 32.25 -32.61 14.53
C LYS E 1028 31.92 -33.60 15.65
N MET E 1029 30.63 -33.72 16.02
CA MET E 1029 30.22 -34.70 17.00
C MET E 1029 30.53 -36.12 16.53
N SER E 1030 30.30 -36.39 15.25
CA SER E 1030 30.63 -37.70 14.70
C SER E 1030 32.14 -37.90 14.55
N GLU E 1031 32.87 -36.90 14.08
CA GLU E 1031 34.26 -37.12 13.71
C GLU E 1031 35.28 -36.80 14.78
N CYS E 1032 34.92 -36.10 15.85
CA CYS E 1032 35.85 -35.70 16.90
C CYS E 1032 35.55 -36.38 18.23
N VAL E 1033 34.29 -36.33 18.67
CA VAL E 1033 33.89 -37.04 19.89
C VAL E 1033 33.75 -38.54 19.65
N LEU E 1034 33.03 -38.92 18.59
CA LEU E 1034 32.74 -40.33 18.33
C LEU E 1034 33.95 -41.08 17.77
N GLY E 1035 34.92 -40.36 17.19
CA GLY E 1035 36.10 -41.01 16.65
C GLY E 1035 37.28 -40.05 16.64
N GLN E 1036 38.46 -40.61 16.45
CA GLN E 1036 39.65 -39.80 16.27
C GLN E 1036 39.72 -39.36 14.81
N SER E 1037 40.05 -38.09 14.58
CA SER E 1037 40.06 -37.50 13.24
C SER E 1037 41.48 -37.25 12.76
N LYS E 1038 41.75 -37.63 11.51
CA LYS E 1038 43.01 -37.33 10.87
C LYS E 1038 42.97 -36.04 10.06
N ARG E 1039 41.80 -35.41 9.95
CA ARG E 1039 41.70 -34.13 9.25
C ARG E 1039 42.41 -33.03 10.04
N VAL E 1040 43.19 -32.22 9.33
CA VAL E 1040 44.00 -31.19 9.98
C VAL E 1040 43.13 -29.97 10.23
N ASP E 1041 43.03 -29.57 11.51
CA ASP E 1041 42.37 -28.39 12.12
C ASP E 1041 40.88 -28.61 12.30
N PHE E 1042 40.33 -29.76 11.89
CA PHE E 1042 38.90 -30.00 12.06
C PHE E 1042 38.53 -30.10 13.54
N CYS E 1043 39.37 -30.72 14.36
CA CYS E 1043 39.07 -30.92 15.77
C CYS E 1043 40.24 -30.42 16.61
N GLY E 1044 40.38 -29.10 16.70
CA GLY E 1044 41.45 -28.48 17.47
C GLY E 1044 42.70 -28.22 16.65
N LYS E 1045 43.67 -27.59 17.31
CA LYS E 1045 44.94 -27.24 16.69
C LYS E 1045 45.98 -28.24 17.17
N GLY E 1046 46.69 -28.85 16.24
CA GLY E 1046 47.57 -29.95 16.58
C GLY E 1046 46.92 -31.27 16.21
N TYR E 1047 47.63 -32.35 16.50
CA TYR E 1047 47.13 -33.67 16.16
C TYR E 1047 46.03 -34.07 17.13
N HIS E 1048 44.87 -34.41 16.58
CA HIS E 1048 43.69 -34.66 17.40
C HIS E 1048 43.78 -36.01 18.10
N LEU E 1049 43.49 -36.00 19.41
CA LEU E 1049 43.42 -37.21 20.19
C LEU E 1049 41.98 -37.62 20.48
N MET E 1050 41.21 -36.72 21.07
CA MET E 1050 39.81 -36.97 21.42
C MET E 1050 39.16 -35.63 21.68
N SER E 1051 37.83 -35.60 21.60
CA SER E 1051 37.09 -34.38 21.87
C SER E 1051 35.90 -34.68 22.77
N PHE E 1052 35.58 -33.71 23.64
CA PHE E 1052 34.48 -33.85 24.57
C PHE E 1052 33.40 -32.80 24.29
N PRO E 1053 32.14 -33.21 24.21
CA PRO E 1053 31.05 -32.25 24.04
C PRO E 1053 30.51 -31.70 25.36
N GLN E 1054 30.23 -30.41 25.36
CA GLN E 1054 29.55 -29.77 26.48
C GLN E 1054 28.35 -29.01 25.98
N SER E 1055 27.20 -29.25 26.62
CA SER E 1055 25.98 -28.55 26.29
C SER E 1055 26.08 -27.06 26.59
N ALA E 1056 25.55 -26.24 25.70
CA ALA E 1056 25.55 -24.80 25.82
C ALA E 1056 24.18 -24.31 25.41
N PRO E 1057 23.77 -23.11 25.82
CA PRO E 1057 22.44 -22.61 25.41
C PRO E 1057 22.40 -22.36 23.91
N HIS E 1058 21.54 -23.11 23.22
CA HIS E 1058 21.32 -23.04 21.77
C HIS E 1058 22.59 -23.36 20.98
N GLY E 1059 23.49 -24.15 21.57
CA GLY E 1059 24.78 -24.40 20.95
C GLY E 1059 25.45 -25.57 21.63
N VAL E 1060 26.64 -25.91 21.10
CA VAL E 1060 27.45 -26.97 21.67
C VAL E 1060 28.88 -26.43 21.80
N VAL E 1061 29.57 -26.86 22.84
CA VAL E 1061 30.96 -26.51 23.08
C VAL E 1061 31.79 -27.79 23.00
N PHE E 1062 32.73 -27.83 22.06
CA PHE E 1062 33.63 -28.97 21.90
C PHE E 1062 34.95 -28.67 22.59
N LEU E 1063 35.34 -29.53 23.53
CA LEU E 1063 36.66 -29.46 24.14
C LEU E 1063 37.57 -30.42 23.39
N HIS E 1064 38.38 -29.89 22.48
CA HIS E 1064 39.27 -30.71 21.67
C HIS E 1064 40.57 -30.93 22.42
N VAL E 1065 40.98 -32.20 22.55
CA VAL E 1065 42.26 -32.54 23.15
C VAL E 1065 43.22 -32.86 22.02
N THR E 1066 44.36 -32.17 22.02
CA THR E 1066 45.33 -32.35 20.95
C THR E 1066 46.71 -32.60 21.54
N TYR E 1067 47.53 -33.25 20.73
CA TYR E 1067 48.92 -33.53 21.05
C TYR E 1067 49.73 -32.47 20.29
N VAL E 1068 50.49 -31.65 21.02
CA VAL E 1068 51.29 -30.62 20.39
C VAL E 1068 52.76 -30.91 20.67
N PRO E 1069 53.58 -31.03 19.62
CA PRO E 1069 55.04 -31.16 19.81
C PRO E 1069 55.62 -29.94 20.52
N ALA E 1070 56.55 -30.18 21.45
CA ALA E 1070 57.01 -29.09 22.30
C ALA E 1070 58.45 -28.63 22.08
N GLN E 1071 59.45 -29.48 22.33
CA GLN E 1071 60.85 -29.05 22.28
C GLN E 1071 61.61 -29.81 21.21
N GLU E 1072 62.04 -29.10 20.18
CA GLU E 1072 62.67 -29.70 19.01
C GLU E 1072 64.18 -29.57 19.09
N LYS E 1073 64.87 -30.64 18.73
CA LYS E 1073 66.32 -30.64 18.62
C LYS E 1073 66.70 -30.88 17.17
N ASN E 1074 67.64 -30.09 16.66
CA ASN E 1074 68.17 -30.31 15.32
C ASN E 1074 69.02 -31.58 15.29
N PHE E 1075 68.91 -32.32 14.19
CA PHE E 1075 69.69 -33.52 13.97
C PHE E 1075 70.10 -33.62 12.50
N THR E 1076 71.21 -34.30 12.26
CA THR E 1076 71.61 -34.64 10.90
C THR E 1076 70.81 -35.86 10.44
N THR E 1077 70.49 -35.90 9.15
CA THR E 1077 69.64 -36.95 8.61
C THR E 1077 70.14 -37.39 7.24
N ALA E 1078 69.86 -38.66 6.93
CA ALA E 1078 70.16 -39.27 5.66
C ALA E 1078 68.97 -40.10 5.20
N PRO E 1079 68.68 -40.14 3.90
CA PRO E 1079 67.51 -40.89 3.43
C PRO E 1079 67.67 -42.39 3.58
N ALA E 1080 68.87 -42.91 3.32
CA ALA E 1080 69.12 -44.33 3.43
C ALA E 1080 70.50 -44.52 4.04
N ILE E 1081 70.75 -45.72 4.56
CA ILE E 1081 72.04 -46.08 5.12
C ILE E 1081 72.61 -47.27 4.35
N CYS E 1082 73.88 -47.14 3.96
CA CYS E 1082 74.58 -48.17 3.19
C CYS E 1082 75.44 -48.98 4.15
N HIS E 1083 75.21 -50.30 4.21
CA HIS E 1083 75.96 -51.14 5.13
C HIS E 1083 76.81 -52.19 4.43
N ASP E 1084 76.22 -53.06 3.60
CA ASP E 1084 76.95 -54.13 2.93
C ASP E 1084 76.83 -54.01 1.42
N GLY E 1085 76.75 -52.79 0.91
CA GLY E 1085 76.52 -52.56 -0.49
C GLY E 1085 75.06 -52.55 -0.87
N LYS E 1086 74.16 -52.66 0.09
CA LYS E 1086 72.72 -52.58 -0.14
C LYS E 1086 72.15 -51.44 0.70
N ALA E 1087 71.31 -50.62 0.07
CA ALA E 1087 70.65 -49.51 0.76
C ALA E 1087 69.64 -50.01 1.79
N HIS E 1088 69.59 -49.34 2.94
CA HIS E 1088 68.66 -49.66 4.00
C HIS E 1088 67.74 -48.47 4.26
N PHE E 1089 66.44 -48.74 4.34
CA PHE E 1089 65.48 -47.67 4.59
C PHE E 1089 64.70 -48.00 5.85
N PRO E 1090 64.18 -47.02 6.58
CA PRO E 1090 63.54 -47.33 7.86
C PRO E 1090 62.07 -47.69 7.72
N ARG E 1091 61.69 -48.92 8.12
CA ARG E 1091 60.30 -49.41 8.00
C ARG E 1091 59.32 -48.41 8.58
N GLU E 1092 59.67 -47.85 9.73
CA GLU E 1092 58.99 -46.73 10.36
C GLU E 1092 60.12 -45.82 10.83
N GLY E 1093 59.83 -44.54 10.97
CA GLY E 1093 60.81 -43.66 11.56
C GLY E 1093 61.64 -42.86 10.58
N VAL E 1094 62.79 -42.41 11.07
CA VAL E 1094 63.75 -41.66 10.27
C VAL E 1094 65.15 -41.82 10.89
N PHE E 1095 66.17 -41.84 10.04
CA PHE E 1095 67.55 -41.90 10.50
C PHE E 1095 67.99 -40.55 11.05
N VAL E 1096 68.60 -40.57 12.23
CA VAL E 1096 69.06 -39.35 12.89
C VAL E 1096 70.49 -39.53 13.35
N SER E 1097 71.24 -38.45 13.32
CA SER E 1097 72.63 -38.44 13.79
C SER E 1097 72.79 -37.41 14.89
N ASN E 1098 73.42 -37.81 15.98
CA ASN E 1098 73.81 -36.89 17.05
C ASN E 1098 75.16 -36.24 16.75
N GLY E 1099 75.75 -36.55 15.60
CA GLY E 1099 77.03 -36.06 15.17
C GLY E 1099 78.16 -37.07 15.30
N THR E 1100 77.98 -38.10 16.13
CA THR E 1100 78.93 -39.19 16.24
C THR E 1100 78.34 -40.55 15.95
N HIS E 1101 77.02 -40.73 16.08
CA HIS E 1101 76.38 -42.02 15.92
C HIS E 1101 75.07 -41.84 15.16
N TRP E 1102 74.65 -42.88 14.46
CA TRP E 1102 73.42 -42.87 13.69
C TRP E 1102 72.37 -43.74 14.38
N PHE E 1103 71.16 -43.21 14.48
CA PHE E 1103 70.05 -43.89 15.14
C PHE E 1103 68.80 -43.75 14.28
N VAL E 1104 67.83 -44.62 14.55
CA VAL E 1104 66.51 -44.52 13.95
C VAL E 1104 65.50 -44.20 15.05
N THR E 1105 64.73 -43.14 14.84
CA THR E 1105 63.73 -42.72 15.81
C THR E 1105 62.41 -42.51 15.09
N GLN E 1106 61.32 -42.70 15.83
CA GLN E 1106 60.00 -42.32 15.33
C GLN E 1106 59.96 -40.81 15.11
N ARG E 1107 59.23 -40.41 14.07
CA ARG E 1107 59.22 -39.03 13.59
C ARG E 1107 58.71 -38.04 14.64
N ASN E 1108 57.53 -38.31 15.21
CA ASN E 1108 56.87 -37.33 16.08
C ASN E 1108 57.59 -37.13 17.42
N PHE E 1109 58.17 -38.19 17.99
CA PHE E 1109 58.80 -38.13 19.31
C PHE E 1109 60.21 -38.70 19.23
N TYR E 1110 61.17 -38.05 19.89
CA TYR E 1110 62.56 -38.48 19.75
C TYR E 1110 62.82 -39.68 20.66
N GLU E 1111 63.09 -40.83 20.04
CA GLU E 1111 63.43 -42.07 20.75
C GLU E 1111 64.50 -42.81 19.96
N PRO E 1112 65.77 -42.38 20.08
CA PRO E 1112 66.84 -42.99 19.27
C PRO E 1112 67.03 -44.47 19.59
N GLN E 1113 67.15 -45.27 18.53
CA GLN E 1113 67.30 -46.70 18.65
C GLN E 1113 68.38 -47.18 17.70
N ILE E 1114 69.02 -48.29 18.06
CA ILE E 1114 70.07 -48.88 17.24
C ILE E 1114 69.47 -49.33 15.92
N ILE E 1115 70.14 -48.99 14.82
CA ILE E 1115 69.71 -49.40 13.50
C ILE E 1115 69.91 -50.89 13.35
N THR E 1116 68.84 -51.61 12.98
CA THR E 1116 68.84 -53.06 12.93
C THR E 1116 68.02 -53.51 11.73
N THR E 1117 68.19 -54.80 11.40
CA THR E 1117 67.46 -55.41 10.29
C THR E 1117 65.96 -55.39 10.52
N ASP E 1118 65.54 -55.59 11.77
CA ASP E 1118 64.12 -55.46 12.11
C ASP E 1118 63.64 -54.02 11.92
N ASN E 1119 64.48 -53.05 12.32
CA ASN E 1119 64.15 -51.64 12.19
C ASN E 1119 64.06 -51.19 10.73
N THR E 1120 64.89 -51.75 9.86
CA THR E 1120 65.04 -51.23 8.50
C THR E 1120 64.87 -52.31 7.44
N PHE E 1121 64.05 -52.02 6.42
CA PHE E 1121 63.99 -52.91 5.27
C PHE E 1121 65.06 -52.53 4.25
N VAL E 1122 65.42 -53.49 3.40
CA VAL E 1122 66.51 -53.35 2.45
C VAL E 1122 65.94 -53.24 1.03
N SER E 1123 66.39 -52.23 0.29
CA SER E 1123 66.03 -52.07 -1.11
C SER E 1123 67.25 -51.74 -1.96
N GLY E 1124 67.48 -52.52 -3.01
CA GLY E 1124 68.50 -52.25 -4.02
C GLY E 1124 69.92 -52.13 -3.50
N ASN E 1125 70.62 -51.11 -4.01
CA ASN E 1125 72.03 -50.89 -3.72
C ASN E 1125 72.26 -49.43 -3.36
N CYS E 1126 73.47 -49.17 -2.83
CA CYS E 1126 73.85 -47.86 -2.30
C CYS E 1126 73.95 -46.79 -3.38
N ASP E 1127 74.29 -47.18 -4.62
CA ASP E 1127 74.59 -46.23 -5.69
C ASP E 1127 73.40 -45.33 -6.06
N VAL E 1128 72.19 -45.90 -6.13
CA VAL E 1128 71.01 -45.18 -6.62
C VAL E 1128 70.63 -44.02 -5.71
N VAL E 1129 70.63 -44.23 -4.39
CA VAL E 1129 70.16 -43.23 -3.44
C VAL E 1129 71.13 -42.05 -3.38
N ILE E 1130 70.58 -40.83 -3.25
CA ILE E 1130 71.37 -39.60 -3.14
C ILE E 1130 71.34 -39.15 -1.69
N GLY E 1131 72.52 -38.93 -1.11
CA GLY E 1131 72.65 -38.59 0.29
C GLY E 1131 72.77 -39.76 1.23
N ILE E 1132 72.85 -40.98 0.72
CA ILE E 1132 73.03 -42.18 1.55
C ILE E 1132 74.37 -42.11 2.29
N VAL E 1133 74.36 -42.52 3.55
CA VAL E 1133 75.55 -42.46 4.40
C VAL E 1133 75.94 -43.87 4.84
N ASN E 1134 77.24 -44.13 4.84
CA ASN E 1134 77.75 -45.43 5.29
C ASN E 1134 77.61 -45.55 6.80
N ASN E 1135 77.02 -46.65 7.25
CA ASN E 1135 76.85 -46.95 8.66
C ASN E 1135 76.54 -48.43 8.79
N THR E 1136 76.63 -48.94 10.01
CA THR E 1136 76.44 -50.37 10.26
C THR E 1136 75.01 -50.67 10.68
N VAL E 1137 74.42 -51.67 10.02
CA VAL E 1137 73.10 -52.18 10.37
C VAL E 1137 73.33 -53.46 11.17
N TYR E 1138 72.97 -53.43 12.44
CA TYR E 1138 73.21 -54.58 13.32
C TYR E 1138 72.21 -55.68 13.01
N ASP E 1139 72.67 -56.92 13.04
CA ASP E 1139 71.77 -58.05 12.85
C ASP E 1139 71.66 -58.79 14.17
N PRO E 1140 70.45 -58.97 14.72
CA PRO E 1140 70.30 -59.71 15.99
C PRO E 1140 70.72 -61.17 15.93
N LEU E 1141 70.55 -61.82 14.77
CA LEU E 1141 70.86 -63.23 14.62
C LEU E 1141 72.36 -63.51 14.82
N GLN E 1142 73.22 -62.60 14.37
CA GLN E 1142 74.67 -62.81 14.41
C GLN E 1142 75.27 -63.00 15.81
N PRO E 1143 74.96 -62.20 16.85
CA PRO E 1143 75.48 -62.55 18.19
C PRO E 1143 74.98 -63.88 18.72
N GLU E 1144 73.73 -64.23 18.45
CA GLU E 1144 73.21 -65.54 18.85
C GLU E 1144 73.99 -66.66 18.18
N LEU E 1145 74.33 -66.50 16.90
CA LEU E 1145 75.19 -67.46 16.22
C LEU E 1145 76.58 -67.50 16.83
N ASP E 1146 77.13 -66.33 17.21
CA ASP E 1146 78.44 -66.27 17.83
C ASP E 1146 78.47 -67.02 19.16
N SER E 1147 77.41 -66.90 19.96
CA SER E 1147 77.29 -67.58 21.24
C SER E 1147 77.25 -69.10 21.08
N ALA F 27 8.67 -2.09 -58.70
CA ALA F 27 10.01 -2.34 -58.17
C ALA F 27 10.02 -2.25 -56.65
N TYR F 28 10.72 -3.17 -56.00
CA TYR F 28 10.85 -3.19 -54.55
C TYR F 28 12.31 -3.36 -54.17
N THR F 29 12.71 -2.65 -53.11
CA THR F 29 14.08 -2.65 -52.59
C THR F 29 14.03 -2.79 -51.08
N ASN F 30 14.89 -3.65 -50.53
CA ASN F 30 14.93 -3.83 -49.09
C ASN F 30 15.41 -2.57 -48.37
N SER F 31 14.86 -2.35 -47.18
CA SER F 31 15.21 -1.17 -46.40
C SER F 31 16.64 -1.19 -45.87
N PHE F 32 17.30 -2.35 -45.86
CA PHE F 32 18.65 -2.59 -45.32
C PHE F 32 18.60 -2.18 -43.84
N THR F 33 19.52 -1.35 -43.37
CA THR F 33 19.51 -0.84 -42.00
C THR F 33 18.93 0.57 -41.90
N ARG F 34 18.34 1.08 -42.98
CA ARG F 34 17.74 2.40 -42.98
C ARG F 34 16.39 2.39 -42.27
N GLY F 35 15.86 3.58 -41.99
CA GLY F 35 14.56 3.70 -41.37
C GLY F 35 14.50 4.09 -39.91
N VAL F 36 15.59 4.54 -39.32
CA VAL F 36 15.64 4.88 -37.90
C VAL F 36 15.79 6.39 -37.77
N TYR F 37 15.12 6.96 -36.77
CA TYR F 37 15.19 8.37 -36.42
C TYR F 37 15.46 8.47 -34.93
N TYR F 38 15.99 9.63 -34.51
CA TYR F 38 16.38 9.82 -33.12
C TYR F 38 15.16 9.69 -32.22
N PRO F 39 15.22 8.88 -31.15
CA PRO F 39 14.02 8.63 -30.33
C PRO F 39 13.52 9.85 -29.58
N ASP F 40 14.42 10.66 -29.04
CA ASP F 40 14.03 11.78 -28.21
C ASP F 40 15.15 12.80 -28.25
N LYS F 41 14.85 13.99 -27.72
CA LYS F 41 15.79 15.10 -27.73
C LYS F 41 17.04 14.83 -26.88
N VAL F 42 16.92 13.98 -25.85
CA VAL F 42 18.00 13.73 -24.88
C VAL F 42 19.30 13.25 -25.55
N PHE F 43 20.43 13.79 -25.09
CA PHE F 43 21.74 13.39 -25.58
C PHE F 43 22.16 12.14 -24.82
N ARG F 44 22.58 11.11 -25.56
CA ARG F 44 23.05 9.87 -24.95
C ARG F 44 24.39 9.48 -25.55
N SER F 45 25.36 9.17 -24.69
CA SER F 45 26.70 8.77 -25.11
C SER F 45 27.13 7.52 -24.38
N SER F 46 27.74 6.59 -25.13
CA SER F 46 28.32 5.33 -24.63
C SER F 46 27.31 4.49 -23.84
N VAL F 47 26.08 4.45 -24.35
CA VAL F 47 25.00 3.72 -23.69
C VAL F 47 24.18 3.06 -24.81
N LEU F 48 23.53 1.94 -24.48
CA LEU F 48 22.64 1.27 -25.42
C LEU F 48 21.22 1.51 -24.93
N HIS F 49 20.39 2.14 -25.77
CA HIS F 49 19.05 2.56 -25.38
C HIS F 49 17.99 1.91 -26.26
N SER F 50 16.97 1.32 -25.62
CA SER F 50 15.86 0.69 -26.31
C SER F 50 14.63 1.57 -26.30
N THR F 51 14.06 1.82 -27.49
CA THR F 51 12.90 2.69 -27.64
C THR F 51 11.79 1.99 -28.43
N GLN F 52 10.56 2.07 -27.92
CA GLN F 52 9.38 1.55 -28.61
C GLN F 52 8.62 2.72 -29.23
N ASP F 53 8.79 2.93 -30.54
CA ASP F 53 8.07 3.96 -31.26
C ASP F 53 7.69 3.40 -32.64
N LEU F 54 7.06 4.21 -33.48
CA LEU F 54 6.73 3.80 -34.84
C LEU F 54 7.97 4.00 -35.71
N PHE F 55 8.55 2.90 -36.18
CA PHE F 55 9.79 2.96 -36.96
C PHE F 55 9.66 2.15 -38.25
N LEU F 56 10.68 2.27 -39.11
CA LEU F 56 10.64 1.49 -40.34
C LEU F 56 11.42 0.18 -40.16
N PRO F 57 10.81 -0.97 -40.47
CA PRO F 57 11.50 -2.26 -40.27
C PRO F 57 12.76 -2.41 -41.11
N PHE F 58 13.80 -2.99 -40.50
CA PHE F 58 15.03 -3.31 -41.21
C PHE F 58 14.78 -4.38 -42.25
N PHE F 59 15.43 -4.21 -43.42
CA PHE F 59 15.41 -5.16 -44.54
C PHE F 59 13.99 -5.49 -44.99
N SER F 60 13.14 -4.47 -45.05
CA SER F 60 11.77 -4.61 -45.51
C SER F 60 11.62 -3.91 -46.84
N ASN F 61 10.96 -4.58 -47.79
CA ASN F 61 10.80 -4.04 -49.14
C ASN F 61 9.98 -2.75 -49.12
N VAL F 62 10.48 -1.74 -49.83
CA VAL F 62 9.86 -0.42 -49.90
C VAL F 62 9.62 -0.13 -51.37
N THR F 63 8.40 0.32 -51.69
CA THR F 63 8.00 0.60 -53.06
C THR F 63 8.92 1.62 -53.71
N TRP F 64 9.29 1.35 -54.97
CA TRP F 64 10.19 2.19 -55.74
C TRP F 64 9.44 2.82 -56.90
N PHE F 65 9.51 4.15 -57.00
CA PHE F 65 8.89 4.91 -58.08
C PHE F 65 9.97 5.69 -58.81
N HIS F 66 10.01 5.53 -60.13
CA HIS F 66 10.98 6.24 -60.97
C HIS F 66 10.22 6.94 -62.08
N ALA F 67 10.65 8.16 -62.43
CA ALA F 67 10.02 8.96 -63.48
C ALA F 67 11.08 9.46 -64.45
N ILE F 68 11.56 8.59 -65.33
CA ILE F 68 12.52 8.94 -66.36
C ILE F 68 11.91 8.60 -67.71
N HIS F 69 11.90 9.60 -68.61
CA HIS F 69 11.45 9.49 -70.01
C HIS F 69 9.95 9.21 -70.11
N ASP F 80 5.68 10.67 -61.93
CA ASP F 80 5.26 9.45 -61.23
C ASP F 80 5.09 9.70 -59.74
N ASN F 81 3.98 10.32 -59.35
CA ASN F 81 3.67 10.58 -57.94
C ASN F 81 2.25 10.17 -57.58
N PRO F 82 1.96 8.86 -57.54
CA PRO F 82 0.62 8.42 -57.14
C PRO F 82 0.37 8.64 -55.66
N VAL F 83 -0.91 8.84 -55.31
CA VAL F 83 -1.30 8.94 -53.91
C VAL F 83 -1.02 7.63 -53.19
N LEU F 84 -0.43 7.74 -52.00
CA LEU F 84 -0.05 6.58 -51.20
C LEU F 84 -0.64 6.73 -49.80
N PRO F 85 -1.24 5.68 -49.22
CA PRO F 85 -1.92 5.81 -47.92
C PRO F 85 -0.92 6.05 -46.80
N PHE F 86 -1.24 7.03 -45.94
CA PHE F 86 -0.35 7.38 -44.84
C PHE F 86 -0.20 6.23 -43.84
N ASN F 87 -1.33 5.56 -43.50
CA ASN F 87 -1.43 4.43 -42.54
C ASN F 87 -0.71 4.74 -41.22
N ASP F 88 -0.93 5.96 -40.71
CA ASP F 88 -0.42 6.60 -39.49
C ASP F 88 1.06 6.98 -39.66
N GLY F 89 1.90 6.04 -40.08
CA GLY F 89 3.32 6.29 -40.22
C GLY F 89 3.91 6.10 -41.61
N VAL F 90 4.65 7.08 -42.11
CA VAL F 90 5.31 7.03 -43.42
C VAL F 90 6.77 7.46 -43.30
N TYR F 91 7.64 6.79 -44.04
CA TYR F 91 9.05 7.13 -44.15
C TYR F 91 9.28 7.46 -45.61
N PHE F 92 10.07 8.50 -45.88
CA PHE F 92 10.32 8.94 -47.24
C PHE F 92 11.82 9.06 -47.46
N ALA F 93 12.33 8.46 -48.54
CA ALA F 93 13.71 8.62 -48.95
C ALA F 93 13.75 9.19 -50.37
N SER F 94 14.48 10.29 -50.55
CA SER F 94 14.60 10.98 -51.83
C SER F 94 16.01 10.80 -52.37
N THR F 95 16.13 10.36 -53.62
CA THR F 95 17.42 10.06 -54.26
C THR F 95 17.52 10.78 -55.61
N GLU F 96 18.17 11.95 -55.62
CA GLU F 96 18.22 12.81 -56.80
C GLU F 96 19.62 13.40 -57.04
N LYS F 97 20.08 13.34 -58.29
CA LYS F 97 21.35 13.98 -58.66
C LYS F 97 21.27 15.50 -58.65
N SER F 98 20.21 16.06 -59.25
CA SER F 98 20.09 17.50 -59.47
C SER F 98 19.26 18.26 -58.45
N ASN F 99 18.67 17.57 -57.45
CA ASN F 99 17.78 18.13 -56.42
C ASN F 99 16.46 18.63 -56.99
N ILE F 100 16.09 18.16 -58.19
CA ILE F 100 14.87 18.60 -58.86
C ILE F 100 13.62 18.22 -58.06
N ILE F 101 13.62 17.03 -57.48
CA ILE F 101 12.51 16.57 -56.65
C ILE F 101 12.78 17.03 -55.20
N ARG F 102 12.10 18.10 -54.81
CA ARG F 102 12.25 18.66 -53.47
C ARG F 102 10.93 18.87 -52.75
N GLY F 103 9.81 18.45 -53.32
CA GLY F 103 8.53 18.76 -52.71
C GLY F 103 7.75 17.54 -52.29
N TRP F 104 7.23 17.56 -51.05
CA TRP F 104 6.42 16.46 -50.53
C TRP F 104 5.12 17.02 -49.97
N ILE F 105 4.06 16.98 -50.78
CA ILE F 105 2.73 17.44 -50.35
C ILE F 105 1.97 16.27 -49.71
N PHE F 106 1.47 16.50 -48.50
CA PHE F 106 0.66 15.51 -47.81
C PHE F 106 -0.70 16.10 -47.46
N GLY F 107 -1.76 15.41 -47.87
CA GLY F 107 -3.10 15.82 -47.52
C GLY F 107 -4.02 14.61 -47.53
N THR F 108 -5.07 14.68 -46.71
CA THR F 108 -6.08 13.62 -46.71
C THR F 108 -6.77 13.50 -48.06
N THR F 109 -7.14 14.62 -48.66
CA THR F 109 -7.71 14.64 -50.00
C THR F 109 -6.70 14.98 -51.08
N LEU F 110 -5.79 15.92 -50.81
CA LEU F 110 -4.79 16.44 -51.76
C LEU F 110 -5.45 17.01 -53.02
N ASP F 111 -6.68 17.52 -52.86
CA ASP F 111 -7.47 18.09 -53.92
C ASP F 111 -7.65 19.60 -53.79
N SER F 112 -6.72 20.25 -53.08
CA SER F 112 -6.76 21.69 -52.76
C SER F 112 -7.98 22.05 -51.91
N LYS F 113 -8.34 21.15 -51.01
CA LYS F 113 -9.46 21.34 -50.09
C LYS F 113 -8.99 21.65 -48.69
N THR F 114 -7.95 20.95 -48.23
CA THR F 114 -7.32 21.14 -46.93
C THR F 114 -5.88 21.58 -47.14
N GLN F 115 -5.24 22.02 -46.04
CA GLN F 115 -3.87 22.53 -46.10
C GLN F 115 -2.89 21.40 -46.42
N SER F 116 -1.85 21.73 -47.21
CA SER F 116 -0.79 20.79 -47.55
C SER F 116 0.54 21.53 -47.50
N LEU F 117 1.62 20.81 -47.20
CA LEU F 117 2.94 21.42 -47.05
C LEU F 117 3.73 21.26 -48.34
N LEU F 118 4.12 22.39 -48.93
CA LEU F 118 4.85 22.40 -50.19
C LEU F 118 6.26 22.96 -49.97
N ILE F 119 7.28 22.08 -50.00
CA ILE F 119 8.66 22.52 -49.90
C ILE F 119 9.20 22.78 -51.30
N VAL F 120 9.75 23.98 -51.52
CA VAL F 120 10.40 24.32 -52.78
C VAL F 120 11.79 24.89 -52.48
N ASN F 121 12.81 24.34 -53.12
CA ASN F 121 14.18 24.84 -53.03
C ASN F 121 14.61 25.44 -54.35
N ASN F 122 14.86 26.75 -54.36
CA ASN F 122 15.41 27.46 -55.52
C ASN F 122 16.68 28.14 -55.06
N ALA F 123 17.79 27.83 -55.75
CA ALA F 123 19.14 28.32 -55.44
C ALA F 123 19.47 27.92 -54.00
N THR F 124 19.76 28.86 -53.10
CA THR F 124 20.06 28.56 -51.72
C THR F 124 18.94 29.00 -50.78
N ASN F 125 17.71 29.05 -51.29
CA ASN F 125 16.55 29.40 -50.49
C ASN F 125 15.53 28.27 -50.55
N VAL F 126 15.07 27.82 -49.39
CA VAL F 126 14.13 26.72 -49.26
C VAL F 126 12.81 27.29 -48.75
N VAL F 127 11.88 27.53 -49.67
CA VAL F 127 10.59 28.11 -49.32
C VAL F 127 9.63 26.98 -48.97
N ILE F 128 9.16 26.98 -47.72
CA ILE F 128 8.20 25.95 -47.25
C ILE F 128 6.86 26.63 -46.96
N LYS F 129 5.84 26.37 -47.77
CA LYS F 129 4.53 27.06 -47.60
C LYS F 129 3.42 26.04 -47.34
N VAL F 130 2.57 26.28 -46.34
CA VAL F 130 1.42 25.37 -46.08
C VAL F 130 0.24 25.82 -46.95
N CYS F 131 0.41 26.92 -47.69
CA CYS F 131 -0.67 27.44 -48.56
C CYS F 131 -0.99 26.39 -49.62
N GLU F 132 -2.27 26.10 -49.83
CA GLU F 132 -2.65 25.01 -50.78
C GLU F 132 -2.89 25.58 -52.19
N PHE F 133 -1.95 25.37 -53.11
CA PHE F 133 -2.20 25.77 -54.49
C PHE F 133 -3.09 24.70 -55.09
N GLN F 134 -3.83 25.06 -56.15
CA GLN F 134 -4.74 24.10 -56.75
C GLN F 134 -3.93 22.91 -57.27
N PHE F 135 -4.37 21.70 -56.93
CA PHE F 135 -3.57 20.54 -57.29
C PHE F 135 -4.11 19.91 -58.57
N CYS F 136 -3.31 19.99 -59.62
CA CYS F 136 -3.60 19.38 -60.90
C CYS F 136 -3.38 17.88 -60.78
N ASN F 137 -4.04 17.11 -61.66
CA ASN F 137 -3.90 15.64 -61.74
C ASN F 137 -2.45 15.14 -61.70
N ASP F 138 -1.52 15.92 -62.24
CA ASP F 138 -0.10 15.60 -62.20
C ASP F 138 0.60 16.87 -61.77
N PRO F 139 1.24 16.91 -60.61
CA PRO F 139 1.92 18.15 -60.18
C PRO F 139 3.41 18.19 -60.47
N PHE F 140 3.85 19.22 -61.17
CA PHE F 140 5.26 19.40 -61.48
C PHE F 140 5.57 20.89 -61.56
N LEU F 141 6.85 21.22 -61.40
CA LEU F 141 7.33 22.58 -61.51
C LEU F 141 8.27 22.67 -62.71
N GLY F 142 7.99 23.62 -63.60
CA GLY F 142 8.83 23.80 -64.78
C GLY F 142 10.24 24.26 -64.43
N VAL F 143 11.21 23.67 -65.10
CA VAL F 143 12.62 23.98 -64.84
C VAL F 143 13.02 25.21 -65.66
N ASN F 165 -3.06 32.27 -46.47
CA ASN F 165 -3.74 31.05 -45.99
C ASN F 165 -2.69 30.03 -45.54
N CYS F 166 -1.42 30.46 -45.45
CA CYS F 166 -0.34 29.51 -45.08
C CYS F 166 0.06 29.75 -43.62
N THR F 167 -0.09 28.71 -42.78
CA THR F 167 0.23 28.85 -41.33
C THR F 167 1.73 29.13 -41.15
N PHE F 168 2.58 28.44 -41.91
CA PHE F 168 4.06 28.61 -41.75
C PHE F 168 4.69 29.04 -43.07
N GLU F 169 5.52 30.09 -43.04
CA GLU F 169 6.24 30.53 -44.26
C GLU F 169 7.74 30.49 -43.96
N TYR F 170 8.53 29.89 -44.85
CA TYR F 170 9.98 29.75 -44.57
C TYR F 170 10.81 30.57 -45.55
N VAL F 171 11.51 31.60 -45.06
CA VAL F 171 12.39 32.40 -45.91
C VAL F 171 13.82 32.10 -45.47
N SER F 172 14.66 31.67 -46.41
CA SER F 172 16.03 31.31 -46.09
C SER F 172 17.02 32.01 -47.01
N PHE F 186 22.21 9.12 -58.70
CA PHE F 186 21.73 9.93 -57.57
C PHE F 186 22.91 10.14 -56.62
N LYS F 187 23.13 11.38 -56.20
CA LYS F 187 24.26 11.71 -55.35
C LYS F 187 23.86 12.35 -54.02
N ASN F 188 22.65 12.91 -53.93
CA ASN F 188 22.14 13.48 -52.69
C ASN F 188 21.00 12.59 -52.23
N LEU F 189 21.04 12.17 -50.96
CA LEU F 189 19.93 11.44 -50.35
C LEU F 189 19.43 12.21 -49.14
N ARG F 190 18.13 12.47 -49.10
CA ARG F 190 17.47 13.12 -47.97
C ARG F 190 16.35 12.21 -47.50
N GLU F 191 16.30 11.94 -46.20
CA GLU F 191 15.33 11.01 -45.65
C GLU F 191 14.36 11.72 -44.71
N PHE F 192 13.08 11.38 -44.83
CA PHE F 192 12.02 12.03 -44.07
C PHE F 192 11.06 11.03 -43.45
N VAL F 193 10.77 11.20 -42.16
CA VAL F 193 9.78 10.42 -41.44
C VAL F 193 8.58 11.31 -41.17
N PHE F 194 7.40 10.87 -41.61
CA PHE F 194 6.18 11.66 -41.49
C PHE F 194 5.23 10.96 -40.52
N LYS F 195 4.82 11.66 -39.46
CA LYS F 195 3.88 11.10 -38.49
C LYS F 195 2.93 12.18 -38.00
N ASN F 196 1.68 11.79 -37.72
CA ASN F 196 0.72 12.72 -37.12
C ASN F 196 0.24 12.14 -35.79
N ILE F 197 0.44 12.89 -34.71
CA ILE F 197 0.08 12.48 -33.34
C ILE F 197 -0.44 13.70 -32.60
N ASP F 198 -1.65 13.58 -32.02
CA ASP F 198 -2.33 14.64 -31.25
C ASP F 198 -2.38 15.97 -32.01
N GLY F 199 -2.62 15.89 -33.31
CA GLY F 199 -2.71 17.08 -34.13
C GLY F 199 -1.40 17.78 -34.36
N TYR F 200 -0.29 17.08 -34.15
CA TYR F 200 1.05 17.62 -34.36
C TYR F 200 1.72 16.77 -35.43
N PHE F 201 2.24 17.41 -36.46
CA PHE F 201 2.94 16.72 -37.53
C PHE F 201 4.44 16.85 -37.29
N LYS F 202 5.13 15.71 -37.25
CA LYS F 202 6.56 15.69 -36.99
C LYS F 202 7.29 15.22 -38.22
N ILE F 203 8.33 15.96 -38.62
CA ILE F 203 9.19 15.62 -39.74
C ILE F 203 10.61 15.47 -39.22
N TYR F 204 11.22 14.32 -39.48
CA TYR F 204 12.61 14.04 -39.14
C TYR F 204 13.43 14.07 -40.42
N SER F 205 14.42 14.97 -40.48
CA SER F 205 15.19 15.16 -41.70
C SER F 205 16.67 14.93 -41.47
N LYS F 206 17.28 14.06 -42.29
CA LYS F 206 18.72 13.85 -42.31
C LYS F 206 19.21 14.05 -43.74
N HIS F 207 20.48 14.45 -43.88
CA HIS F 207 21.08 14.73 -45.18
C HIS F 207 22.39 13.95 -45.32
N THR F 208 22.35 12.80 -45.99
CA THR F 208 23.54 11.98 -46.13
C THR F 208 23.86 11.73 -47.61
N PRO F 209 25.09 12.00 -48.05
CA PRO F 209 25.47 11.70 -49.43
C PRO F 209 25.58 10.21 -49.71
N ILE F 210 25.05 9.80 -50.88
CA ILE F 210 25.16 8.43 -51.36
C ILE F 210 26.25 8.35 -52.43
N ASN F 211 26.79 7.15 -52.62
CA ASN F 211 27.82 6.90 -53.62
C ASN F 211 27.29 6.24 -54.90
N LEU F 212 26.38 5.29 -54.79
CA LEU F 212 25.92 4.53 -55.96
C LEU F 212 24.75 5.26 -56.61
N VAL F 213 24.88 5.52 -57.91
CA VAL F 213 23.85 6.22 -58.68
C VAL F 213 22.57 5.39 -58.79
N ARG F 214 22.71 4.08 -59.04
CA ARG F 214 21.54 3.22 -59.32
C ARG F 214 20.59 3.11 -58.14
N ASP F 215 21.12 2.95 -56.92
CA ASP F 215 20.32 2.81 -55.72
C ASP F 215 21.19 3.24 -54.55
N LEU F 216 20.56 3.58 -53.43
CA LEU F 216 21.35 3.94 -52.25
C LEU F 216 22.12 2.72 -51.75
N PRO F 217 23.41 2.87 -51.46
CA PRO F 217 24.16 1.76 -50.84
C PRO F 217 23.66 1.53 -49.43
N GLN F 218 23.76 0.29 -48.97
CA GLN F 218 23.25 -0.09 -47.65
C GLN F 218 24.02 0.66 -46.56
N GLY F 219 23.27 1.30 -45.68
CA GLY F 219 23.84 2.11 -44.61
C GLY F 219 22.79 2.32 -43.55
N PHE F 220 23.25 2.74 -42.38
CA PHE F 220 22.35 3.06 -41.28
C PHE F 220 22.45 4.55 -40.96
N SER F 221 21.30 5.21 -40.89
CA SER F 221 21.24 6.64 -40.59
C SER F 221 20.13 6.90 -39.59
N ALA F 222 20.31 7.94 -38.78
CA ALA F 222 19.29 8.39 -37.83
C ALA F 222 18.84 9.80 -38.17
N LEU F 223 17.53 9.96 -38.30
CA LEU F 223 16.92 11.20 -38.74
C LEU F 223 16.60 12.09 -37.54
N GLU F 224 17.06 13.34 -37.59
CA GLU F 224 16.86 14.34 -36.54
C GLU F 224 15.75 15.32 -36.93
N PRO F 225 14.79 15.59 -36.04
CA PRO F 225 13.62 16.42 -36.41
C PRO F 225 14.00 17.87 -36.67
N LEU F 226 13.69 18.35 -37.88
CA LEU F 226 13.95 19.74 -38.21
C LEU F 226 13.01 20.69 -37.47
N VAL F 227 11.71 20.39 -37.47
CA VAL F 227 10.71 21.25 -36.85
C VAL F 227 9.45 20.41 -36.62
N ASP F 228 8.60 20.85 -35.70
CA ASP F 228 7.30 20.25 -35.41
C ASP F 228 6.20 21.27 -35.71
N LEU F 229 5.21 20.86 -36.51
CA LEU F 229 4.15 21.78 -36.90
C LEU F 229 2.81 21.32 -36.36
N PRO F 230 2.06 22.20 -35.67
CA PRO F 230 0.76 21.85 -35.05
C PRO F 230 -0.40 21.96 -36.03
N ILE F 231 -0.30 21.25 -37.16
CA ILE F 231 -1.28 21.38 -38.25
C ILE F 231 -2.69 20.99 -37.80
N GLY F 232 -2.82 19.92 -37.00
CA GLY F 232 -4.12 19.47 -36.51
C GLY F 232 -4.94 18.70 -37.52
N ILE F 233 -4.63 18.82 -38.80
CA ILE F 233 -5.34 18.14 -39.88
C ILE F 233 -4.81 16.72 -40.00
N ASN F 234 -5.72 15.75 -40.01
CA ASN F 234 -5.33 14.37 -40.22
C ASN F 234 -4.78 14.21 -41.64
N ILE F 235 -3.76 13.36 -41.78
CA ILE F 235 -3.16 13.08 -43.06
C ILE F 235 -3.40 11.62 -43.40
N THR F 236 -4.10 11.37 -44.51
CA THR F 236 -4.38 10.03 -44.98
C THR F 236 -3.57 9.67 -46.23
N ARG F 237 -3.01 10.67 -46.91
CA ARG F 237 -2.29 10.44 -48.17
C ARG F 237 -1.19 11.48 -48.31
N PHE F 238 -0.20 11.15 -49.13
CA PHE F 238 0.88 12.07 -49.45
C PHE F 238 1.28 11.91 -50.91
N GLN F 239 1.86 12.97 -51.47
CA GLN F 239 2.30 12.96 -52.86
C GLN F 239 3.61 13.73 -52.97
N THR F 240 4.36 13.43 -54.02
CA THR F 240 5.66 14.05 -54.19
C THR F 240 5.55 15.11 -55.29
N LEU F 241 6.52 16.04 -55.33
CA LEU F 241 6.62 17.04 -56.39
C LEU F 241 7.98 16.92 -57.07
N LEU F 242 7.96 16.73 -58.40
CA LEU F 242 9.16 16.52 -59.20
C LEU F 242 9.26 17.57 -60.28
N ALA F 243 10.37 18.30 -60.31
CA ALA F 243 10.62 19.25 -61.39
C ALA F 243 10.88 18.53 -62.70
N LEU F 244 10.28 19.03 -63.77
CA LEU F 244 10.45 18.46 -65.10
C LEU F 244 11.05 19.51 -66.03
N HIS F 245 12.13 19.13 -66.72
CA HIS F 245 12.81 20.02 -67.66
C HIS F 245 11.93 20.37 -68.85
N ALA F 263 15.23 11.21 -61.55
CA ALA F 263 15.27 11.17 -60.09
C ALA F 263 14.15 10.29 -59.55
N ALA F 264 14.51 9.35 -58.67
CA ALA F 264 13.54 8.47 -58.03
C ALA F 264 13.42 8.74 -56.53
N TYR F 265 12.28 8.33 -55.97
CA TYR F 265 12.01 8.43 -54.54
C TYR F 265 11.58 7.09 -53.97
N TYR F 266 11.92 6.85 -52.71
CA TYR F 266 11.59 5.62 -52.00
C TYR F 266 10.51 5.90 -50.96
N VAL F 267 9.47 5.07 -50.94
CA VAL F 267 8.35 5.20 -50.01
C VAL F 267 8.29 3.97 -49.10
N GLY F 268 8.33 4.19 -47.79
CA GLY F 268 8.20 3.14 -46.79
C GLY F 268 7.05 3.42 -45.84
N TYR F 269 6.56 2.40 -45.13
CA TYR F 269 5.49 2.56 -44.14
C TYR F 269 6.00 2.20 -42.75
N LEU F 270 5.89 3.14 -41.82
CA LEU F 270 6.28 2.89 -40.44
C LEU F 270 5.28 2.00 -39.72
N GLN F 271 5.79 1.11 -38.86
CA GLN F 271 5.03 0.21 -38.01
C GLN F 271 5.74 0.19 -36.66
N PRO F 272 5.01 0.20 -35.55
CA PRO F 272 5.64 0.24 -34.21
C PRO F 272 6.66 -0.88 -34.04
N ARG F 273 7.89 -0.51 -33.66
CA ARG F 273 8.97 -1.48 -33.65
C ARG F 273 9.96 -1.08 -32.56
N THR F 274 10.38 -2.05 -31.74
CA THR F 274 11.37 -1.80 -30.71
C THR F 274 12.79 -1.88 -31.29
N PHE F 275 13.58 -0.84 -31.04
CA PHE F 275 14.95 -0.69 -31.55
C PHE F 275 15.94 -0.46 -30.43
N LEU F 276 17.05 -1.20 -30.47
CA LEU F 276 18.18 -1.00 -29.57
C LEU F 276 19.21 -0.17 -30.30
N LEU F 277 19.61 0.96 -29.71
CA LEU F 277 20.45 1.94 -30.36
C LEU F 277 21.80 2.09 -29.66
N LYS F 278 22.89 2.03 -30.44
CA LYS F 278 24.24 2.15 -29.89
C LYS F 278 24.80 3.55 -30.15
N TYR F 279 25.22 4.23 -29.08
CA TYR F 279 25.83 5.55 -29.13
C TYR F 279 27.31 5.44 -28.81
N ASN F 280 28.16 6.07 -29.62
CA ASN F 280 29.60 6.04 -29.41
C ASN F 280 29.99 7.14 -28.42
N GLU F 281 31.31 7.34 -28.25
CA GLU F 281 31.84 8.37 -27.34
C GLU F 281 31.40 9.77 -27.75
N ASN F 282 31.33 10.04 -29.05
CA ASN F 282 30.86 11.33 -29.55
C ASN F 282 29.42 11.59 -29.15
N GLY F 283 28.61 10.54 -29.06
CA GLY F 283 27.21 10.65 -28.73
C GLY F 283 26.28 10.47 -29.91
N THR F 284 26.81 10.40 -31.12
CA THR F 284 25.98 10.03 -32.26
C THR F 284 25.74 8.53 -32.23
N ILE F 285 24.62 8.14 -32.84
CA ILE F 285 24.22 6.74 -32.98
C ILE F 285 24.88 6.11 -34.21
N THR F 286 26.07 5.53 -33.99
CA THR F 286 26.81 4.91 -35.08
C THR F 286 26.12 3.67 -35.64
N ASP F 287 25.58 2.80 -34.79
CA ASP F 287 24.97 1.55 -35.25
C ASP F 287 23.74 1.22 -34.41
N ALA F 288 22.80 0.48 -35.01
CA ALA F 288 21.59 0.04 -34.32
C ALA F 288 21.27 -1.40 -34.73
N VAL F 289 20.53 -2.08 -33.88
CA VAL F 289 20.08 -3.45 -34.11
C VAL F 289 18.55 -3.49 -34.08
N ASP F 290 17.94 -4.06 -35.12
CA ASP F 290 16.49 -4.22 -35.17
C ASP F 290 16.12 -5.48 -34.42
N CYS F 291 15.25 -5.35 -33.41
CA CYS F 291 14.89 -6.49 -32.55
C CYS F 291 14.21 -7.60 -33.33
N ALA F 292 13.33 -7.26 -34.26
CA ALA F 292 12.53 -8.25 -34.97
C ALA F 292 13.12 -8.72 -36.29
N LEU F 293 14.32 -8.28 -36.65
CA LEU F 293 14.91 -8.63 -37.95
C LEU F 293 15.14 -10.13 -38.09
N ASP F 294 15.72 -10.76 -37.06
CA ASP F 294 16.00 -12.19 -37.05
C ASP F 294 16.16 -12.61 -35.59
N PRO F 295 16.17 -13.93 -35.28
CA PRO F 295 16.27 -14.34 -33.86
C PRO F 295 17.55 -13.89 -33.13
N LEU F 296 18.69 -13.85 -33.82
CA LEU F 296 19.93 -13.41 -33.19
C LEU F 296 19.83 -11.96 -32.73
N SER F 297 19.23 -11.11 -33.54
CA SER F 297 19.05 -9.70 -33.17
C SER F 297 18.11 -9.56 -31.98
N GLU F 298 17.06 -10.39 -31.94
CA GLU F 298 16.17 -10.40 -30.78
C GLU F 298 16.93 -10.81 -29.52
N THR F 299 17.86 -11.77 -29.67
CA THR F 299 18.74 -12.14 -28.56
C THR F 299 19.60 -10.96 -28.13
N LYS F 300 20.11 -10.19 -29.10
CA LYS F 300 20.92 -9.01 -28.77
C LYS F 300 20.09 -7.98 -28.01
N CYS F 301 18.82 -7.81 -28.41
CA CYS F 301 17.93 -6.90 -27.70
C CYS F 301 17.66 -7.37 -26.28
N THR F 302 17.39 -8.67 -26.10
CA THR F 302 17.09 -9.21 -24.78
C THR F 302 18.29 -9.12 -23.84
N LEU F 303 19.49 -9.44 -24.35
CA LEU F 303 20.71 -9.32 -23.56
C LEU F 303 21.03 -7.87 -23.21
N LYS F 304 20.69 -6.94 -24.12
CA LYS F 304 20.95 -5.48 -24.15
C LYS F 304 22.35 -5.20 -24.64
N SER F 305 23.07 -6.21 -25.15
CA SER F 305 24.40 -6.07 -25.70
C SER F 305 24.42 -6.61 -27.12
N PHE F 306 25.06 -5.86 -28.03
CA PHE F 306 25.09 -6.25 -29.44
C PHE F 306 25.85 -7.57 -29.64
N THR F 307 26.98 -7.74 -28.97
CA THR F 307 27.67 -9.02 -29.03
C THR F 307 26.94 -10.03 -28.16
N VAL F 308 26.80 -11.26 -28.66
CA VAL F 308 26.18 -12.36 -27.92
C VAL F 308 27.17 -13.51 -27.84
N GLU F 309 27.47 -13.95 -26.63
CA GLU F 309 28.36 -15.08 -26.43
C GLU F 309 27.60 -16.38 -26.61
N LYS F 310 28.35 -17.47 -26.78
CA LYS F 310 27.79 -18.79 -27.02
C LYS F 310 26.90 -19.27 -25.87
N GLY F 311 25.77 -19.86 -26.22
CA GLY F 311 24.83 -20.35 -25.24
C GLY F 311 23.42 -20.38 -25.80
N ILE F 312 22.47 -20.72 -24.94
CA ILE F 312 21.06 -20.75 -25.24
C ILE F 312 20.35 -19.70 -24.40
N TYR F 313 19.56 -18.84 -25.05
CA TYR F 313 18.93 -17.70 -24.38
C TYR F 313 17.44 -17.68 -24.65
N GLN F 314 16.63 -17.62 -23.58
CA GLN F 314 15.20 -17.44 -23.74
C GLN F 314 14.93 -15.94 -23.96
N THR F 315 14.32 -15.60 -25.09
CA THR F 315 14.13 -14.19 -25.43
C THR F 315 12.71 -13.68 -25.21
N SER F 316 11.73 -14.35 -25.79
CA SER F 316 10.32 -13.98 -25.66
C SER F 316 9.51 -15.21 -26.08
N ASN F 317 8.24 -15.22 -25.73
CA ASN F 317 7.37 -16.35 -26.05
C ASN F 317 6.43 -15.96 -27.18
N PHE F 318 6.41 -16.77 -28.25
CA PHE F 318 5.49 -16.50 -29.35
C PHE F 318 4.07 -16.66 -28.86
N ARG F 319 3.19 -15.77 -29.31
CA ARG F 319 1.78 -15.83 -28.97
C ARG F 319 0.97 -15.82 -30.26
N VAL F 320 0.08 -16.82 -30.40
CA VAL F 320 -0.85 -16.84 -31.52
C VAL F 320 -1.82 -15.67 -31.37
N GLN F 321 -2.16 -15.02 -32.49
CA GLN F 321 -2.99 -13.85 -32.42
C GLN F 321 -4.41 -14.17 -32.88
N PRO F 322 -5.43 -13.68 -32.16
CA PRO F 322 -6.82 -13.98 -32.52
C PRO F 322 -7.19 -13.40 -33.88
N THR F 323 -7.75 -14.27 -34.73
CA THR F 323 -8.10 -13.87 -36.09
C THR F 323 -9.25 -12.86 -36.12
N GLU F 324 -10.28 -13.09 -35.30
CA GLU F 324 -11.48 -12.25 -35.34
C GLU F 324 -12.11 -12.22 -33.96
N SER F 325 -13.03 -11.28 -33.78
CA SER F 325 -13.76 -11.09 -32.53
C SER F 325 -15.20 -11.59 -32.68
N ILE F 326 -15.62 -12.46 -31.78
CA ILE F 326 -16.95 -13.05 -31.79
C ILE F 326 -17.71 -12.57 -30.56
N VAL F 327 -18.90 -12.01 -30.77
CA VAL F 327 -19.76 -11.53 -29.69
C VAL F 327 -20.96 -12.45 -29.61
N ARG F 328 -21.22 -13.01 -28.43
CA ARG F 328 -22.40 -13.84 -28.21
C ARG F 328 -23.21 -13.27 -27.04
N PHE F 329 -24.46 -12.91 -27.31
CA PHE F 329 -25.45 -12.35 -26.39
C PHE F 329 -26.78 -13.09 -26.51
N PRO F 330 -27.57 -13.13 -25.43
CA PRO F 330 -28.92 -13.70 -25.54
C PRO F 330 -29.80 -12.84 -26.44
N ASN F 331 -30.67 -13.48 -27.19
CA ASN F 331 -31.54 -12.78 -28.12
C ASN F 331 -32.82 -12.37 -27.39
N ILE F 332 -32.94 -11.08 -27.09
CA ILE F 332 -34.11 -10.51 -26.43
C ILE F 332 -34.57 -9.31 -27.25
N THR F 333 -35.75 -9.41 -27.83
CA THR F 333 -36.33 -8.29 -28.57
C THR F 333 -36.73 -7.14 -27.64
N ASN F 334 -37.20 -7.47 -26.43
CA ASN F 334 -37.72 -6.48 -25.49
C ASN F 334 -36.67 -5.46 -25.08
N LEU F 335 -37.11 -4.21 -24.93
CA LEU F 335 -36.26 -3.11 -24.49
C LEU F 335 -36.66 -2.66 -23.09
N CYS F 336 -35.66 -2.35 -22.27
CA CYS F 336 -35.87 -1.98 -20.88
C CYS F 336 -36.67 -0.69 -20.75
N PRO F 337 -37.58 -0.60 -19.78
CA PRO F 337 -38.41 0.60 -19.61
C PRO F 337 -37.72 1.69 -18.80
N PHE F 338 -36.54 2.11 -19.27
CA PHE F 338 -35.84 3.23 -18.65
C PHE F 338 -36.64 4.51 -18.81
N GLY F 339 -37.29 4.67 -19.97
CA GLY F 339 -38.06 5.88 -20.25
C GLY F 339 -39.19 6.09 -19.28
N GLU F 340 -39.86 5.00 -18.87
CA GLU F 340 -40.94 5.08 -17.90
C GLU F 340 -40.45 5.60 -16.56
N VAL F 341 -39.30 5.09 -16.10
CA VAL F 341 -38.74 5.53 -14.84
C VAL F 341 -38.28 6.99 -14.92
N PHE F 342 -37.54 7.35 -15.97
CA PHE F 342 -37.01 8.70 -16.10
C PHE F 342 -38.09 9.75 -16.37
N ASN F 343 -39.11 9.41 -17.16
CA ASN F 343 -40.12 10.39 -17.56
C ASN F 343 -41.37 10.32 -16.71
N ALA F 344 -41.30 9.70 -15.53
CA ALA F 344 -42.44 9.59 -14.63
C ALA F 344 -42.90 10.98 -14.21
N THR F 345 -44.23 11.14 -14.13
CA THR F 345 -44.85 12.44 -13.84
C THR F 345 -44.37 13.00 -12.50
N ARG F 346 -44.43 12.20 -11.45
CA ARG F 346 -43.95 12.62 -10.14
C ARG F 346 -43.07 11.52 -9.55
N PHE F 347 -41.89 11.89 -9.07
CA PHE F 347 -41.08 10.90 -8.38
C PHE F 347 -41.59 10.71 -6.96
N ALA F 348 -41.14 9.63 -6.34
CA ALA F 348 -41.42 9.37 -4.94
C ALA F 348 -40.56 10.26 -4.04
N SER F 349 -40.99 10.40 -2.80
CA SER F 349 -40.20 11.09 -1.80
C SER F 349 -38.96 10.26 -1.46
N VAL F 350 -37.91 10.95 -1.01
CA VAL F 350 -36.63 10.28 -0.75
C VAL F 350 -36.73 9.21 0.35
N TYR F 351 -37.50 9.49 1.41
CA TYR F 351 -37.65 8.51 2.48
C TYR F 351 -38.37 7.25 1.99
N ALA F 352 -39.46 7.43 1.23
CA ALA F 352 -40.16 6.31 0.60
C ALA F 352 -39.76 6.18 -0.87
N TRP F 353 -38.47 5.97 -1.10
CA TRP F 353 -37.96 5.93 -2.47
C TRP F 353 -38.51 4.73 -3.22
N ASN F 354 -38.83 4.94 -4.50
CA ASN F 354 -39.39 3.89 -5.34
C ASN F 354 -38.28 3.01 -5.90
N ARG F 355 -38.47 1.71 -5.84
CA ARG F 355 -37.54 0.74 -6.41
C ARG F 355 -38.23 -0.03 -7.52
N LYS F 356 -37.58 -0.10 -8.67
CA LYS F 356 -38.08 -0.83 -9.83
C LYS F 356 -37.04 -1.85 -10.26
N ARG F 357 -37.45 -3.10 -10.41
CA ARG F 357 -36.55 -4.12 -10.93
C ARG F 357 -36.77 -4.21 -12.42
N ILE F 358 -35.70 -4.10 -13.19
CA ILE F 358 -35.75 -4.12 -14.65
C ILE F 358 -34.92 -5.30 -15.14
N SER F 359 -35.56 -6.26 -15.81
CA SER F 359 -34.86 -7.46 -16.24
C SER F 359 -35.39 -7.93 -17.60
N ASN F 360 -34.73 -8.96 -18.14
CA ASN F 360 -35.09 -9.63 -19.40
C ASN F 360 -35.27 -8.67 -20.56
N CYS F 361 -34.35 -7.70 -20.69
CA CYS F 361 -34.50 -6.68 -21.72
C CYS F 361 -33.14 -6.15 -22.16
N VAL F 362 -33.17 -5.42 -23.27
CA VAL F 362 -31.99 -4.76 -23.84
C VAL F 362 -32.08 -3.27 -23.52
N ALA F 363 -31.04 -2.73 -22.87
CA ALA F 363 -31.02 -1.35 -22.41
C ALA F 363 -29.94 -0.56 -23.12
N ASP F 364 -30.34 0.56 -23.72
CA ASP F 364 -29.39 1.49 -24.36
C ASP F 364 -28.97 2.55 -23.34
N TYR F 365 -27.95 2.22 -22.54
CA TYR F 365 -27.39 3.20 -21.60
C TYR F 365 -26.75 4.38 -22.33
N SER F 366 -26.14 4.08 -23.49
CA SER F 366 -25.45 5.09 -24.29
C SER F 366 -26.38 6.21 -24.75
N VAL F 367 -27.63 5.88 -25.12
CA VAL F 367 -28.55 6.94 -25.56
C VAL F 367 -28.86 7.91 -24.41
N LEU F 368 -29.00 7.37 -23.18
CA LEU F 368 -29.19 8.22 -22.02
C LEU F 368 -28.00 9.12 -21.77
N TYR F 369 -26.78 8.57 -21.88
CA TYR F 369 -25.59 9.40 -21.73
C TYR F 369 -25.46 10.43 -22.84
N ASN F 370 -25.79 10.04 -24.08
CA ASN F 370 -25.72 10.94 -25.23
C ASN F 370 -26.71 12.10 -25.10
N SER F 371 -27.88 11.84 -24.49
CA SER F 371 -28.92 12.86 -24.34
C SER F 371 -28.39 14.07 -23.56
N ALA F 372 -27.62 13.82 -22.51
CA ALA F 372 -26.92 14.84 -21.70
C ALA F 372 -27.86 15.90 -21.12
N SER F 373 -29.05 15.45 -20.72
CA SER F 373 -30.01 16.31 -20.04
C SER F 373 -29.86 16.24 -18.54
N PHE F 374 -28.87 15.48 -18.06
CA PHE F 374 -28.66 15.23 -16.64
C PHE F 374 -27.42 15.97 -16.17
N SER F 375 -27.57 16.75 -15.09
CA SER F 375 -26.46 17.48 -14.51
C SER F 375 -25.41 16.53 -13.93
N THR F 376 -25.84 15.45 -13.30
CA THR F 376 -24.97 14.48 -12.65
C THR F 376 -25.15 13.12 -13.30
N PHE F 377 -24.04 12.52 -13.76
CA PHE F 377 -24.03 11.14 -14.26
C PHE F 377 -22.75 10.46 -13.75
N LYS F 378 -22.73 10.09 -12.47
CA LYS F 378 -21.55 9.50 -11.87
C LYS F 378 -21.71 7.97 -11.78
N CYS F 379 -20.75 7.26 -12.34
CA CYS F 379 -20.76 5.80 -12.35
C CYS F 379 -19.60 5.28 -11.49
N TYR F 380 -19.89 4.32 -10.64
CA TYR F 380 -18.93 3.74 -9.72
C TYR F 380 -18.73 2.27 -10.07
N GLY F 381 -17.47 1.87 -10.22
CA GLY F 381 -17.16 0.51 -10.61
C GLY F 381 -17.41 0.23 -12.07
N VAL F 382 -17.79 1.24 -12.84
CA VAL F 382 -18.15 1.11 -14.24
C VAL F 382 -18.01 2.50 -14.84
N SER F 383 -17.99 2.57 -16.15
CA SER F 383 -17.94 3.82 -16.88
C SER F 383 -19.25 4.00 -17.64
N PRO F 384 -19.70 5.25 -17.87
CA PRO F 384 -20.91 5.44 -18.69
C PRO F 384 -20.78 4.88 -20.10
N THR F 385 -19.64 5.09 -20.73
CA THR F 385 -19.32 4.39 -21.96
C THR F 385 -18.90 2.98 -21.57
N LYS F 386 -19.16 2.02 -22.47
CA LYS F 386 -18.88 0.58 -22.42
C LYS F 386 -19.96 -0.15 -21.61
N LEU F 387 -20.98 0.58 -21.12
CA LEU F 387 -22.11 -0.04 -20.44
C LEU F 387 -22.89 -0.99 -21.35
N ASN F 388 -22.99 -0.63 -22.64
CA ASN F 388 -23.70 -1.48 -23.61
C ASN F 388 -23.07 -2.85 -23.75
N ASP F 389 -21.72 -2.90 -23.75
CA ASP F 389 -21.00 -4.16 -23.89
C ASP F 389 -21.27 -5.10 -22.72
N LEU F 390 -21.37 -4.56 -21.52
CA LEU F 390 -21.57 -5.33 -20.30
C LEU F 390 -22.99 -5.90 -20.21
N CYS F 391 -23.10 -7.09 -19.63
CA CYS F 391 -24.39 -7.71 -19.37
C CYS F 391 -24.59 -7.74 -17.86
N PHE F 392 -25.82 -7.48 -17.41
CA PHE F 392 -26.11 -7.39 -15.99
C PHE F 392 -27.20 -8.39 -15.61
N THR F 393 -27.00 -9.08 -14.49
CA THR F 393 -27.96 -10.07 -14.02
C THR F 393 -29.31 -9.42 -13.71
N ASN F 394 -29.29 -8.30 -13.00
CA ASN F 394 -30.49 -7.55 -12.69
C ASN F 394 -30.15 -6.06 -12.62
N VAL F 395 -31.16 -5.22 -12.87
CA VAL F 395 -31.03 -3.77 -12.78
C VAL F 395 -32.08 -3.24 -11.82
N TYR F 396 -31.65 -2.39 -10.88
CA TYR F 396 -32.55 -1.74 -9.94
C TYR F 396 -32.57 -0.25 -10.25
N ALA F 397 -33.76 0.31 -10.46
CA ALA F 397 -33.91 1.75 -10.72
C ALA F 397 -34.56 2.42 -9.51
N ASP F 398 -33.75 3.13 -8.71
CA ASP F 398 -34.25 3.82 -7.53
C ASP F 398 -34.47 5.28 -7.87
N SER F 399 -35.69 5.77 -7.68
CA SER F 399 -36.06 7.13 -8.07
C SER F 399 -36.59 7.92 -6.89
N PHE F 400 -36.08 9.13 -6.71
CA PHE F 400 -36.52 10.02 -5.64
C PHE F 400 -36.16 11.45 -6.01
N VAL F 401 -36.75 12.40 -5.29
CA VAL F 401 -36.47 13.83 -5.46
C VAL F 401 -35.81 14.34 -4.20
N ILE F 402 -34.70 15.07 -4.35
CA ILE F 402 -33.93 15.62 -3.24
C ILE F 402 -33.52 17.05 -3.59
N ARG F 403 -33.04 17.75 -2.57
CA ARG F 403 -32.47 19.08 -2.74
C ARG F 403 -31.16 18.99 -3.53
N GLY F 404 -30.84 20.11 -4.21
CA GLY F 404 -29.63 20.17 -5.02
C GLY F 404 -28.35 19.98 -4.23
N ASP F 405 -28.32 20.49 -3.00
CA ASP F 405 -27.16 20.33 -2.12
C ASP F 405 -26.91 18.87 -1.77
N GLU F 406 -27.97 18.08 -1.64
CA GLU F 406 -27.87 16.70 -1.18
C GLU F 406 -27.55 15.70 -2.29
N VAL F 407 -27.36 16.17 -3.52
CA VAL F 407 -27.01 15.29 -4.64
C VAL F 407 -25.66 14.63 -4.39
N ARG F 408 -24.73 15.35 -3.76
CA ARG F 408 -23.42 14.79 -3.39
C ARG F 408 -23.56 13.63 -2.42
N GLN F 409 -24.55 13.70 -1.51
CA GLN F 409 -24.79 12.65 -0.53
C GLN F 409 -25.20 11.32 -1.16
N ILE F 410 -25.75 11.32 -2.37
CA ILE F 410 -26.07 10.07 -3.03
C ILE F 410 -24.81 9.57 -3.73
N ALA F 411 -23.88 9.07 -2.92
CA ALA F 411 -22.61 8.52 -3.37
C ALA F 411 -22.16 7.49 -2.35
N PRO F 412 -21.30 6.54 -2.72
CA PRO F 412 -20.77 5.60 -1.72
C PRO F 412 -19.93 6.30 -0.67
N GLY F 413 -20.17 5.91 0.60
CA GLY F 413 -19.45 6.46 1.75
C GLY F 413 -19.55 7.95 1.94
N GLN F 414 -20.73 8.51 1.72
CA GLN F 414 -20.99 9.94 1.94
C GLN F 414 -21.91 10.10 3.14
N THR F 415 -21.58 11.02 4.03
CA THR F 415 -22.33 11.24 5.26
C THR F 415 -23.15 12.52 5.13
N GLY F 416 -24.46 12.38 5.35
CA GLY F 416 -25.38 13.49 5.26
C GLY F 416 -26.69 13.07 5.89
N LYS F 417 -27.60 14.05 6.02
CA LYS F 417 -28.95 13.75 6.52
C LYS F 417 -29.70 12.77 5.62
N ILE F 418 -29.61 12.98 4.30
CA ILE F 418 -30.25 12.08 3.34
C ILE F 418 -29.62 10.70 3.40
N ALA F 419 -28.29 10.65 3.43
CA ALA F 419 -27.57 9.38 3.50
C ALA F 419 -27.85 8.64 4.80
N ASP F 420 -27.86 9.35 5.93
CA ASP F 420 -28.07 8.69 7.21
C ASP F 420 -29.51 8.22 7.39
N TYR F 421 -30.50 9.05 7.03
CA TYR F 421 -31.88 8.72 7.39
C TYR F 421 -32.84 8.50 6.24
N ASN F 422 -32.44 8.68 4.98
CA ASN F 422 -33.37 8.54 3.87
C ASN F 422 -32.94 7.47 2.89
N TYR F 423 -31.88 7.68 2.12
CA TYR F 423 -31.41 6.72 1.13
C TYR F 423 -29.93 6.47 1.38
N LYS F 424 -29.55 5.20 1.53
CA LYS F 424 -28.17 4.84 1.81
C LYS F 424 -27.58 4.01 0.67
N LEU F 425 -26.39 4.40 0.21
CA LEU F 425 -25.64 3.67 -0.80
C LEU F 425 -24.51 2.90 -0.14
N PRO F 426 -24.31 1.62 -0.47
CA PRO F 426 -23.16 0.88 0.04
C PRO F 426 -21.85 1.38 -0.55
N ASP F 427 -20.76 1.24 0.22
CA ASP F 427 -19.45 1.70 -0.27
C ASP F 427 -19.03 0.93 -1.52
N ASP F 428 -19.31 -0.37 -1.55
CA ASP F 428 -18.97 -1.25 -2.66
C ASP F 428 -20.00 -1.21 -3.81
N PHE F 429 -20.86 -0.20 -3.83
CA PHE F 429 -21.92 -0.07 -4.83
C PHE F 429 -21.34 0.08 -6.23
N THR F 430 -21.88 -0.68 -7.18
CA THR F 430 -21.51 -0.55 -8.58
C THR F 430 -22.76 -0.17 -9.37
N GLY F 431 -22.66 0.94 -10.09
CA GLY F 431 -23.79 1.48 -10.81
C GLY F 431 -23.61 2.96 -11.04
N CYS F 432 -24.65 3.59 -11.58
CA CYS F 432 -24.62 4.99 -11.97
C CYS F 432 -25.71 5.79 -11.26
N VAL F 433 -25.32 6.91 -10.68
CA VAL F 433 -26.24 7.86 -10.05
C VAL F 433 -26.51 8.97 -11.06
N ILE F 434 -27.78 9.15 -11.41
CA ILE F 434 -28.19 10.15 -12.40
C ILE F 434 -29.08 11.18 -11.72
N ALA F 435 -28.70 12.46 -11.78
CA ALA F 435 -29.47 13.55 -11.20
C ALA F 435 -29.65 14.68 -12.20
N TRP F 436 -30.87 15.22 -12.28
CA TRP F 436 -31.15 16.37 -13.13
C TRP F 436 -32.09 17.32 -12.41
N ASN F 437 -31.94 18.61 -12.70
CA ASN F 437 -32.77 19.64 -12.09
C ASN F 437 -34.24 19.49 -12.50
N SER F 438 -35.12 19.51 -11.51
CA SER F 438 -36.55 19.35 -11.73
C SER F 438 -37.34 20.55 -11.22
N ASN F 439 -36.70 21.72 -11.18
CA ASN F 439 -37.33 22.93 -10.62
C ASN F 439 -38.62 23.29 -11.33
N ASN F 440 -38.65 23.20 -12.66
CA ASN F 440 -39.79 23.65 -13.45
C ASN F 440 -41.07 22.87 -13.13
N LEU F 441 -40.96 21.57 -12.90
CA LEU F 441 -42.15 20.76 -12.65
C LEU F 441 -42.40 20.44 -11.18
N ASP F 442 -41.36 20.34 -10.35
CA ASP F 442 -41.57 19.93 -8.96
C ASP F 442 -41.78 21.09 -8.00
N SER F 443 -41.57 22.34 -8.43
CA SER F 443 -41.74 23.50 -7.57
C SER F 443 -43.01 24.26 -7.96
N LYS F 444 -43.81 24.59 -6.95
CA LYS F 444 -45.01 25.39 -7.14
C LYS F 444 -45.02 26.52 -6.13
N VAL F 445 -45.77 27.58 -6.43
CA VAL F 445 -45.74 28.78 -5.59
C VAL F 445 -46.50 28.50 -4.30
N GLY F 446 -45.98 28.99 -3.18
CA GLY F 446 -46.55 28.69 -1.90
C GLY F 446 -45.95 27.44 -1.28
N GLY F 447 -45.00 26.82 -1.96
CA GLY F 447 -44.32 25.62 -1.53
C GLY F 447 -45.05 24.36 -1.96
N ASN F 448 -44.26 23.33 -2.28
CA ASN F 448 -44.80 22.03 -2.64
C ASN F 448 -44.54 21.09 -1.48
N TYR F 449 -45.60 20.54 -0.89
CA TYR F 449 -45.46 19.71 0.28
C TYR F 449 -45.24 18.23 -0.04
N ASN F 450 -45.46 17.83 -1.31
CA ASN F 450 -45.46 16.42 -1.70
C ASN F 450 -44.13 15.74 -1.43
N TYR F 451 -43.02 16.44 -1.64
CA TYR F 451 -41.70 15.86 -1.46
C TYR F 451 -41.30 16.00 0.00
N LEU F 452 -40.95 14.89 0.62
CA LEU F 452 -40.65 14.84 2.04
C LEU F 452 -39.30 14.16 2.28
N TYR F 453 -38.67 14.50 3.40
CA TYR F 453 -37.45 13.85 3.83
C TYR F 453 -37.52 13.63 5.33
N ARG F 454 -36.81 12.60 5.80
CA ARG F 454 -36.83 12.20 7.21
C ARG F 454 -35.79 13.02 7.97
N LEU F 455 -36.28 14.01 8.72
CA LEU F 455 -35.39 14.85 9.53
C LEU F 455 -34.76 14.07 10.68
N PHE F 456 -35.52 13.22 11.35
CA PHE F 456 -35.06 12.51 12.54
C PHE F 456 -35.26 11.01 12.42
N ARG F 457 -34.19 10.26 12.68
CA ARG F 457 -34.24 8.81 12.79
C ARG F 457 -33.31 8.39 13.91
N LYS F 458 -33.68 7.30 14.61
CA LYS F 458 -32.92 6.83 15.76
C LYS F 458 -31.51 6.38 15.38
N SER F 459 -31.35 5.68 14.25
CA SER F 459 -30.07 5.15 13.82
C SER F 459 -29.91 5.36 12.32
N ASN F 460 -28.67 5.34 11.86
CA ASN F 460 -28.38 5.45 10.44
C ASN F 460 -28.90 4.23 9.69
N LEU F 461 -29.47 4.48 8.51
CA LEU F 461 -30.06 3.41 7.73
C LEU F 461 -29.00 2.50 7.12
N LYS F 462 -29.34 1.21 7.03
CA LYS F 462 -28.51 0.23 6.36
C LYS F 462 -28.60 0.50 4.86
N PRO F 463 -27.59 0.11 4.06
CA PRO F 463 -27.66 0.37 2.61
C PRO F 463 -28.83 -0.35 1.94
N PHE F 464 -29.50 0.40 1.03
CA PHE F 464 -30.68 -0.04 0.27
C PHE F 464 -31.82 -0.45 1.19
N GLU F 465 -31.98 0.28 2.30
CA GLU F 465 -33.06 0.05 3.25
C GLU F 465 -33.95 1.28 3.30
N ARG F 466 -35.27 1.06 3.23
CA ARG F 466 -36.25 2.14 3.20
C ARG F 466 -37.11 2.08 4.46
N ASP F 467 -37.21 3.21 5.16
CA ASP F 467 -38.04 3.34 6.35
C ASP F 467 -39.20 4.30 6.04
N ILE F 468 -40.42 3.81 6.22
CA ILE F 468 -41.63 4.60 5.98
C ILE F 468 -42.36 4.94 7.26
N SER F 469 -41.76 4.65 8.43
CA SER F 469 -42.41 4.87 9.71
C SER F 469 -42.64 6.36 9.97
N THR F 470 -43.80 6.68 10.55
CA THR F 470 -44.16 8.05 10.89
C THR F 470 -44.17 8.28 12.40
N GLU F 471 -43.56 7.37 13.17
CA GLU F 471 -43.55 7.48 14.63
C GLU F 471 -42.80 8.72 15.10
N ILE F 472 -43.35 9.36 16.13
CA ILE F 472 -42.77 10.58 16.68
C ILE F 472 -41.40 10.29 17.28
N TYR F 473 -40.45 11.20 17.08
CA TYR F 473 -39.08 11.02 17.55
C TYR F 473 -38.93 11.56 18.96
N GLN F 474 -38.41 10.70 19.85
CA GLN F 474 -38.23 11.04 21.27
C GLN F 474 -36.86 11.65 21.50
N ALA F 475 -36.68 12.88 20.99
CA ALA F 475 -35.46 13.63 21.29
C ALA F 475 -35.41 13.99 22.77
N GLY F 476 -36.54 14.39 23.34
CA GLY F 476 -36.61 14.72 24.74
C GLY F 476 -36.58 13.49 25.63
N SER F 477 -36.19 13.73 26.89
CA SER F 477 -36.15 12.66 27.88
C SER F 477 -37.54 12.09 28.16
N THR F 478 -38.56 12.97 28.20
CA THR F 478 -39.92 12.53 28.38
C THR F 478 -40.39 11.76 27.12
N PRO F 479 -41.08 10.64 27.28
CA PRO F 479 -41.62 9.94 26.11
C PRO F 479 -42.70 10.73 25.40
N CYS F 480 -42.68 10.65 24.07
CA CYS F 480 -43.65 11.37 23.24
C CYS F 480 -45.06 10.85 23.45
N ASN F 481 -45.22 9.53 23.59
CA ASN F 481 -46.48 8.80 23.80
C ASN F 481 -47.37 8.85 22.56
N GLY F 482 -46.78 9.06 21.39
CA GLY F 482 -47.51 9.09 20.14
C GLY F 482 -48.18 10.41 19.82
N VAL F 483 -47.89 11.46 20.58
CA VAL F 483 -48.47 12.78 20.38
C VAL F 483 -47.33 13.79 20.44
N GLU F 484 -47.53 14.94 19.78
CA GLU F 484 -46.54 16.01 19.80
C GLU F 484 -46.35 16.54 21.22
N GLY F 485 -45.10 16.82 21.57
CA GLY F 485 -44.73 17.27 22.90
C GLY F 485 -43.47 18.09 22.81
N PHE F 486 -43.02 18.58 23.97
CA PHE F 486 -41.74 19.28 24.05
C PHE F 486 -40.62 18.34 23.62
N ASN F 487 -39.83 18.80 22.64
CA ASN F 487 -38.71 18.05 22.04
C ASN F 487 -39.19 16.74 21.40
N CYS F 488 -40.44 16.71 20.96
CA CYS F 488 -41.03 15.59 20.25
C CYS F 488 -41.49 16.11 18.89
N TYR F 489 -41.02 15.49 17.82
CA TYR F 489 -41.26 16.00 16.48
C TYR F 489 -41.67 14.90 15.53
N PHE F 490 -42.47 15.27 14.54
CA PHE F 490 -42.80 14.35 13.47
C PHE F 490 -41.53 14.06 12.67
N PRO F 491 -41.28 12.80 12.30
CA PRO F 491 -40.00 12.45 11.64
C PRO F 491 -39.78 13.09 10.29
N LEU F 492 -40.81 13.24 9.48
CA LEU F 492 -40.67 13.72 8.10
C LEU F 492 -40.95 15.22 8.02
N GLN F 493 -40.04 15.95 7.39
CA GLN F 493 -40.19 17.38 7.17
C GLN F 493 -40.24 17.65 5.67
N SER F 494 -41.21 18.43 5.24
CA SER F 494 -41.38 18.74 3.83
C SER F 494 -40.32 19.69 3.31
N TYR F 495 -39.84 19.44 2.11
CA TYR F 495 -38.97 20.39 1.45
C TYR F 495 -39.79 21.61 1.04
N GLY F 496 -39.22 22.80 1.19
CA GLY F 496 -39.91 23.95 0.67
C GLY F 496 -39.45 24.16 -0.75
N PHE F 497 -40.31 23.89 -1.73
CA PHE F 497 -39.94 23.97 -3.13
C PHE F 497 -40.69 25.14 -3.74
N GLN F 498 -39.93 26.10 -4.27
CA GLN F 498 -40.50 27.30 -4.85
C GLN F 498 -39.80 27.57 -6.18
N PRO F 499 -40.49 28.21 -7.13
CA PRO F 499 -39.82 28.56 -8.40
C PRO F 499 -38.65 29.52 -8.25
N THR F 500 -38.79 30.53 -7.38
CA THR F 500 -37.75 31.53 -7.19
C THR F 500 -36.61 31.05 -6.30
N ASN F 501 -36.78 29.90 -5.64
CA ASN F 501 -35.80 29.31 -4.73
C ASN F 501 -34.43 29.15 -5.40
N GLY F 502 -33.38 29.29 -4.59
CA GLY F 502 -32.02 29.17 -5.10
C GLY F 502 -31.71 27.78 -5.63
N VAL F 503 -30.70 27.74 -6.51
CA VAL F 503 -30.33 26.52 -7.24
C VAL F 503 -29.93 25.39 -6.26
N GLY F 504 -29.26 25.74 -5.16
CA GLY F 504 -28.93 24.76 -4.14
C GLY F 504 -30.17 24.15 -3.51
N TYR F 505 -31.22 24.95 -3.35
CA TYR F 505 -32.46 24.51 -2.72
C TYR F 505 -33.52 24.07 -3.73
N GLN F 506 -33.19 24.07 -5.02
CA GLN F 506 -34.12 23.62 -6.05
C GLN F 506 -34.28 22.09 -6.03
N PRO F 507 -35.46 21.58 -6.41
CA PRO F 507 -35.64 20.11 -6.49
C PRO F 507 -34.83 19.49 -7.61
N TYR F 508 -34.29 18.31 -7.35
CA TYR F 508 -33.54 17.53 -8.33
C TYR F 508 -34.09 16.12 -8.40
N ARG F 509 -34.42 15.67 -9.61
CA ARG F 509 -34.88 14.30 -9.80
C ARG F 509 -33.66 13.39 -9.91
N VAL F 510 -33.63 12.33 -9.11
CA VAL F 510 -32.48 11.44 -9.04
C VAL F 510 -32.91 10.02 -9.35
N VAL F 511 -32.20 9.38 -10.28
CA VAL F 511 -32.39 7.96 -10.59
C VAL F 511 -31.06 7.26 -10.33
N VAL F 512 -31.09 6.24 -9.49
CA VAL F 512 -29.92 5.43 -9.16
C VAL F 512 -30.08 4.06 -9.80
N LEU F 513 -29.12 3.68 -10.64
CA LEU F 513 -29.14 2.38 -11.31
C LEU F 513 -28.15 1.44 -10.63
N SER F 514 -28.61 0.23 -10.30
CA SER F 514 -27.76 -0.78 -9.68
C SER F 514 -27.46 -1.88 -10.69
N PHE F 515 -26.18 -2.22 -10.85
CA PHE F 515 -25.75 -3.21 -11.83
C PHE F 515 -25.13 -4.41 -11.13
N GLU F 516 -25.52 -5.61 -11.55
CA GLU F 516 -25.05 -6.85 -10.93
C GLU F 516 -24.11 -7.57 -11.89
N LEU F 517 -22.92 -7.91 -11.41
CA LEU F 517 -21.92 -8.66 -12.17
C LEU F 517 -21.83 -10.07 -11.58
N LEU F 518 -22.41 -11.05 -12.27
CA LEU F 518 -22.45 -12.41 -11.75
C LEU F 518 -22.34 -13.42 -12.88
N HIS F 519 -22.23 -14.69 -12.49
CA HIS F 519 -22.18 -15.84 -13.39
C HIS F 519 -23.56 -16.37 -13.74
N ALA F 520 -24.61 -15.63 -13.40
CA ALA F 520 -26.03 -15.90 -13.58
C ALA F 520 -26.41 -15.73 -15.07
N PRO F 521 -27.68 -15.89 -15.53
CA PRO F 521 -27.94 -15.76 -16.97
C PRO F 521 -27.63 -14.39 -17.58
N ALA F 522 -27.57 -13.32 -16.77
CA ALA F 522 -27.20 -11.96 -17.22
C ALA F 522 -28.12 -11.45 -18.33
N THR F 523 -29.42 -11.48 -18.06
CA THR F 523 -30.43 -11.10 -19.05
C THR F 523 -30.29 -9.67 -19.55
N VAL F 524 -29.93 -8.73 -18.69
CA VAL F 524 -29.88 -7.32 -19.11
C VAL F 524 -28.55 -7.02 -19.80
N CYS F 525 -28.46 -7.35 -21.10
CA CYS F 525 -27.22 -7.13 -21.85
C CYS F 525 -27.10 -5.78 -22.54
N GLY F 526 -28.20 -5.25 -23.08
CA GLY F 526 -28.14 -4.00 -23.83
C GLY F 526 -27.16 -3.88 -24.98
N LYS F 528 -24.25 -4.93 -27.71
CA LYS F 528 -23.52 -5.37 -28.89
C LYS F 528 -24.38 -6.27 -29.77
N LYS F 529 -23.91 -6.49 -31.00
CA LYS F 529 -24.60 -7.34 -31.96
C LYS F 529 -23.91 -8.69 -32.02
N SER F 530 -24.69 -9.76 -31.91
CA SER F 530 -24.14 -11.11 -31.92
C SER F 530 -23.58 -11.48 -33.29
N THR F 531 -22.56 -12.33 -33.27
CA THR F 531 -21.87 -12.78 -34.47
C THR F 531 -21.80 -14.30 -34.42
N ASN F 532 -21.65 -14.92 -35.58
CA ASN F 532 -21.63 -16.38 -35.69
C ASN F 532 -20.46 -16.98 -34.91
N LEU F 533 -20.72 -18.08 -34.21
CA LEU F 533 -19.70 -18.76 -33.43
C LEU F 533 -18.59 -19.29 -34.32
N VAL F 534 -17.35 -19.07 -33.89
CA VAL F 534 -16.17 -19.53 -34.62
C VAL F 534 -15.41 -20.48 -33.71
N LYS F 535 -15.10 -21.68 -34.23
CA LYS F 535 -14.49 -22.74 -33.44
C LYS F 535 -13.30 -23.33 -34.19
N ASN F 536 -12.34 -23.85 -33.41
CA ASN F 536 -11.10 -24.56 -33.74
C ASN F 536 -9.97 -23.61 -34.13
N LYS F 537 -10.19 -22.30 -34.10
CA LYS F 537 -9.16 -21.32 -34.36
C LYS F 537 -9.22 -20.24 -33.29
N CYS F 538 -8.05 -19.72 -32.92
CA CYS F 538 -7.94 -18.73 -31.86
C CYS F 538 -8.66 -17.44 -32.24
N VAL F 539 -9.56 -16.98 -31.36
CA VAL F 539 -10.42 -15.82 -31.60
C VAL F 539 -10.72 -15.11 -30.28
N ASN F 540 -10.87 -13.80 -30.38
CA ASN F 540 -11.37 -13.00 -29.26
C ASN F 540 -12.86 -13.28 -29.11
N PHE F 541 -13.33 -13.40 -27.87
CA PHE F 541 -14.73 -13.75 -27.67
C PHE F 541 -15.34 -12.92 -26.55
N ASN F 542 -16.62 -12.60 -26.71
CA ASN F 542 -17.40 -11.95 -25.67
C ASN F 542 -18.65 -12.79 -25.48
N PHE F 543 -18.81 -13.38 -24.29
CA PHE F 543 -20.00 -14.16 -23.94
C PHE F 543 -20.64 -13.52 -22.73
N ASN F 544 -21.82 -12.92 -22.93
CA ASN F 544 -22.61 -12.26 -21.88
C ASN F 544 -21.78 -11.21 -21.10
N GLY F 545 -20.98 -10.45 -21.83
CA GLY F 545 -20.15 -9.43 -21.23
C GLY F 545 -18.84 -9.93 -20.66
N LEU F 546 -18.51 -11.20 -20.85
CA LEU F 546 -17.26 -11.78 -20.38
C LEU F 546 -16.30 -11.85 -21.57
N THR F 547 -15.13 -11.24 -21.44
CA THR F 547 -14.19 -11.11 -22.55
C THR F 547 -12.99 -12.02 -22.32
N GLY F 548 -12.63 -12.78 -23.36
CA GLY F 548 -11.47 -13.65 -23.31
C GLY F 548 -10.98 -13.94 -24.70
N THR F 549 -9.73 -14.35 -24.79
CA THR F 549 -9.12 -14.78 -26.06
C THR F 549 -8.71 -16.24 -25.92
N GLY F 550 -9.34 -17.10 -26.69
CA GLY F 550 -8.99 -18.51 -26.68
C GLY F 550 -9.65 -19.25 -27.83
N VAL F 551 -9.11 -20.45 -28.08
CA VAL F 551 -9.74 -21.35 -29.05
C VAL F 551 -11.02 -21.89 -28.46
N LEU F 552 -12.06 -22.03 -29.29
CA LEU F 552 -13.33 -22.59 -28.87
C LEU F 552 -13.49 -23.97 -29.48
N THR F 553 -13.84 -24.95 -28.65
CA THR F 553 -14.00 -26.34 -29.07
C THR F 553 -15.25 -26.92 -28.41
N GLU F 554 -15.73 -28.03 -28.98
CA GLU F 554 -16.83 -28.75 -28.36
C GLU F 554 -16.42 -29.29 -27.00
N SER F 555 -17.32 -29.18 -26.04
CA SER F 555 -17.02 -29.50 -24.65
C SER F 555 -17.57 -30.87 -24.25
N ASN F 556 -16.67 -31.79 -23.93
CA ASN F 556 -17.07 -33.13 -23.48
C ASN F 556 -17.72 -33.10 -22.09
N LYS F 557 -17.22 -32.26 -21.18
CA LYS F 557 -17.68 -32.24 -19.80
C LYS F 557 -19.16 -31.86 -19.67
N LYS F 558 -19.88 -32.62 -18.86
CA LYS F 558 -21.31 -32.41 -18.65
C LYS F 558 -21.59 -31.22 -17.74
N PHE F 559 -22.60 -30.44 -18.11
CA PHE F 559 -23.06 -29.31 -17.32
C PHE F 559 -24.52 -29.53 -16.95
N LEU F 560 -24.85 -29.35 -15.67
CA LEU F 560 -26.24 -29.39 -15.26
C LEU F 560 -26.94 -28.13 -15.80
N PRO F 561 -28.29 -28.12 -15.92
CA PRO F 561 -28.98 -26.97 -16.55
C PRO F 561 -28.74 -25.61 -15.91
N PHE F 562 -28.67 -25.54 -14.57
CA PHE F 562 -28.37 -24.28 -13.91
C PHE F 562 -26.96 -23.79 -14.24
N GLN F 563 -26.01 -24.72 -14.35
CA GLN F 563 -24.60 -24.40 -14.56
C GLN F 563 -24.35 -23.74 -15.92
N GLN F 564 -23.64 -22.61 -15.90
CA GLN F 564 -23.36 -21.86 -17.12
C GLN F 564 -21.88 -21.69 -17.43
N PHE F 565 -21.00 -21.59 -16.43
CA PHE F 565 -19.59 -21.30 -16.66
C PHE F 565 -18.70 -22.33 -15.97
N GLY F 566 -17.75 -22.87 -16.72
CA GLY F 566 -16.74 -23.75 -16.14
C GLY F 566 -15.67 -22.97 -15.40
N ARG F 567 -15.04 -23.63 -14.42
CA ARG F 567 -14.05 -22.98 -13.56
C ARG F 567 -12.68 -23.61 -13.71
N ASP F 568 -11.68 -22.76 -13.88
CA ASP F 568 -10.28 -23.17 -13.88
C ASP F 568 -9.69 -22.87 -12.50
N ILE F 569 -8.45 -23.32 -12.31
CA ILE F 569 -7.77 -23.24 -11.02
C ILE F 569 -7.56 -21.79 -10.56
N ALA F 570 -7.23 -20.89 -11.49
CA ALA F 570 -6.84 -19.52 -11.11
C ALA F 570 -7.71 -18.46 -11.78
N ASP F 571 -8.94 -18.29 -11.27
CA ASP F 571 -9.89 -17.21 -11.59
C ASP F 571 -10.07 -16.94 -13.08
N THR F 572 -10.10 -18.01 -13.87
CA THR F 572 -10.38 -17.91 -15.29
C THR F 572 -11.41 -18.96 -15.67
N THR F 573 -12.14 -18.67 -16.74
CA THR F 573 -13.29 -19.47 -17.17
C THR F 573 -12.83 -20.59 -18.09
N ASP F 574 -12.90 -21.83 -17.59
CA ASP F 574 -12.52 -23.00 -18.39
C ASP F 574 -13.49 -23.24 -19.54
N ALA F 575 -14.79 -23.11 -19.29
CA ALA F 575 -15.80 -23.40 -20.30
C ALA F 575 -16.93 -22.40 -20.21
N VAL F 576 -17.61 -22.17 -21.34
CA VAL F 576 -18.77 -21.29 -21.41
C VAL F 576 -19.88 -21.96 -22.20
N ARG F 577 -21.11 -21.74 -21.78
CA ARG F 577 -22.27 -22.15 -22.55
C ARG F 577 -22.73 -20.95 -23.34
N ASP F 578 -22.96 -21.14 -24.65
CA ASP F 578 -23.35 -20.04 -25.52
C ASP F 578 -24.72 -19.54 -25.10
N PRO F 579 -24.92 -18.22 -25.01
CA PRO F 579 -26.25 -17.70 -24.64
C PRO F 579 -27.34 -17.95 -25.65
N GLN F 580 -27.06 -17.71 -26.94
CA GLN F 580 -28.08 -17.85 -27.98
C GLN F 580 -28.54 -19.30 -28.14
N THR F 581 -27.59 -20.24 -28.17
CA THR F 581 -27.88 -21.66 -28.29
C THR F 581 -27.16 -22.40 -27.15
N LEU F 582 -27.90 -23.25 -26.43
CA LEU F 582 -27.41 -23.80 -25.17
C LEU F 582 -26.53 -25.05 -25.39
N GLU F 583 -25.30 -24.82 -25.83
CA GLU F 583 -24.30 -25.89 -25.94
C GLU F 583 -23.01 -25.45 -25.25
N ILE F 584 -22.42 -26.37 -24.49
CA ILE F 584 -21.19 -26.09 -23.75
C ILE F 584 -20.02 -26.02 -24.71
N LEU F 585 -19.16 -25.01 -24.54
CA LEU F 585 -17.95 -24.87 -25.33
C LEU F 585 -16.74 -24.80 -24.41
N ASP F 586 -15.77 -25.70 -24.64
CA ASP F 586 -14.51 -25.64 -23.92
C ASP F 586 -13.66 -24.47 -24.42
N ILE F 587 -13.01 -23.79 -23.48
CA ILE F 587 -12.10 -22.70 -23.81
C ILE F 587 -10.69 -23.14 -23.50
N THR F 588 -9.82 -23.08 -24.50
CA THR F 588 -8.43 -23.38 -24.35
C THR F 588 -7.66 -22.13 -24.75
N PRO F 589 -6.68 -21.68 -23.97
CA PRO F 589 -5.85 -20.54 -24.38
C PRO F 589 -5.10 -20.86 -25.67
N CYS F 590 -4.98 -19.85 -26.53
CA CYS F 590 -4.32 -20.01 -27.82
C CYS F 590 -2.86 -20.40 -27.59
N SER F 591 -2.34 -21.24 -28.48
CA SER F 591 -1.03 -21.86 -28.30
C SER F 591 0.09 -20.84 -28.12
N PHE F 592 0.84 -21.00 -27.04
CA PHE F 592 2.00 -20.16 -26.74
C PHE F 592 3.14 -21.07 -26.33
N GLY F 593 4.31 -20.82 -26.89
CA GLY F 593 5.49 -21.55 -26.50
C GLY F 593 6.64 -20.61 -26.24
N GLY F 594 7.35 -20.81 -25.14
CA GLY F 594 8.56 -20.02 -24.91
C GLY F 594 9.59 -20.34 -25.98
N VAL F 595 10.30 -19.31 -26.43
CA VAL F 595 11.25 -19.44 -27.52
C VAL F 595 12.66 -19.22 -26.97
N SER F 596 13.55 -20.17 -27.24
CA SER F 596 14.95 -20.07 -26.87
C SER F 596 15.76 -20.03 -28.15
N VAL F 597 16.76 -19.15 -28.19
CA VAL F 597 17.65 -19.05 -29.33
C VAL F 597 18.98 -19.70 -28.95
N ILE F 598 19.35 -20.74 -29.69
CA ILE F 598 20.63 -21.42 -29.49
C ILE F 598 21.62 -20.77 -30.46
N THR F 599 22.62 -20.10 -29.91
CA THR F 599 23.55 -19.37 -30.73
C THR F 599 25.01 -19.69 -30.41
N PRO F 600 25.82 -19.97 -31.41
CA PRO F 600 27.27 -19.97 -31.20
C PRO F 600 27.72 -18.51 -31.11
N GLY F 601 28.96 -18.32 -30.67
CA GLY F 601 29.48 -16.97 -30.46
C GLY F 601 29.40 -16.13 -31.73
N THR F 602 29.03 -14.85 -31.55
CA THR F 602 28.81 -13.93 -32.68
C THR F 602 30.07 -13.76 -33.51
N ASN F 603 31.24 -13.76 -32.85
CA ASN F 603 32.50 -13.73 -33.57
C ASN F 603 32.66 -14.97 -34.46
N THR F 604 32.27 -16.14 -33.94
CA THR F 604 32.36 -17.38 -34.72
C THR F 604 31.37 -17.37 -35.89
N SER F 605 30.11 -17.03 -35.63
CA SER F 605 29.07 -17.07 -36.66
C SER F 605 27.84 -16.31 -36.21
N ASN F 606 27.01 -15.95 -37.18
CA ASN F 606 25.71 -15.34 -36.92
C ASN F 606 24.55 -16.30 -37.12
N GLN F 607 24.82 -17.54 -37.52
CA GLN F 607 23.78 -18.55 -37.65
C GLN F 607 23.22 -18.93 -36.28
N VAL F 608 21.91 -19.18 -36.22
CA VAL F 608 21.23 -19.48 -34.96
C VAL F 608 20.23 -20.59 -35.17
N ALA F 609 19.85 -21.22 -34.05
CA ALA F 609 18.82 -22.25 -34.01
C ALA F 609 17.80 -21.84 -32.96
N VAL F 610 16.56 -22.22 -33.18
CA VAL F 610 15.46 -21.79 -32.32
C VAL F 610 14.77 -23.01 -31.72
N LEU F 611 14.57 -23.00 -30.41
CA LEU F 611 13.83 -24.03 -29.69
C LEU F 611 12.54 -23.44 -29.15
N TYR F 612 11.42 -24.11 -29.43
CA TYR F 612 10.12 -23.76 -28.89
C TYR F 612 9.80 -24.74 -27.77
N GLN F 613 9.63 -24.24 -26.54
CA GLN F 613 9.48 -25.12 -25.39
C GLN F 613 8.10 -25.78 -25.35
N ASP F 614 8.10 -27.11 -25.21
CA ASP F 614 6.91 -27.96 -25.06
C ASP F 614 5.91 -27.76 -26.19
N VAL F 615 6.42 -27.63 -27.41
CA VAL F 615 5.60 -27.42 -28.60
C VAL F 615 5.95 -28.52 -29.59
N ASN F 616 4.92 -29.21 -30.09
CA ASN F 616 5.12 -30.19 -31.14
C ASN F 616 5.52 -29.50 -32.44
N CYS F 617 6.40 -30.15 -33.19
CA CYS F 617 6.95 -29.58 -34.42
C CYS F 617 5.88 -29.34 -35.48
N THR F 618 4.92 -30.25 -35.59
CA THR F 618 3.84 -30.11 -36.58
C THR F 618 2.97 -28.87 -36.34
N GLU F 619 2.74 -28.52 -35.06
CA GLU F 619 1.82 -27.44 -34.71
C GLU F 619 2.27 -26.09 -35.26
N VAL F 620 3.55 -25.77 -35.16
CA VAL F 620 4.03 -24.46 -35.59
C VAL F 620 4.88 -24.59 -36.85
N ASN F 641 15.11 -29.44 -41.54
CA ASN F 641 15.88 -28.75 -40.50
C ASN F 641 15.08 -28.72 -39.20
N VAL F 642 14.40 -29.83 -38.92
CA VAL F 642 13.47 -29.93 -37.80
C VAL F 642 13.81 -31.19 -37.00
N PHE F 643 14.01 -31.01 -35.69
CA PHE F 643 14.24 -32.13 -34.77
C PHE F 643 13.27 -31.99 -33.61
N GLN F 644 12.58 -33.08 -33.28
CA GLN F 644 11.68 -33.13 -32.13
C GLN F 644 12.44 -33.62 -30.90
N THR F 645 12.36 -32.86 -29.81
CA THR F 645 12.99 -33.19 -28.54
C THR F 645 11.94 -33.09 -27.45
N ARG F 646 12.23 -33.75 -26.32
CA ARG F 646 11.32 -33.66 -25.17
C ARG F 646 11.28 -32.23 -24.64
N ALA F 647 12.41 -31.52 -24.71
CA ALA F 647 12.46 -30.11 -24.35
C ALA F 647 11.55 -29.28 -25.25
N GLY F 648 11.53 -29.60 -26.53
CA GLY F 648 10.64 -28.93 -27.46
C GLY F 648 11.05 -29.17 -28.89
N CYS F 649 10.40 -28.44 -29.78
CA CYS F 649 10.72 -28.50 -31.21
C CYS F 649 11.91 -27.61 -31.53
N LEU F 650 12.90 -28.17 -32.23
CA LEU F 650 14.11 -27.46 -32.61
C LEU F 650 14.18 -27.22 -34.12
N ILE F 651 14.41 -25.97 -34.51
CA ILE F 651 14.48 -25.57 -35.92
C ILE F 651 15.79 -24.82 -36.13
N GLY F 652 16.46 -25.10 -37.24
CA GLY F 652 17.75 -24.53 -37.56
C GLY F 652 18.95 -25.33 -37.12
N ALA F 653 18.73 -26.49 -36.50
CA ALA F 653 19.80 -27.39 -36.12
C ALA F 653 19.59 -28.72 -36.84
N GLU F 654 20.65 -29.27 -37.42
CA GLU F 654 20.59 -30.53 -38.13
C GLU F 654 20.91 -31.66 -37.17
N HIS F 655 19.97 -32.59 -37.00
CA HIS F 655 20.19 -33.72 -36.12
C HIS F 655 21.30 -34.63 -36.64
N VAL F 656 22.19 -35.04 -35.74
CA VAL F 656 23.32 -35.91 -36.05
C VAL F 656 23.22 -37.14 -35.15
N ASN F 657 23.39 -38.33 -35.75
CA ASN F 657 23.36 -39.58 -34.99
C ASN F 657 24.51 -39.68 -34.00
N ASN F 658 25.70 -39.18 -34.38
CA ASN F 658 26.88 -39.27 -33.54
C ASN F 658 26.72 -38.51 -32.24
N SER F 659 27.29 -39.05 -31.16
CA SER F 659 27.19 -38.47 -29.83
C SER F 659 28.50 -37.79 -29.45
N TYR F 660 28.39 -36.58 -28.92
CA TYR F 660 29.53 -35.75 -28.54
C TYR F 660 29.31 -35.22 -27.14
N GLU F 661 30.39 -34.72 -26.54
CA GLU F 661 30.28 -34.03 -25.26
C GLU F 661 29.44 -32.77 -25.43
N CYS F 662 28.62 -32.48 -24.42
CA CYS F 662 27.68 -31.36 -24.50
C CYS F 662 28.42 -30.03 -24.62
N ASP F 663 28.01 -29.23 -25.60
CA ASP F 663 28.52 -27.88 -25.79
C ASP F 663 27.51 -26.82 -25.41
N ILE F 664 26.29 -26.89 -25.92
CA ILE F 664 25.20 -26.02 -25.51
C ILE F 664 24.05 -26.91 -25.06
N PRO F 665 23.55 -26.76 -23.83
CA PRO F 665 22.51 -27.67 -23.32
C PRO F 665 21.09 -27.29 -23.73
N ILE F 666 20.54 -28.05 -24.69
CA ILE F 666 19.14 -27.86 -25.05
C ILE F 666 18.22 -28.40 -23.96
N GLY F 667 18.57 -29.56 -23.40
CA GLY F 667 17.77 -30.22 -22.40
C GLY F 667 17.36 -31.62 -22.82
N ALA F 668 16.98 -32.44 -21.83
CA ALA F 668 16.50 -33.83 -22.02
C ALA F 668 17.49 -34.70 -22.79
N GLY F 669 18.77 -34.53 -22.51
CA GLY F 669 19.81 -35.32 -23.13
C GLY F 669 20.26 -34.85 -24.50
N ILE F 670 19.71 -33.75 -24.99
CA ILE F 670 20.00 -33.24 -26.32
C ILE F 670 20.84 -31.99 -26.16
N CYS F 671 21.94 -31.90 -26.91
CA CYS F 671 22.85 -30.79 -26.86
C CYS F 671 23.12 -30.28 -28.27
N ALA F 672 23.59 -29.04 -28.35
CA ALA F 672 23.86 -28.40 -29.63
C ALA F 672 25.30 -27.90 -29.67
N SER F 673 25.90 -27.98 -30.85
CA SER F 673 27.23 -27.45 -31.07
C SER F 673 27.33 -26.94 -32.50
N TYR F 674 28.24 -26.00 -32.71
CA TYR F 674 28.55 -25.51 -34.04
C TYR F 674 29.75 -26.30 -34.57
N GLN F 675 29.50 -27.20 -35.51
CA GLN F 675 30.52 -28.12 -36.01
C GLN F 675 30.55 -28.13 -37.53
N THR F 676 31.75 -28.24 -38.09
CA THR F 676 31.95 -28.36 -39.53
C THR F 676 31.42 -29.68 -40.06
N SER F 689 30.00 -24.17 -44.62
CA SER F 689 30.07 -25.59 -44.33
C SER F 689 29.67 -25.88 -42.89
N GLN F 690 30.03 -24.94 -42.01
CA GLN F 690 29.69 -25.06 -40.60
C GLN F 690 28.19 -24.92 -40.37
N SER F 691 27.64 -25.78 -39.50
CA SER F 691 26.23 -25.70 -39.16
C SER F 691 26.04 -26.12 -37.71
N ILE F 692 24.96 -25.63 -37.09
CA ILE F 692 24.58 -26.08 -35.76
C ILE F 692 24.04 -27.49 -35.86
N ILE F 693 24.48 -28.37 -34.97
CA ILE F 693 24.05 -29.77 -34.99
C ILE F 693 23.45 -30.13 -33.64
N ALA F 694 22.38 -30.90 -33.67
CA ALA F 694 21.72 -31.40 -32.47
C ALA F 694 22.04 -32.87 -32.30
N TYR F 695 22.54 -33.23 -31.12
CA TYR F 695 22.98 -34.60 -30.87
C TYR F 695 22.63 -35.01 -29.45
N THR F 696 22.53 -36.32 -29.25
CA THR F 696 22.42 -36.86 -27.90
C THR F 696 23.80 -36.74 -27.26
N MET F 697 23.86 -36.21 -26.04
CA MET F 697 25.16 -35.97 -25.41
C MET F 697 25.80 -37.29 -24.97
N SER F 698 27.07 -37.45 -25.30
CA SER F 698 27.82 -38.61 -24.84
C SER F 698 28.17 -38.46 -23.37
N LEU F 699 28.07 -39.57 -22.64
CA LEU F 699 28.43 -39.60 -21.24
C LEU F 699 29.89 -39.95 -21.01
N GLY F 700 30.63 -40.25 -22.08
CA GLY F 700 32.03 -40.61 -21.99
C GLY F 700 32.29 -41.92 -22.72
N ALA F 701 33.59 -42.22 -22.83
CA ALA F 701 34.03 -43.42 -23.53
C ALA F 701 33.70 -44.67 -22.72
N GLU F 702 33.24 -45.71 -23.41
CA GLU F 702 32.89 -46.96 -22.76
C GLU F 702 34.13 -47.84 -22.62
N ASN F 703 34.39 -48.28 -21.39
CA ASN F 703 35.52 -49.15 -21.08
C ASN F 703 35.03 -50.38 -20.35
N SER F 704 35.45 -51.56 -20.78
CA SER F 704 35.14 -52.79 -20.06
C SER F 704 36.40 -53.28 -19.36
N VAL F 705 36.34 -53.32 -18.03
CA VAL F 705 37.47 -53.79 -17.24
C VAL F 705 37.61 -55.30 -17.41
N ALA F 706 38.85 -55.79 -17.45
CA ALA F 706 39.12 -57.22 -17.61
C ALA F 706 39.07 -57.91 -16.24
N TYR F 707 37.86 -57.99 -15.69
CA TYR F 707 37.66 -58.61 -14.39
C TYR F 707 37.83 -60.13 -14.48
N SER F 708 38.47 -60.69 -13.45
CA SER F 708 38.75 -62.12 -13.33
C SER F 708 39.17 -62.41 -11.91
N ASN F 709 38.71 -63.56 -11.39
CA ASN F 709 39.04 -64.00 -10.04
C ASN F 709 40.55 -64.20 -9.85
N ASN F 710 41.23 -64.63 -10.89
CA ASN F 710 42.67 -64.87 -10.84
C ASN F 710 43.54 -63.69 -11.28
N SER F 711 42.96 -62.57 -11.69
CA SER F 711 43.73 -61.51 -12.34
C SER F 711 43.68 -60.17 -11.60
N ILE F 712 44.87 -59.61 -11.37
CA ILE F 712 45.02 -58.28 -10.81
C ILE F 712 45.86 -57.45 -11.79
N ALA F 713 45.68 -56.13 -11.74
CA ALA F 713 46.47 -55.18 -12.51
C ALA F 713 47.27 -54.34 -11.52
N ILE F 714 48.59 -54.33 -11.67
CA ILE F 714 49.49 -53.60 -10.80
C ILE F 714 50.19 -52.52 -11.62
N PRO F 715 50.19 -51.26 -11.18
CA PRO F 715 50.91 -50.22 -11.91
C PRO F 715 52.43 -50.35 -11.79
N THR F 716 53.12 -50.25 -12.91
CA THR F 716 54.57 -50.30 -12.94
C THR F 716 55.21 -48.91 -13.03
N ASN F 717 54.39 -47.86 -13.10
CA ASN F 717 54.90 -46.51 -13.25
C ASN F 717 53.91 -45.54 -12.63
N PHE F 718 54.33 -44.27 -12.59
CA PHE F 718 53.48 -43.22 -12.04
C PHE F 718 53.71 -41.92 -12.80
N THR F 719 52.72 -41.03 -12.71
CA THR F 719 52.82 -39.68 -13.22
C THR F 719 52.55 -38.70 -12.08
N ILE F 720 53.45 -37.75 -11.87
CA ILE F 720 53.19 -36.67 -10.92
C ILE F 720 52.30 -35.65 -11.63
N SER F 721 51.14 -35.37 -11.05
CA SER F 721 50.15 -34.50 -11.67
C SER F 721 49.91 -33.28 -10.79
N VAL F 722 49.87 -32.11 -11.41
CA VAL F 722 49.48 -30.88 -10.73
C VAL F 722 48.22 -30.37 -11.41
N THR F 723 47.16 -30.17 -10.61
CA THR F 723 45.88 -29.69 -11.11
C THR F 723 45.47 -28.47 -10.31
N THR F 724 44.66 -27.63 -10.94
CA THR F 724 44.26 -26.34 -10.40
C THR F 724 42.81 -26.38 -9.95
N GLU F 725 42.57 -25.98 -8.70
CA GLU F 725 41.21 -25.81 -8.20
C GLU F 725 41.05 -24.35 -7.79
N ILE F 726 40.07 -23.68 -8.38
CA ILE F 726 39.81 -22.26 -8.17
C ILE F 726 38.61 -22.13 -7.24
N LEU F 727 38.76 -21.39 -6.15
CA LEU F 727 37.67 -21.19 -5.20
C LEU F 727 37.41 -19.72 -4.91
N PRO F 728 36.17 -19.24 -5.04
CA PRO F 728 35.84 -17.88 -4.60
C PRO F 728 35.96 -17.75 -3.10
N VAL F 729 36.55 -16.63 -2.66
CA VAL F 729 36.78 -16.38 -1.25
C VAL F 729 35.99 -15.18 -0.76
N SER F 730 35.91 -14.12 -1.55
CA SER F 730 35.28 -12.89 -1.10
C SER F 730 34.67 -12.16 -2.29
N MET F 731 33.79 -11.23 -1.97
CA MET F 731 33.18 -10.36 -2.97
C MET F 731 33.47 -8.92 -2.58
N THR F 732 33.28 -8.04 -3.57
CA THR F 732 33.48 -6.61 -3.38
C THR F 732 32.52 -6.10 -2.31
N LYS F 733 33.04 -5.30 -1.37
CA LYS F 733 32.21 -4.79 -0.29
C LYS F 733 31.52 -3.53 -0.76
N THR F 734 30.21 -3.56 -0.82
CA THR F 734 29.42 -2.47 -1.35
C THR F 734 28.54 -1.92 -0.24
N SER F 735 28.58 -0.60 -0.07
CA SER F 735 27.72 0.10 0.87
C SER F 735 26.78 0.98 0.07
N VAL F 736 25.49 0.83 0.31
CA VAL F 736 24.49 1.68 -0.32
C VAL F 736 23.79 2.44 0.79
N ASP F 737 23.85 3.77 0.71
CA ASP F 737 23.07 4.61 1.61
C ASP F 737 21.67 4.71 1.01
N CYS F 738 20.67 4.23 1.77
CA CYS F 738 19.30 4.18 1.27
C CYS F 738 18.76 5.58 1.01
N THR F 739 19.06 6.50 1.92
CA THR F 739 18.51 7.87 1.85
C THR F 739 19.00 8.57 0.58
N MET F 740 20.28 8.48 0.27
CA MET F 740 20.82 9.11 -0.93
C MET F 740 20.25 8.48 -2.20
N TYR F 741 20.14 7.15 -2.22
CA TYR F 741 19.64 6.45 -3.41
C TYR F 741 18.17 6.77 -3.66
N ILE F 742 17.34 6.67 -2.62
CA ILE F 742 15.92 6.93 -2.75
C ILE F 742 15.63 8.42 -2.88
N CYS F 743 16.29 9.25 -2.06
CA CYS F 743 16.00 10.68 -1.97
C CYS F 743 17.30 11.48 -2.03
N GLY F 744 17.82 11.67 -3.23
CA GLY F 744 19.09 12.37 -3.33
C GLY F 744 18.95 13.86 -3.16
N ASP F 745 19.48 14.39 -2.04
CA ASP F 745 19.52 15.83 -1.74
C ASP F 745 18.13 16.48 -1.68
N SER F 746 17.12 15.72 -1.27
CA SER F 746 15.76 16.24 -1.11
C SER F 746 15.30 16.04 0.33
N THR F 747 15.04 17.14 1.02
CA THR F 747 14.54 17.10 2.40
C THR F 747 13.13 16.53 2.46
N GLU F 748 12.28 16.90 1.50
CA GLU F 748 10.88 16.44 1.49
C GLU F 748 10.78 14.93 1.35
N CYS F 749 11.57 14.37 0.43
CA CYS F 749 11.62 12.93 0.25
C CYS F 749 12.16 12.24 1.50
N SER F 750 13.17 12.84 2.14
CA SER F 750 13.74 12.29 3.38
C SER F 750 12.70 12.25 4.49
N ASN F 751 11.92 13.32 4.64
CA ASN F 751 10.87 13.37 5.66
C ASN F 751 9.79 12.33 5.38
N LEU F 752 9.42 12.15 4.11
CA LEU F 752 8.49 11.07 3.78
C LEU F 752 9.09 9.70 4.07
N LEU F 753 10.38 9.53 3.79
CA LEU F 753 11.08 8.27 4.05
C LEU F 753 11.09 7.91 5.54
N LEU F 754 11.12 8.94 6.41
CA LEU F 754 11.09 8.71 7.85
C LEU F 754 9.84 7.95 8.31
N GLN F 755 8.72 8.15 7.62
CA GLN F 755 7.46 7.49 7.99
C GLN F 755 7.55 5.98 7.91
N TYR F 756 8.30 5.45 6.94
CA TYR F 756 8.51 4.00 6.83
C TYR F 756 9.27 3.45 8.03
N GLY F 757 10.21 4.22 8.57
CA GLY F 757 10.85 3.86 9.81
C GLY F 757 12.25 3.27 9.77
N SER F 758 12.37 2.00 10.11
CA SER F 758 13.66 1.35 10.31
C SER F 758 14.19 0.63 9.09
N PHE F 759 13.55 0.77 7.93
CA PHE F 759 13.96 0.05 6.71
C PHE F 759 15.39 0.37 6.32
N CYS F 760 15.77 1.65 6.40
CA CYS F 760 17.16 2.06 6.12
C CYS F 760 18.16 1.46 7.08
N THR F 761 17.85 1.44 8.37
CA THR F 761 18.80 0.93 9.35
C THR F 761 19.07 -0.55 9.14
N GLN F 762 18.02 -1.34 8.88
CA GLN F 762 18.22 -2.77 8.63
C GLN F 762 18.90 -3.03 7.29
N LEU F 763 18.59 -2.25 6.25
CA LEU F 763 19.27 -2.45 4.96
C LEU F 763 20.76 -2.13 5.06
N ASN F 764 21.11 -1.00 5.71
CA ASN F 764 22.51 -0.66 5.92
C ASN F 764 23.20 -1.67 6.81
N ARG F 765 22.51 -2.16 7.85
CA ARG F 765 23.08 -3.16 8.75
C ARG F 765 23.36 -4.46 8.01
N ALA F 766 22.45 -4.89 7.12
CA ALA F 766 22.64 -6.10 6.34
C ALA F 766 23.84 -5.97 5.41
N LEU F 767 23.96 -4.83 4.71
CA LEU F 767 25.10 -4.62 3.82
C LEU F 767 26.42 -4.54 4.60
N THR F 768 26.41 -3.86 5.76
CA THR F 768 27.59 -3.78 6.62
C THR F 768 27.99 -5.16 7.14
N GLY F 769 27.00 -6.00 7.48
CA GLY F 769 27.28 -7.36 7.89
C GLY F 769 27.94 -8.17 6.79
N ILE F 770 27.47 -8.01 5.55
CA ILE F 770 28.10 -8.68 4.40
C ILE F 770 29.53 -8.20 4.23
N ALA F 771 29.76 -6.89 4.37
CA ALA F 771 31.09 -6.33 4.21
C ALA F 771 32.07 -6.84 5.27
N VAL F 772 31.61 -6.94 6.53
CA VAL F 772 32.43 -7.49 7.60
C VAL F 772 32.72 -8.97 7.33
N GLU F 773 31.72 -9.68 6.80
CA GLU F 773 31.84 -11.10 6.50
C GLU F 773 32.90 -11.36 5.43
N GLN F 774 33.05 -10.45 4.45
CA GLN F 774 34.05 -10.65 3.39
C GLN F 774 35.47 -10.64 3.95
N ASP F 775 35.78 -9.71 4.85
CA ASP F 775 37.08 -9.68 5.51
C ASP F 775 37.27 -10.89 6.40
N LYS F 776 36.21 -11.32 7.11
CA LYS F 776 36.32 -12.52 7.95
C LYS F 776 36.61 -13.75 7.09
N ASN F 777 36.00 -13.84 5.91
CA ASN F 777 36.23 -14.93 4.96
C ASN F 777 37.68 -14.97 4.52
N THR F 778 38.22 -13.79 4.19
CA THR F 778 39.61 -13.70 3.75
C THR F 778 40.58 -14.10 4.85
N GLN F 779 40.31 -13.66 6.10
CA GLN F 779 41.17 -14.05 7.23
C GLN F 779 41.12 -15.55 7.46
N GLU F 780 39.92 -16.15 7.39
CA GLU F 780 39.79 -17.58 7.62
C GLU F 780 40.52 -18.39 6.56
N VAL F 781 40.48 -17.97 5.30
CA VAL F 781 41.20 -18.71 4.26
C VAL F 781 42.73 -18.51 4.38
N PHE F 782 43.20 -17.27 4.53
CA PHE F 782 44.63 -17.02 4.38
C PHE F 782 45.43 -16.75 5.65
N ALA F 783 44.79 -16.37 6.76
CA ALA F 783 45.53 -15.97 7.96
C ALA F 783 45.65 -17.09 8.99
N GLN F 784 45.64 -18.35 8.52
CA GLN F 784 45.71 -19.50 9.41
C GLN F 784 47.01 -19.54 10.22
N VAL F 785 48.13 -19.20 9.60
CA VAL F 785 49.44 -19.31 10.25
C VAL F 785 49.88 -17.93 10.75
N LYS F 786 50.17 -17.85 12.05
CA LYS F 786 50.60 -16.58 12.64
C LYS F 786 51.99 -16.16 12.17
N GLN F 787 52.95 -17.09 12.12
CA GLN F 787 54.30 -16.75 11.72
C GLN F 787 54.43 -16.61 10.21
N ILE F 788 55.21 -15.63 9.78
CA ILE F 788 55.50 -15.41 8.37
C ILE F 788 56.78 -16.17 8.04
N TYR F 789 56.62 -17.35 7.44
CA TYR F 789 57.76 -18.16 7.05
C TYR F 789 58.41 -17.65 5.77
N LYS F 790 59.73 -17.74 5.71
CA LYS F 790 60.50 -17.37 4.54
C LYS F 790 61.33 -18.55 4.07
N THR F 791 61.44 -18.72 2.75
CA THR F 791 62.21 -19.81 2.18
C THR F 791 63.70 -19.57 2.37
N PRO F 792 64.51 -20.64 2.41
CA PRO F 792 65.95 -20.45 2.52
C PRO F 792 66.50 -19.78 1.27
N PRO F 793 67.55 -18.96 1.41
CA PRO F 793 68.10 -18.23 0.26
C PRO F 793 68.60 -19.09 -0.89
N ILE F 794 69.24 -20.22 -0.59
CA ILE F 794 69.63 -21.17 -1.63
C ILE F 794 68.47 -22.13 -1.89
N LYS F 795 67.99 -22.15 -3.13
CA LYS F 795 66.83 -22.96 -3.49
C LYS F 795 67.27 -24.36 -3.91
N ASP F 796 67.81 -25.09 -2.94
CA ASP F 796 68.23 -26.47 -3.15
C ASP F 796 67.22 -27.38 -2.46
N PHE F 797 66.41 -28.07 -3.23
CA PHE F 797 65.36 -28.93 -2.70
C PHE F 797 65.39 -30.31 -3.37
N GLY F 798 66.59 -30.80 -3.65
CA GLY F 798 66.77 -32.09 -4.31
C GLY F 798 66.24 -32.15 -5.73
N GLY F 799 66.35 -31.05 -6.47
CA GLY F 799 65.90 -30.98 -7.84
C GLY F 799 64.48 -30.47 -8.02
N PHE F 800 63.74 -30.29 -6.93
CA PHE F 800 62.39 -29.74 -7.01
C PHE F 800 62.48 -28.23 -7.13
N ASN F 801 61.83 -27.68 -8.15
CA ASN F 801 61.88 -26.26 -8.45
C ASN F 801 60.52 -25.62 -8.19
N PHE F 802 60.48 -24.63 -7.31
CA PHE F 802 59.26 -23.94 -6.95
C PHE F 802 59.24 -22.48 -7.38
N SER F 803 60.08 -22.10 -8.36
CA SER F 803 60.27 -20.69 -8.72
C SER F 803 58.98 -20.01 -9.19
N GLN F 804 58.15 -20.73 -9.95
CA GLN F 804 56.91 -20.15 -10.45
C GLN F 804 55.92 -19.85 -9.33
N ILE F 805 55.77 -20.75 -8.36
CA ILE F 805 54.88 -20.50 -7.23
C ILE F 805 55.53 -19.59 -6.17
N LEU F 806 56.86 -19.57 -6.07
CA LEU F 806 57.51 -18.75 -5.05
C LEU F 806 57.50 -17.27 -5.46
N PRO F 807 57.52 -16.35 -4.49
CA PRO F 807 57.51 -14.91 -4.83
C PRO F 807 58.73 -14.48 -5.62
N ASP F 808 58.51 -13.61 -6.60
CA ASP F 808 59.59 -13.16 -7.47
C ASP F 808 60.10 -11.81 -6.99
N PRO F 809 61.36 -11.71 -6.59
CA PRO F 809 61.88 -10.43 -6.06
C PRO F 809 61.94 -9.29 -7.05
N SER F 810 62.26 -9.58 -8.33
CA SER F 810 62.49 -8.54 -9.34
C SER F 810 61.25 -7.67 -9.58
N LYS F 811 60.07 -8.29 -9.61
CA LYS F 811 58.83 -7.54 -9.79
C LYS F 811 58.58 -6.65 -8.57
N PRO F 812 57.98 -5.46 -8.77
CA PRO F 812 57.72 -4.55 -7.63
C PRO F 812 56.84 -5.16 -6.56
N SER F 813 55.77 -5.84 -6.94
CA SER F 813 55.00 -6.62 -6.00
C SER F 813 55.77 -7.90 -5.71
N LYS F 814 55.78 -8.32 -4.44
CA LYS F 814 56.42 -9.60 -4.07
C LYS F 814 55.42 -10.72 -4.34
N ARG F 815 55.12 -10.90 -5.63
CA ARG F 815 54.10 -11.81 -6.08
C ARG F 815 54.73 -12.85 -6.99
N SER F 816 54.24 -14.08 -6.93
CA SER F 816 54.76 -15.15 -7.77
C SER F 816 54.35 -14.96 -9.22
N PRO F 817 55.11 -15.59 -10.12
CA PRO F 817 54.86 -15.51 -11.55
C PRO F 817 53.49 -16.05 -11.92
N ILE F 818 53.12 -17.19 -11.34
CA ILE F 818 51.79 -17.76 -11.56
C ILE F 818 50.71 -16.85 -11.00
N GLU F 819 50.95 -16.28 -9.80
CA GLU F 819 50.01 -15.33 -9.21
C GLU F 819 49.89 -14.07 -10.04
N ASP F 820 51.00 -13.58 -10.63
CA ASP F 820 50.92 -12.44 -11.52
C ASP F 820 50.05 -12.73 -12.74
N LEU F 821 50.17 -13.95 -13.30
CA LEU F 821 49.28 -14.35 -14.39
C LEU F 821 47.83 -14.35 -13.93
N LEU F 822 47.58 -14.91 -12.73
CA LEU F 822 46.23 -14.98 -12.17
C LEU F 822 45.62 -13.59 -12.00
N PHE F 823 46.40 -12.64 -11.46
CA PHE F 823 45.93 -11.28 -11.27
C PHE F 823 45.66 -10.57 -12.60
N ASN F 824 46.49 -10.82 -13.61
CA ASN F 824 46.21 -10.24 -14.94
C ASN F 824 44.92 -10.80 -15.53
N LYS F 825 44.64 -12.09 -15.29
CA LYS F 825 43.52 -12.78 -15.91
C LYS F 825 42.16 -12.42 -15.36
N VAL F 826 42.07 -11.76 -14.20
CA VAL F 826 40.79 -11.29 -13.69
C VAL F 826 40.59 -9.85 -14.14
N THR F 827 39.40 -9.54 -14.66
CA THR F 827 39.11 -8.21 -15.19
C THR F 827 37.87 -7.60 -14.55
N LYS F 854 27.81 4.66 -7.79
CA LYS F 854 28.67 5.77 -8.18
C LYS F 854 28.30 7.00 -7.35
N PHE F 855 27.47 7.88 -7.92
CA PHE F 855 27.04 9.10 -7.26
C PHE F 855 25.66 8.99 -6.65
N ASN F 856 25.11 7.78 -6.56
CA ASN F 856 23.78 7.54 -6.03
C ASN F 856 23.82 6.99 -4.61
N GLY F 857 24.90 7.22 -3.88
CA GLY F 857 25.07 6.66 -2.56
C GLY F 857 25.69 5.29 -2.56
N LEU F 858 26.15 4.82 -3.71
CA LEU F 858 26.81 3.53 -3.85
C LEU F 858 28.31 3.73 -3.69
N THR F 859 28.91 3.01 -2.75
CA THR F 859 30.35 3.10 -2.49
C THR F 859 30.93 1.71 -2.39
N VAL F 860 32.22 1.60 -2.68
CA VAL F 860 32.96 0.36 -2.57
C VAL F 860 33.96 0.52 -1.43
N LEU F 861 33.85 -0.35 -0.43
CA LEU F 861 34.81 -0.32 0.66
C LEU F 861 36.03 -1.16 0.30
N PRO F 862 37.23 -0.63 0.48
CA PRO F 862 38.45 -1.42 0.22
C PRO F 862 38.56 -2.59 1.18
N PRO F 863 39.03 -3.74 0.71
CA PRO F 863 39.27 -4.88 1.61
C PRO F 863 40.33 -4.56 2.64
N LEU F 864 40.15 -5.13 3.84
CA LEU F 864 41.06 -4.89 4.96
C LEU F 864 42.47 -5.38 4.62
N LEU F 865 42.57 -6.54 4.00
CA LEU F 865 43.86 -7.12 3.66
C LEU F 865 44.15 -6.78 2.21
N THR F 866 45.33 -6.20 1.97
CA THR F 866 45.71 -5.89 0.60
C THR F 866 46.10 -7.15 -0.16
N ASP F 867 46.15 -7.03 -1.49
CA ASP F 867 46.57 -8.14 -2.33
C ASP F 867 48.00 -8.54 -2.03
N GLU F 868 48.85 -7.55 -1.73
CA GLU F 868 50.23 -7.82 -1.33
C GLU F 868 50.27 -8.59 -0.02
N MET F 869 49.39 -8.24 0.93
CA MET F 869 49.30 -8.93 2.20
C MET F 869 48.84 -10.38 2.02
N ILE F 870 47.88 -10.60 1.11
CA ILE F 870 47.41 -11.94 0.79
C ILE F 870 48.55 -12.76 0.18
N ALA F 871 49.35 -12.12 -0.68
CA ALA F 871 50.52 -12.77 -1.26
C ALA F 871 51.55 -13.13 -0.19
N GLN F 872 51.72 -12.26 0.83
CA GLN F 872 52.60 -12.59 1.94
C GLN F 872 52.09 -13.79 2.77
N TYR F 873 50.77 -13.88 3.00
CA TYR F 873 50.19 -15.07 3.62
C TYR F 873 50.42 -16.34 2.79
N THR F 874 50.18 -16.27 1.46
CA THR F 874 50.42 -17.44 0.61
C THR F 874 51.90 -17.80 0.57
N SER F 875 52.77 -16.80 0.57
CA SER F 875 54.20 -17.02 0.61
C SER F 875 54.64 -17.69 1.92
N ALA F 876 54.07 -17.25 3.05
CA ALA F 876 54.38 -17.87 4.33
C ALA F 876 53.91 -19.33 4.38
N LEU F 877 52.70 -19.59 3.85
CA LEU F 877 52.19 -20.95 3.81
C LEU F 877 53.03 -21.86 2.92
N LEU F 878 53.45 -21.32 1.76
CA LEU F 878 54.31 -22.06 0.85
C LEU F 878 55.68 -22.35 1.45
N ALA F 879 56.28 -21.36 2.11
CA ALA F 879 57.57 -21.54 2.76
C ALA F 879 57.49 -22.55 3.88
N GLY F 880 56.41 -22.49 4.67
CA GLY F 880 56.20 -23.46 5.73
C GLY F 880 56.07 -24.87 5.18
N THR F 881 55.32 -25.02 4.08
CA THR F 881 55.09 -26.34 3.50
C THR F 881 56.40 -26.94 2.98
N ILE F 882 57.21 -26.14 2.27
CA ILE F 882 58.44 -26.67 1.70
C ILE F 882 59.47 -27.00 2.78
N THR F 883 59.69 -26.06 3.72
CA THR F 883 60.70 -26.29 4.75
C THR F 883 60.26 -27.31 5.79
N SER F 884 59.01 -27.26 6.24
CA SER F 884 58.56 -28.08 7.35
C SER F 884 57.49 -29.13 7.05
N GLY F 885 57.00 -29.24 5.81
CA GLY F 885 55.90 -30.17 5.53
C GLY F 885 54.66 -29.81 6.31
N TRP F 886 54.12 -30.77 7.05
CA TRP F 886 52.88 -30.60 7.80
C TRP F 886 53.08 -30.23 9.26
N THR F 887 54.32 -30.07 9.72
CA THR F 887 54.57 -29.83 11.14
C THR F 887 54.12 -28.44 11.60
N PHE F 888 54.33 -27.41 10.78
CA PHE F 888 53.99 -26.03 11.18
C PHE F 888 52.49 -25.83 11.39
N GLY F 889 51.65 -26.52 10.61
CA GLY F 889 50.22 -26.47 10.86
C GLY F 889 49.84 -27.05 12.21
N ALA F 890 50.43 -28.19 12.56
CA ALA F 890 50.16 -28.82 13.86
C ALA F 890 50.77 -28.05 15.02
N GLY F 891 51.92 -27.43 14.83
CA GLY F 891 52.62 -26.80 15.94
C GLY F 891 53.91 -26.15 15.50
N ALA F 892 54.97 -26.32 16.29
CA ALA F 892 56.27 -25.76 15.95
C ALA F 892 56.78 -26.32 14.63
N ALA F 893 57.31 -25.43 13.79
CA ALA F 893 57.80 -25.84 12.48
C ALA F 893 59.10 -26.60 12.63
N LEU F 894 59.14 -27.80 12.07
CA LEU F 894 60.31 -28.66 12.17
C LEU F 894 60.89 -28.84 10.79
N GLN F 895 62.15 -28.41 10.60
CA GLN F 895 62.77 -28.50 9.29
C GLN F 895 62.90 -29.95 8.86
N ILE F 896 62.60 -30.21 7.60
CA ILE F 896 62.78 -31.54 7.04
C ILE F 896 63.27 -31.35 5.61
N PRO F 897 64.25 -32.13 5.12
CA PRO F 897 64.65 -32.03 3.71
C PRO F 897 63.45 -32.39 2.83
N PHE F 898 63.31 -31.69 1.70
CA PHE F 898 62.11 -31.91 0.85
C PHE F 898 62.06 -33.36 0.36
N PRO F 899 63.22 -33.98 0.13
CA PRO F 899 63.25 -35.39 -0.31
C PRO F 899 62.64 -36.28 0.78
N MET F 900 63.01 -36.04 2.04
CA MET F 900 62.43 -36.82 3.17
C MET F 900 60.92 -36.51 3.28
N GLN F 901 60.54 -35.24 3.11
CA GLN F 901 59.11 -34.83 3.21
C GLN F 901 58.33 -35.52 2.09
N MET F 902 58.89 -35.56 0.88
CA MET F 902 58.21 -36.21 -0.27
C MET F 902 58.05 -37.71 0.04
N ALA F 903 59.06 -38.32 0.66
CA ALA F 903 58.98 -39.75 1.04
C ALA F 903 57.86 -39.95 2.05
N TYR F 904 57.68 -39.01 2.99
CA TYR F 904 56.58 -39.11 3.99
C TYR F 904 55.24 -39.06 3.26
N ARG F 905 55.13 -38.21 2.23
CA ARG F 905 53.88 -38.13 1.42
C ARG F 905 53.66 -39.49 0.74
N PHE F 906 54.74 -40.10 0.22
CA PHE F 906 54.64 -41.43 -0.43
C PHE F 906 54.19 -42.47 0.60
N ASN F 907 54.68 -42.37 1.84
CA ASN F 907 54.37 -43.42 2.85
C ASN F 907 52.95 -43.15 3.36
N GLY F 908 52.38 -42.00 2.97
CA GLY F 908 51.00 -41.73 3.31
C GLY F 908 50.02 -42.39 2.35
N ILE F 909 50.37 -42.44 1.06
CA ILE F 909 49.49 -43.00 0.03
C ILE F 909 49.81 -44.47 -0.24
N GLY F 910 50.63 -45.11 0.60
CA GLY F 910 50.90 -46.51 0.47
C GLY F 910 52.09 -46.90 -0.38
N VAL F 911 52.76 -45.93 -1.00
CA VAL F 911 53.96 -46.24 -1.83
C VAL F 911 55.23 -46.15 -0.97
N THR F 912 56.11 -47.14 -1.08
CA THR F 912 57.32 -47.18 -0.23
C THR F 912 58.25 -46.00 -0.53
N GLN F 913 58.94 -45.49 0.50
CA GLN F 913 59.88 -44.34 0.34
C GLN F 913 61.03 -44.71 -0.60
N ASN F 914 61.45 -45.98 -0.59
CA ASN F 914 62.61 -46.40 -1.42
C ASN F 914 62.32 -46.12 -2.90
N VAL F 915 61.08 -46.35 -3.33
CA VAL F 915 60.70 -46.12 -4.75
C VAL F 915 60.89 -44.63 -5.05
N LEU F 916 60.50 -43.76 -4.12
CA LEU F 916 60.65 -42.31 -4.33
C LEU F 916 62.13 -41.96 -4.47
N TYR F 917 62.99 -42.52 -3.61
CA TYR F 917 64.44 -42.20 -3.65
C TYR F 917 65.05 -42.68 -4.97
N GLU F 918 64.64 -43.87 -5.43
CA GLU F 918 65.15 -44.42 -6.71
C GLU F 918 64.72 -43.52 -7.87
N ASN F 919 63.49 -43.00 -7.83
CA ASN F 919 62.96 -42.17 -8.95
C ASN F 919 62.89 -40.70 -8.55
N GLN F 920 63.69 -40.26 -7.58
CA GLN F 920 63.56 -38.87 -7.06
C GLN F 920 63.79 -37.86 -8.20
N LYS F 921 64.80 -38.10 -9.04
CA LYS F 921 65.08 -37.18 -10.17
C LYS F 921 63.90 -37.19 -11.15
N LEU F 922 63.32 -38.37 -11.41
CA LEU F 922 62.14 -38.46 -12.31
C LEU F 922 60.97 -37.69 -11.69
N ILE F 923 60.75 -37.85 -10.39
CA ILE F 923 59.62 -37.15 -9.69
C ILE F 923 59.87 -35.64 -9.76
N ALA F 924 61.11 -35.21 -9.55
CA ALA F 924 61.45 -33.77 -9.58
C ALA F 924 61.13 -33.23 -10.98
N ASN F 925 61.56 -33.93 -12.03
CA ASN F 925 61.35 -33.44 -13.39
C ASN F 925 59.86 -33.42 -13.74
N GLN F 926 59.12 -34.46 -13.34
CA GLN F 926 57.68 -34.51 -13.60
C GLN F 926 56.95 -33.40 -12.88
N PHE F 927 57.34 -33.11 -11.63
CA PHE F 927 56.73 -32.03 -10.87
C PHE F 927 57.02 -30.67 -11.51
N ASN F 928 58.28 -30.45 -11.92
CA ASN F 928 58.66 -29.18 -12.53
C ASN F 928 57.94 -28.96 -13.85
N SER F 929 57.84 -30.02 -14.66
CA SER F 929 57.09 -29.95 -15.92
C SER F 929 55.60 -29.71 -15.67
N ALA F 930 55.04 -30.32 -14.62
CA ALA F 930 53.63 -30.10 -14.30
C ALA F 930 53.36 -28.65 -13.92
N ILE F 931 54.25 -28.04 -13.13
CA ILE F 931 54.13 -26.60 -12.82
C ILE F 931 54.27 -25.77 -14.09
N GLY F 932 55.18 -26.18 -14.99
CA GLY F 932 55.32 -25.50 -16.27
C GLY F 932 54.07 -25.58 -17.12
N LYS F 933 53.41 -26.74 -17.14
CA LYS F 933 52.15 -26.89 -17.87
C LYS F 933 51.07 -26.00 -17.28
N ILE F 934 51.03 -25.88 -15.93
CA ILE F 934 50.03 -25.02 -15.29
C ILE F 934 50.23 -23.56 -15.69
N GLN F 935 51.48 -23.08 -15.64
CA GLN F 935 51.72 -21.68 -16.01
C GLN F 935 51.49 -21.42 -17.50
N ASP F 936 51.90 -22.37 -18.37
CA ASP F 936 51.65 -22.22 -19.80
C ASP F 936 50.15 -22.20 -20.12
N SER F 937 49.37 -23.07 -19.45
CA SER F 937 47.92 -23.09 -19.63
C SER F 937 47.29 -21.80 -19.15
N LEU F 938 47.76 -21.26 -18.02
CA LEU F 938 47.22 -20.02 -17.49
C LEU F 938 47.50 -18.86 -18.43
N SER F 939 48.72 -18.83 -19.00
CA SER F 939 49.07 -17.79 -19.98
C SER F 939 48.23 -17.90 -21.25
N SER F 940 47.98 -19.13 -21.73
CA SER F 940 47.28 -19.33 -22.99
C SER F 940 45.81 -18.89 -22.96
N THR F 941 45.07 -19.20 -21.90
CA THR F 941 43.62 -18.98 -21.87
C THR F 941 43.17 -18.50 -20.50
N PRO F 942 42.00 -17.85 -20.47
CA PRO F 942 41.44 -17.26 -19.25
C PRO F 942 40.14 -17.90 -18.78
N SER F 943 39.73 -19.02 -19.39
CA SER F 943 38.50 -19.71 -18.99
C SER F 943 38.54 -20.24 -17.57
N PRO F 944 39.73 -20.63 -17.08
CA PRO F 944 39.88 -21.20 -15.74
C PRO F 944 39.43 -20.24 -14.63
N LEU F 945 39.66 -18.94 -14.83
CA LEU F 945 39.33 -17.91 -13.86
C LEU F 945 37.89 -17.44 -14.00
N GLY F 946 37.11 -18.14 -14.83
CA GLY F 946 35.73 -17.77 -15.10
C GLY F 946 34.82 -17.75 -13.89
N LYS F 947 35.00 -18.68 -12.94
CA LYS F 947 34.18 -18.62 -11.73
C LYS F 947 34.46 -17.38 -10.88
N LEU F 948 35.75 -17.00 -10.75
CA LEU F 948 36.10 -15.75 -10.06
C LEU F 948 35.60 -14.54 -10.82
N GLN F 949 35.44 -14.67 -12.13
CA GLN F 949 34.94 -13.55 -12.91
C GLN F 949 33.42 -13.55 -12.91
N ASP F 950 32.82 -14.74 -12.75
CA ASP F 950 31.38 -14.88 -12.60
C ASP F 950 30.87 -14.16 -11.37
N VAL F 951 31.60 -14.27 -10.24
CA VAL F 951 31.20 -13.56 -9.02
C VAL F 951 31.22 -12.05 -9.24
N VAL F 952 32.29 -11.56 -9.89
CA VAL F 952 32.45 -10.14 -10.20
C VAL F 952 31.35 -9.66 -11.14
N ASN F 953 31.04 -10.45 -12.17
CA ASN F 953 29.99 -10.10 -13.12
C ASN F 953 28.61 -10.07 -12.47
N GLN F 954 28.33 -11.03 -11.57
CA GLN F 954 27.04 -11.06 -10.89
C GLN F 954 26.86 -9.82 -10.01
N ASN F 955 27.90 -9.45 -9.27
CA ASN F 955 27.83 -8.25 -8.44
C ASN F 955 27.70 -6.98 -9.28
N ALA F 956 28.44 -6.91 -10.38
CA ALA F 956 28.37 -5.76 -11.27
C ALA F 956 27.00 -5.63 -11.91
N GLN F 957 26.42 -6.76 -12.35
CA GLN F 957 25.10 -6.76 -12.96
C GLN F 957 24.02 -6.35 -11.96
N ALA F 958 24.12 -6.84 -10.72
CA ALA F 958 23.17 -6.44 -9.69
C ALA F 958 23.26 -4.94 -9.39
N LEU F 959 24.48 -4.42 -9.30
CA LEU F 959 24.68 -2.98 -9.08
C LEU F 959 24.13 -2.16 -10.25
N ASN F 960 24.36 -2.63 -11.48
CA ASN F 960 23.84 -1.95 -12.67
C ASN F 960 22.32 -1.95 -12.69
N THR F 961 21.70 -3.07 -12.29
CA THR F 961 20.25 -3.16 -12.23
C THR F 961 19.69 -2.17 -11.19
N LEU F 962 20.39 -2.06 -10.06
CA LEU F 962 19.99 -1.11 -9.02
C LEU F 962 20.07 0.34 -9.51
N VAL F 963 21.16 0.70 -10.20
CA VAL F 963 21.29 2.04 -10.75
C VAL F 963 20.25 2.30 -11.84
N LYS F 964 19.99 1.29 -12.67
CA LYS F 964 18.99 1.40 -13.74
C LYS F 964 17.59 1.61 -13.18
N GLN F 965 17.28 1.03 -12.02
CA GLN F 965 15.97 1.16 -11.40
C GLN F 965 15.62 2.61 -11.05
N LEU F 966 16.63 3.46 -10.85
CA LEU F 966 16.42 4.88 -10.55
C LEU F 966 15.66 5.58 -11.66
N SER F 967 15.93 5.21 -12.91
CA SER F 967 15.26 5.75 -14.08
C SER F 967 13.79 5.37 -14.18
N SER F 968 13.35 4.34 -13.46
CA SER F 968 11.95 3.92 -13.50
C SER F 968 11.04 4.95 -12.81
N ASN F 969 9.95 5.30 -13.49
CA ASN F 969 8.97 6.24 -12.93
C ASN F 969 8.20 5.63 -11.77
N PHE F 970 7.88 4.33 -11.84
CA PHE F 970 7.08 3.60 -10.85
C PHE F 970 5.67 4.16 -10.73
N GLY F 971 5.12 4.65 -11.84
CA GLY F 971 3.79 5.24 -11.88
C GLY F 971 3.74 6.72 -11.57
N ALA F 972 4.88 7.34 -11.26
CA ALA F 972 4.94 8.77 -11.04
C ALA F 972 5.02 9.52 -12.36
N ILE F 973 4.83 10.84 -12.29
CA ILE F 973 4.90 11.69 -13.47
C ILE F 973 6.31 11.66 -14.08
N SER F 974 7.35 11.67 -13.25
CA SER F 974 8.71 11.58 -13.73
C SER F 974 9.53 10.78 -12.72
N SER F 975 10.65 10.23 -13.19
CA SER F 975 11.58 9.53 -12.32
C SER F 975 12.51 10.46 -11.57
N VAL F 976 12.53 11.74 -11.91
CA VAL F 976 13.43 12.71 -11.30
C VAL F 976 12.66 13.43 -10.20
N LEU F 977 13.19 13.33 -8.97
CA LEU F 977 12.56 13.97 -7.82
C LEU F 977 12.57 15.48 -7.96
N ASN F 978 13.67 16.03 -8.50
CA ASN F 978 13.81 17.48 -8.66
C ASN F 978 12.75 18.04 -9.60
N ASP F 979 12.45 17.31 -10.68
CA ASP F 979 11.39 17.73 -11.60
C ASP F 979 10.03 17.75 -10.90
N ILE F 980 9.73 16.73 -10.10
CA ILE F 980 8.47 16.64 -9.38
C ILE F 980 8.32 17.80 -8.41
N LEU F 981 9.40 18.12 -7.68
CA LEU F 981 9.38 19.27 -6.78
C LEU F 981 9.23 20.59 -7.53
N SER F 982 9.94 20.73 -8.66
CA SER F 982 9.89 21.97 -9.43
C SER F 982 8.52 22.24 -10.03
N ARG F 983 7.85 21.21 -10.57
CA ARG F 983 6.60 21.46 -11.30
C ARG F 983 5.35 21.27 -10.45
N LEU F 984 5.47 20.84 -9.20
CA LEU F 984 4.29 20.56 -8.40
C LEU F 984 4.40 21.16 -7.00
N ASP F 985 3.25 21.50 -6.42
CA ASP F 985 3.20 21.98 -5.05
C ASP F 985 3.55 20.82 -4.11
N PRO F 986 4.07 21.11 -2.91
CA PRO F 986 4.58 20.01 -2.01
C PRO F 986 3.57 18.91 -1.66
N PRO F 987 2.27 19.19 -1.35
CA PRO F 987 1.36 18.04 -1.15
C PRO F 987 1.15 17.21 -2.42
N GLU F 988 0.96 17.91 -3.56
CA GLU F 988 0.80 17.25 -4.85
C GLU F 988 2.07 16.51 -5.22
N ALA F 989 3.23 17.14 -4.96
CA ALA F 989 4.51 16.49 -5.23
C ALA F 989 4.66 15.26 -4.36
N GLU F 990 4.17 15.34 -3.10
CA GLU F 990 4.28 14.27 -2.12
C GLU F 990 3.57 13.02 -2.58
N VAL F 991 2.40 13.19 -3.22
CA VAL F 991 1.67 12.06 -3.82
C VAL F 991 2.57 11.24 -4.75
N GLN F 992 3.30 11.93 -5.65
CA GLN F 992 4.16 11.26 -6.63
C GLN F 992 5.45 10.75 -5.98
N ILE F 993 5.97 11.50 -5.00
CA ILE F 993 7.17 11.11 -4.27
C ILE F 993 6.93 9.78 -3.56
N ASP F 994 5.72 9.56 -3.03
CA ASP F 994 5.42 8.31 -2.34
C ASP F 994 5.50 7.10 -3.29
N ARG F 995 5.00 7.25 -4.53
CA ARG F 995 5.13 6.19 -5.53
C ARG F 995 6.59 5.94 -5.85
N LEU F 996 7.38 7.02 -6.00
CA LEU F 996 8.80 6.86 -6.29
C LEU F 996 9.52 6.15 -5.14
N ILE F 997 9.22 6.54 -3.89
CA ILE F 997 9.85 5.97 -2.70
C ILE F 997 9.53 4.49 -2.60
N THR F 998 8.28 4.12 -2.89
CA THR F 998 7.87 2.72 -2.83
C THR F 998 8.66 1.89 -3.86
N GLY F 999 8.80 2.41 -5.08
CA GLY F 999 9.59 1.70 -6.08
C GLY F 999 11.06 1.57 -5.74
N ARG F 1000 11.70 2.66 -5.29
CA ARG F 1000 13.13 2.62 -4.96
C ARG F 1000 13.38 1.71 -3.76
N LEU F 1001 12.50 1.76 -2.75
CA LEU F 1001 12.62 0.93 -1.57
C LEU F 1001 12.47 -0.55 -1.92
N GLN F 1002 11.52 -0.88 -2.80
CA GLN F 1002 11.39 -2.27 -3.26
C GLN F 1002 12.63 -2.74 -4.01
N SER F 1003 13.19 -1.86 -4.85
CA SER F 1003 14.41 -2.17 -5.58
C SER F 1003 15.59 -2.42 -4.64
N LEU F 1004 15.73 -1.57 -3.61
CA LEU F 1004 16.78 -1.74 -2.61
C LEU F 1004 16.60 -3.02 -1.80
N GLN F 1005 15.37 -3.35 -1.41
CA GLN F 1005 15.12 -4.56 -0.64
C GLN F 1005 15.46 -5.80 -1.45
N THR F 1006 15.10 -5.80 -2.74
CA THR F 1006 15.43 -6.91 -3.61
C THR F 1006 16.93 -7.07 -3.77
N TYR F 1007 17.65 -5.95 -3.97
CA TYR F 1007 19.10 -5.99 -4.10
C TYR F 1007 19.78 -6.51 -2.83
N VAL F 1008 19.34 -6.04 -1.66
CA VAL F 1008 19.94 -6.45 -0.39
C VAL F 1008 19.68 -7.93 -0.13
N THR F 1009 18.46 -8.41 -0.41
CA THR F 1009 18.14 -9.83 -0.23
C THR F 1009 18.99 -10.71 -1.16
N GLN F 1010 19.19 -10.27 -2.42
CA GLN F 1010 20.03 -11.01 -3.34
C GLN F 1010 21.48 -11.02 -2.87
N GLN F 1011 21.96 -9.89 -2.34
CA GLN F 1011 23.31 -9.79 -1.81
C GLN F 1011 23.51 -10.73 -0.63
N LEU F 1012 22.51 -10.83 0.25
CA LEU F 1012 22.59 -11.75 1.40
C LEU F 1012 22.65 -13.21 0.96
N ILE F 1013 21.84 -13.58 -0.04
CA ILE F 1013 21.88 -14.95 -0.57
C ILE F 1013 23.23 -15.25 -1.24
N ARG F 1014 23.72 -14.29 -2.04
CA ARG F 1014 25.03 -14.43 -2.68
C ARG F 1014 26.14 -14.49 -1.63
N ALA F 1015 26.01 -13.70 -0.55
CA ALA F 1015 26.97 -13.71 0.54
C ALA F 1015 27.01 -15.07 1.23
N ALA F 1016 25.85 -15.70 1.41
CA ALA F 1016 25.80 -17.03 2.01
C ALA F 1016 26.52 -18.06 1.13
N GLU F 1017 26.29 -17.98 -0.20
CA GLU F 1017 26.99 -18.87 -1.12
C GLU F 1017 28.50 -18.65 -1.13
N ILE F 1018 28.93 -17.38 -1.12
CA ILE F 1018 30.35 -17.06 -1.07
C ILE F 1018 30.98 -17.47 0.26
N ARG F 1019 30.25 -17.32 1.36
CA ARG F 1019 30.72 -17.78 2.67
C ARG F 1019 30.91 -19.28 2.70
N ALA F 1020 29.99 -20.03 2.09
CA ALA F 1020 30.16 -21.48 1.99
C ALA F 1020 31.38 -21.84 1.16
N SER F 1021 31.62 -21.10 0.08
CA SER F 1021 32.82 -21.28 -0.72
C SER F 1021 34.09 -20.97 0.07
N ALA F 1022 34.08 -19.89 0.85
CA ALA F 1022 35.21 -19.51 1.67
C ALA F 1022 35.48 -20.55 2.77
N ASN F 1023 34.42 -21.10 3.37
CA ASN F 1023 34.59 -22.14 4.37
C ASN F 1023 35.21 -23.39 3.76
N LEU F 1024 34.78 -23.74 2.55
CA LEU F 1024 35.38 -24.85 1.82
C LEU F 1024 36.85 -24.56 1.51
N ALA F 1025 37.16 -23.34 1.09
CA ALA F 1025 38.54 -22.94 0.81
C ALA F 1025 39.42 -22.98 2.05
N ALA F 1026 38.91 -22.52 3.19
CA ALA F 1026 39.65 -22.59 4.46
C ALA F 1026 39.89 -24.03 4.87
N THR F 1027 38.87 -24.89 4.70
CA THR F 1027 39.01 -26.31 4.97
C THR F 1027 40.05 -26.95 4.05
N LYS F 1028 40.06 -26.58 2.77
CA LYS F 1028 41.06 -27.10 1.84
C LYS F 1028 42.46 -26.59 2.18
N MET F 1029 42.59 -25.34 2.64
CA MET F 1029 43.89 -24.85 3.09
C MET F 1029 44.42 -25.69 4.24
N SER F 1030 43.55 -25.98 5.21
CA SER F 1030 43.92 -26.80 6.36
C SER F 1030 44.20 -28.25 5.98
N GLU F 1031 43.41 -28.84 5.11
CA GLU F 1031 43.54 -30.28 4.88
C GLU F 1031 44.35 -30.66 3.65
N CYS F 1032 44.68 -29.69 2.80
CA CYS F 1032 45.50 -29.92 1.62
C CYS F 1032 46.84 -29.19 1.70
N VAL F 1033 46.85 -27.91 2.07
CA VAL F 1033 48.12 -27.21 2.24
C VAL F 1033 48.80 -27.57 3.54
N LEU F 1034 48.05 -27.51 4.65
CA LEU F 1034 48.65 -27.75 5.96
C LEU F 1034 48.92 -29.23 6.19
N GLY F 1035 48.13 -30.13 5.58
CA GLY F 1035 48.30 -31.55 5.78
C GLY F 1035 48.04 -32.34 4.52
N GLN F 1036 48.42 -33.61 4.55
CA GLN F 1036 48.11 -34.55 3.48
C GLN F 1036 46.76 -35.20 3.78
N SER F 1037 45.87 -35.21 2.79
CA SER F 1037 44.50 -35.67 2.96
C SER F 1037 44.28 -37.05 2.35
N LYS F 1038 43.63 -37.92 3.11
CA LYS F 1038 43.20 -39.21 2.60
C LYS F 1038 41.82 -39.15 1.94
N ARG F 1039 41.14 -38.02 2.02
CA ARG F 1039 39.81 -37.88 1.43
C ARG F 1039 39.92 -37.93 -0.09
N VAL F 1040 39.09 -38.76 -0.72
CA VAL F 1040 39.16 -39.00 -2.15
C VAL F 1040 38.51 -37.84 -2.89
N ASP F 1041 39.30 -37.15 -3.72
CA ASP F 1041 38.99 -36.04 -4.64
C ASP F 1041 38.89 -34.71 -3.92
N PHE F 1042 39.11 -34.67 -2.60
CA PHE F 1042 39.08 -33.41 -1.88
C PHE F 1042 40.19 -32.48 -2.31
N CYS F 1043 41.39 -33.02 -2.58
CA CYS F 1043 42.55 -32.22 -2.91
C CYS F 1043 43.11 -32.76 -4.22
N GLY F 1044 42.41 -32.49 -5.33
CA GLY F 1044 42.82 -32.95 -6.63
C GLY F 1044 42.34 -34.36 -6.93
N LYS F 1045 42.51 -34.78 -8.19
CA LYS F 1045 42.20 -36.14 -8.59
C LYS F 1045 43.46 -37.00 -8.46
N GLY F 1046 43.28 -38.23 -8.00
CA GLY F 1046 44.40 -39.10 -7.70
C GLY F 1046 44.77 -39.07 -6.22
N TYR F 1047 45.85 -39.76 -5.89
CA TYR F 1047 46.28 -39.88 -4.50
C TYR F 1047 47.03 -38.61 -4.13
N HIS F 1048 46.45 -37.83 -3.22
CA HIS F 1048 46.98 -36.52 -2.86
C HIS F 1048 48.35 -36.61 -2.21
N LEU F 1049 49.28 -35.80 -2.69
CA LEU F 1049 50.59 -35.71 -2.08
C LEU F 1049 50.74 -34.44 -1.26
N MET F 1050 50.51 -33.29 -1.88
CA MET F 1050 50.62 -31.99 -1.22
C MET F 1050 49.89 -30.98 -2.09
N SER F 1051 49.53 -29.86 -1.49
CA SER F 1051 48.89 -28.78 -2.21
C SER F 1051 49.57 -27.44 -1.93
N PHE F 1052 49.61 -26.60 -2.94
CA PHE F 1052 50.21 -25.29 -2.85
C PHE F 1052 49.17 -24.19 -3.07
N PRO F 1053 49.06 -23.21 -2.19
CA PRO F 1053 48.10 -22.12 -2.40
C PRO F 1053 48.65 -20.93 -3.17
N GLN F 1054 47.89 -20.44 -4.14
CA GLN F 1054 48.24 -19.22 -4.86
C GLN F 1054 47.12 -18.21 -4.73
N SER F 1055 47.47 -16.98 -4.33
CA SER F 1055 46.49 -15.92 -4.22
C SER F 1055 45.95 -15.52 -5.59
N ALA F 1056 44.66 -15.23 -5.63
CA ALA F 1056 43.95 -14.82 -6.82
C ALA F 1056 43.02 -13.69 -6.42
N PRO F 1057 42.62 -12.83 -7.36
CA PRO F 1057 41.75 -11.70 -6.99
C PRO F 1057 40.40 -12.20 -6.48
N HIS F 1058 40.11 -11.89 -5.22
CA HIS F 1058 38.91 -12.30 -4.48
C HIS F 1058 38.74 -13.82 -4.42
N GLY F 1059 39.84 -14.57 -4.40
CA GLY F 1059 39.77 -16.02 -4.46
C GLY F 1059 41.10 -16.65 -4.13
N VAL F 1060 41.09 -17.98 -4.04
CA VAL F 1060 42.30 -18.76 -3.81
C VAL F 1060 42.41 -19.82 -4.90
N VAL F 1061 43.61 -19.98 -5.45
CA VAL F 1061 43.90 -21.01 -6.44
C VAL F 1061 44.78 -22.06 -5.78
N PHE F 1062 44.31 -23.31 -5.76
CA PHE F 1062 45.03 -24.41 -5.15
C PHE F 1062 45.69 -25.25 -6.23
N LEU F 1063 47.01 -25.45 -6.11
CA LEU F 1063 47.73 -26.38 -6.98
C LEU F 1063 47.86 -27.70 -6.23
N HIS F 1064 47.11 -28.70 -6.66
CA HIS F 1064 47.11 -30.00 -5.98
C HIS F 1064 48.10 -30.91 -6.68
N VAL F 1065 49.04 -31.46 -5.91
CA VAL F 1065 50.00 -32.42 -6.45
C VAL F 1065 49.53 -33.82 -6.06
N THR F 1066 49.30 -34.65 -7.06
CA THR F 1066 48.80 -36.00 -6.84
C THR F 1066 49.66 -37.01 -7.56
N TYR F 1067 49.70 -38.21 -6.99
CA TYR F 1067 50.38 -39.35 -7.58
C TYR F 1067 49.33 -40.11 -8.39
N VAL F 1068 49.60 -40.29 -9.68
CA VAL F 1068 48.68 -41.00 -10.57
C VAL F 1068 49.40 -42.24 -11.10
N PRO F 1069 48.86 -43.44 -10.87
CA PRO F 1069 49.45 -44.66 -11.47
C PRO F 1069 49.39 -44.61 -12.99
N ALA F 1070 50.53 -44.92 -13.64
CA ALA F 1070 50.64 -44.67 -15.08
C ALA F 1070 50.64 -45.91 -15.97
N GLN F 1071 51.51 -46.89 -15.74
CA GLN F 1071 51.64 -48.02 -16.66
C GLN F 1071 51.30 -49.30 -15.93
N GLU F 1072 50.33 -50.04 -16.44
CA GLU F 1072 49.78 -51.18 -15.73
C GLU F 1072 50.00 -52.48 -16.47
N LYS F 1073 50.46 -53.50 -15.75
CA LYS F 1073 50.68 -54.82 -16.27
C LYS F 1073 49.75 -55.81 -15.57
N ASN F 1074 49.10 -56.66 -16.35
CA ASN F 1074 48.25 -57.70 -15.78
C ASN F 1074 49.11 -58.80 -15.19
N PHE F 1075 48.63 -59.37 -14.08
CA PHE F 1075 49.34 -60.45 -13.42
C PHE F 1075 48.34 -61.53 -13.04
N THR F 1076 48.83 -62.55 -12.34
CA THR F 1076 47.97 -63.58 -11.77
C THR F 1076 48.07 -63.47 -10.26
N THR F 1077 46.91 -63.40 -9.61
CA THR F 1077 46.83 -63.12 -8.18
C THR F 1077 46.22 -64.28 -7.41
N ALA F 1078 46.77 -64.54 -6.22
CA ALA F 1078 46.27 -65.51 -5.28
C ALA F 1078 46.03 -64.86 -3.93
N PRO F 1079 44.89 -65.13 -3.29
CA PRO F 1079 44.66 -64.56 -1.94
C PRO F 1079 45.64 -65.04 -0.89
N ALA F 1080 46.02 -66.31 -0.92
CA ALA F 1080 46.93 -66.88 0.07
C ALA F 1080 47.83 -67.90 -0.60
N ILE F 1081 48.93 -68.23 0.07
CA ILE F 1081 49.87 -69.23 -0.41
C ILE F 1081 50.00 -70.35 0.62
N CYS F 1082 49.87 -71.59 0.15
CA CYS F 1082 49.97 -72.77 0.98
C CYS F 1082 51.39 -73.35 0.84
N HIS F 1083 52.11 -73.45 1.96
CA HIS F 1083 53.48 -73.96 1.90
C HIS F 1083 53.69 -75.25 2.68
N ASP F 1084 53.44 -75.25 3.99
CA ASP F 1084 53.68 -76.41 4.85
C ASP F 1084 52.40 -76.88 5.49
N GLY F 1085 51.28 -76.75 4.80
CA GLY F 1085 49.99 -77.04 5.38
C GLY F 1085 49.39 -75.87 6.11
N LYS F 1086 50.05 -74.71 6.08
CA LYS F 1086 49.60 -73.48 6.71
C LYS F 1086 49.46 -72.38 5.66
N ALA F 1087 48.35 -71.63 5.72
CA ALA F 1087 48.11 -70.54 4.78
C ALA F 1087 48.98 -69.34 5.11
N HIS F 1088 49.50 -68.69 4.07
CA HIS F 1088 50.32 -67.50 4.21
C HIS F 1088 49.63 -66.32 3.53
N PHE F 1089 49.57 -65.19 4.22
CA PHE F 1089 48.96 -63.97 3.73
C PHE F 1089 49.99 -62.84 3.82
N PRO F 1090 50.05 -61.93 2.85
CA PRO F 1090 51.05 -60.86 2.90
C PRO F 1090 50.81 -59.90 4.06
N ARG F 1091 51.88 -59.55 4.77
CA ARG F 1091 51.80 -58.52 5.81
C ARG F 1091 51.41 -57.19 5.20
N GLU F 1092 52.02 -56.87 4.06
CA GLU F 1092 51.66 -55.74 3.22
C GLU F 1092 51.76 -56.24 1.80
N GLY F 1093 50.97 -55.69 0.90
CA GLY F 1093 51.08 -56.09 -0.48
C GLY F 1093 50.21 -57.27 -0.88
N VAL F 1094 50.40 -57.68 -2.13
CA VAL F 1094 49.58 -58.72 -2.76
C VAL F 1094 50.49 -59.73 -3.45
N PHE F 1095 50.01 -60.97 -3.54
CA PHE F 1095 50.71 -62.03 -4.26
C PHE F 1095 50.46 -61.89 -5.75
N VAL F 1096 51.53 -61.84 -6.54
CA VAL F 1096 51.43 -61.69 -7.99
C VAL F 1096 52.24 -62.78 -8.66
N SER F 1097 51.73 -63.26 -9.78
CA SER F 1097 52.43 -64.25 -10.58
C SER F 1097 52.70 -63.68 -11.97
N ASN F 1098 53.94 -63.86 -12.44
CA ASN F 1098 54.31 -63.51 -13.80
C ASN F 1098 54.01 -64.63 -14.78
N GLY F 1099 53.41 -65.72 -14.30
CA GLY F 1099 53.06 -66.88 -15.09
C GLY F 1099 53.99 -68.06 -14.88
N THR F 1100 55.19 -67.84 -14.36
CA THR F 1100 56.10 -68.92 -13.98
C THR F 1100 56.56 -68.87 -12.54
N HIS F 1101 56.41 -67.73 -11.86
CA HIS F 1101 56.94 -67.56 -10.51
C HIS F 1101 55.96 -66.71 -9.71
N TRP F 1102 56.02 -66.86 -8.39
CA TRP F 1102 55.15 -66.14 -7.49
C TRP F 1102 55.95 -65.11 -6.69
N PHE F 1103 55.42 -63.89 -6.63
CA PHE F 1103 56.08 -62.79 -5.94
C PHE F 1103 55.06 -62.02 -5.11
N VAL F 1104 55.57 -61.26 -4.15
CA VAL F 1104 54.76 -60.32 -3.38
C VAL F 1104 55.27 -58.91 -3.70
N THR F 1105 54.34 -58.03 -4.04
CA THR F 1105 54.65 -56.65 -4.37
C THR F 1105 53.70 -55.75 -3.61
N GLN F 1106 54.13 -54.51 -3.35
CA GLN F 1106 53.23 -53.50 -2.83
C GLN F 1106 52.15 -53.19 -3.89
N ARG F 1107 50.96 -52.84 -3.39
CA ARG F 1107 49.78 -52.72 -4.25
C ARG F 1107 49.92 -51.59 -5.29
N ASN F 1108 50.39 -50.42 -4.86
CA ASN F 1108 50.42 -49.26 -5.76
C ASN F 1108 51.55 -49.33 -6.80
N PHE F 1109 52.70 -49.90 -6.47
CA PHE F 1109 53.84 -49.91 -7.39
C PHE F 1109 54.33 -51.34 -7.55
N TYR F 1110 54.74 -51.71 -8.76
CA TYR F 1110 55.14 -53.09 -9.00
C TYR F 1110 56.60 -53.24 -8.57
N GLU F 1111 56.81 -53.90 -7.44
CA GLU F 1111 58.14 -54.16 -6.90
C GLU F 1111 58.19 -55.60 -6.43
N PRO F 1112 58.30 -56.56 -7.35
CA PRO F 1112 58.26 -57.99 -6.98
C PRO F 1112 59.41 -58.39 -6.05
N GLN F 1113 59.07 -59.14 -5.01
CA GLN F 1113 60.02 -59.59 -4.01
C GLN F 1113 59.81 -61.06 -3.73
N ILE F 1114 60.89 -61.75 -3.36
CA ILE F 1114 60.81 -63.16 -3.00
C ILE F 1114 59.94 -63.31 -1.77
N ILE F 1115 59.00 -64.25 -1.83
CA ILE F 1115 58.06 -64.45 -0.73
C ILE F 1115 58.80 -65.06 0.45
N THR F 1116 58.64 -64.45 1.63
CA THR F 1116 59.41 -64.83 2.81
C THR F 1116 58.52 -64.79 4.04
N THR F 1117 59.04 -65.36 5.13
CA THR F 1117 58.36 -65.34 6.42
C THR F 1117 58.21 -63.91 6.93
N ASP F 1118 59.22 -63.06 6.71
CA ASP F 1118 59.11 -61.65 7.03
C ASP F 1118 58.05 -60.97 6.17
N ASN F 1119 57.99 -61.33 4.88
CA ASN F 1119 57.02 -60.76 3.96
C ASN F 1119 55.58 -61.13 4.29
N THR F 1120 55.36 -62.36 4.75
CA THR F 1120 54.01 -62.89 4.91
C THR F 1120 53.76 -63.44 6.31
N PHE F 1121 52.63 -63.07 6.91
CA PHE F 1121 52.24 -63.71 8.16
C PHE F 1121 51.49 -65.00 7.86
N VAL F 1122 51.42 -65.89 8.86
CA VAL F 1122 50.78 -67.20 8.72
C VAL F 1122 49.50 -67.26 9.53
N SER F 1123 48.40 -67.65 8.88
CA SER F 1123 47.13 -67.84 9.57
C SER F 1123 46.43 -69.11 9.13
N GLY F 1124 46.08 -69.96 10.11
CA GLY F 1124 45.29 -71.16 9.88
C GLY F 1124 45.92 -72.17 8.97
N ASN F 1125 45.10 -72.77 8.10
CA ASN F 1125 45.53 -73.86 7.23
C ASN F 1125 45.06 -73.61 5.80
N CYS F 1126 45.62 -74.42 4.89
CA CYS F 1126 45.41 -74.28 3.46
C CYS F 1126 43.97 -74.54 3.03
N ASP F 1127 43.25 -75.42 3.75
CA ASP F 1127 41.93 -75.87 3.32
C ASP F 1127 40.89 -74.76 3.27
N VAL F 1128 40.88 -73.86 4.25
CA VAL F 1128 39.80 -72.89 4.38
C VAL F 1128 39.77 -71.88 3.23
N VAL F 1129 40.93 -71.35 2.83
CA VAL F 1129 40.98 -70.27 1.85
C VAL F 1129 40.61 -70.79 0.46
N ILE F 1130 39.83 -69.99 -0.28
CA ILE F 1130 39.43 -70.29 -1.65
C ILE F 1130 40.35 -69.55 -2.60
N GLY F 1131 40.97 -70.28 -3.53
CA GLY F 1131 41.93 -69.72 -4.45
C GLY F 1131 43.37 -69.76 -4.01
N ILE F 1132 43.66 -70.39 -2.86
CA ILE F 1132 45.02 -70.54 -2.37
C ILE F 1132 45.84 -71.40 -3.35
N VAL F 1133 47.10 -71.02 -3.56
CA VAL F 1133 47.97 -71.70 -4.51
C VAL F 1133 49.16 -72.26 -3.75
N ASN F 1134 49.59 -73.46 -4.14
CA ASN F 1134 50.77 -74.08 -3.54
C ASN F 1134 52.03 -73.40 -4.06
N ASN F 1135 52.83 -72.85 -3.14
CA ASN F 1135 54.08 -72.21 -3.50
C ASN F 1135 54.97 -72.21 -2.26
N THR F 1136 56.27 -72.01 -2.48
CA THR F 1136 57.25 -72.06 -1.41
C THR F 1136 57.44 -70.69 -0.76
N VAL F 1137 57.46 -70.67 0.57
CA VAL F 1137 57.77 -69.48 1.34
C VAL F 1137 59.18 -69.65 1.90
N TYR F 1138 60.10 -68.82 1.44
CA TYR F 1138 61.49 -68.93 1.85
C TYR F 1138 61.67 -68.43 3.28
N ASP F 1139 62.56 -69.09 4.03
CA ASP F 1139 62.85 -68.63 5.38
C ASP F 1139 64.27 -68.11 5.44
N PRO F 1140 64.49 -66.85 5.85
CA PRO F 1140 65.85 -66.30 5.92
C PRO F 1140 66.78 -67.00 6.90
N LEU F 1141 66.25 -67.49 8.03
CA LEU F 1141 67.06 -68.14 9.05
C LEU F 1141 67.73 -69.42 8.53
N GLN F 1142 67.03 -70.17 7.68
CA GLN F 1142 67.49 -71.49 7.24
C GLN F 1142 68.85 -71.51 6.49
N PRO F 1143 69.13 -70.62 5.51
CA PRO F 1143 70.51 -70.64 4.94
C PRO F 1143 71.60 -70.28 5.94
N GLU F 1144 71.35 -69.32 6.82
CA GLU F 1144 72.31 -68.97 7.86
C GLU F 1144 72.58 -70.15 8.79
N LEU F 1145 71.51 -70.87 9.15
CA LEU F 1145 71.66 -72.07 9.97
C LEU F 1145 72.43 -73.15 9.23
N ASP F 1146 72.17 -73.30 7.93
CA ASP F 1146 72.81 -74.34 7.11
C ASP F 1146 74.32 -74.13 7.01
N SER F 1147 74.75 -72.89 6.77
CA SER F 1147 76.16 -72.56 6.73
C SER F 1147 76.77 -72.59 8.14
N ALA G 27 -40.21 -34.42 18.23
CA ALA G 27 -39.20 -35.47 18.09
C ALA G 27 -37.97 -34.93 17.36
N TYR G 28 -36.83 -35.56 17.60
CA TYR G 28 -35.54 -35.11 17.08
C TYR G 28 -34.87 -36.22 16.29
N THR G 29 -34.24 -35.84 15.16
CA THR G 29 -33.55 -36.79 14.29
C THR G 29 -32.17 -36.26 13.98
N ASN G 30 -31.45 -36.89 13.05
CA ASN G 30 -30.08 -36.52 12.76
C ASN G 30 -29.97 -36.07 11.30
N SER G 31 -29.33 -34.92 11.10
CA SER G 31 -29.11 -34.38 9.76
C SER G 31 -28.21 -35.27 8.91
N PHE G 32 -27.21 -35.88 9.55
CA PHE G 32 -26.14 -36.71 8.94
C PHE G 32 -25.36 -35.80 7.98
N THR G 33 -25.05 -36.28 6.78
CA THR G 33 -24.27 -35.54 5.82
C THR G 33 -25.17 -34.83 4.79
N ARG G 34 -26.50 -35.00 4.92
CA ARG G 34 -27.49 -34.44 4.02
C ARG G 34 -27.67 -32.94 4.24
N GLY G 35 -28.27 -32.29 3.25
CA GLY G 35 -28.52 -30.87 3.31
C GLY G 35 -27.53 -30.00 2.55
N VAL G 36 -26.56 -30.61 1.87
CA VAL G 36 -25.61 -29.87 1.06
C VAL G 36 -26.22 -29.60 -0.32
N TYR G 37 -25.99 -28.40 -0.84
CA TYR G 37 -26.46 -27.97 -2.14
C TYR G 37 -25.28 -27.35 -2.89
N TYR G 38 -25.42 -27.27 -4.21
CA TYR G 38 -24.41 -26.60 -5.04
C TYR G 38 -24.34 -25.12 -4.68
N PRO G 39 -23.17 -24.60 -4.30
CA PRO G 39 -23.10 -23.21 -3.82
C PRO G 39 -23.35 -22.16 -4.89
N ASP G 40 -22.84 -22.36 -6.10
CA ASP G 40 -22.90 -21.36 -7.15
C ASP G 40 -23.21 -22.03 -8.48
N LYS G 41 -23.59 -21.19 -9.45
CA LYS G 41 -23.87 -21.65 -10.81
C LYS G 41 -22.62 -22.25 -11.45
N VAL G 42 -21.45 -21.70 -11.14
CA VAL G 42 -20.18 -22.10 -11.74
C VAL G 42 -19.90 -23.60 -11.56
N PHE G 43 -19.41 -24.24 -12.64
CA PHE G 43 -19.20 -25.69 -12.67
C PHE G 43 -17.77 -26.01 -12.28
N ARG G 44 -17.60 -26.93 -11.33
CA ARG G 44 -16.28 -27.36 -10.91
C ARG G 44 -16.18 -28.88 -11.01
N SER G 45 -15.08 -29.37 -11.57
CA SER G 45 -14.84 -30.80 -11.70
C SER G 45 -13.46 -31.16 -11.18
N SER G 46 -13.36 -32.36 -10.60
CA SER G 46 -12.11 -33.00 -10.14
C SER G 46 -11.29 -32.10 -9.20
N VAL G 47 -11.95 -31.26 -8.43
CA VAL G 47 -11.25 -30.29 -7.58
C VAL G 47 -11.99 -30.21 -6.25
N LEU G 48 -11.25 -29.83 -5.21
CA LEU G 48 -11.81 -29.59 -3.88
C LEU G 48 -11.90 -28.07 -3.72
N HIS G 49 -13.12 -27.55 -3.56
CA HIS G 49 -13.34 -26.11 -3.52
C HIS G 49 -14.00 -25.72 -2.20
N SER G 50 -13.43 -24.72 -1.54
CA SER G 50 -13.92 -24.21 -0.27
C SER G 50 -14.79 -22.97 -0.48
N THR G 51 -16.01 -23.02 0.04
CA THR G 51 -16.95 -21.92 -0.11
C THR G 51 -17.63 -21.65 1.23
N GLN G 52 -17.93 -20.38 1.49
CA GLN G 52 -18.68 -19.97 2.67
C GLN G 52 -20.07 -19.55 2.23
N ASP G 53 -21.07 -20.23 2.77
CA ASP G 53 -22.47 -19.99 2.42
C ASP G 53 -23.33 -20.55 3.55
N LEU G 54 -24.60 -20.17 3.54
CA LEU G 54 -25.55 -20.76 4.48
C LEU G 54 -25.69 -22.24 4.20
N PHE G 55 -25.48 -23.07 5.22
CA PHE G 55 -25.46 -24.51 5.00
C PHE G 55 -26.02 -25.22 6.22
N LEU G 56 -26.59 -26.39 5.98
CA LEU G 56 -27.01 -27.22 7.08
C LEU G 56 -25.78 -27.83 7.74
N PRO G 57 -25.57 -27.64 9.04
CA PRO G 57 -24.38 -28.20 9.68
C PRO G 57 -24.51 -29.71 9.76
N PHE G 58 -23.39 -30.41 9.57
CA PHE G 58 -23.40 -31.86 9.54
C PHE G 58 -23.80 -32.39 10.91
N PHE G 59 -24.63 -33.44 10.91
CA PHE G 59 -25.11 -34.13 12.12
C PHE G 59 -25.89 -33.20 13.04
N SER G 60 -26.51 -32.17 12.47
CA SER G 60 -27.35 -31.25 13.23
C SER G 60 -28.61 -31.94 13.70
N ASN G 61 -29.06 -31.58 14.91
CA ASN G 61 -30.33 -32.10 15.39
C ASN G 61 -31.46 -31.49 14.56
N VAL G 62 -32.36 -32.34 14.07
CA VAL G 62 -33.44 -31.94 13.18
C VAL G 62 -34.77 -32.21 13.86
N THR G 63 -35.61 -31.18 13.97
CA THR G 63 -36.93 -31.32 14.55
C THR G 63 -37.81 -32.21 13.66
N TRP G 64 -38.57 -33.10 14.29
CA TRP G 64 -39.45 -34.03 13.58
C TRP G 64 -40.90 -33.75 13.96
N PHE G 65 -41.72 -33.51 12.95
CA PHE G 65 -43.16 -33.27 13.09
C PHE G 65 -43.92 -34.26 12.23
N HIS G 66 -44.85 -34.99 12.84
CA HIS G 66 -45.70 -35.95 12.15
C HIS G 66 -47.17 -35.61 12.37
N ALA G 67 -47.93 -35.60 11.28
CA ALA G 67 -49.37 -35.30 11.33
C ALA G 67 -50.17 -36.56 11.64
N ILE G 68 -50.81 -36.58 12.82
CA ILE G 68 -51.58 -37.72 13.31
C ILE G 68 -52.86 -37.10 13.86
N HIS G 69 -53.93 -37.92 13.93
CA HIS G 69 -55.27 -37.61 14.45
C HIS G 69 -56.01 -36.68 13.49
N ASP G 80 -51.47 -31.31 12.56
CA ASP G 80 -50.16 -30.93 13.08
C ASP G 80 -49.43 -30.03 12.09
N ASN G 81 -49.82 -28.76 12.06
CA ASN G 81 -49.23 -27.74 11.18
C ASN G 81 -48.66 -26.57 11.98
N PRO G 82 -47.62 -26.78 12.80
CA PRO G 82 -47.13 -25.68 13.63
C PRO G 82 -46.39 -24.64 12.81
N VAL G 83 -46.49 -23.38 13.25
CA VAL G 83 -45.69 -22.32 12.66
C VAL G 83 -44.22 -22.54 13.03
N LEU G 84 -43.33 -22.33 12.07
CA LEU G 84 -41.92 -22.57 12.27
C LEU G 84 -41.11 -21.39 11.73
N PRO G 85 -40.17 -20.85 12.51
CA PRO G 85 -39.41 -19.67 12.05
C PRO G 85 -38.53 -19.99 10.86
N PHE G 86 -38.63 -19.17 9.81
CA PHE G 86 -37.80 -19.36 8.63
C PHE G 86 -36.33 -19.09 8.92
N ASN G 87 -36.03 -18.02 9.67
CA ASN G 87 -34.69 -17.55 10.08
C ASN G 87 -33.78 -17.40 8.86
N ASP G 88 -32.50 -17.77 8.99
CA ASP G 88 -31.56 -17.61 7.87
C ASP G 88 -31.93 -18.51 6.70
N GLY G 89 -32.23 -19.78 6.96
CA GLY G 89 -32.59 -20.71 5.92
C GLY G 89 -33.30 -21.90 6.51
N VAL G 90 -34.06 -22.61 5.68
CA VAL G 90 -34.77 -23.82 6.10
C VAL G 90 -34.46 -24.98 5.16
N TYR G 91 -33.97 -26.09 5.72
CA TYR G 91 -33.82 -27.34 4.98
C TYR G 91 -35.05 -28.17 5.33
N PHE G 92 -35.80 -28.59 4.32
CA PHE G 92 -37.05 -29.31 4.55
C PHE G 92 -36.93 -30.71 3.94
N ALA G 93 -36.88 -31.73 4.79
CA ALA G 93 -36.86 -33.11 4.33
C ALA G 93 -38.25 -33.71 4.56
N SER G 94 -38.91 -34.08 3.47
CA SER G 94 -40.27 -34.63 3.52
C SER G 94 -40.29 -36.03 2.94
N THR G 95 -40.63 -37.02 3.76
CA THR G 95 -40.60 -38.43 3.35
C THR G 95 -42.02 -38.97 3.13
N GLU G 96 -42.52 -38.86 1.89
CA GLU G 96 -43.82 -39.42 1.52
C GLU G 96 -43.65 -40.17 0.22
N LYS G 97 -44.16 -41.42 0.16
CA LYS G 97 -44.12 -42.18 -1.09
C LYS G 97 -44.96 -41.52 -2.18
N SER G 98 -46.14 -41.01 -1.83
CA SER G 98 -47.03 -40.41 -2.81
C SER G 98 -46.82 -38.90 -2.97
N ASN G 99 -45.87 -38.34 -2.23
CA ASN G 99 -45.52 -36.91 -2.22
C ASN G 99 -46.74 -36.01 -1.93
N ILE G 100 -47.50 -36.37 -0.89
CA ILE G 100 -48.73 -35.63 -0.56
C ILE G 100 -48.42 -34.18 -0.19
N ILE G 101 -47.30 -33.93 0.49
CA ILE G 101 -47.01 -32.56 0.91
C ILE G 101 -46.43 -31.82 -0.28
N ARG G 102 -47.20 -30.85 -0.78
CA ARG G 102 -46.77 -29.96 -1.85
C ARG G 102 -46.93 -28.51 -1.45
N GLY G 103 -47.41 -28.23 -0.24
CA GLY G 103 -47.72 -26.89 0.18
C GLY G 103 -46.68 -26.28 1.10
N TRP G 104 -46.14 -25.14 0.69
CA TRP G 104 -45.25 -24.35 1.52
C TRP G 104 -45.72 -22.91 1.49
N ILE G 105 -45.92 -22.30 2.65
CA ILE G 105 -46.27 -20.89 2.75
C ILE G 105 -45.18 -20.17 3.53
N PHE G 106 -44.66 -19.09 2.93
CA PHE G 106 -43.61 -18.28 3.54
C PHE G 106 -44.10 -16.85 3.73
N GLY G 107 -44.20 -16.42 4.97
CA GLY G 107 -44.59 -15.04 5.27
C GLY G 107 -43.98 -14.59 6.58
N THR G 108 -43.77 -13.28 6.70
CA THR G 108 -43.26 -12.72 7.95
C THR G 108 -44.27 -12.90 9.10
N THR G 109 -45.55 -12.66 8.84
CA THR G 109 -46.60 -12.84 9.84
C THR G 109 -47.65 -13.86 9.44
N LEU G 110 -47.85 -14.06 8.13
CA LEU G 110 -48.85 -14.98 7.56
C LEU G 110 -50.27 -14.66 8.02
N ASP G 111 -50.57 -13.38 8.25
CA ASP G 111 -51.89 -12.95 8.65
C ASP G 111 -52.64 -12.22 7.56
N SER G 112 -52.03 -12.09 6.36
CA SER G 112 -52.50 -11.46 5.11
C SER G 112 -52.29 -9.96 5.17
N LYS G 113 -51.81 -9.41 6.29
CA LYS G 113 -51.50 -7.99 6.37
C LYS G 113 -50.33 -7.63 5.45
N THR G 114 -49.32 -8.49 5.38
CA THR G 114 -48.14 -8.31 4.56
C THR G 114 -48.08 -9.46 3.56
N GLN G 115 -47.36 -9.24 2.45
CA GLN G 115 -47.28 -10.26 1.36
C GLN G 115 -46.74 -11.58 1.88
N SER G 116 -47.43 -12.67 1.54
CA SER G 116 -46.98 -14.00 1.94
C SER G 116 -46.92 -14.97 0.77
N LEU G 117 -45.80 -15.66 0.63
CA LEU G 117 -45.59 -16.59 -0.46
C LEU G 117 -46.39 -17.87 -0.23
N LEU G 118 -46.76 -18.55 -1.32
CA LEU G 118 -47.42 -19.85 -1.24
C LEU G 118 -46.99 -20.72 -2.42
N ILE G 119 -46.52 -21.93 -2.15
CA ILE G 119 -46.12 -22.89 -3.19
C ILE G 119 -47.11 -24.06 -3.21
N VAL G 120 -47.67 -24.35 -4.39
CA VAL G 120 -48.58 -25.49 -4.60
C VAL G 120 -48.16 -26.17 -5.90
N ASN G 121 -48.38 -27.50 -5.98
CA ASN G 121 -48.05 -28.31 -7.16
C ASN G 121 -49.27 -29.13 -7.57
N ASN G 122 -50.19 -28.50 -8.29
CA ASN G 122 -51.40 -29.15 -8.77
C ASN G 122 -51.15 -29.67 -10.20
N ALA G 123 -51.37 -30.98 -10.40
CA ALA G 123 -51.13 -31.70 -11.65
C ALA G 123 -49.65 -31.52 -12.01
N THR G 124 -49.30 -31.01 -13.19
CA THR G 124 -47.90 -30.83 -13.53
C THR G 124 -47.42 -29.39 -13.40
N ASN G 125 -48.23 -28.41 -13.78
CA ASN G 125 -47.84 -27.00 -13.66
C ASN G 125 -47.73 -26.58 -12.18
N VAL G 126 -46.70 -25.77 -11.90
CA VAL G 126 -46.48 -25.23 -10.56
C VAL G 126 -46.67 -23.72 -10.61
N VAL G 127 -47.59 -23.21 -9.79
CA VAL G 127 -47.89 -21.78 -9.71
C VAL G 127 -47.71 -21.30 -8.26
N ILE G 128 -46.89 -20.27 -8.06
CA ILE G 128 -46.70 -19.72 -6.72
C ILE G 128 -47.39 -18.36 -6.64
N LYS G 129 -47.93 -18.05 -5.47
CA LYS G 129 -48.68 -16.82 -5.21
C LYS G 129 -47.92 -15.96 -4.21
N VAL G 130 -47.30 -14.87 -4.66
CA VAL G 130 -46.59 -13.90 -3.74
C VAL G 130 -47.57 -12.87 -3.17
N CYS G 131 -48.85 -12.96 -3.53
CA CYS G 131 -49.90 -12.10 -2.98
C CYS G 131 -50.43 -12.60 -1.64
N GLU G 132 -50.82 -11.63 -0.80
CA GLU G 132 -51.36 -11.88 0.53
C GLU G 132 -52.86 -12.23 0.55
N PHE G 133 -53.14 -13.46 0.12
CA PHE G 133 -54.50 -13.96 0.19
C PHE G 133 -54.80 -14.26 1.66
N GLN G 134 -56.08 -14.21 2.03
CA GLN G 134 -56.46 -14.40 3.43
C GLN G 134 -56.05 -15.78 3.92
N PHE G 135 -55.47 -15.85 5.12
CA PHE G 135 -54.95 -17.10 5.66
C PHE G 135 -55.79 -17.60 6.82
N CYS G 136 -56.03 -18.91 6.83
CA CYS G 136 -56.74 -19.55 7.91
C CYS G 136 -55.80 -19.77 9.09
N ASN G 137 -56.39 -19.89 10.28
CA ASN G 137 -55.61 -20.14 11.50
C ASN G 137 -54.87 -21.46 11.41
N ASP G 138 -55.51 -22.50 10.89
CA ASP G 138 -54.86 -23.76 10.59
C ASP G 138 -54.84 -23.94 9.07
N PRO G 139 -53.67 -23.96 8.43
CA PRO G 139 -53.62 -24.19 6.99
C PRO G 139 -54.03 -25.62 6.64
N PHE G 140 -54.86 -25.74 5.61
CA PHE G 140 -55.40 -27.03 5.22
C PHE G 140 -55.71 -27.01 3.72
N LEU G 141 -55.27 -28.05 3.03
CA LEU G 141 -55.56 -28.22 1.60
C LEU G 141 -56.71 -29.21 1.44
N GLY G 142 -57.66 -28.87 0.57
CA GLY G 142 -58.75 -29.78 0.27
C GLY G 142 -58.28 -30.98 -0.52
N VAL G 143 -58.79 -32.15 -0.14
CA VAL G 143 -58.39 -33.40 -0.77
C VAL G 143 -59.24 -33.67 -2.02
N ASN G 165 -54.13 -8.95 -7.44
CA ASN G 165 -52.96 -8.07 -7.20
C ASN G 165 -51.77 -8.92 -6.73
N CYS G 166 -51.20 -9.73 -7.63
CA CYS G 166 -50.04 -10.59 -7.25
C CYS G 166 -48.77 -9.98 -7.84
N THR G 167 -47.78 -9.68 -6.98
CA THR G 167 -46.53 -9.01 -7.46
C THR G 167 -45.80 -9.93 -8.44
N PHE G 168 -45.71 -11.23 -8.13
CA PHE G 168 -45.06 -12.19 -9.04
C PHE G 168 -46.00 -13.37 -9.30
N GLU G 169 -46.16 -13.77 -10.56
CA GLU G 169 -47.03 -14.93 -10.91
C GLU G 169 -46.18 -15.99 -11.62
N TYR G 170 -45.84 -17.08 -10.92
CA TYR G 170 -45.05 -18.13 -11.53
C TYR G 170 -45.97 -19.12 -12.24
N VAL G 171 -45.42 -19.82 -13.22
CA VAL G 171 -46.16 -20.83 -13.97
C VAL G 171 -45.17 -21.89 -14.43
N SER G 172 -45.65 -23.10 -14.65
CA SER G 172 -44.82 -24.19 -15.14
C SER G 172 -45.64 -25.20 -15.95
N PHE G 186 -43.39 -44.89 3.09
CA PHE G 186 -42.58 -43.71 2.83
C PHE G 186 -41.36 -44.11 2.00
N LYS G 187 -41.57 -44.43 0.73
CA LYS G 187 -40.50 -44.85 -0.15
C LYS G 187 -39.90 -43.72 -0.97
N ASN G 188 -40.22 -42.47 -0.65
CA ASN G 188 -39.69 -41.32 -1.37
C ASN G 188 -39.41 -40.20 -0.40
N LEU G 189 -38.17 -39.69 -0.41
CA LEU G 189 -37.79 -38.56 0.43
C LEU G 189 -37.42 -37.39 -0.47
N ARG G 190 -37.94 -36.21 -0.13
CA ARG G 190 -37.67 -35.00 -0.89
C ARG G 190 -37.03 -33.96 0.03
N GLU G 191 -35.84 -33.47 -0.34
CA GLU G 191 -35.11 -32.50 0.48
C GLU G 191 -35.16 -31.13 -0.20
N PHE G 192 -35.72 -30.14 0.49
CA PHE G 192 -35.79 -28.79 -0.04
C PHE G 192 -35.08 -27.80 0.88
N VAL G 193 -34.19 -27.01 0.30
CA VAL G 193 -33.49 -25.92 0.97
C VAL G 193 -34.06 -24.59 0.47
N PHE G 194 -34.55 -23.77 1.39
CA PHE G 194 -35.13 -22.46 1.08
C PHE G 194 -34.23 -21.36 1.62
N LYS G 195 -33.76 -20.50 0.73
CA LYS G 195 -32.99 -19.32 1.14
C LYS G 195 -33.58 -18.08 0.49
N ASN G 196 -33.88 -17.08 1.31
CA ASN G 196 -34.32 -15.77 0.83
C ASN G 196 -33.13 -14.83 1.00
N ILE G 197 -32.40 -14.58 -0.10
CA ILE G 197 -31.19 -13.78 -0.07
C ILE G 197 -31.29 -12.74 -1.19
N ASP G 198 -31.12 -11.46 -0.81
CA ASP G 198 -31.11 -10.32 -1.73
C ASP G 198 -32.43 -10.18 -2.48
N GLY G 199 -33.52 -10.63 -1.86
CA GLY G 199 -34.81 -10.57 -2.49
C GLY G 199 -35.04 -11.67 -3.51
N TYR G 200 -34.14 -12.64 -3.60
CA TYR G 200 -34.31 -13.76 -4.52
C TYR G 200 -34.57 -15.02 -3.69
N PHE G 201 -35.70 -15.68 -3.92
CA PHE G 201 -35.97 -16.95 -3.25
C PHE G 201 -35.32 -18.09 -4.02
N LYS G 202 -34.39 -18.80 -3.38
CA LYS G 202 -33.72 -19.93 -4.01
C LYS G 202 -34.19 -21.23 -3.37
N ILE G 203 -34.65 -22.16 -4.20
CA ILE G 203 -35.11 -23.47 -3.75
C ILE G 203 -34.19 -24.51 -4.38
N TYR G 204 -33.61 -25.36 -3.54
CA TYR G 204 -32.77 -26.47 -4.00
C TYR G 204 -33.50 -27.76 -3.64
N SER G 205 -33.79 -28.59 -4.64
CA SER G 205 -34.59 -29.80 -4.43
C SER G 205 -33.87 -31.04 -4.96
N LYS G 206 -33.80 -32.07 -4.12
CA LYS G 206 -33.28 -33.38 -4.51
C LYS G 206 -34.30 -34.46 -4.13
N HIS G 207 -34.62 -35.35 -5.06
CA HIS G 207 -35.55 -36.45 -4.82
C HIS G 207 -34.80 -37.79 -4.89
N THR G 208 -34.89 -38.58 -3.82
CA THR G 208 -34.27 -39.90 -3.76
C THR G 208 -35.20 -40.90 -3.08
N PRO G 209 -35.19 -42.17 -3.52
CA PRO G 209 -35.91 -43.22 -2.78
C PRO G 209 -35.24 -43.49 -1.44
N ILE G 210 -36.06 -43.68 -0.41
CA ILE G 210 -35.57 -43.80 0.96
C ILE G 210 -35.94 -45.17 1.52
N ASN G 211 -34.93 -45.97 1.87
CA ASN G 211 -35.18 -47.27 2.47
C ASN G 211 -35.73 -47.18 3.90
N LEU G 212 -35.20 -46.27 4.70
CA LEU G 212 -35.53 -46.20 6.13
C LEU G 212 -36.66 -45.19 6.34
N VAL G 213 -37.85 -45.71 6.66
CA VAL G 213 -39.02 -44.85 6.90
C VAL G 213 -38.83 -43.97 8.13
N ARG G 214 -38.24 -44.52 9.20
CA ARG G 214 -38.15 -43.82 10.48
C ARG G 214 -37.24 -42.59 10.42
N ASP G 215 -36.04 -42.72 9.84
CA ASP G 215 -35.05 -41.65 9.93
C ASP G 215 -34.40 -41.40 8.57
N LEU G 216 -33.67 -40.29 8.51
CA LEU G 216 -32.88 -39.95 7.33
C LEU G 216 -31.80 -41.00 7.09
N PRO G 217 -31.59 -41.43 5.85
CA PRO G 217 -30.49 -42.35 5.57
C PRO G 217 -29.16 -41.62 5.64
N GLN G 218 -28.15 -42.28 6.22
CA GLN G 218 -26.81 -41.73 6.20
C GLN G 218 -26.33 -41.73 4.76
N GLY G 219 -25.79 -40.62 4.30
CA GLY G 219 -25.41 -40.52 2.91
C GLY G 219 -25.32 -39.09 2.46
N PHE G 220 -24.62 -38.89 1.35
CA PHE G 220 -24.38 -37.57 0.79
C PHE G 220 -25.26 -37.34 -0.42
N SER G 221 -26.09 -36.30 -0.36
CA SER G 221 -26.97 -35.91 -1.45
C SER G 221 -26.71 -34.44 -1.79
N ALA G 222 -26.53 -34.15 -3.08
CA ALA G 222 -26.34 -32.80 -3.55
C ALA G 222 -27.65 -32.25 -4.09
N LEU G 223 -28.05 -31.08 -3.63
CA LEU G 223 -29.32 -30.46 -4.00
C LEU G 223 -29.08 -29.42 -5.08
N GLU G 224 -29.75 -29.60 -6.26
CA GLU G 224 -29.66 -28.66 -7.37
C GLU G 224 -30.78 -27.63 -7.31
N PRO G 225 -30.51 -26.38 -7.70
CA PRO G 225 -31.55 -25.34 -7.64
C PRO G 225 -32.56 -25.49 -8.76
N LEU G 226 -33.83 -25.71 -8.39
CA LEU G 226 -34.87 -25.86 -9.40
C LEU G 226 -35.11 -24.55 -10.16
N VAL G 227 -35.23 -23.45 -9.42
CA VAL G 227 -35.46 -22.14 -10.01
C VAL G 227 -35.09 -21.09 -8.96
N ASP G 228 -34.79 -19.87 -9.41
CA ASP G 228 -34.58 -18.74 -8.53
C ASP G 228 -35.58 -17.65 -8.92
N LEU G 229 -36.37 -17.19 -7.95
CA LEU G 229 -37.45 -16.25 -8.20
C LEU G 229 -37.28 -14.96 -7.39
N PRO G 230 -37.52 -13.79 -8.01
CA PRO G 230 -37.44 -12.48 -7.34
C PRO G 230 -38.71 -12.08 -6.58
N ILE G 231 -39.02 -12.81 -5.50
CA ILE G 231 -40.27 -12.53 -4.73
C ILE G 231 -40.09 -11.21 -3.95
N GLY G 232 -38.89 -10.92 -3.46
CA GLY G 232 -38.59 -9.70 -2.73
C GLY G 232 -39.43 -9.43 -1.49
N ILE G 233 -39.79 -10.47 -0.74
CA ILE G 233 -40.62 -10.33 0.45
C ILE G 233 -39.82 -10.87 1.64
N ASN G 234 -39.97 -10.23 2.79
CA ASN G 234 -39.29 -10.69 3.99
C ASN G 234 -40.08 -11.84 4.61
N ILE G 235 -39.39 -12.92 4.96
CA ILE G 235 -40.02 -14.09 5.56
C ILE G 235 -39.36 -14.39 6.89
N THR G 236 -40.14 -14.36 7.98
CA THR G 236 -39.62 -14.75 9.28
C THR G 236 -40.16 -16.09 9.78
N ARG G 237 -41.31 -16.54 9.26
CA ARG G 237 -41.91 -17.81 9.66
C ARG G 237 -42.37 -18.58 8.43
N PHE G 238 -42.49 -19.90 8.55
CA PHE G 238 -43.01 -20.70 7.46
C PHE G 238 -43.93 -21.77 8.02
N GLN G 239 -44.91 -22.19 7.22
CA GLN G 239 -45.83 -23.26 7.59
C GLN G 239 -45.97 -24.21 6.42
N THR G 240 -46.40 -25.44 6.74
CA THR G 240 -46.51 -26.51 5.76
C THR G 240 -47.95 -26.96 5.59
N LEU G 241 -48.41 -27.03 4.33
CA LEU G 241 -49.77 -27.42 4.01
C LEU G 241 -49.85 -28.91 3.75
N LEU G 242 -50.76 -29.60 4.45
CA LEU G 242 -51.02 -31.01 4.25
C LEU G 242 -52.48 -31.23 3.84
N ALA G 243 -52.68 -31.92 2.73
CA ALA G 243 -54.02 -32.28 2.31
C ALA G 243 -54.57 -33.35 3.25
N LEU G 244 -55.80 -33.16 3.73
CA LEU G 244 -56.41 -34.04 4.71
C LEU G 244 -57.70 -34.63 4.14
N HIS G 245 -57.77 -35.96 4.12
CA HIS G 245 -58.92 -36.71 3.60
C HIS G 245 -60.25 -36.34 4.26
N ALA G 263 -48.64 -37.66 7.56
CA ALA G 263 -47.33 -37.68 6.91
C ALA G 263 -46.29 -36.99 7.77
N ALA G 264 -45.08 -37.54 7.77
CA ALA G 264 -44.00 -37.01 8.58
C ALA G 264 -43.00 -36.20 7.76
N TYR G 265 -42.55 -35.06 8.31
CA TYR G 265 -41.63 -34.17 7.63
C TYR G 265 -40.56 -33.72 8.62
N TYR G 266 -39.36 -33.41 8.10
CA TYR G 266 -38.21 -33.04 8.90
C TYR G 266 -37.81 -31.61 8.54
N VAL G 267 -37.58 -30.77 9.54
CA VAL G 267 -37.15 -29.38 9.35
C VAL G 267 -35.83 -29.12 10.07
N GLY G 268 -34.81 -28.67 9.33
CA GLY G 268 -33.57 -28.25 9.97
C GLY G 268 -33.03 -26.94 9.41
N TYR G 269 -32.70 -25.99 10.28
CA TYR G 269 -32.31 -24.65 9.84
C TYR G 269 -30.85 -24.57 9.41
N LEU G 270 -30.60 -23.94 8.26
CA LEU G 270 -29.23 -23.72 7.79
C LEU G 270 -28.53 -22.64 8.62
N GLN G 271 -27.22 -22.80 8.78
CA GLN G 271 -26.40 -21.84 9.50
C GLN G 271 -25.22 -21.41 8.63
N PRO G 272 -24.70 -20.19 8.81
CA PRO G 272 -23.50 -19.80 8.03
C PRO G 272 -22.31 -20.68 8.37
N ARG G 273 -21.70 -21.28 7.34
CA ARG G 273 -20.63 -22.25 7.52
C ARG G 273 -19.72 -22.24 6.29
N THR G 274 -18.49 -22.69 6.48
CA THR G 274 -17.54 -22.89 5.40
C THR G 274 -17.44 -24.37 5.10
N PHE G 275 -17.62 -24.75 3.83
CA PHE G 275 -17.65 -26.15 3.43
C PHE G 275 -16.63 -26.39 2.34
N LEU G 276 -15.82 -27.44 2.50
CA LEU G 276 -14.92 -27.90 1.46
C LEU G 276 -15.65 -29.00 0.70
N LEU G 277 -15.88 -28.80 -0.60
CA LEU G 277 -16.72 -29.68 -1.39
C LEU G 277 -15.90 -30.48 -2.39
N LYS G 278 -16.05 -31.80 -2.36
CA LYS G 278 -15.39 -32.66 -3.34
C LYS G 278 -16.21 -32.69 -4.62
N TYR G 279 -15.53 -32.61 -5.76
CA TYR G 279 -16.18 -32.68 -7.06
C TYR G 279 -15.57 -33.82 -7.87
N ASN G 280 -16.43 -34.63 -8.48
CA ASN G 280 -15.98 -35.70 -9.37
C ASN G 280 -15.83 -35.16 -10.79
N GLU G 281 -15.46 -36.04 -11.72
CA GLU G 281 -15.33 -35.67 -13.13
C GLU G 281 -16.65 -35.19 -13.72
N ASN G 282 -17.76 -35.82 -13.29
CA ASN G 282 -19.09 -35.40 -13.72
C ASN G 282 -19.42 -33.99 -13.27
N GLY G 283 -18.87 -33.57 -12.12
CA GLY G 283 -19.15 -32.29 -11.52
C GLY G 283 -20.15 -32.35 -10.40
N THR G 284 -20.74 -33.51 -10.15
CA THR G 284 -21.61 -33.71 -9.00
C THR G 284 -20.77 -33.66 -7.73
N ILE G 285 -21.30 -33.02 -6.69
CA ILE G 285 -20.62 -33.04 -5.40
C ILE G 285 -20.64 -34.46 -4.87
N THR G 286 -19.47 -34.96 -4.46
CA THR G 286 -19.32 -36.34 -3.99
C THR G 286 -19.27 -36.43 -2.48
N ASP G 287 -18.58 -35.51 -1.82
CA ASP G 287 -18.51 -35.48 -0.37
C ASP G 287 -18.21 -34.05 0.04
N ALA G 288 -18.52 -33.74 1.29
CA ALA G 288 -18.22 -32.42 1.83
C ALA G 288 -17.65 -32.56 3.23
N VAL G 289 -16.87 -31.54 3.61
CA VAL G 289 -16.35 -31.40 4.96
C VAL G 289 -16.88 -30.10 5.53
N ASP G 290 -17.47 -30.17 6.71
CA ASP G 290 -17.93 -29.01 7.46
C ASP G 290 -16.80 -28.71 8.43
N CYS G 291 -16.11 -27.59 8.21
CA CYS G 291 -14.91 -27.23 8.95
C CYS G 291 -15.20 -27.08 10.44
N ALA G 292 -16.32 -26.43 10.77
CA ALA G 292 -16.74 -26.18 12.15
C ALA G 292 -17.15 -27.47 12.88
N LEU G 293 -17.57 -28.51 12.15
CA LEU G 293 -18.11 -29.73 12.77
C LEU G 293 -17.15 -30.47 13.68
N ASP G 294 -15.90 -30.62 13.29
CA ASP G 294 -14.96 -31.28 14.19
C ASP G 294 -13.56 -30.73 13.93
N PRO G 295 -12.64 -30.87 14.90
CA PRO G 295 -11.25 -30.38 14.70
C PRO G 295 -10.52 -31.05 13.55
N LEU G 296 -10.71 -32.35 13.36
CA LEU G 296 -10.10 -33.03 12.20
C LEU G 296 -10.64 -32.46 10.91
N SER G 297 -11.94 -32.11 10.89
CA SER G 297 -12.54 -31.46 9.73
C SER G 297 -11.88 -30.11 9.49
N GLU G 298 -11.58 -29.37 10.56
CA GLU G 298 -10.86 -28.10 10.44
C GLU G 298 -9.49 -28.33 9.85
N THR G 299 -8.83 -29.42 10.25
CA THR G 299 -7.53 -29.77 9.70
C THR G 299 -7.65 -30.06 8.21
N LYS G 300 -8.65 -30.87 7.83
CA LYS G 300 -8.93 -31.17 6.42
C LYS G 300 -9.15 -29.90 5.62
N CYS G 301 -9.88 -28.95 6.19
CA CYS G 301 -10.13 -27.66 5.53
C CYS G 301 -8.85 -26.85 5.37
N THR G 302 -8.01 -26.80 6.42
CA THR G 302 -6.75 -26.06 6.36
C THR G 302 -5.79 -26.67 5.36
N LEU G 303 -5.66 -28.01 5.38
CA LEU G 303 -4.82 -28.73 4.42
C LEU G 303 -5.37 -28.65 3.01
N LYS G 304 -6.70 -28.59 2.86
CA LYS G 304 -7.53 -28.57 1.64
C LYS G 304 -7.71 -29.96 1.07
N SER G 305 -7.36 -31.01 1.82
CA SER G 305 -7.50 -32.39 1.39
C SER G 305 -8.27 -33.19 2.44
N PHE G 306 -9.13 -34.09 1.96
CA PHE G 306 -9.93 -34.92 2.87
C PHE G 306 -9.06 -35.84 3.72
N THR G 307 -8.05 -36.45 3.11
CA THR G 307 -7.12 -37.28 3.87
C THR G 307 -6.13 -36.40 4.62
N VAL G 308 -5.82 -36.80 5.85
CA VAL G 308 -4.84 -36.09 6.68
C VAL G 308 -3.77 -37.09 7.11
N GLU G 309 -2.50 -36.72 6.87
CA GLU G 309 -1.39 -37.54 7.30
C GLU G 309 -1.19 -37.40 8.81
N LYS G 310 -0.48 -38.36 9.39
CA LYS G 310 -0.15 -38.30 10.81
C LYS G 310 0.76 -37.10 11.09
N GLY G 311 0.50 -36.42 12.19
CA GLY G 311 1.31 -35.27 12.57
C GLY G 311 0.48 -34.27 13.36
N ILE G 312 1.14 -33.17 13.69
CA ILE G 312 0.53 -32.04 14.39
C ILE G 312 0.41 -30.88 13.41
N TYR G 313 -0.80 -30.34 13.27
CA TYR G 313 -1.08 -29.31 12.29
C TYR G 313 -1.68 -28.08 12.97
N GLN G 314 -1.12 -26.92 12.68
CA GLN G 314 -1.61 -25.65 13.20
C GLN G 314 -2.74 -25.16 12.31
N THR G 315 -3.97 -25.15 12.83
CA THR G 315 -5.13 -24.82 12.01
C THR G 315 -5.90 -23.58 12.45
N SER G 316 -5.78 -23.16 13.71
CA SER G 316 -6.57 -22.04 14.21
C SER G 316 -5.73 -21.22 15.18
N ASN G 317 -6.20 -20.01 15.46
CA ASN G 317 -5.59 -19.13 16.46
C ASN G 317 -6.69 -18.59 17.38
N PHE G 318 -6.84 -19.20 18.55
CA PHE G 318 -7.86 -18.75 19.50
C PHE G 318 -7.46 -17.42 20.12
N ARG G 319 -8.46 -16.60 20.42
CA ARG G 319 -8.26 -15.34 21.12
C ARG G 319 -9.34 -15.25 22.20
N VAL G 320 -9.19 -14.28 23.09
CA VAL G 320 -10.19 -14.02 24.12
C VAL G 320 -10.86 -12.69 23.79
N GLN G 321 -12.18 -12.73 23.61
CA GLN G 321 -12.97 -11.56 23.26
C GLN G 321 -13.15 -10.66 24.48
N PRO G 322 -13.20 -9.33 24.29
CA PRO G 322 -13.31 -8.42 25.44
C PRO G 322 -14.71 -8.41 26.02
N THR G 323 -14.85 -8.93 27.24
CA THR G 323 -16.14 -9.06 27.94
C THR G 323 -16.93 -7.76 27.99
N GLU G 324 -16.26 -6.63 28.22
CA GLU G 324 -16.95 -5.36 28.40
C GLU G 324 -16.07 -4.27 27.81
N SER G 325 -16.67 -3.13 27.48
CA SER G 325 -15.95 -1.95 27.02
C SER G 325 -16.00 -0.88 28.11
N ILE G 326 -14.84 -0.47 28.62
CA ILE G 326 -14.76 0.51 29.70
C ILE G 326 -14.01 1.76 29.21
N VAL G 327 -14.75 2.85 29.04
CA VAL G 327 -14.18 4.13 28.64
C VAL G 327 -13.88 4.94 29.90
N ARG G 328 -12.65 5.46 30.04
CA ARG G 328 -12.27 6.24 31.20
C ARG G 328 -11.80 7.64 30.80
N PHE G 329 -12.37 8.66 31.41
CA PHE G 329 -12.07 10.06 31.11
C PHE G 329 -11.99 10.86 32.41
N PRO G 330 -11.30 12.01 32.40
CA PRO G 330 -11.25 12.85 33.60
C PRO G 330 -12.59 13.48 33.97
N ASN G 331 -12.71 13.82 35.25
CA ASN G 331 -13.92 14.41 35.82
C ASN G 331 -14.29 15.73 35.13
N ILE G 332 -15.60 15.97 35.03
CA ILE G 332 -16.13 17.10 34.29
C ILE G 332 -16.16 18.32 35.22
N THR G 333 -15.00 18.91 35.47
CA THR G 333 -14.95 20.12 36.28
C THR G 333 -15.52 21.34 35.55
N ASN G 334 -15.18 21.49 34.26
CA ASN G 334 -15.53 22.68 33.51
C ASN G 334 -16.86 22.50 32.79
N LEU G 335 -17.70 23.54 32.85
CA LEU G 335 -18.97 23.55 32.14
C LEU G 335 -19.17 24.89 31.45
N CYS G 336 -19.73 24.85 30.25
CA CYS G 336 -20.01 26.07 29.51
C CYS G 336 -21.19 26.84 30.12
N PRO G 337 -21.21 28.19 29.97
CA PRO G 337 -22.32 28.98 30.53
C PRO G 337 -23.54 29.05 29.63
N PHE G 338 -24.12 27.89 29.32
CA PHE G 338 -25.38 27.84 28.57
C PHE G 338 -26.52 28.42 29.40
N GLY G 339 -26.48 28.21 30.72
CA GLY G 339 -27.55 28.68 31.59
C GLY G 339 -27.74 30.19 31.52
N GLU G 340 -26.64 30.93 31.42
CA GLU G 340 -26.71 32.39 31.37
C GLU G 340 -27.43 32.88 30.12
N VAL G 341 -27.05 32.35 28.95
CA VAL G 341 -27.68 32.78 27.71
C VAL G 341 -29.13 32.30 27.62
N PHE G 342 -29.38 31.00 27.90
CA PHE G 342 -30.72 30.46 27.73
C PHE G 342 -31.72 31.04 28.74
N ASN G 343 -31.31 31.25 29.98
CA ASN G 343 -32.22 31.73 31.01
C ASN G 343 -32.12 33.24 31.22
N ALA G 344 -31.51 33.96 30.27
CA ALA G 344 -31.39 35.41 30.36
C ALA G 344 -32.77 36.07 30.44
N THR G 345 -32.88 37.04 31.36
CA THR G 345 -34.17 37.67 31.64
C THR G 345 -34.74 38.45 30.44
N ARG G 346 -33.90 39.18 29.70
CA ARG G 346 -34.33 39.87 28.50
C ARG G 346 -33.41 39.47 27.35
N PHE G 347 -34.01 39.14 26.22
CA PHE G 347 -33.20 38.89 25.04
C PHE G 347 -33.12 40.13 24.16
N ALA G 348 -32.08 40.16 23.33
CA ALA G 348 -31.88 41.29 22.43
C ALA G 348 -32.91 41.27 21.31
N SER G 349 -33.16 42.45 20.74
CA SER G 349 -34.02 42.59 19.58
C SER G 349 -33.38 41.88 18.38
N VAL G 350 -34.23 41.39 17.46
CA VAL G 350 -33.76 40.57 16.35
C VAL G 350 -32.79 41.32 15.44
N TYR G 351 -33.07 42.59 15.13
CA TYR G 351 -32.20 43.36 14.25
C TYR G 351 -30.81 43.54 14.87
N ALA G 352 -30.76 43.88 16.16
CA ALA G 352 -29.50 43.93 16.89
C ALA G 352 -29.30 42.65 17.68
N TRP G 353 -29.15 41.53 16.97
CA TRP G 353 -29.00 40.24 17.64
C TRP G 353 -27.66 40.19 18.37
N ASN G 354 -27.67 39.56 19.54
CA ASN G 354 -26.50 39.54 20.40
C ASN G 354 -25.77 38.22 20.28
N ARG G 355 -24.47 38.30 20.02
CA ARG G 355 -23.61 37.14 19.84
C ARG G 355 -22.69 37.00 21.05
N LYS G 356 -22.70 35.82 21.66
CA LYS G 356 -21.83 35.50 22.78
C LYS G 356 -20.92 34.36 22.37
N ARG G 357 -19.61 34.54 22.58
CA ARG G 357 -18.63 33.51 22.23
C ARG G 357 -18.47 32.55 23.40
N ILE G 358 -18.55 31.26 23.11
CA ILE G 358 -18.37 30.20 24.10
C ILE G 358 -17.08 29.47 23.77
N SER G 359 -16.16 29.42 24.73
CA SER G 359 -14.85 28.80 24.50
C SER G 359 -14.26 28.32 25.82
N ASN G 360 -13.30 27.40 25.70
CA ASN G 360 -12.52 26.84 26.82
C ASN G 360 -13.38 26.20 27.90
N CYS G 361 -14.42 25.48 27.49
CA CYS G 361 -15.28 24.80 28.44
C CYS G 361 -15.87 23.56 27.78
N VAL G 362 -16.41 22.67 28.60
CA VAL G 362 -17.11 21.48 28.14
C VAL G 362 -18.58 21.82 27.99
N ALA G 363 -19.14 21.56 26.80
CA ALA G 363 -20.49 21.96 26.46
C ALA G 363 -21.46 20.80 26.70
N ASP G 364 -22.42 21.00 27.59
CA ASP G 364 -23.45 20.01 27.89
C ASP G 364 -24.70 20.25 27.04
N TYR G 365 -24.65 19.79 25.78
CA TYR G 365 -25.80 19.87 24.89
C TYR G 365 -26.97 19.01 25.37
N SER G 366 -26.66 17.89 26.05
CA SER G 366 -27.69 16.98 26.55
C SER G 366 -28.62 17.67 27.54
N VAL G 367 -28.11 18.61 28.35
CA VAL G 367 -28.95 19.38 29.25
C VAL G 367 -29.97 20.21 28.47
N LEU G 368 -29.52 20.79 27.34
CA LEU G 368 -30.44 21.51 26.46
C LEU G 368 -31.49 20.58 25.88
N TYR G 369 -31.10 19.35 25.51
CA TYR G 369 -32.08 18.37 25.02
C TYR G 369 -33.09 18.01 26.10
N ASN G 370 -32.62 17.82 27.34
CA ASN G 370 -33.48 17.46 28.46
C ASN G 370 -34.46 18.57 28.81
N SER G 371 -34.03 19.83 28.69
CA SER G 371 -34.84 20.98 29.09
C SER G 371 -36.14 21.05 28.27
N ALA G 372 -37.25 21.23 28.99
CA ALA G 372 -38.57 21.26 28.37
C ALA G 372 -38.87 22.64 27.82
N SER G 373 -39.95 22.70 27.03
CA SER G 373 -40.61 23.86 26.40
C SER G 373 -39.87 24.29 25.15
N PHE G 374 -38.93 23.51 24.65
CA PHE G 374 -38.20 23.83 23.42
C PHE G 374 -39.05 23.37 22.25
N SER G 375 -39.74 24.33 21.61
CA SER G 375 -40.68 24.02 20.53
C SER G 375 -39.97 23.43 19.31
N THR G 376 -38.83 23.97 18.92
CA THR G 376 -38.06 23.42 17.81
C THR G 376 -36.59 23.32 18.21
N PHE G 377 -35.98 22.16 17.93
CA PHE G 377 -34.56 21.93 18.16
C PHE G 377 -34.01 21.30 16.89
N LYS G 378 -33.78 22.11 15.85
CA LYS G 378 -33.35 21.61 14.56
C LYS G 378 -31.86 21.88 14.39
N CYS G 379 -31.10 20.84 14.12
CA CYS G 379 -29.66 20.93 13.90
C CYS G 379 -29.37 20.70 12.42
N TYR G 380 -28.64 21.63 11.82
CA TYR G 380 -28.31 21.58 10.40
C TYR G 380 -26.84 21.21 10.26
N GLY G 381 -26.54 20.24 9.41
CA GLY G 381 -25.18 19.76 9.25
C GLY G 381 -24.73 18.87 10.39
N VAL G 382 -24.72 19.40 11.61
CA VAL G 382 -24.43 18.58 12.78
C VAL G 382 -25.61 17.64 13.04
N SER G 383 -25.29 16.44 13.49
CA SER G 383 -26.32 15.50 13.91
C SER G 383 -27.06 16.04 15.13
N PRO G 384 -28.40 15.92 15.17
CA PRO G 384 -29.13 16.50 16.30
C PRO G 384 -28.83 15.83 17.63
N THR G 385 -28.43 14.55 17.60
CA THR G 385 -28.08 13.79 18.79
C THR G 385 -26.88 12.90 18.47
N LYS G 386 -26.09 12.62 19.51
CA LYS G 386 -24.91 11.73 19.60
C LYS G 386 -23.66 12.44 19.06
N LEU G 387 -23.78 13.66 18.52
CA LEU G 387 -22.60 14.38 18.07
C LEU G 387 -22.23 15.48 19.08
N ASN G 388 -22.85 15.42 20.27
CA ASN G 388 -22.56 16.37 21.35
C ASN G 388 -21.09 16.28 21.77
N ASP G 389 -20.53 15.08 21.77
CA ASP G 389 -19.13 14.85 22.17
C ASP G 389 -18.16 15.61 21.26
N LEU G 390 -18.44 15.67 19.95
CA LEU G 390 -17.61 16.29 18.90
C LEU G 390 -17.08 17.67 19.33
N CYS G 391 -15.80 17.90 19.08
CA CYS G 391 -15.15 19.12 19.53
C CYS G 391 -15.12 20.18 18.44
N PHE G 392 -15.40 21.43 18.84
CA PHE G 392 -15.46 22.58 17.96
C PHE G 392 -14.54 23.68 18.46
N THR G 393 -13.97 24.44 17.52
CA THR G 393 -13.04 25.52 17.88
C THR G 393 -13.71 26.60 18.71
N ASN G 394 -14.88 27.05 18.27
CA ASN G 394 -15.62 28.09 18.96
C ASN G 394 -17.09 27.82 18.79
N VAL G 395 -17.88 28.26 19.75
CA VAL G 395 -19.33 28.16 19.67
C VAL G 395 -19.88 29.56 19.87
N TYR G 396 -20.79 29.97 19.00
CA TYR G 396 -21.39 31.30 19.04
C TYR G 396 -22.87 31.13 19.30
N ALA G 397 -23.39 31.88 20.26
CA ALA G 397 -24.81 31.86 20.59
C ALA G 397 -25.40 33.18 20.17
N ASP G 398 -26.39 33.14 19.28
CA ASP G 398 -27.04 34.33 18.77
C ASP G 398 -28.46 34.33 19.33
N SER G 399 -28.83 35.42 19.99
CA SER G 399 -30.07 35.50 20.75
C SER G 399 -30.98 36.59 20.23
N PHE G 400 -32.24 36.23 19.96
CA PHE G 400 -33.23 37.20 19.51
C PHE G 400 -34.65 36.69 19.81
N VAL G 401 -35.60 37.63 19.81
CA VAL G 401 -37.02 37.33 19.99
C VAL G 401 -37.79 37.64 18.72
N ILE G 402 -38.52 36.65 18.19
CA ILE G 402 -39.28 36.79 16.95
C ILE G 402 -40.59 36.01 17.03
N ARG G 403 -41.47 36.33 16.09
CA ARG G 403 -42.76 35.66 15.92
C ARG G 403 -42.54 34.23 15.40
N GLY G 404 -43.56 33.38 15.58
CA GLY G 404 -43.45 31.98 15.18
C GLY G 404 -43.24 31.77 13.68
N ASP G 405 -43.93 32.57 12.86
CA ASP G 405 -43.69 32.53 11.42
C ASP G 405 -42.26 32.93 11.10
N GLU G 406 -41.76 33.95 11.80
CA GLU G 406 -40.36 34.33 11.64
C GLU G 406 -39.43 33.20 12.10
N VAL G 407 -39.86 32.43 13.12
CA VAL G 407 -39.08 31.28 13.60
C VAL G 407 -38.94 30.23 12.50
N ARG G 408 -40.02 29.94 11.76
CA ARG G 408 -39.82 29.05 10.60
C ARG G 408 -38.95 29.71 9.54
N GLN G 409 -39.02 31.05 9.39
CA GLN G 409 -38.18 31.74 8.42
C GLN G 409 -36.68 31.62 8.70
N ILE G 410 -36.26 31.58 9.97
CA ILE G 410 -34.83 31.59 10.26
C ILE G 410 -34.20 30.20 10.14
N ALA G 411 -33.90 29.81 8.92
CA ALA G 411 -33.24 28.55 8.63
C ALA G 411 -32.35 28.78 7.42
N PRO G 412 -31.34 27.93 7.18
CA PRO G 412 -30.51 28.11 5.98
C PRO G 412 -31.33 27.98 4.69
N GLY G 413 -31.01 28.84 3.74
CA GLY G 413 -31.68 28.88 2.45
C GLY G 413 -33.17 29.15 2.51
N GLN G 414 -33.60 30.04 3.40
CA GLN G 414 -34.99 30.42 3.55
C GLN G 414 -35.11 31.92 3.32
N THR G 415 -36.09 32.32 2.53
CA THR G 415 -36.35 33.73 2.24
C THR G 415 -37.53 34.24 3.04
N GLY G 416 -37.29 35.31 3.81
CA GLY G 416 -38.31 35.94 4.64
C GLY G 416 -37.84 37.34 4.95
N LYS G 417 -38.76 38.17 5.44
CA LYS G 417 -38.40 39.52 5.86
C LYS G 417 -37.39 39.49 7.01
N ILE G 418 -37.62 38.62 8.00
CA ILE G 418 -36.71 38.51 9.13
C ILE G 418 -35.35 37.99 8.65
N ALA G 419 -35.34 37.06 7.68
CA ALA G 419 -34.10 36.54 7.13
C ALA G 419 -33.36 37.63 6.36
N ASP G 420 -34.08 38.36 5.50
CA ASP G 420 -33.44 39.35 4.63
C ASP G 420 -32.91 40.56 5.40
N TYR G 421 -33.70 41.09 6.34
CA TYR G 421 -33.34 42.38 6.92
C TYR G 421 -32.94 42.33 8.38
N ASN G 422 -32.97 41.17 9.04
CA ASN G 422 -32.62 41.13 10.46
C ASN G 422 -31.50 40.14 10.74
N TYR G 423 -31.74 38.85 10.58
CA TYR G 423 -30.73 37.83 10.85
C TYR G 423 -30.66 36.90 9.65
N LYS G 424 -29.46 36.67 9.12
CA LYS G 424 -29.26 35.83 7.95
C LYS G 424 -28.49 34.57 8.31
N LEU G 425 -29.00 33.42 7.87
CA LEU G 425 -28.34 32.14 8.10
C LEU G 425 -27.75 31.61 6.81
N PRO G 426 -26.43 31.41 6.77
CA PRO G 426 -25.80 30.81 5.58
C PRO G 426 -26.16 29.35 5.44
N ASP G 427 -26.14 28.86 4.21
CA ASP G 427 -26.40 27.43 4.01
C ASP G 427 -25.29 26.55 4.60
N ASP G 428 -24.03 26.98 4.49
CA ASP G 428 -22.88 26.14 4.85
C ASP G 428 -22.75 25.81 6.34
N PHE G 429 -23.09 26.74 7.25
CA PHE G 429 -22.76 26.58 8.67
C PHE G 429 -23.41 25.34 9.25
N THR G 430 -22.72 24.68 10.17
CA THR G 430 -23.30 23.57 10.90
C THR G 430 -23.71 24.09 12.27
N GLY G 431 -25.02 24.06 12.55
CA GLY G 431 -25.52 24.60 13.80
C GLY G 431 -26.91 24.14 14.14
N CYS G 432 -27.28 24.33 15.41
CA CYS G 432 -28.60 24.01 15.94
C CYS G 432 -29.38 25.28 16.26
N VAL G 433 -30.60 25.38 15.72
CA VAL G 433 -31.51 26.50 15.98
C VAL G 433 -32.53 26.04 17.01
N ILE G 434 -32.60 26.76 18.13
CA ILE G 434 -33.46 26.41 19.27
C ILE G 434 -34.46 27.53 19.51
N ALA G 435 -35.75 27.21 19.51
CA ALA G 435 -36.82 28.16 19.79
C ALA G 435 -37.77 27.65 20.87
N TRP G 436 -38.07 28.50 21.84
CA TRP G 436 -39.04 28.19 22.89
C TRP G 436 -40.03 29.34 23.04
N ASN G 437 -41.30 28.99 23.30
CA ASN G 437 -42.36 30.00 23.41
C ASN G 437 -42.13 30.90 24.61
N SER G 438 -42.22 32.21 24.39
CA SER G 438 -42.00 33.22 25.43
C SER G 438 -43.18 34.11 25.72
N ASN G 439 -44.41 33.63 25.48
CA ASN G 439 -45.61 34.46 25.63
C ASN G 439 -45.72 35.06 27.03
N ASN G 440 -45.45 34.25 28.06
CA ASN G 440 -45.61 34.66 29.46
C ASN G 440 -44.79 35.90 29.83
N LEU G 441 -43.51 35.94 29.44
CA LEU G 441 -42.65 37.04 29.89
C LEU G 441 -42.42 38.12 28.86
N ASP G 442 -42.66 37.86 27.57
CA ASP G 442 -42.38 38.84 26.52
C ASP G 442 -43.60 39.65 26.12
N SER G 443 -44.76 39.38 26.72
CA SER G 443 -46.00 40.07 26.39
C SER G 443 -46.57 40.74 27.64
N LYS G 444 -47.31 41.83 27.42
CA LYS G 444 -48.00 42.53 28.49
C LYS G 444 -49.22 43.23 27.91
N VAL G 445 -49.95 43.93 28.77
CA VAL G 445 -51.14 44.68 28.35
C VAL G 445 -50.72 45.86 27.48
N GLY G 446 -51.52 46.14 26.46
CA GLY G 446 -51.24 47.29 25.60
C GLY G 446 -50.09 47.09 24.64
N GLY G 447 -49.54 45.88 24.57
CA GLY G 447 -48.43 45.56 23.69
C GLY G 447 -47.10 45.79 24.37
N ASN G 448 -46.07 45.16 23.82
CA ASN G 448 -44.70 45.28 24.32
C ASN G 448 -43.82 45.80 23.19
N TYR G 449 -43.16 46.94 23.43
CA TYR G 449 -42.33 47.58 22.42
C TYR G 449 -40.86 47.14 22.51
N ASN G 450 -40.52 46.31 23.50
CA ASN G 450 -39.13 45.95 23.81
C ASN G 450 -38.42 45.28 22.63
N TYR G 451 -39.13 44.42 21.90
CA TYR G 451 -38.54 43.72 20.78
C TYR G 451 -39.06 44.35 19.49
N LEU G 452 -38.16 44.68 18.59
CA LEU G 452 -38.53 45.34 17.34
C LEU G 452 -37.75 44.74 16.18
N TYR G 453 -38.31 44.85 14.97
CA TYR G 453 -37.70 44.29 13.78
C TYR G 453 -37.70 45.32 12.65
N ARG G 454 -36.79 45.11 11.71
CA ARG G 454 -36.56 46.02 10.59
C ARG G 454 -37.47 45.67 9.42
N LEU G 455 -38.49 46.51 9.17
CA LEU G 455 -39.35 46.34 8.00
C LEU G 455 -38.59 46.57 6.70
N PHE G 456 -37.79 47.63 6.62
CA PHE G 456 -37.20 48.06 5.37
C PHE G 456 -35.69 48.22 5.49
N ARG G 457 -34.96 47.59 4.56
CA ARG G 457 -33.51 47.76 4.44
C ARG G 457 -33.18 47.93 2.96
N LYS G 458 -32.11 48.69 2.69
CA LYS G 458 -31.70 48.96 1.31
C LYS G 458 -31.31 47.68 0.58
N SER G 459 -30.60 46.78 1.27
CA SER G 459 -30.12 45.54 0.67
C SER G 459 -30.32 44.40 1.65
N ASN G 460 -30.35 43.17 1.12
CA ASN G 460 -30.45 42.00 1.96
C ASN G 460 -29.18 41.82 2.78
N LEU G 461 -29.34 41.43 4.04
CA LEU G 461 -28.19 41.26 4.92
C LEU G 461 -27.35 40.05 4.54
N LYS G 462 -26.03 40.23 4.65
CA LYS G 462 -25.09 39.16 4.44
C LYS G 462 -25.15 38.21 5.64
N PRO G 463 -24.73 36.94 5.47
CA PRO G 463 -24.82 35.98 6.58
C PRO G 463 -23.98 36.37 7.79
N PHE G 464 -24.59 36.20 8.97
CA PHE G 464 -23.99 36.51 10.28
C PHE G 464 -23.58 37.97 10.39
N GLU G 465 -24.39 38.86 9.81
CA GLU G 465 -24.17 40.30 9.87
C GLU G 465 -25.36 41.00 10.48
N ARG G 466 -25.09 41.94 11.38
CA ARG G 466 -26.12 42.70 12.07
C ARG G 466 -26.04 44.16 11.65
N ASP G 467 -27.18 44.75 11.34
CA ASP G 467 -27.29 46.17 11.03
C ASP G 467 -28.14 46.83 12.10
N ILE G 468 -27.58 47.85 12.76
CA ILE G 468 -28.27 48.57 13.82
C ILE G 468 -28.68 49.97 13.37
N SER G 469 -28.55 50.27 12.08
CA SER G 469 -28.84 51.60 11.56
C SER G 469 -30.31 51.96 11.73
N THR G 470 -30.56 53.19 12.18
CA THR G 470 -31.90 53.71 12.37
C THR G 470 -32.27 54.77 11.32
N GLU G 471 -31.44 54.93 10.29
CA GLU G 471 -31.69 55.92 9.25
C GLU G 471 -32.95 55.60 8.46
N ILE G 472 -33.71 56.65 8.15
CA ILE G 472 -35.01 56.53 7.48
C ILE G 472 -34.83 55.91 6.09
N TYR G 473 -35.69 54.94 5.76
CA TYR G 473 -35.54 54.20 4.50
C TYR G 473 -35.98 55.08 3.33
N GLN G 474 -35.09 55.23 2.35
CA GLN G 474 -35.36 56.05 1.17
C GLN G 474 -35.93 55.20 0.02
N ALA G 475 -37.19 54.77 0.21
CA ALA G 475 -37.89 54.08 -0.87
C ALA G 475 -38.11 55.01 -2.06
N GLY G 476 -38.52 56.25 -1.79
CA GLY G 476 -38.72 57.22 -2.83
C GLY G 476 -37.41 57.78 -3.37
N SER G 477 -37.50 58.30 -4.60
CA SER G 477 -36.35 58.95 -5.22
C SER G 477 -35.92 60.18 -4.43
N THR G 478 -36.88 60.93 -3.91
CA THR G 478 -36.58 62.08 -3.06
C THR G 478 -35.92 61.62 -1.75
N PRO G 479 -34.87 62.31 -1.31
CA PRO G 479 -34.20 61.90 -0.06
C PRO G 479 -35.06 62.19 1.17
N CYS G 480 -34.97 61.29 2.15
CA CYS G 480 -35.66 61.48 3.42
C CYS G 480 -35.11 62.69 4.18
N ASN G 481 -33.79 62.90 4.10
CA ASN G 481 -33.03 63.99 4.73
C ASN G 481 -32.96 63.84 6.25
N GLY G 482 -33.13 62.61 6.75
CA GLY G 482 -33.08 62.33 8.17
C GLY G 482 -34.35 62.65 8.91
N VAL G 483 -35.43 62.95 8.20
CA VAL G 483 -36.73 63.26 8.78
C VAL G 483 -37.77 62.43 8.03
N GLU G 484 -38.91 62.21 8.69
CA GLU G 484 -40.02 61.49 8.07
C GLU G 484 -40.56 62.28 6.88
N GLY G 485 -40.81 61.57 5.78
CA GLY G 485 -41.27 62.19 4.55
C GLY G 485 -42.11 61.21 3.77
N PHE G 486 -42.77 61.73 2.73
CA PHE G 486 -43.52 60.88 1.81
C PHE G 486 -42.57 59.89 1.15
N ASN G 487 -42.95 58.61 1.18
CA ASN G 487 -42.23 57.42 0.68
C ASN G 487 -41.07 57.06 1.59
N CYS G 488 -40.97 57.69 2.76
CA CYS G 488 -39.91 57.46 3.72
C CYS G 488 -40.53 56.99 5.02
N TYR G 489 -40.00 55.89 5.56
CA TYR G 489 -40.50 55.33 6.80
C TYR G 489 -39.32 54.90 7.65
N PHE G 490 -39.56 54.87 8.96
CA PHE G 490 -38.54 54.41 9.89
C PHE G 490 -38.20 52.95 9.59
N PRO G 491 -36.90 52.58 9.61
CA PRO G 491 -36.52 51.21 9.24
C PRO G 491 -37.08 50.15 10.17
N LEU G 492 -37.17 50.44 11.45
CA LEU G 492 -37.55 49.47 12.46
C LEU G 492 -38.99 49.68 12.89
N GLN G 493 -39.79 48.63 12.80
CA GLN G 493 -41.16 48.64 13.29
C GLN G 493 -41.26 47.73 14.50
N SER G 494 -41.79 48.26 15.60
CA SER G 494 -41.89 47.52 16.84
C SER G 494 -42.85 46.34 16.70
N TYR G 495 -42.44 45.21 17.27
CA TYR G 495 -43.33 44.05 17.32
C TYR G 495 -44.45 44.33 18.31
N GLY G 496 -45.61 43.76 18.04
CA GLY G 496 -46.67 43.88 19.01
C GLY G 496 -46.89 42.54 19.67
N PHE G 497 -46.66 42.46 20.98
CA PHE G 497 -46.75 41.22 21.72
C PHE G 497 -47.83 41.40 22.77
N GLN G 498 -48.80 40.50 22.77
CA GLN G 498 -49.92 40.58 23.70
C GLN G 498 -50.22 39.20 24.26
N PRO G 499 -50.69 39.11 25.51
CA PRO G 499 -51.11 37.79 26.04
C PRO G 499 -52.30 37.19 25.30
N THR G 500 -53.30 38.00 24.95
CA THR G 500 -54.45 37.50 24.18
C THR G 500 -54.05 37.02 22.80
N ASN G 501 -53.08 37.70 22.16
CA ASN G 501 -52.53 37.41 20.83
C ASN G 501 -52.32 35.92 20.59
N GLY G 502 -52.73 35.46 19.40
CA GLY G 502 -52.66 34.06 19.05
C GLY G 502 -51.24 33.51 19.00
N VAL G 503 -51.18 32.17 19.04
CA VAL G 503 -49.93 31.42 19.10
C VAL G 503 -49.06 31.72 17.88
N GLY G 504 -49.69 31.89 16.71
CA GLY G 504 -48.96 32.24 15.50
C GLY G 504 -48.26 33.58 15.63
N TYR G 505 -48.91 34.53 16.29
CA TYR G 505 -48.33 35.85 16.53
C TYR G 505 -47.65 35.99 17.88
N GLN G 506 -47.62 34.93 18.68
CA GLN G 506 -46.99 34.96 20.00
C GLN G 506 -45.46 35.10 19.91
N PRO G 507 -44.85 35.81 20.85
CA PRO G 507 -43.37 35.94 20.86
C PRO G 507 -42.68 34.62 21.14
N TYR G 508 -41.56 34.39 20.44
CA TYR G 508 -40.75 33.19 20.64
C TYR G 508 -39.30 33.62 20.85
N ARG G 509 -38.64 33.04 21.87
CA ARG G 509 -37.25 33.31 22.17
C ARG G 509 -36.36 32.29 21.48
N VAL G 510 -35.45 32.76 20.63
CA VAL G 510 -34.64 31.87 19.81
C VAL G 510 -33.16 32.08 20.11
N VAL G 511 -32.45 31.00 20.38
CA VAL G 511 -31.00 31.01 20.51
C VAL G 511 -30.44 30.13 19.39
N VAL G 512 -29.56 30.69 18.56
CA VAL G 512 -28.94 29.98 17.45
C VAL G 512 -27.49 29.68 17.84
N LEU G 513 -27.13 28.41 17.80
CA LEU G 513 -25.78 27.97 18.16
C LEU G 513 -25.02 27.71 16.86
N SER G 514 -23.89 28.38 16.69
CA SER G 514 -23.06 28.25 15.50
C SER G 514 -21.75 27.59 15.87
N PHE G 515 -21.40 26.52 15.16
CA PHE G 515 -20.20 25.75 15.42
C PHE G 515 -19.20 25.95 14.29
N GLU G 516 -17.98 26.39 14.64
CA GLU G 516 -16.92 26.64 13.66
C GLU G 516 -15.72 25.75 13.97
N LEU G 517 -15.22 25.05 12.96
CA LEU G 517 -14.04 24.21 13.07
C LEU G 517 -12.90 24.81 12.25
N LEU G 518 -11.75 25.01 12.88
CA LEU G 518 -10.59 25.64 12.24
C LEU G 518 -9.32 24.96 12.74
N HIS G 519 -8.18 25.41 12.22
CA HIS G 519 -6.86 24.93 12.67
C HIS G 519 -6.58 25.55 14.04
N ALA G 520 -7.24 25.01 15.06
CA ALA G 520 -7.19 25.59 16.39
C ALA G 520 -7.36 24.46 17.41
N PRO G 521 -7.12 24.74 18.72
CA PRO G 521 -7.21 23.66 19.72
C PRO G 521 -8.55 22.94 19.87
N ALA G 522 -9.68 23.59 19.51
CA ALA G 522 -11.03 23.01 19.64
C ALA G 522 -11.36 22.63 21.09
N THR G 523 -11.14 23.60 21.98
CA THR G 523 -11.38 23.42 23.41
C THR G 523 -12.84 23.10 23.73
N VAL G 524 -13.78 23.70 22.99
CA VAL G 524 -15.20 23.42 23.20
C VAL G 524 -15.45 21.97 22.81
N CYS G 525 -16.06 21.20 23.70
CA CYS G 525 -16.17 19.77 23.45
C CYS G 525 -17.39 19.23 24.20
N GLY G 526 -17.47 17.91 24.30
CA GLY G 526 -18.52 17.24 25.04
C GLY G 526 -17.93 16.08 25.82
N PRO G 527 -18.25 16.01 27.10
CA PRO G 527 -17.67 14.98 27.96
C PRO G 527 -18.40 13.65 27.80
N LYS G 528 -17.81 12.63 28.42
CA LYS G 528 -18.31 11.27 28.37
C LYS G 528 -18.73 10.82 29.77
N LYS G 529 -19.59 9.80 29.81
CA LYS G 529 -20.14 9.28 31.07
C LYS G 529 -19.04 8.75 31.98
N SER G 530 -18.02 8.12 31.39
CA SER G 530 -16.76 7.58 31.95
C SER G 530 -16.88 6.20 32.62
N THR G 531 -18.05 5.55 32.60
CA THR G 531 -18.33 4.14 33.00
C THR G 531 -17.70 3.82 34.36
N ASN G 532 -16.98 2.71 34.49
CA ASN G 532 -16.35 2.30 35.74
C ASN G 532 -15.14 1.43 35.43
N LEU G 533 -14.24 1.31 36.39
CA LEU G 533 -13.04 0.49 36.23
C LEU G 533 -13.37 -0.99 36.38
N VAL G 534 -12.85 -1.80 35.46
CA VAL G 534 -12.97 -3.25 35.54
C VAL G 534 -11.56 -3.82 35.54
N LYS G 535 -11.27 -4.70 36.50
CA LYS G 535 -9.94 -5.24 36.69
C LYS G 535 -10.00 -6.77 36.67
N ASN G 536 -8.93 -7.37 36.14
CA ASN G 536 -8.64 -8.82 36.05
C ASN G 536 -9.50 -9.49 34.97
N LYS G 537 -10.16 -8.71 34.13
CA LYS G 537 -11.00 -9.21 33.05
C LYS G 537 -10.55 -8.59 31.73
N CYS G 538 -10.53 -9.39 30.67
CA CYS G 538 -10.24 -8.87 29.34
C CYS G 538 -11.32 -7.89 28.91
N VAL G 539 -10.90 -6.68 28.51
CA VAL G 539 -11.82 -5.60 28.21
C VAL G 539 -11.21 -4.70 27.14
N ASN G 540 -12.09 -3.96 26.47
CA ASN G 540 -11.70 -2.89 25.56
C ASN G 540 -11.70 -1.60 26.38
N PHE G 541 -10.54 -0.96 26.50
CA PHE G 541 -10.40 0.18 27.41
C PHE G 541 -10.03 1.43 26.63
N ASN G 542 -10.70 2.54 26.95
CA ASN G 542 -10.35 3.85 26.45
C ASN G 542 -9.93 4.67 27.66
N PHE G 543 -8.64 5.05 27.71
CA PHE G 543 -8.11 5.92 28.76
C PHE G 543 -7.66 7.21 28.10
N ASN G 544 -8.42 8.29 28.30
CA ASN G 544 -8.15 9.63 27.77
C ASN G 544 -7.92 9.61 26.26
N GLY G 545 -8.74 8.84 25.54
CA GLY G 545 -8.62 8.74 24.11
C GLY G 545 -7.63 7.72 23.61
N LEU G 546 -7.02 6.94 24.50
CA LEU G 546 -6.11 5.87 24.14
C LEU G 546 -6.87 4.54 24.23
N THR G 547 -6.93 3.81 23.13
CA THR G 547 -7.76 2.62 23.02
C THR G 547 -6.91 1.36 22.90
N GLY G 548 -7.27 0.34 23.68
CA GLY G 548 -6.61 -0.95 23.63
C GLY G 548 -7.51 -2.03 24.18
N THR G 549 -7.18 -3.27 23.83
CA THR G 549 -7.86 -4.45 24.36
C THR G 549 -6.88 -5.26 25.20
N GLY G 550 -7.10 -5.29 26.51
CA GLY G 550 -6.25 -6.06 27.40
C GLY G 550 -6.82 -6.16 28.79
N VAL G 551 -6.28 -7.09 29.55
CA VAL G 551 -6.60 -7.21 30.97
C VAL G 551 -5.94 -6.06 31.73
N LEU G 552 -6.65 -5.49 32.69
CA LEU G 552 -6.15 -4.40 33.53
C LEU G 552 -5.93 -4.91 34.94
N THR G 553 -4.72 -4.70 35.46
CA THR G 553 -4.34 -5.15 36.80
C THR G 553 -3.64 -4.02 37.52
N GLU G 554 -3.57 -4.13 38.86
CA GLU G 554 -2.84 -3.16 39.66
C GLU G 554 -1.36 -3.19 39.33
N SER G 555 -0.76 -2.01 39.24
CA SER G 555 0.62 -1.86 38.81
C SER G 555 1.51 -1.37 39.95
N ASN G 556 2.59 -2.11 40.21
CA ASN G 556 3.56 -1.72 41.21
C ASN G 556 4.30 -0.44 40.82
N LYS G 557 4.60 -0.26 39.53
CA LYS G 557 5.37 0.88 39.07
C LYS G 557 4.66 2.20 39.33
N LYS G 558 5.43 3.22 39.71
CA LYS G 558 4.92 4.54 40.01
C LYS G 558 5.42 5.53 38.96
N PHE G 559 4.48 6.19 38.29
CA PHE G 559 4.80 7.19 37.29
C PHE G 559 5.13 8.52 37.96
N LEU G 560 5.78 9.40 37.20
CA LEU G 560 5.93 10.77 37.64
C LEU G 560 4.54 11.44 37.53
N PRO G 561 4.28 12.52 38.29
CA PRO G 561 2.91 13.09 38.33
C PRO G 561 2.37 13.55 36.97
N PHE G 562 3.19 14.20 36.15
CA PHE G 562 2.75 14.58 34.81
C PHE G 562 2.54 13.37 33.90
N GLN G 563 3.35 12.32 34.08
CA GLN G 563 3.30 11.16 33.20
C GLN G 563 1.97 10.41 33.28
N GLN G 564 1.47 10.02 32.11
CA GLN G 564 0.17 9.37 31.99
C GLN G 564 0.23 7.89 31.62
N PHE G 565 1.10 7.47 30.70
CA PHE G 565 1.07 6.09 30.21
C PHE G 565 2.48 5.51 30.09
N GLY G 566 2.56 4.18 30.21
CA GLY G 566 3.83 3.48 30.09
C GLY G 566 4.25 3.31 28.64
N ARG G 567 5.44 2.73 28.44
CA ARG G 567 5.98 2.60 27.10
C ARG G 567 6.29 1.15 26.77
N ASP G 568 5.97 0.75 25.54
CA ASP G 568 6.26 -0.57 24.99
C ASP G 568 6.95 -0.35 23.65
N ILE G 569 7.60 -1.41 23.15
CA ILE G 569 8.38 -1.38 21.92
C ILE G 569 7.52 -0.98 20.72
N ALA G 570 6.27 -1.45 20.67
CA ALA G 570 5.34 -1.12 19.59
C ALA G 570 4.81 0.30 19.68
N ASP G 571 5.06 1.00 20.79
CA ASP G 571 4.62 2.32 21.24
C ASP G 571 3.23 2.16 21.85
N THR G 572 2.73 0.94 21.96
CA THR G 572 1.48 0.65 22.63
C THR G 572 1.71 0.76 24.14
N THR G 573 0.63 0.85 24.89
CA THR G 573 0.77 1.06 26.31
C THR G 573 0.99 -0.25 27.08
N ASP G 574 2.01 -0.23 27.93
CA ASP G 574 2.30 -1.31 28.86
C ASP G 574 1.75 -1.01 30.24
N ALA G 575 1.36 0.23 30.49
CA ALA G 575 0.70 0.66 31.70
C ALA G 575 -0.07 1.93 31.39
N VAL G 576 -1.06 2.22 32.25
CA VAL G 576 -1.88 3.43 32.14
C VAL G 576 -2.15 3.94 33.53
N ARG G 577 -2.41 5.25 33.61
CA ARG G 577 -2.86 5.89 34.83
C ARG G 577 -4.31 6.28 34.62
N ASP G 578 -5.17 5.86 35.54
CA ASP G 578 -6.58 6.21 35.46
C ASP G 578 -6.74 7.71 35.64
N PRO G 579 -7.54 8.38 34.82
CA PRO G 579 -7.75 9.83 35.02
C PRO G 579 -8.46 10.23 36.30
N GLN G 580 -9.54 9.54 36.68
CA GLN G 580 -10.28 9.93 37.89
C GLN G 580 -9.48 9.69 39.17
N THR G 581 -8.84 8.54 39.29
CA THR G 581 -7.99 8.23 40.43
C THR G 581 -6.59 7.94 39.91
N LEU G 582 -5.59 8.61 40.47
CA LEU G 582 -4.24 8.56 39.91
C LEU G 582 -3.53 7.28 40.37
N GLU G 583 -4.03 6.15 39.87
CA GLU G 583 -3.49 4.83 40.17
C GLU G 583 -3.01 4.19 38.87
N ILE G 584 -1.79 3.67 38.89
CA ILE G 584 -1.21 3.04 37.71
C ILE G 584 -1.85 1.67 37.50
N LEU G 585 -2.24 1.36 36.26
CA LEU G 585 -2.81 0.07 35.91
C LEU G 585 -1.94 -0.62 34.86
N ASP G 586 -1.47 -1.82 35.18
CA ASP G 586 -0.74 -2.63 34.21
C ASP G 586 -1.67 -3.15 33.11
N ILE G 587 -1.17 -3.19 31.88
CA ILE G 587 -1.90 -3.74 30.76
C ILE G 587 -1.25 -5.04 30.33
N THR G 588 -2.04 -6.10 30.30
CA THR G 588 -1.64 -7.43 29.91
C THR G 588 -2.56 -7.89 28.79
N PRO G 589 -2.03 -8.47 27.70
CA PRO G 589 -2.89 -8.89 26.59
C PRO G 589 -3.84 -10.01 26.98
N CYS G 590 -5.01 -9.98 26.36
CA CYS G 590 -5.96 -11.08 26.49
C CYS G 590 -5.35 -12.33 25.89
N SER G 591 -5.68 -13.48 26.49
CA SER G 591 -5.06 -14.75 26.16
C SER G 591 -5.22 -15.11 24.68
N PHE G 592 -4.10 -15.42 24.04
CA PHE G 592 -4.07 -15.78 22.64
C PHE G 592 -3.05 -16.90 22.43
N GLY G 593 -3.35 -17.79 21.50
CA GLY G 593 -2.43 -18.84 21.14
C GLY G 593 -2.88 -19.52 19.87
N GLY G 594 -1.97 -20.30 19.29
CA GLY G 594 -2.34 -21.13 18.17
C GLY G 594 -3.06 -22.39 18.61
N VAL G 595 -3.85 -22.95 17.71
CA VAL G 595 -4.60 -24.18 17.95
C VAL G 595 -4.04 -25.25 17.03
N SER G 596 -3.47 -26.30 17.61
CA SER G 596 -2.87 -27.37 16.84
C SER G 596 -3.63 -28.66 17.08
N VAL G 597 -3.98 -29.34 16.00
CA VAL G 597 -4.66 -30.62 16.04
C VAL G 597 -3.62 -31.73 15.88
N ILE G 598 -3.46 -32.54 16.92
CA ILE G 598 -2.56 -33.69 16.90
C ILE G 598 -3.37 -34.89 16.44
N THR G 599 -3.13 -35.33 15.21
CA THR G 599 -3.92 -36.40 14.65
C THR G 599 -3.05 -37.52 14.12
N PRO G 600 -3.38 -38.78 14.43
CA PRO G 600 -2.80 -39.89 13.68
C PRO G 600 -3.46 -39.91 12.32
N GLY G 601 -2.84 -40.63 11.38
CA GLY G 601 -3.34 -40.66 10.02
C GLY G 601 -4.78 -41.14 9.94
N THR G 602 -5.53 -40.55 9.00
CA THR G 602 -6.97 -40.81 8.87
C THR G 602 -7.26 -42.28 8.62
N ASN G 603 -6.38 -42.96 7.87
CA ASN G 603 -6.52 -44.39 7.68
C ASN G 603 -6.41 -45.15 9.01
N THR G 604 -5.49 -44.74 9.88
CA THR G 604 -5.36 -45.37 11.19
C THR G 604 -6.56 -45.08 12.08
N SER G 605 -6.96 -43.80 12.18
CA SER G 605 -8.05 -43.41 13.08
C SER G 605 -8.52 -42.00 12.74
N ASN G 606 -9.74 -41.70 13.18
CA ASN G 606 -10.30 -40.37 13.11
C ASN G 606 -10.21 -39.64 14.45
N GLN G 607 -9.70 -40.31 15.48
CA GLN G 607 -9.51 -39.69 16.79
C GLN G 607 -8.43 -38.63 16.73
N VAL G 608 -8.63 -37.50 17.42
CA VAL G 608 -7.71 -36.37 17.40
C VAL G 608 -7.54 -35.80 18.80
N ALA G 609 -6.42 -35.09 18.96
CA ALA G 609 -6.12 -34.33 20.18
C ALA G 609 -5.78 -32.91 19.76
N VAL G 610 -6.05 -31.95 20.65
CA VAL G 610 -5.88 -30.53 20.33
C VAL G 610 -4.99 -29.88 21.39
N LEU G 611 -3.93 -29.19 20.96
CA LEU G 611 -3.01 -28.49 21.85
C LEU G 611 -3.17 -26.98 21.67
N TYR G 612 -3.85 -26.35 22.61
CA TYR G 612 -3.91 -24.90 22.61
C TYR G 612 -2.56 -24.37 23.09
N GLN G 613 -2.07 -23.30 22.46
CA GLN G 613 -0.72 -22.84 22.78
C GLN G 613 -0.71 -21.77 23.87
N ASP G 614 0.27 -21.90 24.80
CA ASP G 614 0.58 -20.95 25.88
C ASP G 614 -0.64 -20.46 26.64
N VAL G 615 -1.54 -21.38 26.96
CA VAL G 615 -2.74 -21.07 27.73
C VAL G 615 -2.91 -22.07 28.86
N ASN G 616 -3.36 -21.57 30.01
CA ASN G 616 -3.74 -22.45 31.10
C ASN G 616 -5.05 -23.13 30.72
N CYS G 617 -5.29 -24.30 31.30
CA CYS G 617 -6.48 -25.07 30.95
C CYS G 617 -7.76 -24.47 31.51
N THR G 618 -7.67 -23.55 32.49
CA THR G 618 -8.85 -22.86 33.01
C THR G 618 -9.49 -21.98 31.94
N GLU G 619 -8.68 -21.30 31.13
CA GLU G 619 -9.22 -20.44 30.07
C GLU G 619 -9.80 -21.25 28.91
N VAL G 620 -9.40 -22.52 28.80
CA VAL G 620 -9.84 -23.34 27.65
C VAL G 620 -11.35 -23.51 27.53
N PRO G 621 -12.15 -23.74 28.60
CA PRO G 621 -13.62 -23.83 28.40
C PRO G 621 -14.25 -22.62 27.73
N VAL G 622 -13.80 -21.40 28.03
CA VAL G 622 -14.28 -20.23 27.30
C VAL G 622 -13.45 -20.05 26.02
N ALA G 623 -13.58 -21.01 25.09
CA ALA G 623 -12.91 -20.98 23.79
C ALA G 623 -13.83 -20.57 22.66
N ILE G 624 -15.05 -20.12 23.01
CA ILE G 624 -16.14 -19.66 22.14
C ILE G 624 -16.49 -20.70 21.07
N HIS G 625 -16.46 -21.98 21.47
CA HIS G 625 -16.88 -23.05 20.57
C HIS G 625 -18.38 -22.92 20.31
N ALA G 626 -18.77 -23.06 19.03
CA ALA G 626 -20.14 -22.82 18.61
C ALA G 626 -21.16 -23.75 19.28
N ASP G 627 -20.77 -24.96 19.65
CA ASP G 627 -21.72 -25.89 20.23
C ASP G 627 -21.22 -26.34 21.60
N GLN G 628 -22.16 -26.61 22.50
CA GLN G 628 -21.87 -27.03 23.86
C GLN G 628 -22.19 -28.51 24.05
N LEU G 629 -21.24 -29.25 24.63
CA LEU G 629 -21.22 -30.68 25.01
C LEU G 629 -21.00 -31.60 23.81
N THR G 630 -20.79 -31.06 22.61
CA THR G 630 -20.56 -31.82 21.39
C THR G 630 -19.18 -31.47 20.85
N PRO G 631 -18.42 -32.44 20.33
CA PRO G 631 -17.05 -32.13 19.89
C PRO G 631 -16.99 -31.40 18.55
N THR G 632 -17.31 -30.11 18.59
CA THR G 632 -17.35 -29.26 17.41
C THR G 632 -16.25 -28.21 17.47
N TRP G 633 -15.44 -28.14 16.40
CA TRP G 633 -14.30 -27.24 16.19
C TRP G 633 -13.10 -27.63 17.04
N ARG G 634 -13.36 -27.90 18.32
CA ARG G 634 -12.41 -28.31 19.33
C ARG G 634 -12.81 -29.71 19.77
N VAL G 635 -11.83 -30.59 20.00
CA VAL G 635 -12.12 -31.99 20.32
C VAL G 635 -12.93 -32.12 21.61
N TYR G 636 -12.55 -31.40 22.66
CA TYR G 636 -13.22 -31.31 23.96
C TYR G 636 -12.76 -30.04 24.65
N SER G 637 -13.62 -29.52 25.51
CA SER G 637 -13.29 -28.41 26.39
C SER G 637 -13.46 -28.77 27.85
N THR G 638 -14.36 -29.71 28.14
CA THR G 638 -14.64 -30.22 29.48
C THR G 638 -14.14 -31.64 29.64
N GLY G 639 -13.37 -32.13 28.67
CA GLY G 639 -12.88 -33.50 28.70
C GLY G 639 -11.95 -33.77 29.86
N SER G 640 -12.00 -35.00 30.36
CA SER G 640 -11.19 -35.35 31.52
C SER G 640 -9.75 -35.63 31.16
N ASN G 641 -9.47 -35.97 29.89
CA ASN G 641 -8.11 -36.14 29.40
C ASN G 641 -7.51 -34.76 29.10
N VAL G 642 -7.18 -34.04 30.17
CA VAL G 642 -6.56 -32.73 30.09
C VAL G 642 -5.19 -32.79 30.78
N PHE G 643 -4.14 -32.45 30.03
CA PHE G 643 -2.79 -32.43 30.57
C PHE G 643 -2.14 -31.08 30.26
N GLN G 644 -1.73 -30.37 31.31
CA GLN G 644 -1.05 -29.10 31.15
C GLN G 644 0.42 -29.34 30.79
N THR G 645 0.91 -28.62 29.78
CA THR G 645 2.28 -28.73 29.32
C THR G 645 2.86 -27.34 29.14
N ARG G 646 4.19 -27.28 29.06
CA ARG G 646 4.88 -26.01 28.79
C ARG G 646 4.49 -25.48 27.41
N ALA G 647 4.29 -26.39 26.45
CA ALA G 647 3.81 -26.00 25.12
C ALA G 647 2.40 -25.41 25.22
N GLY G 648 1.57 -25.96 26.08
CA GLY G 648 0.24 -25.44 26.30
C GLY G 648 -0.68 -26.52 26.81
N CYS G 649 -1.95 -26.15 26.94
CA CYS G 649 -2.96 -27.12 27.39
C CYS G 649 -3.24 -28.14 26.30
N LEU G 650 -3.22 -29.42 26.64
CA LEU G 650 -3.52 -30.49 25.70
C LEU G 650 -4.77 -31.23 26.14
N ILE G 651 -5.70 -31.45 25.20
CA ILE G 651 -6.95 -32.19 25.44
C ILE G 651 -7.10 -33.27 24.38
N GLY G 652 -7.56 -34.44 24.79
CA GLY G 652 -7.82 -35.54 23.90
C GLY G 652 -6.77 -36.62 23.96
N ALA G 653 -5.75 -36.43 24.81
CA ALA G 653 -4.69 -37.40 24.98
C ALA G 653 -4.59 -37.71 26.47
N GLU G 654 -4.31 -38.97 26.77
CA GLU G 654 -4.22 -39.46 28.13
C GLU G 654 -2.74 -39.53 28.51
N HIS G 655 -2.36 -38.80 29.57
CA HIS G 655 -0.98 -38.79 30.02
C HIS G 655 -0.57 -40.16 30.58
N VAL G 656 0.62 -40.61 30.19
CA VAL G 656 1.15 -41.91 30.57
C VAL G 656 2.52 -41.70 31.21
N ASN G 657 2.75 -42.35 32.36
CA ASN G 657 4.04 -42.27 33.06
C ASN G 657 5.16 -42.89 32.24
N ASN G 658 4.87 -43.98 31.52
CA ASN G 658 5.88 -44.68 30.72
C ASN G 658 6.42 -43.80 29.60
N SER G 659 7.71 -43.95 29.32
CA SER G 659 8.41 -43.17 28.30
C SER G 659 8.59 -44.00 27.03
N TYR G 660 8.28 -43.38 25.89
CA TYR G 660 8.38 -44.01 24.58
C TYR G 660 9.14 -43.07 23.66
N GLU G 661 9.66 -43.64 22.58
CA GLU G 661 10.32 -42.85 21.54
C GLU G 661 9.30 -41.89 20.92
N CYS G 662 9.74 -40.66 20.64
CA CYS G 662 8.86 -39.61 20.13
C CYS G 662 8.24 -39.99 18.79
N ASP G 663 6.92 -39.80 18.68
CA ASP G 663 6.22 -40.00 17.43
C ASP G 663 5.73 -38.68 16.83
N ILE G 664 4.96 -37.90 17.58
CA ILE G 664 4.51 -36.58 17.14
C ILE G 664 5.15 -35.54 18.04
N PRO G 665 5.84 -34.53 17.49
CA PRO G 665 6.58 -33.50 18.27
C PRO G 665 5.76 -32.34 18.83
N ILE G 666 5.06 -32.60 19.94
CA ILE G 666 4.31 -31.55 20.64
C ILE G 666 5.26 -30.48 21.17
N GLY G 667 6.41 -30.89 21.66
CA GLY G 667 7.40 -30.00 22.24
C GLY G 667 7.45 -30.10 23.75
N ALA G 668 8.51 -29.49 24.29
CA ALA G 668 8.81 -29.40 25.73
C ALA G 668 9.15 -30.77 26.32
N GLY G 669 9.56 -31.72 25.47
CA GLY G 669 9.89 -33.06 25.92
C GLY G 669 8.71 -33.98 26.00
N ILE G 670 7.53 -33.55 25.56
CA ILE G 670 6.31 -34.35 25.58
C ILE G 670 5.93 -34.68 24.14
N CYS G 671 5.78 -35.96 23.84
CA CYS G 671 5.37 -36.43 22.52
C CYS G 671 4.03 -37.15 22.60
N ALA G 672 3.37 -37.24 21.44
CA ALA G 672 2.06 -37.88 21.33
C ALA G 672 2.12 -39.06 20.36
N SER G 673 1.53 -40.18 20.74
CA SER G 673 1.44 -41.34 19.86
C SER G 673 0.08 -42.02 20.01
N TYR G 674 -0.33 -42.71 18.97
CA TYR G 674 -1.52 -43.54 18.99
C TYR G 674 -1.09 -44.94 19.44
N GLN G 675 -1.48 -45.33 20.66
CA GLN G 675 -1.04 -46.59 21.23
C GLN G 675 -2.21 -47.37 21.80
N THR G 676 -2.14 -48.69 21.68
CA THR G 676 -3.14 -49.61 22.21
C THR G 676 -3.23 -49.56 23.73
N SER G 689 -10.00 -49.64 21.54
CA SER G 689 -9.00 -49.78 22.59
C SER G 689 -7.86 -48.79 22.39
N GLN G 690 -7.53 -48.52 21.13
CA GLN G 690 -6.48 -47.56 20.79
C GLN G 690 -6.89 -46.15 21.20
N SER G 691 -5.95 -45.41 21.80
CA SER G 691 -6.19 -44.03 22.18
C SER G 691 -4.90 -43.23 22.06
N ILE G 692 -5.06 -41.93 21.81
CA ILE G 692 -3.92 -41.03 21.79
C ILE G 692 -3.40 -40.83 23.21
N ILE G 693 -2.07 -40.90 23.37
CA ILE G 693 -1.45 -40.74 24.67
C ILE G 693 -0.35 -39.69 24.59
N ALA G 694 -0.14 -38.99 25.69
CA ALA G 694 0.93 -38.00 25.82
C ALA G 694 1.96 -38.52 26.83
N TYR G 695 3.22 -38.52 26.42
CA TYR G 695 4.27 -39.10 27.25
C TYR G 695 5.53 -38.26 27.14
N THR G 696 6.37 -38.35 28.16
CA THR G 696 7.70 -37.78 28.07
C THR G 696 8.53 -38.67 27.17
N MET G 697 9.14 -38.08 26.13
CA MET G 697 9.91 -38.85 25.16
C MET G 697 11.09 -39.54 25.83
N SER G 698 11.36 -40.77 25.39
CA SER G 698 12.50 -41.52 25.91
C SER G 698 13.71 -41.25 25.04
N LEU G 699 14.79 -40.80 25.67
CA LEU G 699 16.04 -40.57 24.98
C LEU G 699 16.64 -41.87 24.45
N GLY G 700 16.62 -42.91 25.27
CA GLY G 700 17.10 -44.21 24.84
C GLY G 700 17.15 -45.16 26.02
N ALA G 701 17.61 -46.37 25.73
CA ALA G 701 17.79 -47.37 26.78
C ALA G 701 19.08 -47.11 27.55
N GLU G 702 19.00 -47.15 28.87
CA GLU G 702 20.15 -46.85 29.71
C GLU G 702 21.04 -48.07 29.81
N ASN G 703 22.30 -47.93 29.41
CA ASN G 703 23.29 -49.00 29.49
C ASN G 703 24.46 -48.53 30.33
N SER G 704 24.85 -49.34 31.31
CA SER G 704 26.04 -49.05 32.10
C SER G 704 27.16 -49.95 31.57
N VAL G 705 28.17 -49.33 30.96
CA VAL G 705 29.32 -50.06 30.47
C VAL G 705 30.11 -50.59 31.67
N ALA G 706 30.59 -51.82 31.57
CA ALA G 706 31.34 -52.45 32.65
C ALA G 706 32.81 -52.02 32.59
N TYR G 707 33.03 -50.74 32.86
CA TYR G 707 34.39 -50.19 32.82
C TYR G 707 35.19 -50.71 34.02
N SER G 708 36.46 -50.98 33.78
CA SER G 708 37.39 -51.37 34.83
C SER G 708 38.79 -50.94 34.40
N ASN G 709 39.69 -50.89 35.38
CA ASN G 709 41.08 -50.57 35.12
C ASN G 709 41.79 -51.64 34.28
N ASN G 710 41.36 -52.90 34.36
CA ASN G 710 42.03 -53.99 33.64
C ASN G 710 41.10 -54.80 32.75
N SER G 711 39.93 -54.27 32.35
CA SER G 711 38.96 -55.03 31.59
C SER G 711 38.81 -54.49 30.18
N ILE G 712 38.85 -55.38 29.19
CA ILE G 712 38.61 -55.00 27.81
C ILE G 712 37.57 -55.95 27.22
N ALA G 713 36.79 -55.43 26.28
CA ALA G 713 35.83 -56.23 25.53
C ALA G 713 36.32 -56.32 24.08
N ILE G 714 36.42 -57.55 23.58
CA ILE G 714 36.90 -57.81 22.23
C ILE G 714 35.77 -58.48 21.46
N PRO G 715 35.43 -58.01 20.27
CA PRO G 715 34.44 -58.68 19.43
C PRO G 715 34.95 -60.03 18.91
N THR G 716 34.10 -61.05 19.00
CA THR G 716 34.44 -62.37 18.47
C THR G 716 33.72 -62.66 17.16
N ASN G 717 32.90 -61.74 16.68
CA ASN G 717 32.13 -61.95 15.46
C ASN G 717 31.77 -60.59 14.90
N PHE G 718 31.20 -60.58 13.71
CA PHE G 718 30.85 -59.34 13.04
C PHE G 718 29.59 -59.55 12.22
N THR G 719 28.93 -58.45 11.91
CA THR G 719 27.79 -58.45 11.00
C THR G 719 28.04 -57.44 9.88
N ILE G 720 27.84 -57.88 8.64
CA ILE G 720 27.87 -56.96 7.52
C ILE G 720 26.53 -56.24 7.49
N SER G 721 26.58 -54.91 7.52
CA SER G 721 25.38 -54.10 7.59
C SER G 721 25.30 -53.23 6.35
N VAL G 722 24.15 -53.23 5.69
CA VAL G 722 23.88 -52.34 4.58
C VAL G 722 22.79 -51.37 5.01
N THR G 723 23.09 -50.08 4.96
CA THR G 723 22.16 -49.03 5.37
C THR G 723 21.99 -48.07 4.20
N THR G 724 20.87 -47.35 4.23
CA THR G 724 20.48 -46.47 3.15
C THR G 724 20.53 -45.04 3.62
N GLU G 725 21.17 -44.17 2.84
CA GLU G 725 21.15 -42.74 3.08
C GLU G 725 20.61 -42.04 1.83
N ILE G 726 19.57 -41.22 2.00
CA ILE G 726 18.89 -40.56 0.89
C ILE G 726 19.25 -39.07 0.90
N LEU G 727 19.71 -38.55 -0.24
CA LEU G 727 20.07 -37.14 -0.32
C LEU G 727 19.36 -36.48 -1.50
N PRO G 728 18.72 -35.33 -1.29
CA PRO G 728 18.21 -34.56 -2.44
C PRO G 728 19.35 -33.99 -3.26
N VAL G 729 19.27 -34.15 -4.58
CA VAL G 729 20.27 -33.64 -5.49
C VAL G 729 19.77 -32.43 -6.26
N SER G 730 18.53 -32.45 -6.73
CA SER G 730 18.02 -31.38 -7.57
C SER G 730 16.55 -31.15 -7.27
N MET G 731 16.07 -30.00 -7.71
CA MET G 731 14.67 -29.61 -7.59
C MET G 731 14.15 -29.35 -8.99
N THR G 732 12.82 -29.31 -9.11
CA THR G 732 12.18 -29.05 -10.40
C THR G 732 12.57 -27.67 -10.92
N LYS G 733 12.88 -27.59 -12.21
CA LYS G 733 13.32 -26.33 -12.81
C LYS G 733 12.11 -25.54 -13.33
N THR G 734 11.47 -24.82 -12.42
CA THR G 734 10.30 -24.03 -12.77
C THR G 734 10.72 -22.77 -13.51
N SER G 735 10.01 -22.45 -14.57
CA SER G 735 10.20 -21.22 -15.33
C SER G 735 8.90 -20.43 -15.25
N VAL G 736 9.00 -19.14 -14.93
CA VAL G 736 7.84 -18.26 -14.89
C VAL G 736 8.08 -17.11 -15.85
N ASP G 737 7.14 -16.92 -16.78
CA ASP G 737 7.10 -15.73 -17.60
C ASP G 737 6.31 -14.68 -16.83
N CYS G 738 7.02 -13.66 -16.33
CA CYS G 738 6.41 -12.68 -15.43
C CYS G 738 5.30 -11.90 -16.11
N THR G 739 5.52 -11.54 -17.38
CA THR G 739 4.55 -10.73 -18.12
C THR G 739 3.24 -11.46 -18.29
N MET G 740 3.31 -12.77 -18.60
CA MET G 740 2.12 -13.60 -18.73
C MET G 740 1.35 -13.66 -17.42
N TYR G 741 2.07 -13.93 -16.32
CA TYR G 741 1.44 -14.10 -15.01
C TYR G 741 0.77 -12.79 -14.57
N ILE G 742 1.50 -11.67 -14.66
CA ILE G 742 0.96 -10.38 -14.26
C ILE G 742 -0.11 -9.89 -15.24
N CYS G 743 0.11 -10.07 -16.55
CA CYS G 743 -0.79 -9.53 -17.57
C CYS G 743 -1.23 -10.64 -18.51
N GLY G 744 -2.51 -10.98 -18.48
CA GLY G 744 -3.00 -12.01 -19.38
C GLY G 744 -3.20 -11.51 -20.79
N ASP G 745 -2.09 -11.36 -21.54
CA ASP G 745 -2.07 -10.89 -22.94
C ASP G 745 -2.74 -9.52 -23.10
N SER G 746 -2.55 -8.65 -22.11
CA SER G 746 -3.09 -7.30 -22.13
C SER G 746 -1.96 -6.30 -22.38
N THR G 747 -2.09 -5.54 -23.47
CA THR G 747 -1.09 -4.52 -23.81
C THR G 747 -1.06 -3.40 -22.79
N GLU G 748 -2.23 -2.98 -22.29
CA GLU G 748 -2.31 -1.88 -21.33
C GLU G 748 -1.61 -2.24 -20.02
N CYS G 749 -1.82 -3.47 -19.54
CA CYS G 749 -1.14 -3.96 -18.35
C CYS G 749 0.36 -4.03 -18.58
N SER G 750 0.78 -4.46 -19.79
CA SER G 750 2.21 -4.56 -20.12
C SER G 750 2.88 -3.20 -20.11
N ASN G 751 2.21 -2.18 -20.69
CA ASN G 751 2.75 -0.82 -20.66
C ASN G 751 2.82 -0.29 -19.24
N LEU G 752 1.81 -0.59 -18.42
CA LEU G 752 1.87 -0.20 -17.01
C LEU G 752 3.02 -0.91 -16.28
N LEU G 753 3.26 -2.18 -16.62
CA LEU G 753 4.35 -2.95 -16.04
C LEU G 753 5.71 -2.37 -16.41
N LEU G 754 5.81 -1.75 -17.59
CA LEU G 754 7.07 -1.16 -18.06
C LEU G 754 7.59 -0.07 -17.11
N GLN G 755 6.69 0.62 -16.40
CA GLN G 755 7.08 1.65 -15.43
C GLN G 755 7.94 1.10 -14.30
N TYR G 756 7.74 -0.17 -13.92
CA TYR G 756 8.49 -0.81 -12.85
C TYR G 756 9.91 -1.21 -13.24
N GLY G 757 10.27 -1.05 -14.50
CA GLY G 757 11.65 -1.31 -14.92
C GLY G 757 12.00 -2.76 -15.20
N SER G 758 13.10 -3.22 -14.60
CA SER G 758 13.73 -4.48 -14.93
C SER G 758 13.33 -5.64 -14.03
N PHE G 759 12.17 -5.55 -13.35
CA PHE G 759 11.75 -6.60 -12.43
C PHE G 759 11.58 -7.95 -13.12
N CYS G 760 11.01 -7.95 -14.34
CA CYS G 760 10.94 -9.19 -15.12
C CYS G 760 12.30 -9.75 -15.47
N THR G 761 13.23 -8.90 -15.92
CA THR G 761 14.55 -9.38 -16.31
C THR G 761 15.28 -9.99 -15.12
N GLN G 762 15.22 -9.32 -13.96
CA GLN G 762 15.90 -9.84 -12.77
C GLN G 762 15.23 -11.12 -12.25
N LEU G 763 13.88 -11.19 -12.26
CA LEU G 763 13.19 -12.38 -11.79
C LEU G 763 13.48 -13.59 -12.69
N ASN G 764 13.43 -13.39 -14.02
CA ASN G 764 13.76 -14.45 -14.96
C ASN G 764 15.21 -14.88 -14.81
N ARG G 765 16.11 -13.91 -14.60
CA ARG G 765 17.53 -14.21 -14.43
C ARG G 765 17.76 -15.08 -13.19
N ALA G 766 17.04 -14.77 -12.09
CA ALA G 766 17.15 -15.57 -10.89
C ALA G 766 16.64 -17.00 -11.10
N LEU G 767 15.48 -17.13 -11.75
CA LEU G 767 14.92 -18.46 -12.00
C LEU G 767 15.79 -19.28 -12.96
N THR G 768 16.34 -18.63 -14.00
CA THR G 768 17.24 -19.29 -14.93
C THR G 768 18.52 -19.73 -14.23
N GLY G 769 19.03 -18.90 -13.31
CA GLY G 769 20.19 -19.27 -12.53
C GLY G 769 19.95 -20.49 -11.67
N ILE G 770 18.76 -20.57 -11.05
CA ILE G 770 18.38 -21.73 -10.26
C ILE G 770 18.31 -22.98 -11.14
N ALA G 771 17.76 -22.85 -12.35
CA ALA G 771 17.63 -23.99 -13.26
C ALA G 771 18.98 -24.54 -13.72
N VAL G 772 19.90 -23.63 -14.08
CA VAL G 772 21.26 -24.00 -14.47
C VAL G 772 21.97 -24.65 -13.29
N GLU G 773 21.74 -24.12 -12.08
CA GLU G 773 22.29 -24.69 -10.87
C GLU G 773 21.81 -26.12 -10.64
N GLN G 774 20.55 -26.41 -10.96
CA GLN G 774 20.01 -27.77 -10.78
C GLN G 774 20.70 -28.77 -11.69
N ASP G 775 20.89 -28.40 -12.97
CA ASP G 775 21.65 -29.28 -13.86
C ASP G 775 23.10 -29.43 -13.41
N LYS G 776 23.71 -28.34 -12.92
CA LYS G 776 25.07 -28.40 -12.37
C LYS G 776 25.17 -29.32 -11.16
N ASN G 777 24.12 -29.31 -10.31
CA ASN G 777 24.07 -30.18 -9.14
C ASN G 777 24.06 -31.65 -9.55
N THR G 778 23.23 -31.98 -10.54
CA THR G 778 23.15 -33.36 -11.02
C THR G 778 24.47 -33.80 -11.65
N GLN G 779 25.09 -32.91 -12.44
CA GLN G 779 26.37 -33.22 -13.07
C GLN G 779 27.47 -33.44 -12.02
N GLU G 780 27.48 -32.60 -10.98
CA GLU G 780 28.49 -32.75 -9.92
C GLU G 780 28.33 -34.05 -9.16
N VAL G 781 27.09 -34.46 -8.87
CA VAL G 781 26.89 -35.69 -8.11
C VAL G 781 27.21 -36.93 -8.96
N PHE G 782 26.67 -37.00 -10.19
CA PHE G 782 26.76 -38.25 -10.93
C PHE G 782 27.88 -38.32 -11.96
N ALA G 783 28.23 -37.22 -12.62
CA ALA G 783 29.28 -37.26 -13.65
C ALA G 783 30.67 -37.05 -13.04
N GLN G 784 31.05 -37.99 -12.17
CA GLN G 784 32.37 -37.93 -11.57
C GLN G 784 33.37 -38.84 -12.28
N VAL G 785 32.88 -39.82 -13.03
CA VAL G 785 33.74 -40.75 -13.76
C VAL G 785 33.59 -40.47 -15.26
N LYS G 786 34.73 -40.22 -15.91
CA LYS G 786 34.73 -39.99 -17.35
C LYS G 786 34.36 -41.25 -18.14
N GLN G 787 34.84 -42.41 -17.72
CA GLN G 787 34.62 -43.65 -18.45
C GLN G 787 33.36 -44.36 -18.00
N ILE G 788 32.66 -44.95 -18.96
CA ILE G 788 31.46 -45.75 -18.68
C ILE G 788 31.90 -47.21 -18.52
N TYR G 789 32.08 -47.64 -17.29
CA TYR G 789 32.49 -49.01 -17.01
C TYR G 789 31.33 -49.99 -17.17
N LYS G 790 31.66 -51.18 -17.67
CA LYS G 790 30.70 -52.26 -17.92
C LYS G 790 31.06 -53.46 -17.07
N THR G 791 30.05 -54.05 -16.43
CA THR G 791 30.24 -55.24 -15.61
C THR G 791 30.61 -56.44 -16.49
N PRO G 792 31.43 -57.36 -15.98
CA PRO G 792 31.79 -58.54 -16.76
C PRO G 792 30.58 -59.41 -17.01
N PRO G 793 30.53 -60.11 -18.17
CA PRO G 793 29.35 -60.93 -18.50
C PRO G 793 29.05 -62.04 -17.51
N ILE G 794 30.07 -62.71 -16.97
CA ILE G 794 29.88 -63.71 -15.94
C ILE G 794 30.00 -63.03 -14.57
N LYS G 795 28.91 -63.04 -13.81
CA LYS G 795 28.86 -62.35 -12.52
C LYS G 795 29.31 -63.29 -11.40
N ASP G 796 30.61 -63.59 -11.40
CA ASP G 796 31.23 -64.41 -10.36
C ASP G 796 32.15 -63.53 -9.52
N PHE G 797 31.75 -63.28 -8.28
CA PHE G 797 32.50 -62.39 -7.39
C PHE G 797 32.73 -63.05 -6.04
N GLY G 798 32.97 -64.36 -6.04
CA GLY G 798 33.16 -65.10 -4.81
C GLY G 798 31.95 -65.14 -3.90
N GLY G 799 30.76 -65.29 -4.48
CA GLY G 799 29.54 -65.41 -3.72
C GLY G 799 28.85 -64.11 -3.41
N PHE G 800 29.43 -62.98 -3.79
CA PHE G 800 28.77 -61.69 -3.63
C PHE G 800 27.84 -61.45 -4.81
N ASN G 801 26.57 -61.19 -4.52
CA ASN G 801 25.56 -61.00 -5.55
C ASN G 801 25.16 -59.53 -5.59
N PHE G 802 25.29 -58.92 -6.77
CA PHE G 802 24.95 -57.51 -6.95
C PHE G 802 23.75 -57.32 -7.87
N SER G 803 22.96 -58.38 -8.08
CA SER G 803 21.86 -58.35 -9.06
C SER G 803 20.84 -57.27 -8.75
N GLN G 804 20.54 -57.08 -7.46
CA GLN G 804 19.57 -56.09 -7.03
C GLN G 804 20.02 -54.66 -7.36
N ILE G 805 21.31 -54.38 -7.24
CA ILE G 805 21.80 -53.03 -7.52
C ILE G 805 22.31 -52.87 -8.96
N LEU G 806 22.56 -53.97 -9.67
CA LEU G 806 23.06 -53.90 -11.04
C LEU G 806 21.89 -53.72 -12.01
N PRO G 807 22.11 -53.14 -13.19
CA PRO G 807 21.01 -52.92 -14.14
C PRO G 807 20.39 -54.23 -14.63
N ASP G 808 19.08 -54.20 -14.82
CA ASP G 808 18.36 -55.38 -15.27
C ASP G 808 18.10 -55.25 -16.77
N PRO G 809 18.66 -56.13 -17.60
CA PRO G 809 18.48 -56.02 -19.06
C PRO G 809 17.06 -56.23 -19.55
N SER G 810 16.31 -57.15 -18.92
CA SER G 810 14.98 -57.54 -19.41
C SER G 810 14.00 -56.37 -19.40
N LYS G 811 14.01 -55.57 -18.35
CA LYS G 811 13.16 -54.39 -18.29
C LYS G 811 13.66 -53.35 -19.29
N PRO G 812 12.74 -52.57 -19.90
CA PRO G 812 13.16 -51.62 -20.96
C PRO G 812 14.14 -50.55 -20.50
N SER G 813 13.92 -49.95 -19.34
CA SER G 813 14.93 -49.08 -18.76
C SER G 813 16.06 -49.95 -18.24
N LYS G 814 17.29 -49.53 -18.49
CA LYS G 814 18.46 -50.26 -17.95
C LYS G 814 18.69 -49.80 -16.52
N ARG G 815 17.76 -50.21 -15.66
CA ARG G 815 17.69 -49.75 -14.30
C ARG G 815 17.70 -50.96 -13.36
N SER G 816 18.30 -50.77 -12.18
CA SER G 816 18.30 -51.84 -11.21
C SER G 816 16.92 -52.02 -10.58
N PRO G 817 16.73 -53.20 -9.98
CA PRO G 817 15.48 -53.50 -9.29
C PRO G 817 15.23 -52.55 -8.11
N ILE G 818 16.27 -52.27 -7.32
CA ILE G 818 16.14 -51.33 -6.21
C ILE G 818 15.86 -49.92 -6.72
N GLU G 819 16.54 -49.51 -7.79
CA GLU G 819 16.31 -48.18 -8.38
C GLU G 819 14.88 -48.07 -8.92
N ASP G 820 14.36 -49.16 -9.51
CA ASP G 820 12.98 -49.18 -9.97
C ASP G 820 12.01 -49.01 -8.80
N LEU G 821 12.28 -49.67 -7.66
CA LEU G 821 11.45 -49.45 -6.48
C LEU G 821 11.53 -48.02 -6.00
N LEU G 822 12.73 -47.42 -6.02
CA LEU G 822 12.91 -46.04 -5.57
C LEU G 822 12.16 -45.06 -6.46
N PHE G 823 12.21 -45.28 -7.78
CA PHE G 823 11.47 -44.45 -8.71
C PHE G 823 9.96 -44.60 -8.53
N ASN G 824 9.49 -45.81 -8.23
CA ASN G 824 8.07 -45.99 -7.92
C ASN G 824 7.64 -45.26 -6.65
N LYS G 825 8.49 -45.27 -5.61
CA LYS G 825 8.11 -44.72 -4.31
C LYS G 825 7.84 -43.22 -4.37
N VAL G 826 8.67 -42.46 -5.10
CA VAL G 826 8.49 -41.00 -5.15
C VAL G 826 7.26 -40.67 -5.99
N THR G 827 6.44 -39.76 -5.47
CA THR G 827 5.19 -39.39 -6.13
C THR G 827 5.05 -37.88 -6.24
N LYS G 854 0.64 -23.29 -15.41
CA LYS G 854 0.00 -24.08 -16.45
C LYS G 854 -0.16 -23.12 -17.64
N PHE G 855 -1.33 -22.50 -17.80
CA PHE G 855 -1.59 -21.54 -18.86
C PHE G 855 -1.36 -20.12 -18.39
N ASN G 856 -0.81 -19.93 -17.19
CA ASN G 856 -0.55 -18.64 -16.59
C ASN G 856 0.91 -18.22 -16.70
N GLY G 857 1.67 -18.88 -17.57
CA GLY G 857 3.09 -18.59 -17.72
C GLY G 857 4.00 -19.42 -16.84
N LEU G 858 3.44 -20.40 -16.12
CA LEU G 858 4.21 -21.28 -15.26
C LEU G 858 4.57 -22.54 -16.05
N THR G 859 5.87 -22.83 -16.16
CA THR G 859 6.34 -23.96 -16.96
C THR G 859 7.42 -24.70 -16.19
N VAL G 860 7.61 -25.96 -16.55
CA VAL G 860 8.65 -26.81 -15.99
C VAL G 860 9.64 -27.15 -17.09
N LEU G 861 10.92 -26.88 -16.84
CA LEU G 861 11.96 -27.24 -17.80
C LEU G 861 12.46 -28.65 -17.53
N PRO G 862 12.63 -29.46 -18.57
CA PRO G 862 13.17 -30.82 -18.41
C PRO G 862 14.61 -30.81 -17.94
N PRO G 863 15.00 -31.76 -17.08
CA PRO G 863 16.41 -31.87 -16.71
C PRO G 863 17.29 -32.22 -17.90
N LEU G 864 18.49 -31.63 -17.91
CA LEU G 864 19.43 -31.84 -19.01
C LEU G 864 19.83 -33.30 -19.12
N LEU G 865 20.08 -33.94 -17.99
CA LEU G 865 20.41 -35.35 -17.97
C LEU G 865 19.13 -36.14 -17.75
N THR G 866 18.88 -37.12 -18.62
CA THR G 866 17.71 -37.97 -18.48
C THR G 866 17.92 -38.97 -17.35
N ASP G 867 16.81 -39.57 -16.91
CA ASP G 867 16.87 -40.60 -15.88
C ASP G 867 17.69 -41.79 -16.34
N GLU G 868 17.58 -42.14 -17.63
CA GLU G 868 18.37 -43.21 -18.21
C GLU G 868 19.86 -42.88 -18.17
N MET G 869 20.21 -41.62 -18.45
CA MET G 869 21.61 -41.20 -18.38
C MET G 869 22.15 -41.26 -16.95
N ILE G 870 21.32 -40.87 -15.96
CA ILE G 870 21.71 -40.95 -14.56
C ILE G 870 21.92 -42.41 -14.17
N ALA G 871 21.04 -43.30 -14.65
CA ALA G 871 21.21 -44.73 -14.41
C ALA G 871 22.49 -45.26 -15.06
N GLN G 872 22.84 -44.73 -16.24
CA GLN G 872 24.10 -45.10 -16.89
C GLN G 872 25.30 -44.68 -16.06
N TYR G 873 25.27 -43.47 -15.47
CA TYR G 873 26.34 -43.04 -14.58
C TYR G 873 26.44 -43.90 -13.32
N THR G 874 25.30 -44.20 -12.67
CA THR G 874 25.33 -45.05 -11.48
C THR G 874 25.82 -46.45 -11.81
N SER G 875 25.39 -46.99 -12.97
CA SER G 875 25.86 -48.30 -13.41
C SER G 875 27.35 -48.31 -13.69
N ALA G 876 27.88 -47.25 -14.32
CA ALA G 876 29.30 -47.15 -14.58
C ALA G 876 30.11 -47.04 -13.29
N LEU G 877 29.62 -46.25 -12.33
CA LEU G 877 30.28 -46.13 -11.03
C LEU G 877 30.25 -47.45 -10.27
N LEU G 878 29.13 -48.16 -10.35
CA LEU G 878 28.97 -49.45 -9.71
C LEU G 878 29.92 -50.48 -10.32
N ALA G 879 30.02 -50.49 -11.66
CA ALA G 879 30.91 -51.41 -12.36
C ALA G 879 32.36 -51.13 -12.03
N GLY G 880 32.72 -49.84 -11.95
CA GLY G 880 34.07 -49.48 -11.55
C GLY G 880 34.40 -49.94 -10.14
N THR G 881 33.45 -49.79 -9.21
CA THR G 881 33.69 -50.22 -7.83
C THR G 881 33.80 -51.75 -7.74
N ILE G 882 32.91 -52.48 -8.44
CA ILE G 882 32.89 -53.94 -8.34
C ILE G 882 34.15 -54.55 -8.98
N THR G 883 34.59 -54.01 -10.12
CA THR G 883 35.71 -54.62 -10.81
C THR G 883 37.06 -54.03 -10.43
N SER G 884 37.11 -52.75 -10.05
CA SER G 884 38.37 -52.08 -9.81
C SER G 884 38.56 -51.50 -8.40
N GLY G 885 37.55 -51.59 -7.53
CA GLY G 885 37.64 -50.98 -6.20
C GLY G 885 37.76 -49.49 -6.23
N TRP G 886 38.74 -48.96 -5.50
CA TRP G 886 38.92 -47.52 -5.45
C TRP G 886 39.90 -47.01 -6.50
N THR G 887 40.51 -47.89 -7.30
CA THR G 887 41.53 -47.45 -8.24
C THR G 887 40.99 -46.54 -9.35
N PHE G 888 39.78 -46.82 -9.86
CA PHE G 888 39.25 -46.04 -10.98
C PHE G 888 39.01 -44.58 -10.61
N GLY G 889 38.62 -44.30 -9.37
CA GLY G 889 38.52 -42.92 -8.92
C GLY G 889 39.86 -42.20 -8.92
N ALA G 890 40.91 -42.88 -8.47
CA ALA G 890 42.25 -42.29 -8.46
C ALA G 890 42.80 -42.10 -9.86
N GLY G 891 42.55 -43.04 -10.75
CA GLY G 891 43.10 -42.97 -12.10
C GLY G 891 42.66 -44.14 -12.94
N ALA G 892 43.61 -44.83 -13.56
CA ALA G 892 43.30 -45.99 -14.39
C ALA G 892 42.63 -47.09 -13.57
N ALA G 893 41.59 -47.69 -14.13
CA ALA G 893 40.87 -48.75 -13.45
C ALA G 893 41.71 -50.02 -13.46
N LEU G 894 41.97 -50.57 -12.28
CA LEU G 894 42.83 -51.73 -12.12
C LEU G 894 41.96 -52.88 -11.66
N GLN G 895 41.90 -53.95 -12.46
CA GLN G 895 41.07 -55.09 -12.08
C GLN G 895 41.62 -55.74 -10.82
N ILE G 896 40.72 -56.11 -9.94
CA ILE G 896 41.05 -56.86 -8.73
C ILE G 896 39.85 -57.76 -8.46
N PRO G 897 40.07 -59.00 -8.00
CA PRO G 897 38.95 -59.83 -7.53
C PRO G 897 38.22 -59.15 -6.38
N PHE G 898 36.88 -59.29 -6.38
CA PHE G 898 36.07 -58.62 -5.35
C PHE G 898 36.44 -59.08 -3.95
N PRO G 899 36.76 -60.37 -3.79
CA PRO G 899 37.16 -60.88 -2.48
C PRO G 899 38.45 -60.23 -2.02
N MET G 900 39.42 -60.08 -2.92
CA MET G 900 40.67 -59.42 -2.59
C MET G 900 40.47 -57.94 -2.26
N GLN G 901 39.62 -57.23 -3.02
CA GLN G 901 39.39 -55.82 -2.72
C GLN G 901 38.72 -55.72 -1.35
N MET G 902 37.81 -56.65 -1.06
CA MET G 902 37.13 -56.70 0.23
C MET G 902 38.13 -56.92 1.35
N ALA G 903 39.15 -57.74 1.10
CA ALA G 903 40.22 -57.94 2.07
C ALA G 903 40.96 -56.62 2.29
N TYR G 904 41.14 -55.83 1.21
CA TYR G 904 41.75 -54.51 1.32
C TYR G 904 40.87 -53.60 2.18
N ARG G 905 39.55 -53.72 2.03
CA ARG G 905 38.60 -52.95 2.84
C ARG G 905 38.74 -53.32 4.32
N PHE G 906 38.93 -54.62 4.61
CA PHE G 906 39.16 -55.00 6.01
C PHE G 906 40.45 -54.38 6.51
N ASN G 907 41.48 -54.35 5.65
CA ASN G 907 42.76 -53.74 6.03
C ASN G 907 42.60 -52.25 6.27
N GLY G 908 41.56 -51.63 5.71
CA GLY G 908 41.34 -50.20 5.86
C GLY G 908 40.57 -49.87 7.12
N ILE G 909 39.97 -50.86 7.75
CA ILE G 909 39.26 -50.71 9.03
C ILE G 909 39.98 -51.46 10.15
N GLY G 910 41.22 -51.87 9.93
CA GLY G 910 42.02 -52.50 10.96
C GLY G 910 41.85 -53.99 11.16
N VAL G 911 41.19 -54.71 10.27
CA VAL G 911 41.02 -56.16 10.40
C VAL G 911 41.90 -56.84 9.37
N THR G 912 42.54 -57.94 9.77
CA THR G 912 43.44 -58.68 8.89
C THR G 912 42.68 -59.29 7.72
N GLN G 913 43.39 -59.50 6.60
CA GLN G 913 42.82 -60.10 5.39
C GLN G 913 42.34 -61.53 5.64
N ASN G 914 43.05 -62.28 6.51
CA ASN G 914 42.74 -63.68 6.76
C ASN G 914 41.32 -63.85 7.26
N VAL G 915 40.83 -62.90 8.09
CA VAL G 915 39.49 -63.00 8.67
C VAL G 915 38.47 -63.04 7.55
N LEU G 916 38.64 -62.17 6.56
CA LEU G 916 37.74 -62.13 5.42
C LEU G 916 37.80 -63.43 4.63
N TYR G 917 39.02 -63.91 4.37
CA TYR G 917 39.18 -65.14 3.58
C TYR G 917 38.59 -66.35 4.29
N GLU G 918 38.76 -66.44 5.61
CA GLU G 918 38.26 -67.57 6.38
C GLU G 918 36.74 -67.57 6.44
N ASN G 919 36.12 -66.39 6.50
CA ASN G 919 34.67 -66.26 6.60
C ASN G 919 34.09 -65.63 5.33
N GLN G 920 34.55 -66.07 4.16
CA GLN G 920 34.14 -65.40 2.92
C GLN G 920 32.73 -65.78 2.51
N LYS G 921 32.38 -67.07 2.62
CA LYS G 921 31.02 -67.50 2.37
C LYS G 921 30.04 -66.82 3.33
N LEU G 922 30.42 -66.73 4.61
CA LEU G 922 29.60 -66.07 5.62
C LEU G 922 29.42 -64.58 5.31
N ILE G 923 30.51 -63.90 4.93
CA ILE G 923 30.47 -62.47 4.65
C ILE G 923 29.59 -62.21 3.42
N ALA G 924 29.79 -63.01 2.37
CA ALA G 924 28.99 -62.87 1.15
C ALA G 924 27.51 -63.12 1.41
N ASN G 925 27.19 -64.13 2.23
CA ASN G 925 25.80 -64.38 2.61
C ASN G 925 25.20 -63.23 3.41
N GLN G 926 25.97 -62.67 4.36
CA GLN G 926 25.47 -61.55 5.16
C GLN G 926 25.22 -60.32 4.29
N PHE G 927 26.14 -60.04 3.36
CA PHE G 927 25.96 -58.91 2.45
C PHE G 927 24.75 -59.11 1.53
N ASN G 928 24.56 -60.33 1.00
CA ASN G 928 23.44 -60.61 0.13
C ASN G 928 22.12 -60.49 0.88
N SER G 929 22.08 -61.00 2.11
CA SER G 929 20.89 -60.87 2.95
C SER G 929 20.60 -59.42 3.28
N ALA G 930 21.64 -58.62 3.54
CA ALA G 930 21.46 -57.20 3.85
C ALA G 930 20.87 -56.43 2.67
N ILE G 931 21.36 -56.69 1.45
CA ILE G 931 20.79 -56.08 0.25
C ILE G 931 19.33 -56.52 0.07
N GLY G 932 19.05 -57.81 0.36
CA GLY G 932 17.68 -58.31 0.28
C GLY G 932 16.75 -57.61 1.27
N LYS G 933 17.25 -57.36 2.49
CA LYS G 933 16.47 -56.62 3.48
C LYS G 933 16.18 -55.20 3.00
N ILE G 934 17.16 -54.57 2.34
CA ILE G 934 16.97 -53.23 1.78
C ILE G 934 15.86 -53.24 0.74
N GLN G 935 15.88 -54.23 -0.16
CA GLN G 935 14.83 -54.30 -1.19
C GLN G 935 13.45 -54.59 -0.57
N ASP G 936 13.40 -55.45 0.46
CA ASP G 936 12.13 -55.77 1.12
C ASP G 936 11.55 -54.53 1.81
N SER G 937 12.40 -53.76 2.49
CA SER G 937 11.96 -52.53 3.14
C SER G 937 11.46 -51.52 2.12
N LEU G 938 12.18 -51.40 0.98
CA LEU G 938 11.77 -50.46 -0.07
C LEU G 938 10.42 -50.85 -0.67
N SER G 939 10.21 -52.16 -0.88
CA SER G 939 8.92 -52.64 -1.39
C SER G 939 7.80 -52.40 -0.40
N SER G 940 8.06 -52.64 0.90
CA SER G 940 7.02 -52.53 1.92
C SER G 940 6.53 -51.10 2.14
N THR G 941 7.44 -50.11 2.17
CA THR G 941 7.04 -48.76 2.55
C THR G 941 7.78 -47.72 1.73
N PRO G 942 7.16 -46.53 1.66
CA PRO G 942 7.71 -45.36 0.99
C PRO G 942 8.32 -44.36 1.96
N SER G 943 8.50 -44.74 3.22
CA SER G 943 9.03 -43.84 4.25
C SER G 943 10.45 -43.38 3.94
N PRO G 944 11.26 -44.24 3.31
CA PRO G 944 12.66 -43.93 3.02
C PRO G 944 12.81 -42.72 2.11
N LEU G 945 11.88 -42.54 1.16
CA LEU G 945 12.00 -41.50 0.14
C LEU G 945 11.37 -40.18 0.60
N GLY G 946 11.14 -40.04 1.92
CA GLY G 946 10.47 -38.87 2.47
C GLY G 946 11.16 -37.55 2.20
N LYS G 947 12.50 -37.52 2.25
CA LYS G 947 13.23 -36.28 1.96
C LYS G 947 13.00 -35.80 0.53
N LEU G 948 13.03 -36.73 -0.43
CA LEU G 948 12.76 -36.41 -1.83
C LEU G 948 11.31 -35.95 -1.98
N GLN G 949 10.39 -36.63 -1.29
CA GLN G 949 8.99 -36.25 -1.32
C GLN G 949 8.77 -34.86 -0.73
N ASP G 950 9.52 -34.53 0.34
CA ASP G 950 9.42 -33.22 0.97
C ASP G 950 9.85 -32.12 0.02
N VAL G 951 10.93 -32.35 -0.74
CA VAL G 951 11.37 -31.35 -1.73
C VAL G 951 10.29 -31.14 -2.79
N VAL G 952 9.71 -32.25 -3.28
CA VAL G 952 8.65 -32.17 -4.28
C VAL G 952 7.42 -31.44 -3.74
N ASN G 953 7.04 -31.74 -2.48
CA ASN G 953 5.89 -31.11 -1.84
C ASN G 953 6.10 -29.61 -1.63
N GLN G 954 7.30 -29.21 -1.19
CA GLN G 954 7.56 -27.78 -0.97
C GLN G 954 7.49 -27.00 -2.27
N ASN G 955 8.08 -27.53 -3.35
CA ASN G 955 7.99 -26.85 -4.65
C ASN G 955 6.57 -26.79 -5.16
N ALA G 956 5.82 -27.90 -5.03
CA ALA G 956 4.43 -27.95 -5.49
C ALA G 956 3.56 -26.97 -4.71
N GLN G 957 3.76 -26.90 -3.39
CA GLN G 957 3.01 -25.96 -2.55
C GLN G 957 3.31 -24.51 -2.91
N ALA G 958 4.58 -24.19 -3.18
CA ALA G 958 4.93 -22.82 -3.56
C ALA G 958 4.32 -22.43 -4.90
N LEU G 959 4.36 -23.35 -5.87
CA LEU G 959 3.74 -23.09 -7.17
C LEU G 959 2.23 -22.96 -7.05
N ASN G 960 1.60 -23.79 -6.20
CA ASN G 960 0.17 -23.73 -5.96
C ASN G 960 -0.22 -22.39 -5.33
N THR G 961 0.61 -21.91 -4.40
CA THR G 961 0.37 -20.63 -3.76
C THR G 961 0.43 -19.50 -4.77
N LEU G 962 1.40 -19.57 -5.70
CA LEU G 962 1.51 -18.56 -6.76
C LEU G 962 0.27 -18.57 -7.66
N VAL G 963 -0.20 -19.77 -8.02
CA VAL G 963 -1.41 -19.90 -8.84
C VAL G 963 -2.64 -19.36 -8.09
N LYS G 964 -2.75 -19.66 -6.79
CA LYS G 964 -3.85 -19.17 -5.97
C LYS G 964 -3.82 -17.66 -5.81
N GLN G 965 -2.61 -17.07 -5.77
CA GLN G 965 -2.44 -15.62 -5.58
C GLN G 965 -3.15 -14.80 -6.67
N LEU G 966 -3.27 -15.37 -7.87
CA LEU G 966 -3.91 -14.68 -8.99
C LEU G 966 -5.36 -14.33 -8.65
N SER G 967 -6.04 -15.25 -7.94
CA SER G 967 -7.43 -15.06 -7.55
C SER G 967 -7.61 -13.88 -6.59
N SER G 968 -6.59 -13.52 -5.82
CA SER G 968 -6.69 -12.47 -4.81
C SER G 968 -7.08 -11.14 -5.43
N ASN G 969 -8.02 -10.46 -4.78
CA ASN G 969 -8.55 -9.19 -5.30
C ASN G 969 -7.48 -8.10 -5.37
N PHE G 970 -6.61 -8.02 -4.34
CA PHE G 970 -5.56 -6.99 -4.22
C PHE G 970 -6.16 -5.58 -4.23
N GLY G 971 -7.25 -5.38 -3.49
CA GLY G 971 -7.88 -4.08 -3.39
C GLY G 971 -8.67 -3.63 -4.61
N ALA G 972 -8.37 -4.18 -5.78
CA ALA G 972 -9.02 -3.82 -7.04
C ALA G 972 -10.45 -4.34 -7.06
N ILE G 973 -11.23 -3.84 -8.02
CA ILE G 973 -12.62 -4.25 -8.17
C ILE G 973 -12.73 -5.74 -8.49
N SER G 974 -11.81 -6.28 -9.29
CA SER G 974 -11.88 -7.68 -9.70
C SER G 974 -10.47 -8.20 -9.96
N SER G 975 -10.22 -9.44 -9.53
CA SER G 975 -8.92 -10.05 -9.78
C SER G 975 -8.65 -10.19 -11.28
N VAL G 976 -9.70 -10.55 -12.04
CA VAL G 976 -9.56 -10.75 -13.48
C VAL G 976 -9.17 -9.43 -14.14
N LEU G 977 -8.13 -9.47 -14.96
CA LEU G 977 -7.66 -8.28 -15.67
C LEU G 977 -8.66 -7.79 -16.72
N ASN G 978 -9.36 -8.74 -17.35
CA ASN G 978 -10.21 -8.36 -18.48
C ASN G 978 -11.52 -7.78 -18.02
N ASP G 979 -12.08 -8.25 -16.88
CA ASP G 979 -13.26 -7.61 -16.31
C ASP G 979 -13.01 -6.11 -16.09
N ILE G 980 -11.83 -5.77 -15.56
CA ILE G 980 -11.45 -4.38 -15.33
C ILE G 980 -11.36 -3.63 -16.66
N LEU G 981 -10.75 -4.27 -17.67
CA LEU G 981 -10.65 -3.62 -18.98
C LEU G 981 -12.02 -3.43 -19.63
N SER G 982 -12.90 -4.42 -19.52
CA SER G 982 -14.23 -4.35 -20.09
C SER G 982 -15.11 -3.30 -19.41
N ARG G 983 -14.99 -3.16 -18.09
CA ARG G 983 -15.90 -2.29 -17.36
C ARG G 983 -15.44 -0.84 -17.27
N LEU G 984 -14.15 -0.57 -17.41
CA LEU G 984 -13.64 0.78 -17.18
C LEU G 984 -12.81 1.28 -18.36
N ASP G 985 -12.80 2.60 -18.52
CA ASP G 985 -11.96 3.26 -19.52
C ASP G 985 -10.51 3.16 -19.05
N PRO G 986 -9.51 3.33 -19.94
CA PRO G 986 -8.07 3.08 -19.55
C PRO G 986 -7.55 3.86 -18.34
N PRO G 987 -7.85 5.16 -18.12
CA PRO G 987 -7.35 5.78 -16.85
C PRO G 987 -7.93 5.16 -15.57
N GLU G 988 -9.26 4.95 -15.56
CA GLU G 988 -9.92 4.32 -14.43
C GLU G 988 -9.45 2.88 -14.29
N ALA G 989 -9.31 2.18 -15.42
CA ALA G 989 -8.82 0.82 -15.42
C ALA G 989 -7.39 0.78 -14.89
N GLU G 990 -6.61 1.82 -15.24
CA GLU G 990 -5.19 1.91 -14.90
C GLU G 990 -4.98 1.91 -13.40
N VAL G 991 -5.83 2.63 -12.66
CA VAL G 991 -5.75 2.61 -11.18
C VAL G 991 -5.86 1.18 -10.63
N GLN G 992 -6.88 0.44 -11.07
CA GLN G 992 -7.14 -0.92 -10.61
C GLN G 992 -6.05 -1.89 -11.09
N ILE G 993 -5.62 -1.72 -12.34
CA ILE G 993 -4.58 -2.56 -12.92
C ILE G 993 -3.28 -2.38 -12.16
N ASP G 994 -2.98 -1.14 -11.74
CA ASP G 994 -1.78 -0.86 -10.96
C ASP G 994 -1.85 -1.58 -9.61
N ARG G 995 -3.06 -1.60 -9.01
CA ARG G 995 -3.28 -2.33 -7.75
C ARG G 995 -2.87 -3.80 -7.93
N LEU G 996 -3.48 -4.45 -8.93
CA LEU G 996 -3.20 -5.88 -9.17
C LEU G 996 -1.74 -6.10 -9.51
N ILE G 997 -1.14 -5.22 -10.32
CA ILE G 997 0.25 -5.39 -10.77
C ILE G 997 1.17 -5.41 -9.55
N THR G 998 0.94 -4.48 -8.61
CA THR G 998 1.77 -4.42 -7.41
C THR G 998 1.61 -5.68 -6.57
N GLY G 999 0.36 -6.16 -6.41
CA GLY G 999 0.15 -7.39 -5.65
C GLY G 999 0.77 -8.62 -6.30
N ARG G 1000 0.60 -8.76 -7.61
CA ARG G 1000 1.18 -9.89 -8.33
C ARG G 1000 2.71 -9.84 -8.31
N LEU G 1001 3.29 -8.64 -8.45
CA LEU G 1001 4.73 -8.47 -8.39
C LEU G 1001 5.25 -8.89 -7.03
N GLN G 1002 4.53 -8.52 -5.97
CA GLN G 1002 4.92 -8.90 -4.61
C GLN G 1002 4.89 -10.41 -4.46
N SER G 1003 3.85 -11.06 -4.98
CA SER G 1003 3.75 -12.53 -4.92
C SER G 1003 4.88 -13.19 -5.71
N LEU G 1004 5.20 -12.66 -6.90
CA LEU G 1004 6.26 -13.20 -7.74
C LEU G 1004 7.61 -13.07 -7.05
N GLN G 1005 7.85 -11.92 -6.42
CA GLN G 1005 9.10 -11.68 -5.71
C GLN G 1005 9.22 -12.63 -4.53
N THR G 1006 8.11 -12.85 -3.82
CA THR G 1006 8.11 -13.74 -2.67
C THR G 1006 8.43 -15.17 -3.09
N TYR G 1007 7.83 -15.61 -4.21
CA TYR G 1007 8.09 -16.95 -4.74
C TYR G 1007 9.55 -17.11 -5.14
N VAL G 1008 10.11 -16.11 -5.83
CA VAL G 1008 11.48 -16.19 -6.29
C VAL G 1008 12.46 -16.22 -5.10
N THR G 1009 12.20 -15.41 -4.06
CA THR G 1009 13.05 -15.40 -2.88
C THR G 1009 13.04 -16.75 -2.15
N GLN G 1010 11.84 -17.35 -1.98
CA GLN G 1010 11.75 -18.66 -1.37
C GLN G 1010 12.45 -19.72 -2.23
N GLN G 1011 12.32 -19.62 -3.55
CA GLN G 1011 13.01 -20.54 -4.45
C GLN G 1011 14.52 -20.42 -4.34
N LEU G 1012 15.03 -19.19 -4.21
CA LEU G 1012 16.48 -18.99 -4.08
C LEU G 1012 17.02 -19.60 -2.78
N ILE G 1013 16.29 -19.41 -1.67
CA ILE G 1013 16.69 -20.03 -0.40
C ILE G 1013 16.62 -21.56 -0.48
N ARG G 1014 15.54 -22.07 -1.08
CA ARG G 1014 15.38 -23.51 -1.26
C ARG G 1014 16.48 -24.07 -2.16
N ALA G 1015 16.84 -23.35 -3.22
CA ALA G 1015 17.89 -23.74 -4.14
C ALA G 1015 19.24 -23.79 -3.44
N ALA G 1016 19.50 -22.83 -2.54
CA ALA G 1016 20.74 -22.85 -1.77
C ALA G 1016 20.81 -24.08 -0.88
N GLU G 1017 19.69 -24.44 -0.25
CA GLU G 1017 19.65 -25.66 0.57
C GLU G 1017 19.86 -26.93 -0.28
N ILE G 1018 19.23 -26.97 -1.47
CA ILE G 1018 19.40 -28.09 -2.40
C ILE G 1018 20.85 -28.17 -2.87
N ARG G 1019 21.48 -27.03 -3.12
CA ARG G 1019 22.89 -26.98 -3.52
C ARG G 1019 23.79 -27.53 -2.42
N ALA G 1020 23.53 -27.18 -1.16
CA ALA G 1020 24.31 -27.71 -0.05
C ALA G 1020 24.15 -29.23 0.06
N SER G 1021 22.92 -29.72 -0.12
CA SER G 1021 22.67 -31.16 -0.13
C SER G 1021 23.37 -31.86 -1.30
N ALA G 1022 23.35 -31.23 -2.48
CA ALA G 1022 24.04 -31.78 -3.64
C ALA G 1022 25.56 -31.81 -3.46
N ASN G 1023 26.12 -30.76 -2.86
CA ASN G 1023 27.56 -30.75 -2.57
C ASN G 1023 27.92 -31.85 -1.59
N LEU G 1024 27.07 -32.06 -0.58
CA LEU G 1024 27.27 -33.16 0.37
C LEU G 1024 27.16 -34.50 -0.34
N ALA G 1025 26.21 -34.65 -1.26
CA ALA G 1025 26.05 -35.88 -2.03
C ALA G 1025 27.24 -36.15 -2.94
N ALA G 1026 27.77 -35.11 -3.59
CA ALA G 1026 28.96 -35.25 -4.42
C ALA G 1026 30.17 -35.67 -3.58
N THR G 1027 30.29 -35.06 -2.38
CA THR G 1027 31.35 -35.43 -1.45
C THR G 1027 31.20 -36.88 -1.00
N LYS G 1028 29.98 -37.33 -0.73
CA LYS G 1028 29.75 -38.74 -0.39
C LYS G 1028 30.05 -39.67 -1.56
N MET G 1029 29.72 -39.27 -2.79
CA MET G 1029 30.08 -40.10 -3.95
C MET G 1029 31.59 -40.26 -4.06
N SER G 1030 32.32 -39.14 -3.88
CA SER G 1030 33.78 -39.16 -3.95
C SER G 1030 34.41 -39.94 -2.79
N GLU G 1031 33.91 -39.76 -1.57
CA GLU G 1031 34.60 -40.34 -0.44
C GLU G 1031 34.02 -41.65 0.06
N CYS G 1032 32.86 -42.07 -0.43
CA CYS G 1032 32.25 -43.34 -0.07
C CYS G 1032 32.21 -44.31 -1.25
N VAL G 1033 31.73 -43.88 -2.42
CA VAL G 1033 31.72 -44.77 -3.58
C VAL G 1033 33.12 -44.91 -4.17
N LEU G 1034 33.80 -43.80 -4.38
CA LEU G 1034 35.10 -43.82 -5.05
C LEU G 1034 36.22 -44.33 -4.14
N GLY G 1035 36.06 -44.24 -2.82
CA GLY G 1035 37.10 -44.68 -1.90
C GLY G 1035 36.53 -45.09 -0.57
N GLN G 1036 37.34 -45.80 0.21
CA GLN G 1036 36.98 -46.13 1.58
C GLN G 1036 37.25 -44.95 2.50
N SER G 1037 36.31 -44.66 3.39
CA SER G 1037 36.37 -43.47 4.24
C SER G 1037 36.62 -43.83 5.70
N LYS G 1038 37.55 -43.12 6.32
CA LYS G 1038 37.86 -43.26 7.73
C LYS G 1038 37.08 -42.27 8.60
N ARG G 1039 36.33 -41.34 8.00
CA ARG G 1039 35.51 -40.42 8.78
C ARG G 1039 34.35 -41.17 9.42
N VAL G 1040 34.08 -40.88 10.69
CA VAL G 1040 33.08 -41.60 11.45
C VAL G 1040 31.71 -41.03 11.13
N ASP G 1041 30.80 -41.89 10.67
CA ASP G 1041 29.37 -41.72 10.35
C ASP G 1041 29.15 -41.04 9.00
N PHE G 1042 30.20 -40.66 8.27
CA PHE G 1042 30.02 -40.02 6.97
C PHE G 1042 29.41 -40.98 5.96
N CYS G 1043 29.78 -42.26 5.98
CA CYS G 1043 29.27 -43.24 5.03
C CYS G 1043 28.70 -44.44 5.80
N GLY G 1044 27.55 -44.23 6.43
CA GLY G 1044 26.90 -45.27 7.20
C GLY G 1044 27.36 -45.30 8.65
N LYS G 1045 26.71 -46.16 9.42
CA LYS G 1045 27.05 -46.34 10.83
C LYS G 1045 27.90 -47.60 10.97
N GLY G 1046 29.01 -47.48 11.67
CA GLY G 1046 29.98 -48.54 11.77
C GLY G 1046 31.21 -48.23 10.94
N TYR G 1047 32.09 -49.23 10.84
CA TYR G 1047 33.32 -49.04 10.08
C TYR G 1047 33.02 -49.24 8.61
N HIS G 1048 33.21 -48.17 7.83
CA HIS G 1048 32.82 -48.15 6.43
C HIS G 1048 33.70 -49.06 5.58
N LEU G 1049 33.06 -49.92 4.80
CA LEU G 1049 33.79 -50.76 3.86
C LEU G 1049 33.70 -50.20 2.45
N MET G 1050 32.49 -49.98 1.96
CA MET G 1050 32.28 -49.47 0.61
C MET G 1050 30.85 -48.96 0.55
N SER G 1051 30.57 -48.16 -0.48
CA SER G 1051 29.21 -47.66 -0.68
C SER G 1051 28.82 -47.80 -2.15
N PHE G 1052 27.53 -48.07 -2.37
CA PHE G 1052 26.98 -48.22 -3.70
C PHE G 1052 25.95 -47.12 -3.97
N PRO G 1053 26.07 -46.40 -5.08
CA PRO G 1053 25.07 -45.38 -5.41
C PRO G 1053 23.90 -45.90 -6.24
N GLN G 1054 22.69 -45.52 -5.87
CA GLN G 1054 21.50 -45.87 -6.64
C GLN G 1054 20.75 -44.60 -7.01
N SER G 1055 20.46 -44.44 -8.30
CA SER G 1055 19.71 -43.29 -8.79
C SER G 1055 18.28 -43.31 -8.25
N ALA G 1056 17.80 -42.13 -7.88
CA ALA G 1056 16.46 -41.91 -7.37
C ALA G 1056 15.97 -40.63 -8.03
N PRO G 1057 14.65 -40.40 -8.09
CA PRO G 1057 14.16 -39.19 -8.76
C PRO G 1057 14.58 -37.94 -8.01
N HIS G 1058 15.34 -37.08 -8.70
CA HIS G 1058 15.88 -35.81 -8.18
C HIS G 1058 16.76 -36.02 -6.95
N GLY G 1059 17.38 -37.19 -6.83
CA GLY G 1059 18.14 -37.53 -5.63
C GLY G 1059 19.08 -38.69 -5.87
N VAL G 1060 19.90 -38.95 -4.87
CA VAL G 1060 20.82 -40.09 -4.88
C VAL G 1060 20.55 -40.92 -3.62
N VAL G 1061 20.51 -42.23 -3.80
CA VAL G 1061 20.42 -43.17 -2.69
C VAL G 1061 21.76 -43.88 -2.57
N PHE G 1062 22.33 -43.86 -1.36
CA PHE G 1062 23.60 -44.51 -1.09
C PHE G 1062 23.37 -45.76 -0.26
N LEU G 1063 23.90 -46.88 -0.74
CA LEU G 1063 23.87 -48.13 0.04
C LEU G 1063 25.22 -48.27 0.72
N HIS G 1064 25.29 -47.91 1.98
CA HIS G 1064 26.55 -47.95 2.73
C HIS G 1064 26.73 -49.34 3.31
N VAL G 1065 27.87 -49.95 3.05
CA VAL G 1065 28.22 -51.26 3.59
C VAL G 1065 29.21 -51.06 4.72
N THR G 1066 28.85 -51.52 5.91
CA THR G 1066 29.67 -51.29 7.09
C THR G 1066 29.92 -52.60 7.83
N TYR G 1067 31.09 -52.67 8.44
CA TYR G 1067 31.45 -53.77 9.32
C TYR G 1067 31.02 -53.36 10.73
N VAL G 1068 30.17 -54.15 11.35
CA VAL G 1068 29.73 -53.89 12.72
C VAL G 1068 30.16 -55.07 13.59
N PRO G 1069 30.92 -54.83 14.66
CA PRO G 1069 31.24 -55.91 15.61
C PRO G 1069 30.00 -56.49 16.29
N ALA G 1070 29.95 -57.82 16.38
CA ALA G 1070 28.71 -58.49 16.81
C ALA G 1070 28.73 -59.12 18.19
N GLN G 1071 29.67 -60.01 18.50
CA GLN G 1071 29.63 -60.76 19.76
C GLN G 1071 30.81 -60.39 20.63
N GLU G 1072 30.51 -59.95 21.85
CA GLU G 1072 31.50 -59.34 22.74
C GLU G 1072 31.83 -60.28 23.90
N LYS G 1073 33.11 -60.56 24.08
CA LYS G 1073 33.59 -61.33 25.23
C LYS G 1073 34.49 -60.45 26.08
N ASN G 1074 34.27 -60.48 27.38
CA ASN G 1074 35.15 -59.78 28.33
C ASN G 1074 36.48 -60.51 28.47
N PHE G 1075 37.57 -59.73 28.53
CA PHE G 1075 38.88 -60.27 28.80
C PHE G 1075 39.63 -59.36 29.75
N THR G 1076 40.48 -59.96 30.57
CA THR G 1076 41.43 -59.18 31.36
C THR G 1076 42.53 -58.70 30.44
N THR G 1077 43.00 -57.48 30.66
CA THR G 1077 43.98 -56.86 29.78
C THR G 1077 45.09 -56.20 30.58
N ALA G 1078 46.27 -56.12 29.97
CA ALA G 1078 47.42 -55.44 30.52
C ALA G 1078 48.04 -54.52 29.47
N PRO G 1079 48.51 -53.34 29.87
CA PRO G 1079 49.20 -52.46 28.90
C PRO G 1079 50.50 -53.03 28.36
N ALA G 1080 51.31 -53.67 29.20
CA ALA G 1080 52.60 -54.19 28.78
C ALA G 1080 52.88 -55.49 29.53
N ILE G 1081 53.91 -56.21 29.07
CA ILE G 1081 54.28 -57.50 29.66
C ILE G 1081 55.80 -57.53 29.87
N CYS G 1082 56.24 -57.99 31.05
CA CYS G 1082 57.65 -58.05 31.41
C CYS G 1082 58.11 -59.51 31.40
N HIS G 1083 59.11 -59.83 30.57
CA HIS G 1083 59.58 -61.20 30.46
C HIS G 1083 61.02 -61.36 30.92
N ASP G 1084 61.94 -60.56 30.40
CA ASP G 1084 63.36 -60.65 30.70
C ASP G 1084 63.83 -59.43 31.49
N GLY G 1085 62.91 -58.76 32.18
CA GLY G 1085 63.19 -57.52 32.85
C GLY G 1085 62.97 -56.31 31.96
N LYS G 1086 62.45 -56.52 30.76
CA LYS G 1086 62.16 -55.48 29.79
C LYS G 1086 60.68 -55.49 29.44
N ALA G 1087 60.07 -54.31 29.41
CA ALA G 1087 58.65 -54.20 29.04
C ALA G 1087 58.43 -54.56 27.58
N HIS G 1088 57.28 -55.15 27.29
CA HIS G 1088 56.93 -55.54 25.92
C HIS G 1088 55.56 -54.99 25.57
N PHE G 1089 55.48 -54.29 24.44
CA PHE G 1089 54.26 -53.67 23.96
C PHE G 1089 53.92 -54.27 22.60
N PRO G 1090 52.65 -54.55 22.32
CA PRO G 1090 52.29 -55.17 21.02
C PRO G 1090 52.59 -54.25 19.84
N ARG G 1091 53.23 -54.81 18.81
CA ARG G 1091 53.45 -54.07 17.56
C ARG G 1091 52.11 -53.71 16.94
N GLU G 1092 51.21 -54.68 16.93
CA GLU G 1092 49.82 -54.50 16.55
C GLU G 1092 49.03 -55.30 17.58
N GLY G 1093 47.84 -54.85 17.89
CA GLY G 1093 47.02 -55.61 18.80
C GLY G 1093 47.07 -55.20 20.25
N VAL G 1094 46.41 -56.01 21.07
CA VAL G 1094 46.27 -55.76 22.50
C VAL G 1094 46.47 -57.07 23.25
N PHE G 1095 46.96 -56.98 24.49
CA PHE G 1095 47.14 -58.14 25.35
C PHE G 1095 45.81 -58.50 26.02
N VAL G 1096 45.42 -59.76 25.89
CA VAL G 1096 44.17 -60.24 26.48
C VAL G 1096 44.44 -61.50 27.28
N SER G 1097 43.70 -61.66 28.36
CA SER G 1097 43.80 -62.83 29.20
C SER G 1097 42.45 -63.54 29.26
N ASN G 1098 42.48 -64.87 29.14
CA ASN G 1098 41.29 -65.69 29.34
C ASN G 1098 41.12 -66.09 30.81
N GLY G 1099 41.97 -65.56 31.68
CA GLY G 1099 41.97 -65.88 33.10
C GLY G 1099 43.09 -66.81 33.52
N THR G 1100 43.69 -67.54 32.58
CA THR G 1100 44.84 -68.39 32.89
C THR G 1100 46.04 -68.12 32.00
N HIS G 1101 45.80 -67.63 30.78
CA HIS G 1101 46.87 -67.46 29.80
C HIS G 1101 46.76 -66.08 29.16
N TRP G 1102 47.89 -65.60 28.65
CA TRP G 1102 47.98 -64.28 28.03
C TRP G 1102 48.19 -64.43 26.52
N PHE G 1103 47.43 -63.66 25.75
CA PHE G 1103 47.46 -63.71 24.30
C PHE G 1103 47.49 -62.28 23.76
N VAL G 1104 47.92 -62.15 22.50
CA VAL G 1104 47.86 -60.89 21.78
C VAL G 1104 46.89 -61.06 20.62
N THR G 1105 45.93 -60.14 20.50
CA THR G 1105 44.93 -60.24 19.45
C THR G 1105 44.71 -58.86 18.85
N GLN G 1106 44.32 -58.86 17.58
CA GLN G 1106 43.85 -57.62 16.95
C GLN G 1106 42.57 -57.13 17.64
N ARG G 1107 42.43 -55.82 17.67
CA ARG G 1107 41.39 -55.16 18.46
C ARG G 1107 39.98 -55.43 17.96
N ASN G 1108 39.78 -55.34 16.65
CA ASN G 1108 38.43 -55.46 16.09
C ASN G 1108 37.89 -56.89 16.12
N PHE G 1109 38.74 -57.88 15.95
CA PHE G 1109 38.30 -59.27 15.87
C PHE G 1109 39.15 -60.13 16.81
N TYR G 1110 38.52 -61.08 17.48
CA TYR G 1110 39.25 -61.86 18.49
C TYR G 1110 39.98 -63.03 17.82
N GLU G 1111 41.31 -62.90 17.72
CA GLU G 1111 42.18 -63.93 17.18
C GLU G 1111 43.37 -64.11 18.13
N PRO G 1112 43.18 -64.85 19.23
CA PRO G 1112 44.26 -64.99 20.23
C PRO G 1112 45.49 -65.68 19.66
N GLN G 1113 46.65 -65.07 19.88
CA GLN G 1113 47.91 -65.59 19.38
C GLN G 1113 48.95 -65.57 20.49
N ILE G 1114 49.91 -66.49 20.38
CA ILE G 1114 51.00 -66.55 21.35
C ILE G 1114 51.82 -65.28 21.26
N ILE G 1115 52.12 -64.68 22.42
CA ILE G 1115 52.95 -63.50 22.46
C ILE G 1115 54.38 -63.88 22.08
N THR G 1116 54.95 -63.15 21.12
CA THR G 1116 56.26 -63.46 20.56
C THR G 1116 57.02 -62.16 20.36
N THR G 1117 58.33 -62.31 20.09
CA THR G 1117 59.18 -61.16 19.79
C THR G 1117 58.73 -60.47 18.51
N ASP G 1118 58.29 -61.25 17.52
CA ASP G 1118 57.74 -60.66 16.30
C ASP G 1118 56.43 -59.94 16.60
N ASN G 1119 55.61 -60.51 17.47
CA ASN G 1119 54.31 -59.94 17.83
C ASN G 1119 54.44 -58.61 18.56
N THR G 1120 55.43 -58.48 19.44
CA THR G 1120 55.53 -57.33 20.35
C THR G 1120 56.91 -56.69 20.29
N PHE G 1121 56.94 -55.36 20.24
CA PHE G 1121 58.22 -54.66 20.36
C PHE G 1121 58.57 -54.45 21.83
N VAL G 1122 59.83 -54.12 22.08
CA VAL G 1122 60.35 -53.91 23.43
C VAL G 1122 60.78 -52.45 23.62
N SER G 1123 60.28 -51.84 24.70
CA SER G 1123 60.69 -50.49 25.09
C SER G 1123 61.02 -50.45 26.58
N GLY G 1124 62.22 -49.98 26.91
CA GLY G 1124 62.57 -49.72 28.31
C GLY G 1124 62.63 -50.95 29.17
N ASN G 1125 62.00 -50.87 30.34
CA ASN G 1125 61.98 -51.98 31.29
C ASN G 1125 60.62 -51.99 31.96
N CYS G 1126 60.31 -53.15 32.56
CA CYS G 1126 59.00 -53.36 33.19
C CYS G 1126 58.76 -52.42 34.35
N ASP G 1127 59.79 -52.10 35.14
CA ASP G 1127 59.63 -51.28 36.34
C ASP G 1127 59.04 -49.90 36.03
N VAL G 1128 59.49 -49.28 34.92
CA VAL G 1128 59.03 -47.94 34.54
C VAL G 1128 57.53 -47.92 34.24
N VAL G 1129 57.03 -48.93 33.52
CA VAL G 1129 55.62 -48.97 33.12
C VAL G 1129 54.74 -49.28 34.35
N ILE G 1130 53.50 -48.79 34.33
CA ILE G 1130 52.54 -48.99 35.42
C ILE G 1130 51.41 -49.89 34.93
N GLY G 1131 51.04 -50.87 35.75
CA GLY G 1131 50.01 -51.84 35.44
C GLY G 1131 50.49 -53.02 34.63
N ILE G 1132 51.80 -53.10 34.37
CA ILE G 1132 52.40 -54.19 33.60
C ILE G 1132 52.31 -55.49 34.38
N VAL G 1133 52.12 -56.61 33.68
CA VAL G 1133 52.08 -57.93 34.30
C VAL G 1133 53.29 -58.73 33.82
N ASN G 1134 53.59 -59.81 34.53
CA ASN G 1134 54.67 -60.71 34.19
C ASN G 1134 54.16 -61.90 33.39
N ASN G 1135 54.79 -62.15 32.25
CA ASN G 1135 54.44 -63.28 31.39
C ASN G 1135 55.64 -63.57 30.50
N THR G 1136 55.62 -64.73 29.86
CA THR G 1136 56.73 -65.16 29.01
C THR G 1136 56.49 -64.76 27.56
N VAL G 1137 57.50 -64.16 26.94
CA VAL G 1137 57.48 -63.83 25.53
C VAL G 1137 58.32 -64.88 24.80
N TYR G 1138 57.67 -65.69 23.99
CA TYR G 1138 58.35 -66.77 23.27
C TYR G 1138 59.20 -66.18 22.15
N ASP G 1139 60.38 -66.75 21.94
CA ASP G 1139 61.23 -66.32 20.85
C ASP G 1139 61.28 -67.41 19.80
N PRO G 1140 60.92 -67.13 18.54
CA PRO G 1140 60.93 -68.18 17.50
C PRO G 1140 62.30 -68.76 17.21
N LEU G 1141 63.36 -67.95 17.27
CA LEU G 1141 64.71 -68.40 16.95
C LEU G 1141 65.22 -69.49 17.89
N GLN G 1142 64.88 -69.38 19.19
CA GLN G 1142 65.43 -70.28 20.20
C GLN G 1142 65.14 -71.78 20.01
N PRO G 1143 63.90 -72.25 19.71
CA PRO G 1143 63.74 -73.69 19.42
C PRO G 1143 64.49 -74.16 18.19
N GLU G 1144 64.52 -73.35 17.13
CA GLU G 1144 65.28 -73.69 15.93
C GLU G 1144 66.77 -73.81 16.24
N LEU G 1145 67.28 -72.89 17.07
CA LEU G 1145 68.68 -72.96 17.50
C LEU G 1145 68.93 -74.21 18.34
N ASP G 1146 67.97 -74.57 19.20
CA ASP G 1146 68.10 -75.76 20.04
C ASP G 1146 68.19 -77.03 19.21
N SER G 1147 67.39 -77.13 18.15
CA SER G 1147 67.41 -78.28 17.25
C SER G 1147 68.75 -78.40 16.51
N ASP H 1 -63.71 40.80 34.33
CA ASP H 1 -62.47 40.14 33.96
C ASP H 1 -62.12 39.04 34.95
N ILE H 2 -60.90 38.49 34.81
CA ILE H 2 -60.41 37.47 35.73
C ILE H 2 -60.15 38.07 37.11
N GLN H 3 -61.04 37.77 38.06
CA GLN H 3 -60.98 38.36 39.40
C GLN H 3 -60.01 37.57 40.27
N MET H 4 -59.04 38.26 40.84
CA MET H 4 -58.02 37.62 41.67
C MET H 4 -58.39 37.63 43.14
N THR H 5 -58.20 36.50 43.81
CA THR H 5 -58.48 36.36 45.24
C THR H 5 -57.29 35.69 45.90
N GLN H 6 -57.27 35.73 47.24
CA GLN H 6 -56.23 35.09 48.02
C GLN H 6 -56.82 34.02 48.93
N SER H 7 -56.26 32.82 48.89
CA SER H 7 -56.73 31.69 49.69
C SER H 7 -56.55 31.81 51.22
N PRO H 8 -55.41 32.25 51.80
CA PRO H 8 -55.29 32.25 53.26
C PRO H 8 -56.09 33.38 53.93
N SER H 9 -56.93 33.02 54.91
CA SER H 9 -57.67 34.05 55.63
C SER H 9 -56.72 34.90 56.49
N ALA H 10 -55.76 34.26 57.19
CA ALA H 10 -54.86 34.98 58.07
C ALA H 10 -53.45 34.46 57.85
N LEU H 11 -52.45 35.26 58.25
CA LEU H 11 -51.03 34.93 58.00
C LEU H 11 -50.15 35.50 59.13
N SER H 12 -49.87 34.68 60.14
CA SER H 12 -48.93 35.08 61.18
C SER H 12 -48.01 33.90 61.47
N ALA H 13 -46.70 34.16 61.44
CA ALA H 13 -45.68 33.19 61.79
C ALA H 13 -44.41 33.90 62.25
N SER H 14 -43.65 33.23 63.10
CA SER H 14 -42.44 33.79 63.69
C SER H 14 -41.29 33.80 62.69
N VAL H 15 -40.24 34.58 63.03
CA VAL H 15 -39.04 34.68 62.21
C VAL H 15 -38.37 33.32 62.10
N GLY H 16 -37.90 32.98 60.89
CA GLY H 16 -37.25 31.71 60.65
C GLY H 16 -38.18 30.55 60.38
N ASP H 17 -39.47 30.80 60.23
CA ASP H 17 -40.46 29.77 59.94
C ASP H 17 -40.88 29.86 58.49
N ARG H 18 -40.86 28.71 57.80
CA ARG H 18 -41.33 28.63 56.42
C ARG H 18 -42.83 28.92 56.35
N VAL H 19 -43.23 29.81 55.44
CA VAL H 19 -44.63 30.20 55.31
C VAL H 19 -45.05 30.00 53.85
N THR H 20 -46.36 29.86 53.63
CA THR H 20 -46.91 29.62 52.31
C THR H 20 -48.13 30.50 52.08
N ILE H 21 -48.23 31.06 50.87
CA ILE H 21 -49.37 31.88 50.46
C ILE H 21 -49.86 31.31 49.12
N SER H 22 -51.15 31.52 48.81
CA SER H 22 -51.75 30.99 47.60
C SER H 22 -52.59 32.05 46.90
N CYS H 23 -52.59 32.01 45.56
CA CYS H 23 -53.35 32.94 44.72
C CYS H 23 -53.96 32.20 43.55
N ARG H 24 -55.29 32.07 43.53
CA ARG H 24 -55.98 31.40 42.42
C ARG H 24 -56.83 32.40 41.64
N ALA H 25 -56.72 32.32 40.31
CA ALA H 25 -57.48 33.12 39.37
C ALA H 25 -58.88 32.55 39.16
N SER H 26 -59.80 33.43 38.73
CA SER H 26 -61.16 33.00 38.45
C SER H 26 -61.23 32.23 37.14
N GLN H 27 -60.46 32.64 36.13
CA GLN H 27 -60.39 32.00 34.83
C GLN H 27 -58.93 31.66 34.55
N ASN H 28 -58.69 30.87 33.51
CA ASN H 28 -57.33 30.45 33.19
C ASN H 28 -56.53 31.61 32.63
N ILE H 29 -55.52 32.06 33.38
CA ILE H 29 -54.64 33.15 32.94
C ILE H 29 -53.31 32.66 32.43
N ASP H 30 -53.11 31.34 32.33
CA ASP H 30 -51.85 30.67 31.91
C ASP H 30 -50.75 31.09 32.88
N GLY H 31 -49.60 31.57 32.40
CA GLY H 31 -48.50 31.94 33.27
C GLY H 31 -48.41 33.43 33.52
N PHE H 32 -49.52 34.12 33.29
CA PHE H 32 -49.56 35.59 33.38
C PHE H 32 -49.99 36.06 34.77
N LEU H 33 -49.05 36.00 35.71
CA LEU H 33 -49.29 36.53 37.05
C LEU H 33 -47.98 37.06 37.62
N ALA H 34 -48.07 38.10 38.43
CA ALA H 34 -46.93 38.66 39.13
C ALA H 34 -47.23 38.74 40.61
N TRP H 35 -46.32 38.20 41.42
CA TRP H 35 -46.43 38.31 42.87
C TRP H 35 -45.83 39.62 43.34
N TYR H 36 -46.42 40.18 44.40
CA TYR H 36 -45.94 41.44 44.97
C TYR H 36 -45.89 41.34 46.48
N GLN H 37 -45.04 42.18 47.09
CA GLN H 37 -44.97 42.35 48.54
C GLN H 37 -44.90 43.83 48.85
N GLN H 38 -45.90 44.35 49.54
CA GLN H 38 -45.98 45.77 49.90
C GLN H 38 -45.90 45.97 51.40
N LYS H 39 -44.87 46.69 51.84
CA LYS H 39 -44.73 47.07 53.24
C LYS H 39 -45.67 48.23 53.55
N PRO H 40 -46.03 48.44 54.83
CA PRO H 40 -46.85 49.62 55.17
C PRO H 40 -46.14 50.92 54.84
N GLY H 41 -46.87 51.83 54.19
CA GLY H 41 -46.36 53.11 53.74
C GLY H 41 -45.16 52.99 52.83
N LYS H 42 -45.18 51.98 51.95
CA LYS H 42 -44.08 51.70 51.04
C LYS H 42 -44.63 51.27 49.69
N ALA H 43 -43.81 51.41 48.66
CA ALA H 43 -44.18 50.93 47.34
C ALA H 43 -44.23 49.41 47.32
N PRO H 44 -45.17 48.81 46.59
CA PRO H 44 -45.15 47.35 46.40
C PRO H 44 -43.89 46.90 45.68
N LYS H 45 -43.39 45.72 46.04
CA LYS H 45 -42.21 45.18 45.40
C LYS H 45 -42.56 43.86 44.74
N LEU H 46 -42.28 43.75 43.44
CA LEU H 46 -42.67 42.56 42.68
C LEU H 46 -41.68 41.45 43.02
N LEU H 47 -42.15 40.46 43.77
CA LEU H 47 -41.30 39.35 44.17
C LEU H 47 -41.01 38.44 42.98
N ILE H 48 -42.04 38.06 42.22
CA ILE H 48 -41.92 37.10 41.14
C ILE H 48 -42.61 37.67 39.90
N TYR H 49 -41.95 37.57 38.75
CA TYR H 49 -42.53 37.93 37.45
C TYR H 49 -42.77 36.62 36.70
N ALA H 50 -43.99 36.46 36.17
CA ALA H 50 -44.56 35.31 35.43
C ALA H 50 -45.01 34.24 36.43
N ALA H 51 -44.79 34.45 37.73
CA ALA H 51 -45.21 33.67 38.89
C ALA H 51 -44.41 32.39 39.06
N SER H 52 -43.39 32.13 38.22
CA SER H 52 -42.54 30.97 38.38
C SER H 52 -41.04 31.26 38.38
N ARG H 53 -40.62 32.48 38.04
CA ARG H 53 -39.19 32.81 37.91
C ARG H 53 -38.89 34.09 38.71
N LEU H 54 -37.89 33.99 39.58
CA LEU H 54 -37.56 35.05 40.53
C LEU H 54 -37.10 36.34 39.87
N GLN H 55 -37.61 37.46 40.38
CA GLN H 55 -37.24 38.78 39.92
C GLN H 55 -35.85 39.17 40.45
N SER H 56 -35.12 39.97 39.67
CA SER H 56 -33.81 40.45 40.09
C SER H 56 -33.94 41.38 41.29
N GLY H 57 -32.98 41.27 42.20
CA GLY H 57 -32.99 42.07 43.42
C GLY H 57 -33.93 41.59 44.49
N ILE H 58 -34.46 40.37 44.34
CA ILE H 58 -35.36 39.75 45.31
C ILE H 58 -34.58 38.63 45.98
N PRO H 59 -34.68 38.46 47.30
CA PRO H 59 -33.93 37.38 47.97
C PRO H 59 -34.31 35.98 47.50
N SER H 60 -33.32 35.08 47.57
CA SER H 60 -33.46 33.71 47.07
C SER H 60 -34.56 32.93 47.77
N ARG H 61 -34.87 33.30 49.02
CA ARG H 61 -35.88 32.58 49.82
C ARG H 61 -37.25 32.59 49.14
N PHE H 62 -37.63 33.69 48.51
CA PHE H 62 -38.89 33.79 47.80
C PHE H 62 -38.88 32.88 46.57
N SER H 63 -39.98 32.17 46.35
CA SER H 63 -40.05 31.21 45.26
C SER H 63 -41.36 31.37 44.49
N GLY H 64 -41.32 31.05 43.21
CA GLY H 64 -42.49 31.07 42.34
C GLY H 64 -42.88 29.66 41.92
N SER H 65 -44.16 29.35 42.12
CA SER H 65 -44.67 28.02 41.79
C SER H 65 -46.11 28.14 41.30
N GLY H 66 -46.59 27.07 40.69
CA GLY H 66 -47.93 27.02 40.15
C GLY H 66 -47.97 27.35 38.66
N SER H 67 -49.02 26.87 38.00
CA SER H 67 -49.17 27.02 36.56
C SER H 67 -50.65 27.03 36.20
N GLY H 68 -51.05 28.02 35.41
CA GLY H 68 -52.43 28.12 34.96
C GLY H 68 -53.24 28.99 35.89
N THR H 69 -54.40 28.50 36.32
CA THR H 69 -55.18 29.25 37.30
C THR H 69 -54.51 29.27 38.67
N ASP H 70 -53.96 28.13 39.11
CA ASP H 70 -53.38 28.01 40.44
C ASP H 70 -51.98 28.62 40.48
N PHE H 71 -51.65 29.28 41.59
CA PHE H 71 -50.36 29.92 41.78
C PHE H 71 -50.04 29.97 43.27
N THR H 72 -48.78 29.71 43.61
CA THR H 72 -48.35 29.67 45.01
C THR H 72 -46.95 30.29 45.11
N LEU H 73 -46.70 30.98 46.23
CA LEU H 73 -45.39 31.54 46.56
C LEU H 73 -44.96 31.02 47.92
N THR H 74 -43.73 30.52 48.00
CA THR H 74 -43.20 29.95 49.24
C THR H 74 -41.93 30.70 49.66
N ILE H 75 -41.87 31.07 50.94
CA ILE H 75 -40.72 31.74 51.54
C ILE H 75 -40.03 30.74 52.46
N SER H 76 -38.76 30.45 52.18
CA SER H 76 -38.02 29.43 52.94
C SER H 76 -37.85 29.81 54.41
N SER H 77 -37.50 31.06 54.69
CA SER H 77 -37.32 31.52 56.06
C SER H 77 -37.83 32.94 56.19
N LEU H 78 -38.50 33.23 57.31
CA LEU H 78 -39.04 34.55 57.56
C LEU H 78 -37.99 35.46 58.21
N GLN H 79 -38.22 36.76 58.11
CA GLN H 79 -37.36 37.80 58.63
C GLN H 79 -38.24 38.99 59.00
N PRO H 80 -37.73 39.94 59.81
CA PRO H 80 -38.51 41.17 60.06
C PRO H 80 -38.86 41.97 58.80
N GLU H 81 -37.93 42.04 57.85
CA GLU H 81 -38.21 42.72 56.58
C GLU H 81 -39.32 42.03 55.80
N ASP H 82 -39.39 40.69 55.89
CA ASP H 82 -40.34 39.90 55.11
C ASP H 82 -41.80 40.24 55.44
N PHE H 83 -42.10 40.49 56.73
CA PHE H 83 -43.47 40.76 57.15
C PHE H 83 -44.02 42.02 56.49
N ALA H 84 -45.11 41.85 55.73
CA ALA H 84 -45.75 42.88 54.92
C ALA H 84 -46.98 42.32 54.22
N ALA H 85 -47.72 43.19 53.53
CA ALA H 85 -48.82 42.72 52.69
C ALA H 85 -48.25 42.10 51.42
N TYR H 86 -49.02 41.19 50.82
CA TYR H 86 -48.61 40.54 49.58
C TYR H 86 -49.78 40.60 48.60
N TYR H 87 -49.48 40.66 47.30
CA TYR H 87 -50.53 40.78 46.29
C TYR H 87 -50.15 40.06 45.00
N CYS H 88 -51.17 39.68 44.24
CA CYS H 88 -51.00 39.00 42.95
C CYS H 88 -51.94 39.60 41.91
N GLN H 89 -51.41 39.89 40.73
CA GLN H 89 -52.18 40.50 39.64
C GLN H 89 -52.02 39.64 38.40
N GLN H 90 -52.97 39.73 37.46
CA GLN H 90 -52.93 38.96 36.22
C GLN H 90 -52.81 39.92 35.04
N VAL H 91 -51.79 39.74 34.21
CA VAL H 91 -51.62 40.60 33.02
C VAL H 91 -52.32 40.06 31.78
N TYR H 92 -53.02 38.93 31.88
CA TYR H 92 -53.63 38.28 30.72
C TYR H 92 -54.88 39.00 30.21
N SER H 93 -55.51 39.83 31.02
CA SER H 93 -56.70 40.60 30.65
C SER H 93 -56.38 42.08 30.72
N ALA H 94 -56.80 42.84 29.70
CA ALA H 94 -56.65 44.30 29.74
C ALA H 94 -57.34 44.93 30.96
N PRO H 95 -58.58 44.57 31.34
CA PRO H 95 -59.07 45.05 32.65
C PRO H 95 -58.33 44.28 33.73
N LEU H 96 -57.87 45.00 34.77
CA LEU H 96 -57.01 44.38 35.77
C LEU H 96 -57.57 44.65 37.17
N THR H 97 -57.73 43.58 37.95
CA THR H 97 -58.11 43.64 39.35
C THR H 97 -57.10 42.84 40.16
N PHE H 98 -56.41 43.50 41.08
CA PHE H 98 -55.36 42.84 41.85
C PHE H 98 -55.94 41.81 42.83
N GLY H 99 -55.03 41.05 43.43
CA GLY H 99 -55.39 40.13 44.49
C GLY H 99 -55.67 40.91 45.76
N GLY H 100 -56.71 40.47 46.49
CA GLY H 100 -57.11 41.02 47.79
C GLY H 100 -55.94 41.21 48.72
N GLY H 101 -55.20 40.13 48.96
CA GLY H 101 -53.99 40.19 49.75
C GLY H 101 -54.17 39.86 51.22
N THR H 102 -53.07 39.41 51.82
CA THR H 102 -52.97 39.09 53.23
C THR H 102 -51.69 39.70 53.80
N LYS H 103 -51.71 39.98 55.10
CA LYS H 103 -50.59 40.63 55.78
C LYS H 103 -49.82 39.59 56.58
N VAL H 104 -48.69 39.10 56.02
CA VAL H 104 -47.80 38.24 56.80
C VAL H 104 -47.34 39.01 58.03
N GLU H 105 -47.34 38.37 59.19
CA GLU H 105 -47.08 39.08 60.44
C GLU H 105 -46.21 38.23 61.35
N PHE H 106 -45.54 38.90 62.27
CA PHE H 106 -44.69 38.26 63.26
C PHE H 106 -45.52 37.66 64.38
N GLU I 1 -30.39 52.81 37.59
CA GLU I 1 -31.51 52.38 38.41
C GLU I 1 -32.77 53.06 37.82
N VAL I 2 -33.95 52.52 38.10
CA VAL I 2 -35.21 53.11 37.67
C VAL I 2 -35.89 53.70 38.91
N GLN I 3 -36.20 54.99 38.84
CA GLN I 3 -36.87 55.71 39.92
C GLN I 3 -38.19 56.27 39.43
N LEU I 4 -39.27 56.00 40.17
CA LEU I 4 -40.60 56.50 39.86
C LEU I 4 -41.11 57.28 41.06
N VAL I 5 -41.61 58.50 40.83
CA VAL I 5 -42.10 59.39 41.87
C VAL I 5 -43.47 59.90 41.44
N GLU I 6 -44.38 60.11 42.41
CA GLU I 6 -45.74 60.52 42.12
C GLU I 6 -46.05 61.82 42.85
N SER I 7 -46.92 62.63 42.24
CA SER I 7 -47.28 63.93 42.79
C SER I 7 -48.65 64.31 42.27
N GLY I 8 -49.18 65.41 42.81
CA GLY I 8 -50.50 65.89 42.43
C GLY I 8 -51.66 65.27 43.18
N GLY I 9 -51.39 64.51 44.25
CA GLY I 9 -52.45 63.92 45.06
C GLY I 9 -52.70 64.71 46.33
N GLY I 10 -53.95 65.09 46.54
CA GLY I 10 -54.35 65.87 47.69
C GLY I 10 -55.83 65.70 47.93
N LEU I 11 -56.29 66.26 49.06
CA LEU I 11 -57.72 66.25 49.39
C LEU I 11 -58.51 67.01 48.35
N VAL I 12 -59.62 66.41 47.90
CA VAL I 12 -60.47 67.01 46.87
C VAL I 12 -61.93 66.84 47.27
N GLN I 13 -62.75 67.79 46.85
CA GLN I 13 -64.19 67.70 47.06
C GLN I 13 -64.77 66.61 46.15
N PRO I 14 -65.85 65.95 46.58
CA PRO I 14 -66.52 64.99 45.69
C PRO I 14 -67.02 65.65 44.42
N GLY I 15 -66.77 65.00 43.29
CA GLY I 15 -67.07 65.56 41.99
C GLY I 15 -66.02 66.48 41.45
N GLY I 16 -64.92 66.70 42.19
CA GLY I 16 -63.86 67.57 41.74
C GLY I 16 -62.94 66.91 40.72
N SER I 17 -62.19 67.75 40.02
CA SER I 17 -61.20 67.31 39.04
C SER I 17 -59.81 67.38 39.64
N LEU I 18 -59.16 66.22 39.77
CA LEU I 18 -57.81 66.13 40.33
C LEU I 18 -56.92 65.36 39.36
N ARG I 19 -55.76 65.91 39.04
CA ARG I 19 -54.83 65.33 38.09
C ARG I 19 -53.51 64.99 38.76
N LEU I 20 -53.03 63.78 38.53
CA LEU I 20 -51.79 63.25 39.10
C LEU I 20 -50.64 63.35 38.12
N SER I 21 -49.41 63.28 38.65
CA SER I 21 -48.20 63.30 37.83
C SER I 21 -47.32 62.10 38.19
N CYS I 22 -46.84 61.40 37.16
CA CYS I 22 -45.96 60.24 37.33
C CYS I 22 -44.57 60.60 36.81
N THR I 23 -43.64 60.88 37.73
CA THR I 23 -42.27 61.24 37.34
C THR I 23 -41.52 60.02 36.82
N ALA I 24 -40.68 60.24 35.81
CA ALA I 24 -39.84 59.19 35.23
C ALA I 24 -38.39 59.66 35.21
N SER I 25 -37.49 58.84 35.75
CA SER I 25 -36.07 59.15 35.73
C SER I 25 -35.25 57.87 35.68
N GLY I 26 -34.09 57.94 35.03
CA GLY I 26 -33.18 56.82 34.93
C GLY I 26 -33.50 55.81 33.85
N PHE I 27 -34.45 56.09 32.96
CA PHE I 27 -34.79 55.18 31.87
C PHE I 27 -35.41 55.99 30.75
N THR I 28 -35.53 55.35 29.59
CA THR I 28 -36.14 55.98 28.42
C THR I 28 -37.66 55.88 28.58
N PHE I 29 -38.27 57.02 28.95
CA PHE I 29 -39.70 57.08 29.22
C PHE I 29 -40.52 56.73 27.98
N SER I 30 -40.12 57.25 26.82
CA SER I 30 -40.88 57.08 25.58
C SER I 30 -40.98 55.62 25.19
N ASN I 31 -39.88 54.87 25.35
CA ASN I 31 -39.86 53.46 24.96
C ASN I 31 -40.81 52.61 25.80
N TYR I 32 -40.89 52.87 27.10
CA TYR I 32 -41.61 51.98 28.00
C TYR I 32 -43.06 52.43 28.20
N GLY I 33 -43.97 51.46 28.14
CA GLY I 33 -45.36 51.74 28.46
C GLY I 33 -45.57 51.94 29.95
N PHE I 34 -46.60 52.72 30.29
CA PHE I 34 -46.85 53.11 31.68
C PHE I 34 -48.24 52.68 32.13
N HIS I 35 -48.36 52.39 33.43
CA HIS I 35 -49.61 51.93 34.01
C HIS I 35 -49.88 52.73 35.28
N TRP I 36 -51.16 52.81 35.67
CA TRP I 36 -51.57 53.51 36.89
C TRP I 36 -52.35 52.57 37.79
N VAL I 37 -52.03 52.56 39.09
CA VAL I 37 -52.66 51.68 40.09
C VAL I 37 -53.04 52.53 41.30
N ARG I 38 -54.06 52.10 42.04
CA ARG I 38 -54.47 52.72 43.29
C ARG I 38 -54.80 51.65 44.32
N GLN I 39 -54.51 51.94 45.59
CA GLN I 39 -54.88 51.08 46.72
C GLN I 39 -55.73 51.85 47.72
N ALA I 40 -56.97 51.42 47.88
CA ALA I 40 -57.87 52.02 48.84
C ALA I 40 -57.45 51.62 50.26
N PRO I 41 -57.68 52.48 51.26
CA PRO I 41 -57.26 52.14 52.64
C PRO I 41 -57.97 50.89 53.16
N GLY I 42 -57.17 49.99 53.73
CA GLY I 42 -57.65 48.70 54.20
C GLY I 42 -58.30 47.87 53.12
N LYS I 43 -57.79 47.95 51.90
CA LYS I 43 -58.32 47.23 50.74
C LYS I 43 -57.15 46.80 49.86
N GLY I 44 -57.43 45.89 48.95
CA GLY I 44 -56.43 45.48 47.97
C GLY I 44 -56.25 46.53 46.90
N LEU I 45 -55.17 46.38 46.14
CA LEU I 45 -54.86 47.33 45.07
C LEU I 45 -55.92 47.25 43.96
N GLU I 46 -56.13 48.36 43.27
CA GLU I 46 -57.04 48.39 42.14
C GLU I 46 -56.37 49.13 40.99
N TRP I 47 -56.25 48.45 39.85
CA TRP I 47 -55.74 49.08 38.65
C TRP I 47 -56.76 50.02 38.01
N VAL I 48 -56.33 51.25 37.72
CA VAL I 48 -57.23 52.24 37.14
C VAL I 48 -57.10 52.34 35.62
N THR I 49 -55.91 52.60 35.10
CA THR I 49 -55.78 52.85 33.66
C THR I 49 -54.38 52.51 33.17
N ILE I 50 -54.28 52.31 31.84
CA ILE I 50 -53.01 52.08 31.16
C ILE I 50 -52.89 53.04 29.99
N ILE I 51 -51.65 53.35 29.64
CA ILE I 51 -51.34 54.17 28.48
C ILE I 51 -50.18 53.53 27.73
N SER I 52 -50.25 53.55 26.40
CA SER I 52 -49.22 52.93 25.60
C SER I 52 -47.95 53.79 25.62
N TYR I 53 -46.85 53.22 25.11
CA TYR I 53 -45.57 53.92 25.07
C TYR I 53 -45.65 55.20 24.25
N ASP I 54 -46.36 55.16 23.11
CA ASP I 54 -46.59 56.35 22.30
C ASP I 54 -47.79 57.16 22.79
N GLY I 55 -48.67 56.55 23.58
CA GLY I 55 -49.85 57.23 24.07
C GLY I 55 -51.04 57.18 23.12
N ILE I 56 -50.91 56.50 21.99
CA ILE I 56 -52.00 56.41 21.02
C ILE I 56 -53.18 55.59 21.56
N THR I 57 -52.90 54.47 22.23
CA THR I 57 -53.93 53.53 22.65
C THR I 57 -54.03 53.49 24.17
N LYS I 58 -55.27 53.63 24.69
CA LYS I 58 -55.51 53.67 26.13
C LYS I 58 -56.69 52.77 26.49
N HIS I 59 -56.61 52.13 27.66
CA HIS I 59 -57.66 51.30 28.23
C HIS I 59 -57.91 51.78 29.66
N TYR I 60 -59.16 51.63 30.11
CA TYR I 60 -59.52 52.11 31.43
C TYR I 60 -60.24 51.01 32.19
N ALA I 61 -60.19 51.06 33.52
CA ALA I 61 -60.95 50.11 34.33
C ALA I 61 -62.44 50.39 34.15
N ASP I 62 -63.24 49.32 34.22
CA ASP I 62 -64.67 49.42 33.95
C ASP I 62 -65.37 50.34 34.94
N SER I 63 -64.99 50.28 36.22
CA SER I 63 -65.58 51.16 37.23
C SER I 63 -65.26 52.63 36.97
N VAL I 64 -64.03 52.92 36.57
CA VAL I 64 -63.60 54.31 36.36
C VAL I 64 -63.75 54.75 34.91
N LYS I 65 -64.27 53.90 34.03
CA LYS I 65 -64.39 54.22 32.61
C LYS I 65 -65.35 55.38 32.41
N ASP I 66 -64.95 56.33 31.56
CA ASP I 66 -65.64 57.54 31.08
C ASP I 66 -65.58 58.67 32.11
N ARG I 67 -64.97 58.44 33.28
CA ARG I 67 -64.78 59.48 34.28
C ARG I 67 -63.30 59.73 34.58
N PHE I 68 -62.43 58.76 34.35
CA PHE I 68 -61.00 58.89 34.63
C PHE I 68 -60.26 58.80 33.30
N THR I 69 -59.39 59.78 33.04
CA THR I 69 -58.63 59.83 31.79
C THR I 69 -57.14 59.82 32.08
N VAL I 70 -56.35 59.38 31.11
CA VAL I 70 -54.90 59.33 31.23
C VAL I 70 -54.25 59.92 29.98
N SER I 71 -53.22 60.74 30.20
CA SER I 71 -52.46 61.38 29.12
C SER I 71 -50.98 61.35 29.49
N ARG I 72 -50.13 61.50 28.49
CA ARG I 72 -48.69 61.54 28.74
C ARG I 72 -48.00 62.43 27.71
N ASP I 73 -46.86 62.98 28.11
CA ASP I 73 -45.99 63.78 27.24
C ASP I 73 -44.62 63.14 27.22
N ASN I 74 -44.16 62.75 26.04
CA ASN I 74 -42.85 62.12 25.90
C ASN I 74 -41.72 63.09 26.24
N SER I 75 -41.86 64.35 25.83
CA SER I 75 -40.83 65.35 26.11
C SER I 75 -40.70 65.63 27.60
N LYS I 76 -41.83 65.70 28.31
CA LYS I 76 -41.81 65.99 29.74
C LYS I 76 -41.55 64.77 30.60
N THR I 77 -41.59 63.57 30.00
CA THR I 77 -41.36 62.28 30.67
C THR I 77 -42.28 62.08 31.87
N MET I 78 -43.56 62.44 31.71
CA MET I 78 -44.54 62.29 32.77
C MET I 78 -45.86 61.78 32.21
N VAL I 79 -46.50 60.89 32.97
CA VAL I 79 -47.82 60.36 32.67
C VAL I 79 -48.80 60.97 33.64
N TYR I 80 -49.89 61.52 33.12
CA TYR I 80 -50.86 62.22 33.96
C TYR I 80 -52.17 61.46 33.99
N LEU I 81 -52.66 61.16 35.20
CA LEU I 81 -53.95 60.50 35.41
C LEU I 81 -54.94 61.59 35.84
N GLN I 82 -55.72 62.09 34.89
CA GLN I 82 -56.80 63.01 35.22
C GLN I 82 -57.96 62.22 35.83
N MET I 83 -58.50 62.73 36.93
CA MET I 83 -59.62 62.09 37.61
C MET I 83 -60.78 63.06 37.70
N ASN I 84 -61.96 62.63 37.25
CA ASN I 84 -63.15 63.46 37.27
C ASN I 84 -64.30 62.63 37.84
N ASN I 85 -65.32 63.35 38.33
CA ASN I 85 -66.49 62.78 39.02
C ASN I 85 -66.06 61.92 40.20
N LEU I 86 -65.08 62.42 40.96
CA LEU I 86 -64.50 61.68 42.09
C LEU I 86 -65.53 61.41 43.17
N LYS I 87 -65.35 60.27 43.85
CA LYS I 87 -66.29 59.76 44.84
C LYS I 87 -65.52 59.35 46.09
N LEU I 88 -66.26 59.17 47.19
CA LEU I 88 -65.67 58.72 48.45
C LEU I 88 -65.02 57.35 48.30
N ASP I 89 -65.63 56.48 47.49
CA ASP I 89 -65.06 55.16 47.21
C ASP I 89 -63.72 55.27 46.49
N ASP I 90 -63.59 56.27 45.61
CA ASP I 90 -62.39 56.46 44.81
C ASP I 90 -61.13 56.75 45.62
N THR I 91 -61.28 57.24 46.86
CA THR I 91 -60.16 57.59 47.75
C THR I 91 -59.18 56.43 47.90
N ALA I 92 -57.91 56.71 47.56
CA ALA I 92 -56.88 55.69 47.53
C ALA I 92 -55.52 56.35 47.42
N VAL I 93 -54.46 55.56 47.68
CA VAL I 93 -53.10 55.98 47.43
C VAL I 93 -52.73 55.49 46.04
N TYR I 94 -52.45 56.41 45.13
CA TYR I 94 -52.24 56.10 43.72
C TYR I 94 -50.76 55.83 43.45
N TYR I 95 -50.43 54.59 43.09
CA TYR I 95 -49.07 54.19 42.76
C TYR I 95 -48.96 54.02 41.25
N CYS I 96 -48.01 54.73 40.65
CA CYS I 96 -47.77 54.63 39.21
C CYS I 96 -46.66 53.61 38.98
N ALA I 97 -46.99 52.54 38.25
CA ALA I 97 -46.07 51.44 38.00
C ALA I 97 -45.83 51.29 36.51
N ARG I 98 -44.57 51.14 36.13
CA ARG I 98 -44.18 50.98 34.73
C ARG I 98 -43.92 49.51 34.43
N ASP I 99 -44.40 49.05 33.26
CA ASP I 99 -44.22 47.67 32.77
C ASP I 99 -44.69 46.58 33.74
N LEU I 100 -45.91 46.74 34.23
CA LEU I 100 -46.52 45.87 35.24
C LEU I 100 -46.55 44.40 34.81
N GLY I 101 -46.26 43.52 35.78
CA GLY I 101 -46.37 42.09 35.56
C GLY I 101 -45.26 41.48 34.77
N THR I 102 -44.12 42.16 34.65
CA THR I 102 -42.96 41.70 33.89
C THR I 102 -41.72 41.90 34.74
N TYR I 103 -40.59 41.39 34.22
CA TYR I 103 -39.30 41.62 34.87
C TYR I 103 -38.97 43.11 34.94
N ASP I 104 -39.36 43.87 33.92
CA ASP I 104 -39.12 45.30 33.84
C ASP I 104 -39.91 46.12 34.84
N ASP I 105 -40.90 45.52 35.52
CA ASP I 105 -41.80 46.25 36.41
C ASP I 105 -41.06 47.01 37.51
N SER I 106 -41.47 48.27 37.70
CA SER I 106 -40.98 49.13 38.76
C SER I 106 -42.18 49.81 39.38
N TRP I 107 -42.06 50.17 40.65
CA TRP I 107 -43.18 50.73 41.39
C TRP I 107 -42.82 52.10 41.96
N GLY I 108 -43.72 53.05 41.76
CA GLY I 108 -43.55 54.36 42.34
C GLY I 108 -43.93 54.41 43.80
N GLN I 109 -43.36 55.42 44.49
CA GLN I 109 -43.62 55.61 45.91
C GLN I 109 -45.09 55.91 46.18
N GLY I 110 -45.73 56.67 45.31
CA GLY I 110 -47.15 56.93 45.40
C GLY I 110 -47.46 58.21 46.16
N VAL I 111 -48.62 58.80 45.83
CA VAL I 111 -49.11 59.99 46.49
C VAL I 111 -50.55 59.75 46.93
N LEU I 112 -50.85 60.10 48.19
CA LEU I 112 -52.18 59.90 48.75
C LEU I 112 -53.20 60.82 48.10
N VAL I 113 -54.35 60.24 47.72
CA VAL I 113 -55.48 60.99 47.19
C VAL I 113 -56.66 60.76 48.12
N THR I 114 -57.26 61.85 48.58
CA THR I 114 -58.40 61.78 49.50
C THR I 114 -59.58 62.52 48.88
N VAL I 115 -60.76 61.89 48.93
CA VAL I 115 -62.01 62.52 48.51
C VAL I 115 -62.94 62.50 49.72
N SER I 116 -63.21 63.68 50.27
CA SER I 116 -64.09 63.79 51.42
C SER I 116 -64.89 65.09 51.38
#